data_1BM6
#
_entry.id   1BM6
#
_cell.length_a   1.000
_cell.length_b   1.000
_cell.length_c   1.000
_cell.angle_alpha   90.00
_cell.angle_beta   90.00
_cell.angle_gamma   90.00
#
_symmetry.space_group_name_H-M   'P 1'
#
loop_
_entity.id
_entity.type
_entity.pdbx_description
1 polymer STROMELYSIN-1
2 non-polymer 'ZINC ION'
3 non-polymer 'CALCIUM ION'
4 non-polymer HYDROXYAMINOVALINE
5 non-polymer 3-METHYLPYRIDINE
6 non-polymer 1-METHYLOXY-4-SULFONE-BENZENE
#
_entity_poly.entity_id   1
_entity_poly.type   'polypeptide(L)'
_entity_poly.pdbx_seq_one_letter_code
;FRTFPGIPKWRKTHLTYRIVNYTPDLPKDAVDSAVEKALKVWEEVTPLTFSRLYEGEADIMISFAVREHGDFYPFDGPGN
VLAHAYAPGPGINGDAHFDDDEQWTKDTTGTNLFLVAAHEIGHSLGLFHSANTEALMYPLYHSLTDLTRFRLSQDDINGI
QSLYGPPPDSPET
;
_entity_poly.pdbx_strand_id   A
#
# COMPACT_ATOMS: atom_id res chain seq x y z
N PHE A 1 10.49 14.58 -7.69
CA PHE A 1 10.10 13.64 -6.59
C PHE A 1 8.84 12.88 -7.01
N ARG A 2 9.00 11.68 -7.49
CA ARG A 2 7.80 10.88 -7.92
C ARG A 2 8.25 9.47 -8.29
N THR A 3 7.43 8.76 -9.01
CA THR A 3 7.80 7.37 -9.41
C THR A 3 9.20 7.37 -10.03
N PHE A 4 9.84 6.24 -10.07
CA PHE A 4 11.21 6.18 -10.66
C PHE A 4 11.11 5.75 -12.13
N PRO A 5 11.31 6.71 -13.00
CA PRO A 5 11.25 6.45 -14.45
C PRO A 5 12.48 5.64 -14.90
N GLY A 6 12.39 4.34 -14.86
CA GLY A 6 13.55 3.50 -15.28
C GLY A 6 13.85 2.47 -14.20
N ILE A 7 13.08 2.44 -13.15
CA ILE A 7 13.32 1.45 -12.06
C ILE A 7 11.99 0.94 -11.52
N PRO A 8 11.49 -0.10 -12.13
CA PRO A 8 10.22 -0.70 -11.72
C PRO A 8 10.39 -1.44 -10.39
N LYS A 9 9.50 -1.23 -9.47
CA LYS A 9 9.61 -1.93 -8.16
C LYS A 9 9.60 -3.44 -8.36
N TRP A 10 8.45 -4.02 -8.63
CA TRP A 10 8.39 -5.49 -8.82
C TRP A 10 8.37 -5.83 -10.32
N ARG A 11 9.01 -6.90 -10.71
CA ARG A 11 9.03 -7.28 -12.15
C ARG A 11 8.19 -8.54 -12.33
N LYS A 12 8.29 -9.48 -11.44
CA LYS A 12 7.48 -10.74 -11.58
C LYS A 12 6.06 -10.41 -12.00
N THR A 13 5.30 -11.40 -12.34
CA THR A 13 3.89 -11.16 -12.74
C THR A 13 2.93 -11.69 -11.67
N HIS A 14 3.46 -12.23 -10.59
CA HIS A 14 2.55 -12.75 -9.53
C HIS A 14 3.08 -12.37 -8.15
N LEU A 15 2.59 -11.30 -7.60
CA LEU A 15 3.05 -10.87 -6.25
C LEU A 15 2.14 -11.47 -5.17
N THR A 16 2.51 -11.33 -3.93
CA THR A 16 1.66 -11.87 -2.85
C THR A 16 1.82 -10.96 -1.63
N TYR A 17 0.88 -10.94 -0.74
CA TYR A 17 1.04 -10.04 0.44
C TYR A 17 0.61 -10.78 1.70
N ARG A 18 0.94 -10.24 2.84
CA ARG A 18 0.56 -10.90 4.13
C ARG A 18 -0.23 -9.91 4.99
N ILE A 19 -1.41 -10.26 5.40
CA ILE A 19 -2.22 -9.32 6.24
C ILE A 19 -1.80 -9.41 7.71
N VAL A 20 -0.76 -8.72 8.09
CA VAL A 20 -0.30 -8.77 9.51
C VAL A 20 -0.83 -7.54 10.26
N ASN A 21 -1.67 -6.76 9.64
CA ASN A 21 -2.21 -5.55 10.34
C ASN A 21 -3.58 -5.89 10.93
N TYR A 22 -4.02 -5.10 11.88
CA TYR A 22 -5.35 -5.34 12.49
C TYR A 22 -5.60 -4.31 13.60
N THR A 23 -6.80 -4.22 14.07
CA THR A 23 -7.14 -3.24 15.14
C THR A 23 -8.59 -3.42 15.55
N PRO A 24 -8.92 -2.95 16.71
CA PRO A 24 -10.30 -3.04 17.19
C PRO A 24 -11.16 -2.16 16.29
N ASP A 25 -10.55 -1.18 15.71
CA ASP A 25 -11.29 -0.31 14.78
C ASP A 25 -11.50 -1.09 13.49
N LEU A 26 -10.84 -2.22 13.36
CA LEU A 26 -10.99 -3.05 12.13
C LEU A 26 -10.70 -4.51 12.45
N PRO A 27 -11.73 -5.30 12.40
CA PRO A 27 -11.58 -6.74 12.64
C PRO A 27 -10.72 -7.35 11.53
N LYS A 28 -10.47 -8.63 11.63
CA LYS A 28 -9.65 -9.32 10.58
C LYS A 28 -9.99 -8.78 9.20
N ASP A 29 -11.19 -9.02 8.77
CA ASP A 29 -11.62 -8.58 7.41
C ASP A 29 -11.49 -7.06 7.21
N ALA A 30 -11.56 -6.27 8.25
CA ALA A 30 -11.46 -4.81 8.04
C ALA A 30 -10.00 -4.44 7.75
N VAL A 31 -9.10 -4.70 8.67
CA VAL A 31 -7.68 -4.39 8.38
C VAL A 31 -7.31 -5.15 7.12
N ASP A 32 -7.74 -6.37 7.04
CA ASP A 32 -7.49 -7.18 5.83
C ASP A 32 -8.13 -6.44 4.68
N SER A 33 -9.18 -5.73 4.97
CA SER A 33 -9.87 -4.94 3.91
C SER A 33 -8.85 -3.98 3.31
N ALA A 34 -8.34 -3.05 4.08
CA ALA A 34 -7.33 -2.09 3.54
C ALA A 34 -6.23 -2.85 2.80
N VAL A 35 -5.93 -4.01 3.25
CA VAL A 35 -4.89 -4.83 2.58
C VAL A 35 -5.47 -5.33 1.26
N GLU A 36 -6.76 -5.42 1.23
CA GLU A 36 -7.47 -5.90 0.02
C GLU A 36 -7.80 -4.71 -0.88
N LYS A 37 -8.09 -3.58 -0.30
CA LYS A 37 -8.41 -2.39 -1.12
C LYS A 37 -7.10 -1.82 -1.61
N ALA A 38 -6.11 -1.84 -0.76
CA ALA A 38 -4.76 -1.37 -1.16
C ALA A 38 -4.24 -2.32 -2.23
N LEU A 39 -4.09 -3.55 -1.84
CA LEU A 39 -3.59 -4.59 -2.79
C LEU A 39 -4.37 -4.50 -4.08
N LYS A 40 -5.67 -4.45 -3.98
CA LYS A 40 -6.51 -4.41 -5.21
C LYS A 40 -6.35 -3.06 -5.90
N VAL A 41 -6.17 -2.03 -5.14
CA VAL A 41 -6.01 -0.70 -5.75
C VAL A 41 -4.89 -0.78 -6.77
N TRP A 42 -3.80 -1.42 -6.41
CA TRP A 42 -2.68 -1.51 -7.39
C TRP A 42 -2.78 -2.79 -8.22
N GLU A 43 -3.49 -3.77 -7.75
CA GLU A 43 -3.63 -5.02 -8.53
C GLU A 43 -4.53 -4.72 -9.71
N GLU A 44 -5.39 -3.77 -9.53
CA GLU A 44 -6.32 -3.41 -10.62
C GLU A 44 -5.67 -2.34 -11.49
N VAL A 45 -5.06 -1.36 -10.89
CA VAL A 45 -4.42 -0.31 -11.74
C VAL A 45 -3.42 -0.99 -12.68
N THR A 46 -2.87 -2.12 -12.29
CA THR A 46 -1.92 -2.83 -13.20
C THR A 46 -2.51 -4.19 -13.55
N PRO A 47 -1.94 -4.82 -14.54
CA PRO A 47 -2.39 -6.14 -14.98
C PRO A 47 -1.76 -7.23 -14.09
N LEU A 48 -0.80 -6.85 -13.28
CA LEU A 48 -0.12 -7.83 -12.39
C LEU A 48 -1.14 -8.63 -11.57
N THR A 49 -0.75 -9.78 -11.08
CA THR A 49 -1.67 -10.61 -10.25
C THR A 49 -1.21 -10.57 -8.79
N PHE A 50 -1.99 -11.07 -7.88
CA PHE A 50 -1.57 -11.03 -6.45
C PHE A 50 -2.18 -12.20 -5.67
N SER A 51 -1.46 -12.71 -4.71
CA SER A 51 -1.97 -13.82 -3.87
C SER A 51 -1.88 -13.40 -2.41
N ARG A 52 -2.18 -14.26 -1.48
CA ARG A 52 -2.09 -13.84 -0.05
C ARG A 52 -1.68 -15.01 0.85
N LEU A 53 -1.27 -14.70 2.05
CA LEU A 53 -0.86 -15.77 2.98
C LEU A 53 -0.80 -15.20 4.40
N TYR A 54 -0.16 -15.88 5.30
CA TYR A 54 -0.05 -15.40 6.70
C TYR A 54 1.13 -16.13 7.37
N GLU A 55 2.09 -16.52 6.59
CA GLU A 55 3.27 -17.24 7.14
C GLU A 55 4.53 -16.83 6.37
N GLY A 56 5.66 -17.35 6.75
CA GLY A 56 6.92 -17.01 6.03
C GLY A 56 6.92 -15.52 5.68
N GLU A 57 6.55 -15.18 4.49
CA GLU A 57 6.53 -13.74 4.10
C GLU A 57 6.09 -13.59 2.64
N ALA A 58 5.03 -12.86 2.40
CA ALA A 58 4.56 -12.65 1.00
C ALA A 58 5.45 -11.62 0.32
N ASP A 59 4.91 -10.91 -0.61
CA ASP A 59 5.70 -9.87 -1.32
C ASP A 59 5.55 -8.54 -0.57
N ILE A 60 4.38 -8.29 -0.06
CA ILE A 60 4.11 -7.03 0.71
C ILE A 60 3.61 -7.40 2.10
N MET A 61 4.49 -7.68 3.01
CA MET A 61 4.04 -8.06 4.38
C MET A 61 3.33 -6.86 5.01
N ILE A 62 2.03 -6.82 4.98
CA ILE A 62 1.31 -5.67 5.59
C ILE A 62 1.18 -5.94 7.09
N SER A 63 1.86 -5.20 7.92
CA SER A 63 1.74 -5.48 9.38
C SER A 63 1.52 -4.21 10.20
N PHE A 64 0.90 -4.34 11.33
CA PHE A 64 0.64 -3.15 12.19
C PHE A 64 1.81 -2.96 13.16
N ALA A 65 2.19 -1.73 13.41
CA ALA A 65 3.34 -1.49 14.35
C ALA A 65 3.45 -0.01 14.72
N VAL A 66 4.40 0.35 15.54
CA VAL A 66 4.56 1.78 15.93
C VAL A 66 6.04 2.05 16.25
N ARG A 67 6.33 3.14 16.91
CA ARG A 67 7.75 3.46 17.25
C ARG A 67 8.38 2.30 18.02
N GLU A 68 8.86 1.30 17.33
CA GLU A 68 9.48 0.14 18.02
C GLU A 68 9.95 -0.89 16.98
N HIS A 69 10.36 -0.44 15.83
CA HIS A 69 10.83 -1.39 14.78
C HIS A 69 12.20 -1.93 15.17
N GLY A 70 13.06 -1.11 15.69
CA GLY A 70 14.41 -1.57 16.08
C GLY A 70 15.40 -0.41 16.01
N ASP A 71 15.67 0.08 14.83
CA ASP A 71 16.62 1.21 14.68
C ASP A 71 16.39 1.91 13.33
N PHE A 72 15.20 1.80 12.80
CA PHE A 72 14.90 2.46 11.50
C PHE A 72 13.41 2.76 11.40
N TYR A 73 12.94 3.10 10.22
CA TYR A 73 11.48 3.42 9.99
C TYR A 73 10.67 3.34 11.27
N PRO A 74 10.92 4.28 12.14
CA PRO A 74 10.20 4.34 13.43
C PRO A 74 8.83 4.98 13.23
N PHE A 75 7.77 4.31 13.63
CA PHE A 75 6.41 4.89 13.46
C PHE A 75 6.17 5.93 14.55
N ASP A 76 4.96 6.37 14.68
CA ASP A 76 4.64 7.39 15.70
C ASP A 76 3.16 7.77 15.62
N GLY A 77 2.26 6.82 15.77
CA GLY A 77 0.79 7.12 15.70
C GLY A 77 0.52 8.61 15.94
N PRO A 78 0.93 9.09 17.09
CA PRO A 78 0.76 10.51 17.42
C PRO A 78 1.72 11.34 16.57
N GLY A 79 1.64 11.20 15.27
CA GLY A 79 2.55 11.98 14.37
C GLY A 79 2.08 11.79 12.93
N ASN A 80 2.43 12.72 12.07
CA ASN A 80 2.01 12.61 10.64
C ASN A 80 2.37 11.24 10.07
N VAL A 81 3.46 10.66 10.50
CA VAL A 81 3.87 9.33 9.95
C VAL A 81 2.73 8.32 10.14
N LEU A 82 1.79 8.31 9.23
CA LEU A 82 0.63 7.36 9.34
C LEU A 82 1.05 5.91 9.00
N ALA A 83 1.77 5.68 7.93
CA ALA A 83 2.15 4.27 7.61
C ALA A 83 3.22 4.21 6.50
N HIS A 84 3.66 3.03 6.12
CA HIS A 84 4.68 2.96 5.03
C HIS A 84 5.08 1.53 4.73
N ALA A 85 5.77 1.32 3.65
CA ALA A 85 6.20 -0.06 3.29
C ALA A 85 7.69 -0.07 2.92
N TYR A 86 8.20 -1.15 2.37
CA TYR A 86 9.66 -1.17 2.04
C TYR A 86 9.85 -1.15 0.52
N ALA A 87 11.05 -1.44 0.07
CA ALA A 87 11.33 -1.43 -1.39
C ALA A 87 11.82 -2.82 -1.81
N PRO A 88 12.30 -2.93 -3.02
CA PRO A 88 12.79 -4.22 -3.53
C PRO A 88 14.14 -4.56 -2.91
N GLY A 89 14.19 -5.59 -2.10
CA GLY A 89 15.47 -5.99 -1.46
C GLY A 89 15.38 -7.46 -1.04
N PRO A 90 15.92 -7.75 0.11
CA PRO A 90 15.91 -9.12 0.65
C PRO A 90 14.50 -9.49 1.11
N GLY A 91 14.20 -9.30 2.38
CA GLY A 91 12.84 -9.63 2.88
C GLY A 91 11.96 -8.40 2.80
N ILE A 92 12.56 -7.23 2.86
CA ILE A 92 11.76 -5.99 2.77
C ILE A 92 11.33 -5.80 1.31
N ASN A 93 11.53 -6.78 0.48
CA ASN A 93 11.12 -6.68 -0.95
C ASN A 93 9.60 -6.53 -0.99
N GLY A 94 9.08 -5.47 -0.42
CA GLY A 94 7.61 -5.29 -0.40
C GLY A 94 7.10 -5.61 1.02
N ASP A 95 6.80 -4.61 1.77
CA ASP A 95 6.30 -4.85 3.15
C ASP A 95 5.65 -3.57 3.63
N ALA A 96 4.39 -3.57 3.92
CA ALA A 96 3.76 -2.31 4.38
C ALA A 96 3.41 -2.45 5.84
N HIS A 97 3.09 -1.37 6.49
CA HIS A 97 2.73 -1.47 7.91
C HIS A 97 1.91 -0.25 8.31
N PHE A 98 0.84 -0.49 9.02
CA PHE A 98 -0.07 0.60 9.48
C PHE A 98 0.30 1.06 10.89
N ASP A 99 0.31 2.34 11.14
CA ASP A 99 0.63 2.81 12.52
C ASP A 99 -0.26 2.04 13.50
N ASP A 100 0.20 1.86 14.71
CA ASP A 100 -0.61 1.11 15.70
C ASP A 100 -0.81 1.97 16.94
N ASP A 101 -0.64 3.25 16.82
CA ASP A 101 -0.81 4.14 18.01
C ASP A 101 -2.11 4.95 17.87
N GLU A 102 -2.66 5.03 16.68
CA GLU A 102 -3.92 5.80 16.50
C GLU A 102 -5.04 4.82 16.16
N GLN A 103 -5.36 4.68 14.90
CA GLN A 103 -6.43 3.73 14.51
C GLN A 103 -6.63 3.79 13.00
N TRP A 104 -7.30 2.83 12.44
CA TRP A 104 -7.54 2.87 10.98
C TRP A 104 -8.98 2.45 10.69
N THR A 105 -9.67 3.22 9.90
CA THR A 105 -11.09 2.88 9.56
C THR A 105 -11.26 2.97 8.06
N LYS A 106 -12.14 2.18 7.53
CA LYS A 106 -12.38 2.24 6.07
C LYS A 106 -13.17 3.50 5.80
N ASP A 107 -14.07 3.82 6.69
CA ASP A 107 -14.85 5.05 6.52
C ASP A 107 -14.02 6.19 7.05
N THR A 108 -14.63 7.20 7.58
CA THR A 108 -13.83 8.30 8.14
C THR A 108 -14.03 8.29 9.66
N THR A 109 -13.92 7.14 10.26
CA THR A 109 -14.14 7.04 11.74
C THR A 109 -12.82 7.03 12.50
N GLY A 110 -11.78 6.48 11.93
CA GLY A 110 -10.48 6.44 12.68
C GLY A 110 -9.43 7.22 11.90
N THR A 111 -8.78 6.57 10.98
CA THR A 111 -7.76 7.26 10.17
C THR A 111 -8.16 7.12 8.70
N ASN A 112 -7.58 6.17 8.01
CA ASN A 112 -7.94 5.96 6.60
C ASN A 112 -7.51 4.54 6.22
N LEU A 113 -8.16 3.56 6.78
CA LEU A 113 -7.81 2.13 6.52
C LEU A 113 -7.21 1.94 5.12
N PHE A 114 -8.01 1.54 4.17
CA PHE A 114 -7.48 1.30 2.80
C PHE A 114 -6.79 2.55 2.24
N LEU A 115 -7.06 3.71 2.76
CA LEU A 115 -6.35 4.87 2.20
C LEU A 115 -4.86 4.64 2.40
N VAL A 116 -4.45 4.54 3.63
CA VAL A 116 -3.02 4.29 3.93
C VAL A 116 -2.70 2.85 3.54
N ALA A 117 -3.68 2.07 3.21
CA ALA A 117 -3.37 0.68 2.81
C ALA A 117 -2.84 0.74 1.39
N ALA A 118 -3.60 1.26 0.47
CA ALA A 118 -3.07 1.37 -0.89
C ALA A 118 -1.91 2.35 -0.81
N HIS A 119 -1.81 3.08 0.26
CA HIS A 119 -0.65 3.99 0.37
C HIS A 119 0.61 3.13 0.53
N GLU A 120 0.58 2.18 1.43
CA GLU A 120 1.77 1.31 1.62
C GLU A 120 1.83 0.21 0.56
N ILE A 121 0.74 -0.47 0.28
CA ILE A 121 0.77 -1.52 -0.76
C ILE A 121 1.14 -0.83 -2.06
N GLY A 122 0.72 0.39 -2.17
CA GLY A 122 1.02 1.20 -3.36
C GLY A 122 2.48 1.64 -3.27
N HIS A 123 2.95 1.82 -2.08
CA HIS A 123 4.36 2.23 -1.89
C HIS A 123 5.32 1.19 -2.44
N SER A 124 5.14 -0.06 -2.09
CA SER A 124 6.08 -1.11 -2.55
C SER A 124 5.70 -1.67 -3.92
N LEU A 125 4.48 -2.11 -4.10
CA LEU A 125 4.07 -2.68 -5.42
C LEU A 125 3.21 -1.71 -6.19
N GLY A 126 3.34 -0.45 -5.92
CA GLY A 126 2.49 0.56 -6.63
C GLY A 126 3.37 1.63 -7.25
N LEU A 127 3.81 2.58 -6.48
CA LEU A 127 4.65 3.66 -7.05
C LEU A 127 5.27 4.49 -5.94
N PHE A 128 5.74 5.67 -6.27
CA PHE A 128 6.37 6.55 -5.23
C PHE A 128 5.35 7.59 -4.76
N HIS A 129 5.07 8.56 -5.59
CA HIS A 129 4.09 9.61 -5.18
C HIS A 129 3.57 10.35 -6.42
N SER A 130 2.38 10.01 -6.86
CA SER A 130 1.80 10.69 -8.06
C SER A 130 0.95 11.87 -7.61
N ALA A 131 0.34 12.56 -8.53
CA ALA A 131 -0.53 13.70 -8.15
C ALA A 131 -1.64 13.15 -7.29
N ASN A 132 -1.41 13.02 -6.02
CA ASN A 132 -2.45 12.45 -5.17
C ASN A 132 -3.38 13.51 -4.63
N THR A 133 -3.29 14.73 -5.12
CA THR A 133 -4.26 15.74 -4.66
C THR A 133 -5.63 15.07 -4.82
N GLU A 134 -5.68 14.16 -5.75
CA GLU A 134 -6.90 13.36 -6.00
C GLU A 134 -6.54 11.89 -5.70
N ALA A 135 -5.33 11.48 -6.03
CA ALA A 135 -4.93 10.05 -5.82
C ALA A 135 -4.93 9.65 -4.34
N LEU A 136 -4.40 8.49 -4.08
CA LEU A 136 -4.38 7.92 -2.70
C LEU A 136 -3.11 8.31 -1.94
N MET A 137 -2.09 8.78 -2.58
CA MET A 137 -0.86 9.09 -1.78
C MET A 137 -0.99 10.42 -1.03
N TYR A 138 -2.01 11.19 -1.26
CA TYR A 138 -2.13 12.48 -0.50
C TYR A 138 -3.57 12.77 0.02
N PRO A 139 -4.45 11.79 0.05
CA PRO A 139 -5.81 12.05 0.56
C PRO A 139 -5.76 12.07 2.07
N LEU A 140 -4.94 11.21 2.62
CA LEU A 140 -4.79 11.08 4.11
C LEU A 140 -5.25 12.36 4.82
N TYR A 141 -4.65 13.48 4.51
CA TYR A 141 -5.07 14.75 5.17
C TYR A 141 -6.48 15.13 4.69
N HIS A 142 -7.44 14.25 4.87
CA HIS A 142 -8.83 14.54 4.42
C HIS A 142 -9.72 13.33 4.75
N SER A 143 -10.40 12.78 3.77
CA SER A 143 -11.27 11.60 4.04
C SER A 143 -11.56 10.86 2.73
N LEU A 144 -11.21 9.61 2.63
CA LEU A 144 -11.49 8.85 1.38
C LEU A 144 -10.98 7.42 1.51
N THR A 145 -11.23 6.79 2.62
CA THR A 145 -10.78 5.38 2.79
C THR A 145 -11.97 4.45 2.53
N ASP A 146 -13.14 5.00 2.44
CA ASP A 146 -14.35 4.16 2.17
C ASP A 146 -15.60 5.03 2.11
N LEU A 147 -15.59 6.19 2.76
CA LEU A 147 -16.78 7.10 2.75
C LEU A 147 -17.64 6.88 1.49
N THR A 148 -17.48 7.70 0.48
CA THR A 148 -18.29 7.53 -0.75
C THR A 148 -17.42 7.66 -2.00
N ARG A 149 -16.17 8.01 -1.84
CA ARG A 149 -15.28 8.14 -3.03
C ARG A 149 -14.14 7.13 -2.93
N PHE A 150 -13.66 6.93 -1.73
CA PHE A 150 -12.54 5.98 -1.44
C PHE A 150 -12.01 5.27 -2.70
N ARG A 151 -10.90 5.73 -3.20
CA ARG A 151 -10.29 5.08 -4.41
C ARG A 151 -9.02 5.83 -4.81
N LEU A 152 -8.32 5.34 -5.79
CA LEU A 152 -7.06 6.03 -6.22
C LEU A 152 -7.36 7.03 -7.34
N SER A 153 -6.40 7.86 -7.66
CA SER A 153 -6.63 8.85 -8.76
C SER A 153 -5.96 8.38 -10.04
N GLN A 154 -5.90 9.22 -11.03
CA GLN A 154 -5.26 8.83 -12.31
C GLN A 154 -3.75 9.08 -12.23
N ASP A 155 -3.30 9.79 -11.23
CA ASP A 155 -1.86 10.02 -11.12
C ASP A 155 -1.24 8.83 -10.41
N ASP A 156 -1.80 8.38 -9.31
CA ASP A 156 -1.20 7.19 -8.68
C ASP A 156 -1.43 6.02 -9.63
N ILE A 157 -2.57 6.00 -10.29
CA ILE A 157 -2.83 4.93 -11.29
C ILE A 157 -1.72 5.02 -12.33
N ASN A 158 -1.29 6.21 -12.60
CA ASN A 158 -0.20 6.42 -13.59
C ASN A 158 1.10 5.84 -13.02
N GLY A 159 1.45 6.21 -11.83
CA GLY A 159 2.72 5.68 -11.22
C GLY A 159 2.69 4.16 -11.21
N ILE A 160 1.69 3.56 -10.63
CA ILE A 160 1.63 2.08 -10.59
C ILE A 160 1.55 1.53 -12.01
N GLN A 161 0.73 2.13 -12.83
CA GLN A 161 0.65 1.66 -14.23
C GLN A 161 2.07 1.68 -14.80
N SER A 162 2.87 2.58 -14.33
CA SER A 162 4.29 2.64 -14.78
C SER A 162 5.03 1.49 -14.12
N LEU A 163 4.51 1.02 -13.01
CA LEU A 163 5.15 -0.11 -12.31
C LEU A 163 5.02 -1.34 -13.19
N TYR A 164 3.82 -1.76 -13.42
CA TYR A 164 3.62 -2.95 -14.30
C TYR A 164 3.19 -2.47 -15.70
N GLY A 165 2.00 -2.77 -16.16
CA GLY A 165 1.59 -2.29 -17.52
C GLY A 165 1.25 -3.49 -18.41
N PRO A 166 0.82 -3.18 -19.61
CA PRO A 166 0.44 -4.22 -20.58
C PRO A 166 1.69 -4.93 -21.10
N PRO A 167 1.54 -6.19 -21.37
CA PRO A 167 2.66 -7.02 -21.88
C PRO A 167 2.95 -6.65 -23.33
N PRO A 168 4.22 -6.66 -23.66
CA PRO A 168 4.66 -6.33 -25.02
C PRO A 168 4.33 -7.49 -25.98
N ASP A 169 4.85 -8.65 -25.71
CA ASP A 169 4.56 -9.81 -26.60
C ASP A 169 4.88 -11.11 -25.86
N SER A 170 6.12 -11.34 -25.54
CA SER A 170 6.50 -12.58 -24.82
C SER A 170 5.50 -12.84 -23.69
N PRO A 171 4.65 -13.81 -23.90
CA PRO A 171 3.62 -14.17 -22.91
C PRO A 171 4.28 -14.89 -21.73
N GLU A 172 5.41 -15.50 -21.95
CA GLU A 172 6.09 -16.22 -20.83
C GLU A 172 7.60 -16.10 -21.00
N THR A 173 8.36 -16.52 -20.01
CA THR A 173 9.83 -16.43 -20.12
C THR A 173 10.30 -17.01 -21.46
N PHE A 1 12.24 10.95 -7.18
CA PHE A 1 11.09 11.90 -7.27
C PHE A 1 9.83 11.15 -7.68
N ARG A 2 9.59 10.99 -8.96
CA ARG A 2 8.37 10.27 -9.41
C ARG A 2 8.59 8.76 -9.27
N THR A 3 7.99 7.98 -10.13
CA THR A 3 8.16 6.51 -10.03
C THR A 3 9.65 6.18 -9.94
N PHE A 4 9.98 4.91 -9.86
CA PHE A 4 11.42 4.52 -9.77
C PHE A 4 12.09 4.71 -11.13
N PRO A 5 12.99 5.65 -11.19
CA PRO A 5 13.71 5.94 -12.44
C PRO A 5 14.73 4.83 -12.73
N GLY A 6 14.89 4.48 -13.97
CA GLY A 6 15.85 3.41 -14.32
C GLY A 6 15.13 2.06 -14.36
N ILE A 7 14.43 1.71 -13.32
CA ILE A 7 13.72 0.41 -13.29
C ILE A 7 12.49 0.52 -12.38
N PRO A 8 11.45 -0.16 -12.76
CA PRO A 8 10.19 -0.15 -11.98
C PRO A 8 10.38 -0.97 -10.70
N LYS A 9 9.31 -1.26 -10.02
CA LYS A 9 9.44 -2.06 -8.76
C LYS A 9 9.35 -3.54 -9.08
N TRP A 10 8.18 -4.11 -9.01
CA TRP A 10 8.04 -5.57 -9.31
C TRP A 10 8.15 -5.80 -10.81
N ARG A 11 8.55 -6.98 -11.21
CA ARG A 11 8.68 -7.27 -12.67
C ARG A 11 7.89 -8.53 -13.03
N LYS A 12 7.84 -9.48 -12.13
CA LYS A 12 7.08 -10.73 -12.41
C LYS A 12 5.65 -10.38 -12.79
N THR A 13 4.77 -11.35 -12.80
CA THR A 13 3.37 -11.09 -13.15
C THR A 13 2.46 -11.57 -12.02
N HIS A 14 3.01 -12.05 -10.93
CA HIS A 14 2.13 -12.53 -9.82
C HIS A 14 2.76 -12.31 -8.45
N LEU A 15 2.41 -11.24 -7.79
CA LEU A 15 2.99 -10.98 -6.44
C LEU A 15 2.01 -11.46 -5.36
N THR A 16 2.40 -11.39 -4.12
CA THR A 16 1.50 -11.83 -3.03
C THR A 16 1.69 -10.90 -1.83
N TYR A 17 0.71 -10.79 -0.99
CA TYR A 17 0.85 -9.89 0.19
C TYR A 17 0.36 -10.63 1.44
N ARG A 18 0.59 -10.06 2.59
CA ARG A 18 0.13 -10.72 3.85
C ARG A 18 -0.62 -9.71 4.72
N ILE A 19 -1.61 -10.16 5.43
CA ILE A 19 -2.39 -9.21 6.29
C ILE A 19 -1.90 -9.34 7.75
N VAL A 20 -0.65 -9.07 7.99
CA VAL A 20 -0.11 -9.17 9.38
C VAL A 20 -0.62 -8.00 10.23
N ASN A 21 -1.44 -7.15 9.66
CA ASN A 21 -1.97 -6.00 10.45
C ASN A 21 -3.39 -6.33 10.90
N TYR A 22 -3.86 -5.59 11.85
CA TYR A 22 -5.24 -5.80 12.34
C TYR A 22 -5.51 -4.82 13.49
N THR A 23 -5.18 -3.57 13.30
CA THR A 23 -5.43 -2.56 14.37
C THR A 23 -6.78 -2.84 15.02
N PRO A 24 -6.88 -2.50 16.28
CA PRO A 24 -8.14 -2.71 17.01
C PRO A 24 -9.20 -1.79 16.46
N ASP A 25 -8.79 -0.70 15.88
CA ASP A 25 -9.77 0.21 15.28
C ASP A 25 -10.43 -0.51 14.09
N LEU A 26 -9.86 -1.62 13.70
CA LEU A 26 -10.42 -2.40 12.57
C LEU A 26 -10.38 -3.88 12.89
N PRO A 27 -11.53 -4.51 12.83
CA PRO A 27 -11.60 -5.95 13.07
C PRO A 27 -10.83 -6.68 11.96
N LYS A 28 -10.58 -7.95 12.15
CA LYS A 28 -9.84 -8.73 11.11
C LYS A 28 -10.27 -8.29 9.71
N ASP A 29 -11.49 -8.53 9.38
CA ASP A 29 -11.99 -8.16 8.02
C ASP A 29 -11.75 -6.68 7.71
N ALA A 30 -11.71 -5.83 8.68
CA ALA A 30 -11.49 -4.39 8.37
C ALA A 30 -10.02 -4.18 7.97
N VAL A 31 -9.10 -4.46 8.84
CA VAL A 31 -7.68 -4.29 8.45
C VAL A 31 -7.47 -5.03 7.13
N ASP A 32 -8.09 -6.17 7.01
CA ASP A 32 -7.99 -6.94 5.75
C ASP A 32 -8.68 -6.15 4.65
N SER A 33 -9.62 -5.33 5.02
CA SER A 33 -10.34 -4.50 4.02
C SER A 33 -9.37 -3.48 3.42
N ALA A 34 -8.48 -2.94 4.20
CA ALA A 34 -7.51 -1.95 3.67
C ALA A 34 -6.44 -2.69 2.88
N VAL A 35 -6.09 -3.85 3.30
CA VAL A 35 -5.07 -4.64 2.57
C VAL A 35 -5.74 -5.18 1.32
N GLU A 36 -7.03 -5.29 1.37
CA GLU A 36 -7.80 -5.80 0.21
C GLU A 36 -8.09 -4.64 -0.73
N LYS A 37 -8.33 -3.49 -0.18
CA LYS A 37 -8.61 -2.32 -1.04
C LYS A 37 -7.27 -1.80 -1.55
N ALA A 38 -6.29 -1.81 -0.71
CA ALA A 38 -4.93 -1.38 -1.13
C ALA A 38 -4.43 -2.35 -2.22
N LEU A 39 -4.32 -3.60 -1.83
CA LEU A 39 -3.85 -4.64 -2.80
C LEU A 39 -4.66 -4.58 -4.08
N LYS A 40 -5.94 -4.38 -3.97
CA LYS A 40 -6.79 -4.34 -5.19
C LYS A 40 -6.61 -3.00 -5.88
N VAL A 41 -6.41 -1.97 -5.14
CA VAL A 41 -6.23 -0.65 -5.77
C VAL A 41 -5.08 -0.76 -6.75
N TRP A 42 -4.04 -1.45 -6.38
CA TRP A 42 -2.91 -1.59 -7.33
C TRP A 42 -3.07 -2.84 -8.20
N GLU A 43 -3.80 -3.81 -7.72
CA GLU A 43 -3.99 -5.04 -8.53
C GLU A 43 -4.87 -4.69 -9.71
N GLU A 44 -5.69 -3.70 -9.53
CA GLU A 44 -6.58 -3.28 -10.63
C GLU A 44 -5.89 -2.23 -11.49
N VAL A 45 -5.23 -1.30 -10.86
CA VAL A 45 -4.56 -0.25 -11.68
C VAL A 45 -3.53 -0.91 -12.60
N THR A 46 -3.04 -2.08 -12.26
CA THR A 46 -2.04 -2.73 -13.16
C THR A 46 -2.64 -4.01 -13.76
N PRO A 47 -2.01 -4.45 -14.82
CA PRO A 47 -2.42 -5.68 -15.51
C PRO A 47 -1.80 -6.90 -14.83
N LEU A 48 -1.06 -6.70 -13.77
CA LEU A 48 -0.42 -7.86 -13.08
C LEU A 48 -1.41 -8.58 -12.17
N THR A 49 -0.96 -9.57 -11.44
CA THR A 49 -1.88 -10.32 -10.54
C THR A 49 -1.36 -10.23 -9.10
N PHE A 50 -2.19 -10.59 -8.15
CA PHE A 50 -1.77 -10.53 -6.72
C PHE A 50 -2.34 -11.75 -5.98
N SER A 51 -1.74 -12.10 -4.87
CA SER A 51 -2.24 -13.26 -4.08
C SER A 51 -2.01 -12.98 -2.60
N ARG A 52 -2.38 -13.88 -1.73
CA ARG A 52 -2.16 -13.61 -0.29
C ARG A 52 -1.90 -14.93 0.46
N LEU A 53 -1.69 -14.85 1.73
CA LEU A 53 -1.43 -16.07 2.53
C LEU A 53 -1.63 -15.75 4.02
N TYR A 54 -0.70 -16.08 4.87
CA TYR A 54 -0.86 -15.78 6.32
C TYR A 54 0.34 -16.32 7.09
N GLU A 55 1.49 -16.36 6.49
CA GLU A 55 2.69 -16.88 7.20
C GLU A 55 3.96 -16.43 6.48
N GLY A 56 5.09 -16.95 6.89
CA GLY A 56 6.37 -16.58 6.25
C GLY A 56 6.36 -15.10 5.89
N GLU A 57 6.09 -14.78 4.66
CA GLU A 57 6.05 -13.35 4.26
C GLU A 57 5.75 -13.23 2.76
N ALA A 58 4.56 -12.79 2.42
CA ALA A 58 4.22 -12.62 0.98
C ALA A 58 5.18 -11.62 0.35
N ASP A 59 4.75 -10.92 -0.64
CA ASP A 59 5.65 -9.91 -1.28
C ASP A 59 5.49 -8.59 -0.53
N ILE A 60 4.29 -8.32 -0.06
CA ILE A 60 4.04 -7.06 0.70
C ILE A 60 3.44 -7.45 2.04
N MET A 61 4.26 -7.89 2.95
CA MET A 61 3.73 -8.32 4.28
C MET A 61 3.20 -7.10 5.03
N ILE A 62 1.90 -6.94 5.07
CA ILE A 62 1.32 -5.79 5.80
C ILE A 62 1.26 -6.16 7.28
N SER A 63 1.95 -5.48 8.14
CA SER A 63 1.90 -5.87 9.57
C SER A 63 1.67 -4.68 10.49
N PHE A 64 1.16 -4.95 11.65
CA PHE A 64 0.91 -3.85 12.63
C PHE A 64 2.22 -3.49 13.33
N ALA A 65 2.54 -2.22 13.44
CA ALA A 65 3.81 -1.84 14.11
C ALA A 65 3.70 -0.42 14.66
N VAL A 66 4.75 0.10 15.25
CA VAL A 66 4.71 1.48 15.80
C VAL A 66 6.05 1.82 16.43
N ARG A 67 6.07 2.73 17.37
CA ARG A 67 7.35 3.11 18.03
C ARG A 67 8.07 1.86 18.54
N GLU A 68 8.81 1.21 17.69
CA GLU A 68 9.52 -0.03 18.13
C GLU A 68 10.32 -0.60 16.94
N HIS A 69 10.77 0.24 16.06
CA HIS A 69 11.55 -0.24 14.89
C HIS A 69 13.04 -0.20 15.23
N GLY A 70 13.87 0.14 14.29
CA GLY A 70 15.34 0.20 14.58
C GLY A 70 15.77 1.66 14.76
N ASP A 71 15.49 2.50 13.78
CA ASP A 71 15.88 3.93 13.89
C ASP A 71 15.44 4.68 12.63
N PHE A 72 15.43 4.02 11.50
CA PHE A 72 15.03 4.70 10.25
C PHE A 72 13.52 4.49 9.99
N TYR A 73 12.83 3.89 10.92
CA TYR A 73 11.37 3.67 10.72
C TYR A 73 10.63 3.70 12.06
N PRO A 74 11.00 4.64 12.89
CA PRO A 74 10.35 4.78 14.21
C PRO A 74 8.94 5.32 14.03
N PHE A 75 7.94 4.62 14.47
CA PHE A 75 6.54 5.11 14.29
C PHE A 75 6.04 5.80 15.54
N ASP A 76 4.77 6.09 15.54
CA ASP A 76 4.15 6.78 16.70
C ASP A 76 2.68 7.02 16.39
N GLY A 77 1.91 5.96 16.23
CA GLY A 77 0.46 6.09 15.90
C GLY A 77 -0.09 7.48 16.26
N PRO A 78 0.03 7.84 17.51
CA PRO A 78 -0.45 9.17 17.95
C PRO A 78 0.40 10.27 17.30
N GLY A 79 0.40 10.32 15.99
CA GLY A 79 1.21 11.36 15.28
C GLY A 79 0.97 11.23 13.78
N ASN A 80 1.32 12.24 13.02
CA ASN A 80 1.12 12.19 11.55
C ASN A 80 1.59 10.83 11.00
N VAL A 81 2.84 10.51 11.19
CA VAL A 81 3.39 9.21 10.68
C VAL A 81 2.34 8.11 10.74
N LEU A 82 1.57 7.94 9.69
CA LEU A 82 0.51 6.88 9.69
C LEU A 82 1.08 5.47 9.39
N ALA A 83 1.43 5.16 8.16
CA ALA A 83 1.95 3.78 7.87
C ALA A 83 3.02 3.81 6.77
N HIS A 84 3.39 2.67 6.26
CA HIS A 84 4.43 2.70 5.18
C HIS A 84 4.75 1.29 4.69
N ALA A 85 5.66 1.19 3.74
CA ALA A 85 6.02 -0.16 3.23
C ALA A 85 7.44 -0.13 2.65
N TYR A 86 7.92 -1.25 2.19
CA TYR A 86 9.30 -1.28 1.63
C TYR A 86 9.26 -1.59 0.14
N ALA A 87 10.38 -1.89 -0.45
CA ALA A 87 10.42 -2.20 -1.91
C ALA A 87 11.81 -2.74 -2.29
N PRO A 88 12.80 -1.91 -2.07
CA PRO A 88 14.18 -2.28 -2.39
C PRO A 88 14.73 -3.22 -1.30
N GLY A 89 15.60 -4.12 -1.65
CA GLY A 89 16.17 -5.05 -0.63
C GLY A 89 15.81 -6.49 -0.98
N PRO A 90 16.24 -7.39 -0.13
CA PRO A 90 15.97 -8.83 -0.32
C PRO A 90 14.51 -9.15 0.04
N GLY A 91 14.26 -9.49 1.27
CA GLY A 91 12.86 -9.83 1.68
C GLY A 91 12.11 -8.55 2.02
N ILE A 92 12.79 -7.57 2.55
CA ILE A 92 12.12 -6.29 2.88
C ILE A 92 11.58 -5.67 1.61
N ASN A 93 11.91 -6.24 0.47
CA ASN A 93 11.40 -5.67 -0.81
C ASN A 93 9.89 -5.86 -0.88
N GLY A 94 9.15 -5.23 -0.02
CA GLY A 94 7.67 -5.38 -0.06
C GLY A 94 7.14 -5.74 1.34
N ASP A 95 7.03 -4.77 2.18
CA ASP A 95 6.52 -5.02 3.56
C ASP A 95 5.86 -3.74 4.05
N ALA A 96 4.57 -3.76 4.29
CA ALA A 96 3.90 -2.51 4.78
C ALA A 96 3.57 -2.66 6.25
N HIS A 97 3.27 -1.59 6.90
CA HIS A 97 2.92 -1.68 8.33
C HIS A 97 2.06 -0.48 8.73
N PHE A 98 0.99 -0.76 9.43
CA PHE A 98 0.06 0.33 9.89
C PHE A 98 0.39 0.75 11.32
N ASP A 99 0.42 2.03 11.61
CA ASP A 99 0.69 2.46 13.02
C ASP A 99 -0.38 1.83 13.91
N ASP A 100 0.01 0.97 14.81
CA ASP A 100 -1.01 0.33 15.70
C ASP A 100 -1.31 1.25 16.88
N ASP A 101 -0.89 2.49 16.81
CA ASP A 101 -1.15 3.42 17.95
C ASP A 101 -1.97 4.63 17.49
N GLU A 102 -2.55 4.58 16.31
CA GLU A 102 -3.35 5.74 15.82
C GLU A 102 -4.81 5.30 15.64
N GLN A 103 -5.41 5.61 14.52
CA GLN A 103 -6.83 5.20 14.30
C GLN A 103 -6.91 4.35 13.03
N TRP A 104 -8.00 3.67 12.82
CA TRP A 104 -8.12 2.83 11.60
C TRP A 104 -9.59 2.56 11.28
N THR A 105 -10.11 3.17 10.26
CA THR A 105 -11.55 2.92 9.92
C THR A 105 -11.68 2.71 8.42
N LYS A 106 -12.68 2.00 8.02
CA LYS A 106 -12.92 1.74 6.57
C LYS A 106 -13.52 3.00 5.98
N ASP A 107 -14.21 3.71 6.80
CA ASP A 107 -14.85 4.97 6.35
C ASP A 107 -13.97 6.13 6.82
N THR A 108 -14.54 7.26 7.06
CA THR A 108 -13.72 8.40 7.56
C THR A 108 -14.02 8.58 9.04
N THR A 109 -14.06 7.50 9.77
CA THR A 109 -14.39 7.59 11.23
C THR A 109 -13.13 7.55 12.08
N GLY A 110 -12.11 6.87 11.66
CA GLY A 110 -10.87 6.82 12.50
C GLY A 110 -9.72 7.45 11.72
N THR A 111 -8.93 6.63 11.09
CA THR A 111 -7.81 7.18 10.29
C THR A 111 -8.22 7.07 8.84
N ASN A 112 -7.67 6.15 8.10
CA ASN A 112 -8.06 6.00 6.69
C ASN A 112 -7.66 4.59 6.25
N LEU A 113 -8.41 3.61 6.71
CA LEU A 113 -8.14 2.18 6.39
C LEU A 113 -7.41 2.01 5.05
N PHE A 114 -8.14 1.75 4.01
CA PHE A 114 -7.49 1.49 2.70
C PHE A 114 -6.74 2.71 2.20
N LEU A 115 -6.94 3.85 2.79
CA LEU A 115 -6.18 5.01 2.33
C LEU A 115 -4.71 4.70 2.54
N VAL A 116 -4.36 4.51 3.77
CA VAL A 116 -2.95 4.18 4.09
C VAL A 116 -2.69 2.74 3.66
N ALA A 117 -3.71 2.01 3.29
CA ALA A 117 -3.46 0.63 2.85
C ALA A 117 -2.92 0.69 1.42
N ALA A 118 -3.64 1.28 0.50
CA ALA A 118 -3.08 1.40 -0.84
C ALA A 118 -1.89 2.30 -0.73
N HIS A 119 -1.76 3.02 0.35
CA HIS A 119 -0.55 3.86 0.50
C HIS A 119 0.64 2.94 0.67
N GLU A 120 0.54 1.96 1.51
CA GLU A 120 1.68 1.03 1.71
C GLU A 120 1.69 -0.05 0.62
N ILE A 121 0.59 -0.68 0.33
CA ILE A 121 0.60 -1.71 -0.74
C ILE A 121 0.99 -1.02 -2.02
N GLY A 122 0.63 0.22 -2.11
CA GLY A 122 0.98 1.02 -3.30
C GLY A 122 2.44 1.44 -3.18
N HIS A 123 2.89 1.65 -1.99
CA HIS A 123 4.30 2.04 -1.77
C HIS A 123 5.25 0.95 -2.27
N SER A 124 5.03 -0.27 -1.88
CA SER A 124 5.94 -1.37 -2.28
C SER A 124 5.61 -1.93 -3.67
N LEU A 125 4.41 -2.38 -3.88
CA LEU A 125 4.06 -2.98 -5.21
C LEU A 125 3.21 -2.00 -6.04
N GLY A 126 3.30 -0.74 -5.74
CA GLY A 126 2.47 0.24 -6.49
C GLY A 126 3.38 1.27 -7.15
N LEU A 127 3.86 2.21 -6.41
CA LEU A 127 4.74 3.25 -7.01
C LEU A 127 5.42 4.06 -5.91
N PHE A 128 5.90 5.23 -6.23
CA PHE A 128 6.57 6.07 -5.20
C PHE A 128 5.58 7.11 -4.67
N HIS A 129 5.27 8.11 -5.44
CA HIS A 129 4.31 9.16 -4.98
C HIS A 129 3.80 9.95 -6.18
N SER A 130 2.68 9.56 -6.73
CA SER A 130 2.12 10.29 -7.90
C SER A 130 1.36 11.52 -7.43
N ALA A 131 0.82 12.27 -8.35
CA ALA A 131 0.02 13.47 -7.95
C ALA A 131 -1.15 12.97 -7.15
N ASN A 132 -0.95 12.75 -5.89
CA ASN A 132 -2.05 12.22 -5.08
C ASN A 132 -2.92 13.33 -4.53
N THR A 133 -2.78 14.54 -5.02
CA THR A 133 -3.71 15.60 -4.56
C THR A 133 -5.10 14.99 -4.74
N GLU A 134 -5.17 14.09 -5.70
CA GLU A 134 -6.41 13.33 -5.98
C GLU A 134 -6.12 11.86 -5.70
N ALA A 135 -4.91 11.42 -6.01
CA ALA A 135 -4.57 9.97 -5.82
C ALA A 135 -4.64 9.53 -4.35
N LEU A 136 -4.06 8.40 -4.07
CA LEU A 136 -4.10 7.83 -2.70
C LEU A 136 -2.80 8.10 -1.92
N MET A 137 -1.76 8.52 -2.55
CA MET A 137 -0.50 8.71 -1.77
C MET A 137 -0.51 10.03 -1.00
N TYR A 138 -1.48 10.87 -1.19
CA TYR A 138 -1.49 12.16 -0.43
C TYR A 138 -2.87 12.54 0.11
N PRO A 139 -3.84 11.64 0.13
CA PRO A 139 -5.17 12.00 0.67
C PRO A 139 -5.10 12.01 2.19
N LEU A 140 -4.43 11.01 2.75
CA LEU A 140 -4.30 10.87 4.25
C LEU A 140 -5.03 12.01 4.96
N TYR A 141 -4.48 13.18 4.93
CA TYR A 141 -5.13 14.34 5.61
C TYR A 141 -6.43 14.69 4.89
N HIS A 142 -7.35 13.77 4.80
CA HIS A 142 -8.64 14.06 4.12
C HIS A 142 -9.53 12.81 4.13
N SER A 143 -10.76 12.94 3.70
CA SER A 143 -11.67 11.77 3.69
C SER A 143 -11.92 11.33 2.24
N LEU A 144 -11.74 10.08 1.95
CA LEU A 144 -11.97 9.60 0.54
C LEU A 144 -11.66 8.11 0.45
N THR A 145 -10.41 7.75 0.50
CA THR A 145 -10.04 6.31 0.40
C THR A 145 -10.54 5.55 1.63
N ASP A 146 -11.81 5.65 1.91
CA ASP A 146 -12.39 4.93 3.08
C ASP A 146 -13.91 4.90 2.89
N LEU A 147 -14.50 6.04 2.67
CA LEU A 147 -15.97 6.08 2.47
C LEU A 147 -16.34 5.26 1.23
N THR A 148 -17.31 5.70 0.46
CA THR A 148 -17.71 4.92 -0.75
C THR A 148 -16.97 5.45 -1.98
N ARG A 149 -16.53 6.67 -1.94
CA ARG A 149 -15.79 7.25 -3.10
C ARG A 149 -14.35 6.75 -3.08
N PHE A 150 -13.94 6.24 -1.95
CA PHE A 150 -12.54 5.73 -1.79
C PHE A 150 -12.00 5.18 -3.11
N ARG A 151 -11.11 5.90 -3.73
CA ARG A 151 -10.52 5.42 -5.02
C ARG A 151 -9.20 6.15 -5.31
N LEU A 152 -8.32 5.52 -6.04
CA LEU A 152 -7.02 6.18 -6.37
C LEU A 152 -7.21 7.22 -7.47
N SER A 153 -6.17 7.96 -7.77
CA SER A 153 -6.29 8.97 -8.86
C SER A 153 -5.62 8.45 -10.13
N GLN A 154 -5.50 9.30 -11.12
CA GLN A 154 -4.86 8.87 -12.38
C GLN A 154 -3.35 9.01 -12.26
N ASP A 155 -2.87 9.68 -11.26
CA ASP A 155 -1.42 9.82 -11.13
C ASP A 155 -0.88 8.59 -10.42
N ASP A 156 -1.47 8.19 -9.31
CA ASP A 156 -0.95 6.96 -8.68
C ASP A 156 -1.23 5.82 -9.66
N ILE A 157 -2.37 5.84 -10.30
CA ILE A 157 -2.67 4.79 -11.31
C ILE A 157 -1.52 4.81 -12.31
N ASN A 158 -1.03 5.98 -12.59
CA ASN A 158 0.09 6.11 -13.56
C ASN A 158 1.35 5.45 -12.99
N GLY A 159 1.78 5.88 -11.84
CA GLY A 159 3.01 5.28 -11.23
C GLY A 159 2.89 3.75 -11.18
N ILE A 160 1.82 3.24 -10.64
CA ILE A 160 1.68 1.77 -10.54
C ILE A 160 1.63 1.17 -11.94
N GLN A 161 0.82 1.72 -12.79
CA GLN A 161 0.75 1.21 -14.19
C GLN A 161 2.16 1.19 -14.75
N SER A 162 3.00 2.07 -14.27
CA SER A 162 4.40 2.10 -14.75
C SER A 162 5.18 1.04 -13.97
N LEU A 163 4.66 0.60 -12.87
CA LEU A 163 5.35 -0.45 -12.08
C LEU A 163 5.21 -1.77 -12.83
N TYR A 164 4.00 -2.21 -13.02
CA TYR A 164 3.79 -3.50 -13.75
C TYR A 164 3.71 -3.22 -15.26
N GLY A 165 2.56 -3.43 -15.87
CA GLY A 165 2.45 -3.17 -17.33
C GLY A 165 3.64 -3.80 -18.05
N PRO A 166 3.83 -5.06 -17.82
CA PRO A 166 4.95 -5.79 -18.45
C PRO A 166 4.70 -6.04 -19.96
N PRO A 167 3.46 -6.15 -20.38
CA PRO A 167 3.18 -6.37 -21.81
C PRO A 167 3.34 -5.06 -22.57
N PRO A 168 4.33 -5.03 -23.42
CA PRO A 168 4.62 -3.82 -24.23
C PRO A 168 3.54 -3.65 -25.31
N ASP A 169 3.74 -4.21 -26.46
CA ASP A 169 2.73 -4.07 -27.55
C ASP A 169 2.62 -5.38 -28.31
N SER A 170 3.73 -6.02 -28.58
CA SER A 170 3.68 -7.32 -29.32
C SER A 170 4.76 -8.24 -28.78
N PRO A 171 4.45 -8.90 -27.69
CA PRO A 171 5.39 -9.83 -27.05
C PRO A 171 5.52 -11.10 -27.89
N GLU A 172 4.53 -11.41 -28.69
CA GLU A 172 4.60 -12.63 -29.53
C GLU A 172 5.33 -12.31 -30.84
N THR A 173 6.59 -11.97 -30.76
CA THR A 173 7.35 -11.64 -32.00
C THR A 173 8.65 -12.43 -32.02
N PHE A 1 5.03 14.42 -12.29
CA PHE A 1 4.91 14.28 -10.80
C PHE A 1 4.48 12.85 -10.47
N ARG A 2 5.17 11.86 -10.98
CA ARG A 2 4.78 10.45 -10.69
C ARG A 2 5.98 9.71 -10.08
N THR A 3 6.09 8.43 -10.33
CA THR A 3 7.24 7.67 -9.76
C THR A 3 8.55 8.38 -10.10
N PHE A 4 9.66 7.79 -9.74
CA PHE A 4 10.97 8.44 -10.04
C PHE A 4 11.67 7.67 -11.18
N PRO A 5 12.25 8.42 -12.07
CA PRO A 5 12.96 7.84 -13.23
C PRO A 5 14.27 7.19 -12.77
N GLY A 6 14.26 5.91 -12.52
CA GLY A 6 15.51 5.24 -12.07
C GLY A 6 15.30 3.72 -12.07
N ILE A 7 14.63 3.22 -11.07
CA ILE A 7 14.39 1.74 -11.01
C ILE A 7 12.99 1.48 -10.44
N PRO A 8 12.26 0.63 -11.11
CA PRO A 8 10.91 0.27 -10.67
C PRO A 8 10.98 -0.64 -9.45
N LYS A 9 9.87 -1.18 -9.02
CA LYS A 9 9.88 -2.07 -7.83
C LYS A 9 9.87 -3.54 -8.29
N TRP A 10 8.72 -4.08 -8.60
CA TRP A 10 8.67 -5.49 -9.04
C TRP A 10 8.38 -5.54 -10.55
N ARG A 11 8.51 -6.69 -11.15
CA ARG A 11 8.24 -6.80 -12.62
C ARG A 11 7.41 -8.07 -12.88
N LYS A 12 7.67 -9.13 -12.17
CA LYS A 12 6.90 -10.38 -12.38
C LYS A 12 5.40 -10.07 -12.43
N THR A 13 4.60 -11.07 -12.67
CA THR A 13 3.13 -10.84 -12.72
C THR A 13 2.45 -11.62 -11.60
N HIS A 14 3.21 -12.23 -10.73
CA HIS A 14 2.58 -12.99 -9.62
C HIS A 14 3.14 -12.54 -8.27
N LEU A 15 2.51 -11.58 -7.67
CA LEU A 15 3.00 -11.07 -6.36
C LEU A 15 2.17 -11.69 -5.21
N THR A 16 2.71 -11.71 -4.03
CA THR A 16 1.95 -12.26 -2.89
C THR A 16 2.01 -11.23 -1.77
N TYR A 17 1.05 -11.24 -0.89
CA TYR A 17 1.08 -10.26 0.22
C TYR A 17 0.61 -10.92 1.50
N ARG A 18 0.79 -10.29 2.63
CA ARG A 18 0.34 -10.91 3.89
C ARG A 18 -0.44 -9.89 4.72
N ILE A 19 -1.52 -10.31 5.32
CA ILE A 19 -2.33 -9.36 6.12
C ILE A 19 -1.90 -9.42 7.59
N VAL A 20 -0.70 -8.98 7.88
CA VAL A 20 -0.20 -9.00 9.29
C VAL A 20 -0.79 -7.81 10.06
N ASN A 21 -1.72 -7.11 9.47
CA ASN A 21 -2.35 -5.95 10.17
C ASN A 21 -3.75 -6.35 10.63
N TYR A 22 -4.21 -5.72 11.66
CA TYR A 22 -5.56 -6.01 12.18
C TYR A 22 -5.84 -5.16 13.42
N THR A 23 -5.44 -3.91 13.39
CA THR A 23 -5.68 -3.02 14.57
C THR A 23 -7.09 -3.28 15.11
N PRO A 24 -7.26 -2.97 16.36
CA PRO A 24 -8.57 -3.16 17.01
C PRO A 24 -9.56 -2.18 16.41
N ASP A 25 -9.06 -1.12 15.84
CA ASP A 25 -9.96 -0.15 15.20
C ASP A 25 -10.49 -0.78 13.91
N LEU A 26 -9.98 -1.93 13.56
CA LEU A 26 -10.43 -2.61 12.32
C LEU A 26 -10.48 -4.12 12.54
N PRO A 27 -11.65 -4.66 12.46
CA PRO A 27 -11.81 -6.11 12.62
C PRO A 27 -11.12 -6.82 11.46
N LYS A 28 -11.02 -8.12 11.54
CA LYS A 28 -10.35 -8.89 10.46
C LYS A 28 -10.67 -8.28 9.10
N ASP A 29 -11.91 -8.33 8.72
CA ASP A 29 -12.34 -7.80 7.39
C ASP A 29 -11.96 -6.32 7.21
N ALA A 30 -11.89 -5.55 8.25
CA ALA A 30 -11.54 -4.12 8.06
C ALA A 30 -10.06 -4.00 7.70
N VAL A 31 -9.19 -4.42 8.58
CA VAL A 31 -7.75 -4.34 8.26
C VAL A 31 -7.54 -5.07 6.93
N ASP A 32 -8.22 -6.17 6.78
CA ASP A 32 -8.12 -6.93 5.51
C ASP A 32 -8.72 -6.05 4.42
N SER A 33 -9.63 -5.20 4.79
CA SER A 33 -10.26 -4.30 3.79
C SER A 33 -9.17 -3.40 3.19
N ALA A 34 -8.28 -2.89 4.01
CA ALA A 34 -7.20 -2.02 3.47
C ALA A 34 -6.16 -2.85 2.72
N VAL A 35 -5.92 -4.04 3.16
CA VAL A 35 -4.92 -4.89 2.48
C VAL A 35 -5.54 -5.39 1.19
N GLU A 36 -6.84 -5.41 1.15
CA GLU A 36 -7.58 -5.88 -0.04
C GLU A 36 -7.87 -4.68 -0.94
N LYS A 37 -8.13 -3.55 -0.35
CA LYS A 37 -8.41 -2.35 -1.16
C LYS A 37 -7.08 -1.81 -1.66
N ALA A 38 -6.09 -1.88 -0.84
CA ALA A 38 -4.72 -1.44 -1.25
C ALA A 38 -4.23 -2.42 -2.31
N LEU A 39 -4.12 -3.66 -1.91
CA LEU A 39 -3.65 -4.72 -2.86
C LEU A 39 -4.46 -4.65 -4.15
N LYS A 40 -5.73 -4.51 -4.03
CA LYS A 40 -6.58 -4.46 -5.25
C LYS A 40 -6.40 -3.12 -5.96
N VAL A 41 -6.22 -2.09 -5.21
CA VAL A 41 -6.04 -0.76 -5.84
C VAL A 41 -4.88 -0.86 -6.82
N TRP A 42 -3.84 -1.56 -6.47
CA TRP A 42 -2.69 -1.69 -7.40
C TRP A 42 -2.84 -2.96 -8.26
N GLU A 43 -3.63 -3.88 -7.83
CA GLU A 43 -3.82 -5.12 -8.63
C GLU A 43 -4.72 -4.77 -9.81
N GLU A 44 -5.55 -3.80 -9.64
CA GLU A 44 -6.45 -3.39 -10.73
C GLU A 44 -5.77 -2.33 -11.58
N VAL A 45 -5.17 -1.36 -10.96
CA VAL A 45 -4.49 -0.30 -11.77
C VAL A 45 -3.47 -0.98 -12.68
N THR A 46 -2.95 -2.11 -12.29
CA THR A 46 -1.96 -2.81 -13.17
C THR A 46 -2.48 -4.21 -13.51
N PRO A 47 -2.00 -4.71 -14.61
CA PRO A 47 -2.40 -6.05 -15.10
C PRO A 47 -1.71 -7.18 -14.33
N LEU A 48 -1.31 -6.96 -13.10
CA LEU A 48 -0.63 -8.06 -12.35
C LEU A 48 -1.62 -8.72 -11.39
N THR A 49 -1.24 -9.84 -10.81
CA THR A 49 -2.15 -10.54 -9.86
C THR A 49 -1.48 -10.60 -8.48
N PHE A 50 -2.23 -10.93 -7.46
CA PHE A 50 -1.64 -11.01 -6.10
C PHE A 50 -2.23 -12.21 -5.34
N SER A 51 -1.55 -12.67 -4.32
CA SER A 51 -2.07 -13.82 -3.53
C SER A 51 -1.47 -13.77 -2.13
N ARG A 52 -2.27 -13.71 -1.11
CA ARG A 52 -1.72 -13.65 0.28
C ARG A 52 -1.93 -14.96 1.01
N LEU A 53 -1.38 -15.06 2.19
CA LEU A 53 -1.54 -16.31 2.99
C LEU A 53 -1.05 -16.07 4.42
N TYR A 54 0.18 -16.40 4.71
CA TYR A 54 0.71 -16.18 6.09
C TYR A 54 2.14 -16.70 6.16
N GLU A 55 2.87 -16.61 5.08
CA GLU A 55 4.27 -17.13 5.09
C GLU A 55 5.19 -16.16 5.83
N GLY A 56 6.45 -16.48 5.93
CA GLY A 56 7.40 -15.57 6.64
C GLY A 56 7.16 -14.13 6.18
N GLU A 57 6.96 -13.94 4.91
CA GLU A 57 6.72 -12.56 4.40
C GLU A 57 6.42 -12.60 2.89
N ALA A 58 5.18 -12.43 2.53
CA ALA A 58 4.83 -12.43 1.08
C ALA A 58 5.60 -11.34 0.36
N ASP A 59 5.03 -10.81 -0.68
CA ASP A 59 5.74 -9.72 -1.42
C ASP A 59 5.50 -8.40 -0.69
N ILE A 60 4.33 -8.25 -0.13
CA ILE A 60 3.98 -7.00 0.63
C ILE A 60 3.46 -7.40 2.00
N MET A 61 4.33 -7.69 2.93
CA MET A 61 3.86 -8.11 4.28
C MET A 61 3.20 -6.92 4.97
N ILE A 62 1.90 -6.88 4.97
CA ILE A 62 1.19 -5.74 5.63
C ILE A 62 1.12 -6.03 7.13
N SER A 63 1.76 -5.26 7.97
CA SER A 63 1.69 -5.59 9.42
C SER A 63 1.41 -4.36 10.28
N PHE A 64 0.92 -4.58 11.45
CA PHE A 64 0.61 -3.44 12.38
C PHE A 64 1.74 -3.28 13.41
N ALA A 65 2.20 -2.07 13.61
CA ALA A 65 3.31 -1.87 14.62
C ALA A 65 3.36 -0.40 15.08
N VAL A 66 4.48 0.03 15.60
CA VAL A 66 4.58 1.45 16.06
C VAL A 66 6.06 1.78 16.31
N ARG A 67 6.34 2.92 16.89
CA ARG A 67 7.76 3.31 17.16
C ARG A 67 8.55 2.09 17.64
N GLU A 68 7.89 1.14 18.25
CA GLU A 68 8.61 -0.07 18.75
C GLU A 68 9.66 -0.52 17.72
N HIS A 69 9.23 -0.85 16.53
CA HIS A 69 10.22 -1.29 15.49
C HIS A 69 11.07 -0.09 15.06
N GLY A 70 12.32 -0.08 15.43
CA GLY A 70 13.20 1.05 15.04
C GLY A 70 14.41 0.53 14.27
N ASP A 71 14.65 1.06 13.10
CA ASP A 71 15.81 0.60 12.30
C ASP A 71 15.86 1.37 10.98
N PHE A 72 14.72 1.75 10.46
CA PHE A 72 14.70 2.51 9.17
C PHE A 72 13.39 3.28 9.06
N TYR A 73 12.30 2.71 9.50
CA TYR A 73 11.00 3.42 9.40
C TYR A 73 10.18 3.20 10.68
N PRO A 74 10.58 3.87 11.72
CA PRO A 74 9.88 3.77 13.01
C PRO A 74 8.54 4.50 12.94
N PHE A 75 7.60 4.14 13.75
CA PHE A 75 6.27 4.82 13.70
C PHE A 75 6.03 5.61 14.97
N ASP A 76 4.84 6.08 15.15
CA ASP A 76 4.50 6.88 16.35
C ASP A 76 3.04 7.32 16.26
N GLY A 77 2.13 6.37 16.23
CA GLY A 77 0.66 6.69 16.14
C GLY A 77 0.38 8.18 16.36
N PRO A 78 0.68 8.65 17.55
CA PRO A 78 0.47 10.07 17.86
C PRO A 78 1.43 10.94 17.05
N GLY A 79 1.33 10.85 15.75
CA GLY A 79 2.22 11.67 14.88
C GLY A 79 1.81 11.49 13.42
N ASN A 80 1.95 12.52 12.63
CA ASN A 80 1.57 12.42 11.19
C ASN A 80 2.01 11.08 10.61
N VAL A 81 3.06 10.51 11.16
CA VAL A 81 3.56 9.19 10.64
C VAL A 81 2.43 8.16 10.58
N LEU A 82 1.64 8.19 9.53
CA LEU A 82 0.51 7.22 9.40
C LEU A 82 1.03 5.78 9.12
N ALA A 83 1.36 5.46 7.88
CA ALA A 83 1.84 4.07 7.57
C ALA A 83 2.90 4.08 6.46
N HIS A 84 3.41 2.93 6.07
CA HIS A 84 4.44 2.93 4.99
C HIS A 84 4.91 1.50 4.72
N ALA A 85 5.53 1.28 3.58
CA ALA A 85 6.00 -0.09 3.26
C ALA A 85 7.46 -0.05 2.78
N TYR A 86 7.96 -1.13 2.22
CA TYR A 86 9.38 -1.13 1.77
C TYR A 86 9.47 -1.53 0.30
N ALA A 87 10.64 -1.91 -0.15
CA ALA A 87 10.80 -2.31 -1.58
C ALA A 87 12.21 -2.87 -1.78
N PRO A 88 13.19 -2.06 -1.52
CA PRO A 88 14.60 -2.47 -1.67
C PRO A 88 15.00 -3.35 -0.48
N GLY A 89 15.38 -4.57 -0.74
CA GLY A 89 15.79 -5.47 0.39
C GLY A 89 15.43 -6.92 0.05
N PRO A 90 15.85 -7.81 0.90
CA PRO A 90 15.58 -9.24 0.72
C PRO A 90 14.11 -9.55 1.05
N GLY A 91 13.83 -9.91 2.27
CA GLY A 91 12.42 -10.22 2.65
C GLY A 91 11.63 -8.93 2.74
N ILE A 92 12.27 -7.84 3.05
CA ILE A 92 11.54 -6.55 3.12
C ILE A 92 11.26 -6.08 1.69
N ASN A 93 11.53 -6.91 0.71
CA ASN A 93 11.25 -6.51 -0.69
C ASN A 93 9.74 -6.35 -0.86
N GLY A 94 9.16 -5.42 -0.17
CA GLY A 94 7.70 -5.21 -0.27
C GLY A 94 7.05 -5.59 1.07
N ASP A 95 6.79 -4.61 1.88
CA ASP A 95 6.16 -4.88 3.20
C ASP A 95 5.54 -3.58 3.69
N ALA A 96 4.28 -3.58 3.99
CA ALA A 96 3.65 -2.33 4.46
C ALA A 96 3.33 -2.48 5.93
N HIS A 97 3.17 -1.39 6.63
CA HIS A 97 2.85 -1.52 8.06
C HIS A 97 2.14 -0.24 8.54
N PHE A 98 1.05 -0.43 9.22
CA PHE A 98 0.24 0.70 9.75
C PHE A 98 0.65 1.06 11.18
N ASP A 99 0.65 2.33 11.50
CA ASP A 99 0.97 2.71 12.91
C ASP A 99 -0.14 2.14 13.78
N ASP A 100 0.16 1.70 14.96
CA ASP A 100 -0.90 1.11 15.82
C ASP A 100 -1.20 2.03 16.99
N ASP A 101 -0.93 3.30 16.86
CA ASP A 101 -1.21 4.22 17.99
C ASP A 101 -1.97 5.46 17.49
N GLU A 102 -2.54 5.39 16.31
CA GLU A 102 -3.30 6.55 15.79
C GLU A 102 -4.75 6.09 15.55
N GLN A 103 -5.32 6.40 14.43
CA GLN A 103 -6.71 5.95 14.16
C GLN A 103 -6.69 4.95 13.00
N TRP A 104 -7.72 4.18 12.83
CA TRP A 104 -7.72 3.20 11.73
C TRP A 104 -9.16 2.80 11.36
N THR A 105 -9.65 3.29 10.26
CA THR A 105 -11.03 2.95 9.85
C THR A 105 -11.11 2.89 8.34
N LYS A 106 -12.03 2.13 7.83
CA LYS A 106 -12.20 2.03 6.36
C LYS A 106 -12.98 3.23 5.90
N ASP A 107 -13.83 3.71 6.75
CA ASP A 107 -14.66 4.89 6.40
C ASP A 107 -14.01 6.13 7.00
N THR A 108 -14.78 7.10 7.37
CA THR A 108 -14.18 8.30 7.99
C THR A 108 -14.33 8.19 9.50
N THR A 109 -14.19 6.99 10.02
CA THR A 109 -14.36 6.80 11.48
C THR A 109 -13.06 7.07 12.23
N GLY A 110 -11.93 6.73 11.66
CA GLY A 110 -10.66 6.99 12.41
C GLY A 110 -9.64 7.64 11.48
N THR A 111 -8.79 6.85 10.90
CA THR A 111 -7.79 7.42 9.97
C THR A 111 -8.28 7.15 8.55
N ASN A 112 -7.66 6.26 7.84
CA ASN A 112 -8.11 5.95 6.48
C ASN A 112 -7.56 4.57 6.11
N LEU A 113 -8.10 3.54 6.73
CA LEU A 113 -7.63 2.15 6.49
C LEU A 113 -7.06 1.98 5.06
N PHE A 114 -7.85 1.50 4.15
CA PHE A 114 -7.37 1.28 2.75
C PHE A 114 -6.66 2.52 2.21
N LEU A 115 -6.95 3.67 2.70
CA LEU A 115 -6.24 4.85 2.14
C LEU A 115 -4.75 4.62 2.33
N VAL A 116 -4.32 4.49 3.56
CA VAL A 116 -2.89 4.24 3.80
C VAL A 116 -2.57 2.79 3.43
N ALA A 117 -3.56 2.02 3.08
CA ALA A 117 -3.29 0.63 2.68
C ALA A 117 -2.77 0.67 1.26
N ALA A 118 -3.52 1.21 0.33
CA ALA A 118 -2.99 1.29 -1.02
C ALA A 118 -1.82 2.24 -0.97
N HIS A 119 -1.73 3.01 0.08
CA HIS A 119 -0.53 3.89 0.14
C HIS A 119 0.70 3.02 0.40
N GLU A 120 0.59 2.04 1.26
CA GLU A 120 1.77 1.15 1.50
C GLU A 120 1.84 0.06 0.43
N ILE A 121 0.76 -0.64 0.18
CA ILE A 121 0.79 -1.71 -0.86
C ILE A 121 1.20 -1.04 -2.16
N GLY A 122 0.79 0.19 -2.29
CA GLY A 122 1.14 0.98 -3.50
C GLY A 122 2.59 1.43 -3.38
N HIS A 123 3.00 1.71 -2.18
CA HIS A 123 4.41 2.16 -1.97
C HIS A 123 5.40 1.11 -2.47
N SER A 124 5.21 -0.12 -2.10
CA SER A 124 6.17 -1.18 -2.51
C SER A 124 5.81 -1.78 -3.88
N LEU A 125 4.62 -2.27 -4.03
CA LEU A 125 4.23 -2.91 -5.32
C LEU A 125 3.33 -1.98 -6.12
N GLY A 126 3.52 -0.70 -5.98
CA GLY A 126 2.66 0.26 -6.70
C GLY A 126 3.53 1.35 -7.31
N LEU A 127 3.92 2.32 -6.55
CA LEU A 127 4.75 3.40 -7.12
C LEU A 127 5.32 4.29 -6.01
N PHE A 128 5.83 5.43 -6.36
CA PHE A 128 6.40 6.34 -5.33
C PHE A 128 5.32 7.35 -4.88
N HIS A 129 5.15 8.42 -5.60
CA HIS A 129 4.12 9.42 -5.22
C HIS A 129 3.61 10.15 -6.47
N SER A 130 2.32 10.10 -6.72
CA SER A 130 1.76 10.78 -7.92
C SER A 130 0.87 11.93 -7.46
N ALA A 131 0.27 12.62 -8.40
CA ALA A 131 -0.64 13.73 -8.02
C ALA A 131 -1.75 13.14 -7.18
N ASN A 132 -1.53 13.02 -5.91
CA ASN A 132 -2.57 12.39 -5.08
C ASN A 132 -3.53 13.40 -4.51
N THR A 133 -3.51 14.62 -4.99
CA THR A 133 -4.53 15.59 -4.52
C THR A 133 -5.85 14.84 -4.69
N GLU A 134 -5.86 13.95 -5.66
CA GLU A 134 -7.03 13.09 -5.93
C GLU A 134 -6.61 11.64 -5.67
N ALA A 135 -5.37 11.31 -5.98
CA ALA A 135 -4.89 9.90 -5.80
C ALA A 135 -4.99 9.42 -4.36
N LEU A 136 -4.11 8.53 -3.99
CA LEU A 136 -4.13 7.92 -2.63
C LEU A 136 -2.87 8.30 -1.84
N MET A 137 -1.87 8.83 -2.47
CA MET A 137 -0.64 9.14 -1.68
C MET A 137 -0.78 10.47 -0.93
N TYR A 138 -1.81 11.22 -1.16
CA TYR A 138 -1.94 12.52 -0.42
C TYR A 138 -3.35 12.76 0.17
N PRO A 139 -4.21 11.76 0.22
CA PRO A 139 -5.54 11.97 0.80
C PRO A 139 -5.43 12.02 2.32
N LEU A 140 -4.54 11.22 2.85
CA LEU A 140 -4.33 11.14 4.35
C LEU A 140 -4.93 12.36 5.06
N TYR A 141 -4.43 13.54 4.78
CA TYR A 141 -4.98 14.75 5.44
C TYR A 141 -6.40 15.01 4.95
N HIS A 142 -7.27 14.03 5.06
CA HIS A 142 -8.68 14.22 4.59
C HIS A 142 -9.44 12.90 4.82
N SER A 143 -10.12 12.40 3.82
CA SER A 143 -10.86 11.12 4.00
C SER A 143 -11.01 10.44 2.63
N LEU A 144 -10.80 9.15 2.56
CA LEU A 144 -10.93 8.46 1.24
C LEU A 144 -10.63 6.96 1.39
N THR A 145 -11.04 6.35 2.46
CA THR A 145 -10.78 4.90 2.63
C THR A 145 -12.09 4.13 2.37
N ASP A 146 -13.20 4.75 2.63
CA ASP A 146 -14.51 4.08 2.38
C ASP A 146 -15.67 5.05 2.57
N LEU A 147 -15.41 6.32 2.84
CA LEU A 147 -16.52 7.28 3.03
C LEU A 147 -17.55 7.07 1.93
N THR A 148 -17.09 7.06 0.70
CA THR A 148 -18.01 6.87 -0.44
C THR A 148 -17.20 6.94 -1.75
N ARG A 149 -16.13 7.68 -1.73
CA ARG A 149 -15.29 7.81 -2.96
C ARG A 149 -14.03 6.95 -2.80
N PHE A 150 -13.47 6.97 -1.61
CA PHE A 150 -12.21 6.20 -1.30
C PHE A 150 -11.68 5.42 -2.51
N ARG A 151 -10.58 5.84 -3.06
CA ARG A 151 -9.99 5.12 -4.22
C ARG A 151 -8.72 5.85 -4.68
N LEU A 152 -8.05 5.32 -5.66
CA LEU A 152 -6.81 5.96 -6.15
C LEU A 152 -7.14 6.98 -7.26
N SER A 153 -6.16 7.71 -7.72
CA SER A 153 -6.43 8.70 -8.81
C SER A 153 -5.74 8.26 -10.11
N GLN A 154 -5.71 9.13 -11.07
CA GLN A 154 -5.07 8.77 -12.37
C GLN A 154 -3.56 9.01 -12.30
N ASP A 155 -3.08 9.74 -11.34
CA ASP A 155 -1.62 9.96 -11.28
C ASP A 155 -1.00 8.79 -10.56
N ASP A 156 -1.53 8.36 -9.43
CA ASP A 156 -0.92 7.18 -8.79
C ASP A 156 -1.18 5.99 -9.72
N ILE A 157 -2.33 5.97 -10.35
CA ILE A 157 -2.61 4.88 -11.32
C ILE A 157 -1.52 4.94 -12.38
N ASN A 158 -1.09 6.12 -12.68
CA ASN A 158 -0.02 6.30 -13.69
C ASN A 158 1.28 5.72 -13.13
N GLY A 159 1.60 6.03 -11.90
CA GLY A 159 2.86 5.50 -11.29
C GLY A 159 2.81 3.97 -11.18
N ILE A 160 1.77 3.42 -10.62
CA ILE A 160 1.70 1.95 -10.46
C ILE A 160 1.51 1.30 -11.85
N GLN A 161 0.58 1.78 -12.62
CA GLN A 161 0.42 1.22 -13.98
C GLN A 161 1.78 1.27 -14.65
N SER A 162 2.58 2.23 -14.29
CA SER A 162 3.95 2.34 -14.86
C SER A 162 4.83 1.29 -14.18
N LEU A 163 4.43 0.87 -13.01
CA LEU A 163 5.19 -0.17 -12.29
C LEU A 163 5.10 -1.44 -13.11
N TYR A 164 3.91 -1.95 -13.27
CA TYR A 164 3.73 -3.18 -14.08
C TYR A 164 3.20 -2.77 -15.47
N GLY A 165 2.13 -3.36 -15.92
CA GLY A 165 1.58 -2.99 -17.26
C GLY A 165 2.58 -3.34 -18.36
N PRO A 166 2.60 -4.60 -18.71
CA PRO A 166 3.52 -5.09 -19.76
C PRO A 166 2.98 -4.67 -21.14
N PRO A 167 3.76 -4.92 -22.15
CA PRO A 167 3.37 -4.58 -23.53
C PRO A 167 2.26 -5.52 -24.02
N PRO A 168 1.09 -4.97 -24.16
CA PRO A 168 -0.08 -5.75 -24.61
C PRO A 168 0.01 -6.02 -26.12
N ASP A 169 -0.34 -5.05 -26.93
CA ASP A 169 -0.28 -5.25 -28.40
C ASP A 169 1.00 -5.98 -28.78
N SER A 170 2.14 -5.38 -28.55
CA SER A 170 3.43 -6.05 -28.90
C SER A 170 3.38 -7.51 -28.48
N PRO A 171 3.16 -8.37 -29.45
CA PRO A 171 3.08 -9.82 -29.20
C PRO A 171 4.48 -10.37 -28.93
N GLU A 172 5.49 -9.79 -29.50
CA GLU A 172 6.88 -10.29 -29.27
C GLU A 172 7.08 -10.59 -27.79
N THR A 173 7.37 -11.82 -27.45
CA THR A 173 7.57 -12.17 -26.02
C THR A 173 8.74 -11.36 -25.45
N PHE A 1 8.49 15.11 -7.85
CA PHE A 1 8.15 14.71 -9.24
C PHE A 1 7.24 13.49 -9.22
N ARG A 2 6.85 13.00 -10.37
CA ARG A 2 5.96 11.81 -10.41
C ARG A 2 6.74 10.57 -9.95
N THR A 3 6.29 9.41 -10.33
CA THR A 3 7.00 8.17 -9.90
C THR A 3 8.51 8.34 -10.11
N PHE A 4 9.31 7.50 -9.51
CA PHE A 4 10.78 7.62 -9.68
C PHE A 4 11.25 6.68 -10.78
N PRO A 5 11.77 7.27 -11.84
CA PRO A 5 12.27 6.48 -12.98
C PRO A 5 13.57 5.77 -12.61
N GLY A 6 13.87 4.67 -13.25
CA GLY A 6 15.12 3.94 -12.92
C GLY A 6 14.79 2.47 -12.65
N ILE A 7 15.01 2.01 -11.44
CA ILE A 7 14.71 0.59 -11.13
C ILE A 7 13.26 0.45 -10.68
N PRO A 8 12.54 -0.40 -11.37
CA PRO A 8 11.11 -0.63 -11.06
C PRO A 8 10.98 -1.42 -9.76
N LYS A 9 9.84 -2.03 -9.54
CA LYS A 9 9.65 -2.82 -8.30
C LYS A 9 9.40 -4.28 -8.65
N TRP A 10 8.16 -4.65 -8.86
CA TRP A 10 7.86 -6.07 -9.21
C TRP A 10 7.90 -6.27 -10.72
N ARG A 11 8.29 -7.44 -11.16
CA ARG A 11 8.35 -7.71 -12.62
C ARG A 11 7.54 -8.98 -12.94
N LYS A 12 7.52 -9.92 -12.02
CA LYS A 12 6.76 -11.18 -12.26
C LYS A 12 5.32 -10.85 -12.68
N THR A 13 4.48 -11.85 -12.75
CA THR A 13 3.08 -11.61 -13.14
C THR A 13 2.16 -11.97 -11.98
N HIS A 14 2.70 -12.42 -10.87
CA HIS A 14 1.81 -12.79 -9.73
C HIS A 14 2.51 -12.49 -8.40
N LEU A 15 2.28 -11.33 -7.86
CA LEU A 15 2.90 -10.96 -6.57
C LEU A 15 2.08 -11.55 -5.41
N THR A 16 2.49 -11.37 -4.19
CA THR A 16 1.71 -11.91 -3.05
C THR A 16 1.81 -10.94 -1.87
N TYR A 17 0.87 -10.95 -0.99
CA TYR A 17 0.94 -10.02 0.18
C TYR A 17 0.54 -10.78 1.44
N ARG A 18 0.82 -10.21 2.58
CA ARG A 18 0.46 -10.89 3.86
C ARG A 18 -0.31 -9.93 4.75
N ILE A 19 -1.49 -10.29 5.20
CA ILE A 19 -2.26 -9.38 6.08
C ILE A 19 -1.82 -9.56 7.53
N VAL A 20 -0.76 -8.90 7.92
CA VAL A 20 -0.27 -9.02 9.32
C VAL A 20 -0.74 -7.81 10.15
N ASN A 21 -1.57 -6.97 9.59
CA ASN A 21 -2.05 -5.79 10.36
C ASN A 21 -3.46 -6.07 10.87
N TYR A 22 -3.86 -5.38 11.91
CA TYR A 22 -5.23 -5.57 12.45
C TYR A 22 -5.42 -4.68 13.67
N THR A 23 -5.52 -3.40 13.47
CA THR A 23 -5.71 -2.47 14.61
C THR A 23 -7.09 -2.74 15.21
N PRO A 24 -7.24 -2.35 16.45
CA PRO A 24 -8.53 -2.54 17.14
C PRO A 24 -9.56 -1.63 16.49
N ASP A 25 -9.11 -0.61 15.85
CA ASP A 25 -10.06 0.30 15.17
C ASP A 25 -10.58 -0.40 13.91
N LEU A 26 -10.05 -1.57 13.62
CA LEU A 26 -10.50 -2.33 12.42
C LEU A 26 -10.56 -3.81 12.74
N PRO A 27 -11.74 -4.35 12.66
CA PRO A 27 -11.91 -5.79 12.90
C PRO A 27 -11.14 -6.58 11.84
N LYS A 28 -10.95 -7.85 12.06
CA LYS A 28 -10.20 -8.68 11.09
C LYS A 28 -10.51 -8.25 9.65
N ASP A 29 -11.73 -8.43 9.25
CA ASP A 29 -12.13 -8.06 7.87
C ASP A 29 -11.93 -6.57 7.59
N ALA A 30 -11.66 -5.78 8.60
CA ALA A 30 -11.46 -4.33 8.34
C ALA A 30 -10.00 -4.09 7.97
N VAL A 31 -9.09 -4.39 8.86
CA VAL A 31 -7.66 -4.19 8.51
C VAL A 31 -7.40 -4.96 7.22
N ASP A 32 -7.97 -6.14 7.12
CA ASP A 32 -7.82 -6.93 5.88
C ASP A 32 -8.47 -6.15 4.75
N SER A 33 -9.42 -5.34 5.07
CA SER A 33 -10.09 -4.53 4.01
C SER A 33 -9.11 -3.52 3.45
N ALA A 34 -8.28 -2.94 4.29
CA ALA A 34 -7.29 -1.96 3.78
C ALA A 34 -6.19 -2.68 3.02
N VAL A 35 -5.86 -3.86 3.45
CA VAL A 35 -4.81 -4.64 2.74
C VAL A 35 -5.41 -5.20 1.48
N GLU A 36 -6.71 -5.31 1.47
CA GLU A 36 -7.43 -5.85 0.29
C GLU A 36 -7.75 -4.69 -0.65
N LYS A 37 -8.03 -3.55 -0.10
CA LYS A 37 -8.35 -2.38 -0.95
C LYS A 37 -7.03 -1.80 -1.42
N ALA A 38 -6.05 -1.79 -0.56
CA ALA A 38 -4.70 -1.30 -0.95
C ALA A 38 -4.16 -2.24 -2.00
N LEU A 39 -4.01 -3.49 -1.62
CA LEU A 39 -3.51 -4.51 -2.57
C LEU A 39 -4.32 -4.49 -3.84
N LYS A 40 -5.62 -4.48 -3.71
CA LYS A 40 -6.47 -4.49 -4.93
C LYS A 40 -6.27 -3.19 -5.69
N VAL A 41 -6.07 -2.12 -4.98
CA VAL A 41 -5.86 -0.83 -5.66
C VAL A 41 -4.67 -0.99 -6.59
N TRP A 42 -3.70 -1.75 -6.18
CA TRP A 42 -2.50 -1.94 -7.04
C TRP A 42 -2.66 -3.17 -7.92
N GLU A 43 -3.45 -4.11 -7.51
CA GLU A 43 -3.63 -5.32 -8.33
C GLU A 43 -4.45 -4.96 -9.55
N GLU A 44 -5.27 -3.96 -9.40
CA GLU A 44 -6.10 -3.54 -10.53
C GLU A 44 -5.39 -2.45 -11.33
N VAL A 45 -4.79 -1.52 -10.66
CA VAL A 45 -4.12 -0.43 -11.41
C VAL A 45 -2.96 -1.00 -12.23
N THR A 46 -2.44 -2.16 -11.89
CA THR A 46 -1.32 -2.69 -12.73
C THR A 46 -1.80 -3.88 -13.56
N PRO A 47 -1.04 -4.19 -14.56
CA PRO A 47 -1.35 -5.30 -15.48
C PRO A 47 -0.95 -6.66 -14.90
N LEU A 48 -0.80 -6.78 -13.61
CA LEU A 48 -0.40 -8.09 -13.04
C LEU A 48 -1.43 -8.58 -12.01
N THR A 49 -1.14 -9.66 -11.33
CA THR A 49 -2.12 -10.20 -10.33
C THR A 49 -1.44 -10.32 -8.96
N PHE A 50 -2.08 -10.99 -8.04
CA PHE A 50 -1.49 -11.13 -6.68
C PHE A 50 -2.00 -12.41 -6.01
N SER A 51 -1.49 -12.71 -4.85
CA SER A 51 -1.93 -13.92 -4.10
C SER A 51 -1.81 -13.62 -2.61
N ARG A 52 -2.00 -14.59 -1.75
CA ARG A 52 -1.90 -14.29 -0.30
C ARG A 52 -1.44 -15.52 0.48
N LEU A 53 -0.98 -15.31 1.68
CA LEU A 53 -0.51 -16.45 2.51
C LEU A 53 -0.72 -16.10 3.98
N TYR A 54 0.27 -16.29 4.82
CA TYR A 54 0.10 -15.95 6.26
C TYR A 54 1.37 -16.33 7.02
N GLU A 55 2.52 -16.25 6.38
CA GLU A 55 3.78 -16.63 7.09
C GLU A 55 4.98 -16.15 6.27
N GLY A 56 6.14 -16.65 6.59
CA GLY A 56 7.38 -16.26 5.84
C GLY A 56 7.31 -14.78 5.47
N GLU A 57 6.90 -14.49 4.27
CA GLU A 57 6.82 -13.07 3.85
C GLU A 57 6.36 -12.96 2.39
N ALA A 58 5.14 -12.54 2.16
CA ALA A 58 4.66 -12.40 0.76
C ALA A 58 5.50 -11.34 0.06
N ASP A 59 4.94 -10.67 -0.89
CA ASP A 59 5.71 -9.60 -1.60
C ASP A 59 5.53 -8.30 -0.82
N ILE A 60 4.37 -8.13 -0.23
CA ILE A 60 4.09 -6.90 0.59
C ILE A 60 3.57 -7.35 1.96
N MET A 61 4.46 -7.66 2.86
CA MET A 61 4.01 -8.10 4.21
C MET A 61 3.31 -6.93 4.90
N ILE A 62 2.01 -6.89 4.88
CA ILE A 62 1.31 -5.76 5.56
C ILE A 62 1.21 -6.10 7.05
N SER A 63 1.83 -5.33 7.91
CA SER A 63 1.74 -5.65 9.35
C SER A 63 1.44 -4.42 10.19
N PHE A 64 0.83 -4.60 11.32
CA PHE A 64 0.51 -3.44 12.19
C PHE A 64 1.62 -3.24 13.22
N ALA A 65 2.02 -2.03 13.49
CA ALA A 65 3.11 -1.84 14.50
C ALA A 65 3.17 -0.39 14.99
N VAL A 66 4.29 0.01 15.54
CA VAL A 66 4.43 1.41 16.04
C VAL A 66 5.89 1.64 16.47
N ARG A 67 6.16 2.73 17.14
CA ARG A 67 7.55 3.01 17.58
C ARG A 67 8.15 1.76 18.24
N GLU A 68 8.78 0.92 17.47
CA GLU A 68 9.39 -0.31 18.05
C GLU A 68 10.06 -1.12 16.94
N HIS A 69 10.58 -0.46 15.94
CA HIS A 69 11.25 -1.20 14.83
C HIS A 69 12.68 -1.55 15.25
N GLY A 70 13.50 -0.56 15.46
CA GLY A 70 14.91 -0.84 15.86
C GLY A 70 15.85 -0.65 14.67
N ASP A 71 15.81 0.50 14.05
CA ASP A 71 16.70 0.74 12.88
C ASP A 71 16.46 2.15 12.34
N PHE A 72 15.50 2.31 11.48
CA PHE A 72 15.21 3.66 10.92
C PHE A 72 13.76 3.71 10.45
N TYR A 73 12.86 3.14 11.20
CA TYR A 73 11.43 3.15 10.78
C TYR A 73 10.54 3.29 12.03
N PRO A 74 10.85 4.29 12.82
CA PRO A 74 10.09 4.54 14.06
C PRO A 74 8.68 5.05 13.70
N PHE A 75 7.66 4.33 14.12
CA PHE A 75 6.28 4.76 13.79
C PHE A 75 5.83 5.83 14.77
N ASP A 76 4.55 6.10 14.79
CA ASP A 76 4.02 7.13 15.70
C ASP A 76 2.50 7.26 15.54
N GLY A 77 1.76 6.19 15.71
CA GLY A 77 0.26 6.26 15.55
C GLY A 77 -0.25 7.70 15.69
N PRO A 78 -0.14 8.23 16.88
CA PRO A 78 -0.57 9.61 17.14
C PRO A 78 0.46 10.58 16.53
N GLY A 79 0.77 10.42 15.27
CA GLY A 79 1.77 11.32 14.62
C GLY A 79 1.53 11.34 13.12
N ASN A 80 1.97 12.38 12.47
CA ASN A 80 1.76 12.49 10.99
C ASN A 80 2.16 11.18 10.31
N VAL A 81 3.24 10.57 10.71
CA VAL A 81 3.68 9.30 10.05
C VAL A 81 2.59 8.23 10.20
N LEU A 82 1.56 8.32 9.40
CA LEU A 82 0.44 7.32 9.49
C LEU A 82 0.94 5.88 9.25
N ALA A 83 1.60 5.63 8.14
CA ALA A 83 2.07 4.22 7.88
C ALA A 83 3.13 4.19 6.77
N HIS A 84 3.58 3.03 6.36
CA HIS A 84 4.60 2.99 5.27
C HIS A 84 5.01 1.54 4.97
N ALA A 85 5.67 1.34 3.85
CA ALA A 85 6.10 -0.03 3.48
C ALA A 85 7.58 -0.05 3.12
N TYR A 86 8.05 -1.03 2.39
CA TYR A 86 9.50 -1.07 2.06
C TYR A 86 9.74 -1.09 0.55
N ALA A 87 10.96 -1.34 0.16
CA ALA A 87 11.30 -1.38 -1.29
C ALA A 87 11.80 -2.79 -1.66
N PRO A 88 12.40 -2.93 -2.82
CA PRO A 88 12.89 -4.26 -3.25
C PRO A 88 14.17 -4.63 -2.49
N GLY A 89 14.14 -5.77 -1.84
CA GLY A 89 15.34 -6.24 -1.07
C GLY A 89 15.09 -7.66 -0.57
N PRO A 90 15.99 -8.13 0.25
CA PRO A 90 15.86 -9.49 0.81
C PRO A 90 14.73 -9.54 1.84
N GLY A 91 13.58 -10.06 1.47
CA GLY A 91 12.44 -10.11 2.44
C GLY A 91 11.75 -8.75 2.45
N ILE A 92 12.51 -7.71 2.64
CA ILE A 92 11.94 -6.34 2.65
C ILE A 92 11.46 -5.98 1.25
N ASN A 93 11.58 -6.89 0.31
CA ASN A 93 11.11 -6.61 -1.08
C ASN A 93 9.61 -6.36 -1.07
N GLY A 94 9.16 -5.33 -0.39
CA GLY A 94 7.70 -5.06 -0.36
C GLY A 94 7.14 -5.47 1.01
N ASP A 95 6.91 -4.53 1.86
CA ASP A 95 6.35 -4.84 3.20
C ASP A 95 5.69 -3.57 3.71
N ALA A 96 4.42 -3.60 3.98
CA ALA A 96 3.76 -2.37 4.47
C ALA A 96 3.41 -2.53 5.93
N HIS A 97 3.15 -1.47 6.61
CA HIS A 97 2.78 -1.59 8.03
C HIS A 97 1.99 -0.36 8.45
N PHE A 98 0.90 -0.58 9.12
CA PHE A 98 0.01 0.53 9.56
C PHE A 98 0.36 0.97 10.98
N ASP A 99 0.32 2.24 11.26
CA ASP A 99 0.61 2.68 12.66
C ASP A 99 -0.47 2.09 13.56
N ASP A 100 -0.14 1.70 14.76
CA ASP A 100 -1.16 1.09 15.64
C ASP A 100 -1.32 1.92 16.93
N ASP A 101 -0.94 3.16 16.91
CA ASP A 101 -1.08 3.99 18.14
C ASP A 101 -2.08 5.13 17.91
N GLU A 102 -2.81 5.11 16.82
CA GLU A 102 -3.80 6.19 16.57
C GLU A 102 -5.18 5.57 16.31
N GLN A 103 -5.66 5.60 15.09
CA GLN A 103 -7.00 5.01 14.80
C GLN A 103 -7.01 4.46 13.37
N TRP A 104 -8.07 3.79 12.98
CA TRP A 104 -8.12 3.23 11.61
C TRP A 104 -9.57 2.88 11.25
N THR A 105 -10.03 3.28 10.09
CA THR A 105 -11.42 2.96 9.69
C THR A 105 -11.52 2.92 8.17
N LYS A 106 -12.45 2.17 7.67
CA LYS A 106 -12.63 2.10 6.20
C LYS A 106 -13.27 3.41 5.78
N ASP A 107 -14.14 3.89 6.60
CA ASP A 107 -14.81 5.17 6.31
C ASP A 107 -13.91 6.29 6.82
N THR A 108 -14.48 7.35 7.30
CA THR A 108 -13.64 8.43 7.83
C THR A 108 -13.91 8.56 9.34
N THR A 109 -13.93 7.45 10.03
CA THR A 109 -14.22 7.49 11.48
C THR A 109 -12.95 7.36 12.31
N GLY A 110 -11.96 6.66 11.82
CA GLY A 110 -10.72 6.51 12.63
C GLY A 110 -9.59 7.26 11.95
N THR A 111 -8.92 6.61 11.05
CA THR A 111 -7.82 7.28 10.32
C THR A 111 -8.10 7.15 8.83
N ASN A 112 -7.51 6.18 8.18
CA ASN A 112 -7.75 6.00 6.75
C ASN A 112 -7.41 4.55 6.38
N LEU A 113 -8.19 3.62 6.87
CA LEU A 113 -7.96 2.18 6.60
C LEU A 113 -7.26 1.96 5.25
N PHE A 114 -8.01 1.72 4.22
CA PHE A 114 -7.40 1.45 2.89
C PHE A 114 -6.72 2.70 2.34
N LEU A 115 -6.94 3.84 2.91
CA LEU A 115 -6.23 5.01 2.35
C LEU A 115 -4.74 4.76 2.55
N VAL A 116 -4.33 4.69 3.77
CA VAL A 116 -2.91 4.41 4.06
C VAL A 116 -2.60 2.97 3.68
N ALA A 117 -3.61 2.17 3.41
CA ALA A 117 -3.31 0.77 3.00
C ALA A 117 -2.78 0.83 1.58
N ALA A 118 -3.53 1.37 0.65
CA ALA A 118 -3.00 1.45 -0.71
C ALA A 118 -1.84 2.42 -0.66
N HIS A 119 -1.73 3.18 0.39
CA HIS A 119 -0.57 4.08 0.47
C HIS A 119 0.68 3.23 0.68
N GLU A 120 0.61 2.25 1.55
CA GLU A 120 1.78 1.39 1.80
C GLU A 120 1.86 0.27 0.73
N ILE A 121 0.77 -0.42 0.46
CA ILE A 121 0.82 -1.48 -0.57
C ILE A 121 1.19 -0.81 -1.87
N GLY A 122 0.81 0.41 -2.00
CA GLY A 122 1.14 1.19 -3.21
C GLY A 122 2.57 1.70 -3.09
N HIS A 123 2.99 1.92 -1.89
CA HIS A 123 4.37 2.43 -1.68
C HIS A 123 5.39 1.41 -2.18
N SER A 124 5.17 0.16 -1.91
CA SER A 124 6.18 -0.87 -2.33
C SER A 124 5.87 -1.43 -3.73
N LEU A 125 4.67 -1.87 -3.96
CA LEU A 125 4.34 -2.47 -5.31
C LEU A 125 3.50 -1.50 -6.14
N GLY A 126 3.53 -0.25 -5.83
CA GLY A 126 2.69 0.71 -6.58
C GLY A 126 3.53 1.84 -7.17
N LEU A 127 3.90 2.81 -6.40
CA LEU A 127 4.68 3.92 -6.99
C LEU A 127 5.21 4.86 -5.90
N PHE A 128 5.49 6.09 -6.24
CA PHE A 128 6.02 7.05 -5.24
C PHE A 128 4.90 7.98 -4.75
N HIS A 129 4.67 9.06 -5.44
CA HIS A 129 3.60 10.01 -5.01
C HIS A 129 3.02 10.77 -6.21
N SER A 130 2.01 10.23 -6.83
CA SER A 130 1.39 10.94 -8.00
C SER A 130 0.48 12.03 -7.47
N ALA A 131 -0.14 12.78 -8.34
CA ALA A 131 -1.09 13.83 -7.86
C ALA A 131 -2.15 13.12 -7.06
N ASN A 132 -1.92 12.90 -5.81
CA ASN A 132 -2.91 12.16 -5.02
C ASN A 132 -3.98 13.07 -4.47
N THR A 133 -4.05 14.30 -4.91
CA THR A 133 -5.17 15.17 -4.44
C THR A 133 -6.42 14.31 -4.67
N GLU A 134 -6.31 13.44 -5.65
CA GLU A 134 -7.39 12.49 -5.97
C GLU A 134 -6.83 11.08 -5.75
N ALA A 135 -5.55 10.87 -6.05
CA ALA A 135 -4.96 9.50 -5.89
C ALA A 135 -5.11 8.97 -4.46
N LEU A 136 -4.15 8.23 -3.99
CA LEU A 136 -4.22 7.65 -2.62
C LEU A 136 -2.92 7.88 -1.85
N MET A 137 -1.95 8.49 -2.44
CA MET A 137 -0.68 8.69 -1.68
C MET A 137 -0.70 10.05 -0.98
N TYR A 138 -1.72 10.81 -1.19
CA TYR A 138 -1.77 12.14 -0.51
C TYR A 138 -3.18 12.51 0.01
N PRO A 139 -4.13 11.59 0.04
CA PRO A 139 -5.46 11.92 0.56
C PRO A 139 -5.39 12.04 2.08
N LEU A 140 -4.59 11.18 2.68
CA LEU A 140 -4.43 11.16 4.18
C LEU A 140 -5.04 12.41 4.82
N TYR A 141 -4.55 13.57 4.47
CA TYR A 141 -5.11 14.81 5.06
C TYR A 141 -6.53 15.04 4.52
N HIS A 142 -7.40 14.09 4.70
CA HIS A 142 -8.80 14.23 4.20
C HIS A 142 -9.60 12.97 4.52
N SER A 143 -10.46 12.55 3.65
CA SER A 143 -11.26 11.31 3.92
C SER A 143 -11.58 10.61 2.60
N LEU A 144 -11.17 9.38 2.45
CA LEU A 144 -11.47 8.64 1.19
C LEU A 144 -10.97 7.20 1.30
N THR A 145 -11.41 6.50 2.30
CA THR A 145 -10.99 5.08 2.46
C THR A 145 -12.23 4.18 2.31
N ASP A 146 -13.39 4.77 2.41
CA ASP A 146 -14.65 3.99 2.26
C ASP A 146 -15.84 4.96 2.16
N LEU A 147 -15.71 6.16 2.71
CA LEU A 147 -16.84 7.15 2.64
C LEU A 147 -17.71 6.90 1.39
N THR A 148 -17.44 7.60 0.31
CA THR A 148 -18.25 7.40 -0.92
C THR A 148 -17.37 7.55 -2.15
N ARG A 149 -16.09 7.78 -1.99
CA ARG A 149 -15.21 7.94 -3.18
C ARG A 149 -13.98 7.04 -3.02
N PHE A 150 -13.42 7.05 -1.84
CA PHE A 150 -12.20 6.22 -1.52
C PHE A 150 -11.70 5.42 -2.73
N ARG A 151 -10.60 5.84 -3.30
CA ARG A 151 -10.03 5.10 -4.48
C ARG A 151 -8.77 5.82 -4.96
N LEU A 152 -8.04 5.22 -5.87
CA LEU A 152 -6.80 5.87 -6.37
C LEU A 152 -7.14 6.91 -7.45
N SER A 153 -6.15 7.58 -8.00
CA SER A 153 -6.42 8.61 -9.05
C SER A 153 -5.77 8.20 -10.37
N GLN A 154 -5.77 9.10 -11.31
CA GLN A 154 -5.16 8.79 -12.64
C GLN A 154 -3.66 9.06 -12.60
N ASP A 155 -3.21 9.93 -11.72
CA ASP A 155 -1.76 10.19 -11.66
C ASP A 155 -1.10 9.03 -10.94
N ASP A 156 -1.65 8.59 -9.84
CA ASP A 156 -1.03 7.44 -9.15
C ASP A 156 -1.19 6.22 -10.04
N ILE A 157 -2.36 6.00 -10.58
CA ILE A 157 -2.53 4.84 -11.49
C ILE A 157 -1.44 4.96 -12.54
N ASN A 158 -1.10 6.16 -12.87
CA ASN A 158 -0.02 6.38 -13.87
C ASN A 158 1.30 5.88 -13.28
N GLY A 159 1.58 6.23 -12.05
CA GLY A 159 2.84 5.78 -11.40
C GLY A 159 2.88 4.25 -11.31
N ILE A 160 1.88 3.64 -10.72
CA ILE A 160 1.90 2.16 -10.60
C ILE A 160 1.85 1.53 -11.98
N GLN A 161 0.98 1.99 -12.82
CA GLN A 161 0.91 1.41 -14.18
C GLN A 161 2.32 1.51 -14.79
N SER A 162 3.09 2.46 -14.35
CA SER A 162 4.47 2.59 -14.86
C SER A 162 5.40 1.75 -13.98
N LEU A 163 4.91 1.28 -12.87
CA LEU A 163 5.74 0.45 -11.99
C LEU A 163 5.79 -0.97 -12.53
N TYR A 164 4.64 -1.55 -12.75
CA TYR A 164 4.60 -2.95 -13.28
C TYR A 164 4.88 -2.95 -14.78
N GLY A 165 3.87 -2.71 -15.58
CA GLY A 165 4.08 -2.70 -17.06
C GLY A 165 4.05 -1.27 -17.59
N PRO A 166 5.20 -0.66 -17.65
CA PRO A 166 5.33 0.72 -18.15
C PRO A 166 5.14 0.81 -19.67
N PRO A 167 5.49 -0.23 -20.41
CA PRO A 167 5.35 -0.17 -21.88
C PRO A 167 3.87 -0.31 -22.27
N PRO A 168 3.34 0.76 -22.79
CA PRO A 168 1.92 0.79 -23.21
C PRO A 168 1.75 0.06 -24.55
N ASP A 169 2.41 0.51 -25.57
CA ASP A 169 2.27 -0.15 -26.90
C ASP A 169 3.27 -1.30 -27.03
N SER A 170 3.86 -1.71 -25.94
CA SER A 170 4.84 -2.84 -26.02
C SER A 170 4.33 -4.02 -25.20
N PRO A 171 3.26 -4.60 -25.67
CA PRO A 171 2.64 -5.76 -24.99
C PRO A 171 3.52 -7.00 -25.18
N GLU A 172 3.91 -7.28 -26.39
CA GLU A 172 4.75 -8.48 -26.65
C GLU A 172 5.81 -8.15 -27.70
N THR A 173 5.42 -7.54 -28.79
CA THR A 173 6.41 -7.20 -29.85
C THR A 173 7.61 -6.51 -29.22
N PHE A 1 11.22 13.92 -11.11
CA PHE A 1 11.30 13.18 -9.83
C PHE A 1 9.90 12.75 -9.40
N ARG A 2 9.53 11.53 -9.67
CA ARG A 2 8.17 11.04 -9.27
C ARG A 2 8.22 9.54 -9.01
N THR A 3 7.85 8.74 -9.98
CA THR A 3 7.89 7.26 -9.78
C THR A 3 9.22 6.86 -9.14
N PHE A 4 10.19 6.50 -9.93
CA PHE A 4 11.50 6.10 -9.35
C PHE A 4 12.57 6.12 -10.46
N PRO A 5 13.31 7.19 -10.49
CA PRO A 5 14.38 7.36 -11.50
C PRO A 5 15.56 6.43 -11.17
N GLY A 6 15.43 5.17 -11.46
CA GLY A 6 16.54 4.22 -11.16
C GLY A 6 16.08 2.79 -11.43
N ILE A 7 15.51 2.14 -10.44
CA ILE A 7 15.05 0.74 -10.64
C ILE A 7 13.58 0.62 -10.23
N PRO A 8 12.84 -0.15 -10.97
CA PRO A 8 11.41 -0.36 -10.70
C PRO A 8 11.24 -1.22 -9.44
N LYS A 9 10.02 -1.49 -9.06
CA LYS A 9 9.79 -2.32 -7.85
C LYS A 9 9.61 -3.79 -8.24
N TRP A 10 8.41 -4.19 -8.60
CA TRP A 10 8.20 -5.61 -9.00
C TRP A 10 8.24 -5.73 -10.52
N ARG A 11 8.82 -6.77 -11.03
CA ARG A 11 8.88 -6.95 -12.51
C ARG A 11 8.11 -8.21 -12.90
N LYS A 12 8.06 -9.17 -12.01
CA LYS A 12 7.33 -10.43 -12.32
C LYS A 12 5.91 -10.12 -12.81
N THR A 13 5.10 -11.14 -12.93
CA THR A 13 3.71 -10.93 -13.38
C THR A 13 2.76 -11.59 -12.36
N HIS A 14 3.29 -12.12 -11.30
CA HIS A 14 2.43 -12.78 -10.28
C HIS A 14 3.06 -12.62 -8.90
N LEU A 15 2.55 -11.72 -8.10
CA LEU A 15 3.14 -11.52 -6.74
C LEU A 15 2.06 -11.76 -5.69
N THR A 16 2.30 -11.38 -4.47
CA THR A 16 1.28 -11.59 -3.40
C THR A 16 1.68 -10.80 -2.15
N TYR A 17 0.82 -10.74 -1.18
CA TYR A 17 1.16 -9.99 0.04
C TYR A 17 0.67 -10.74 1.30
N ARG A 18 0.95 -10.23 2.46
CA ARG A 18 0.53 -10.93 3.71
C ARG A 18 -0.24 -9.96 4.61
N ILE A 19 -1.42 -10.34 5.03
CA ILE A 19 -2.22 -9.43 5.90
C ILE A 19 -1.81 -9.64 7.37
N VAL A 20 -0.76 -8.99 7.81
CA VAL A 20 -0.32 -9.14 9.22
C VAL A 20 -0.77 -7.92 10.05
N ASN A 21 -1.58 -7.07 9.48
CA ASN A 21 -2.03 -5.89 10.26
C ASN A 21 -3.44 -6.12 10.81
N TYR A 22 -3.79 -5.42 11.84
CA TYR A 22 -5.16 -5.57 12.43
C TYR A 22 -5.30 -4.67 13.66
N THR A 23 -5.45 -3.39 13.44
CA THR A 23 -5.61 -2.46 14.59
C THR A 23 -6.95 -2.75 15.25
N PRO A 24 -7.05 -2.38 16.49
CA PRO A 24 -8.30 -2.59 17.23
C PRO A 24 -9.38 -1.70 16.66
N ASP A 25 -8.98 -0.64 16.03
CA ASP A 25 -9.99 0.26 15.41
C ASP A 25 -10.59 -0.48 14.22
N LEU A 26 -10.03 -1.60 13.86
CA LEU A 26 -10.57 -2.38 12.70
C LEU A 26 -10.44 -3.87 12.99
N PRO A 27 -11.54 -4.55 12.92
CA PRO A 27 -11.54 -6.00 13.15
C PRO A 27 -10.78 -6.68 12.01
N LYS A 28 -10.49 -7.94 12.16
CA LYS A 28 -9.74 -8.68 11.11
C LYS A 28 -10.17 -8.22 9.72
N ASP A 29 -11.39 -8.45 9.38
CA ASP A 29 -11.90 -8.07 8.04
C ASP A 29 -11.68 -6.58 7.74
N ALA A 30 -11.73 -5.73 8.73
CA ALA A 30 -11.54 -4.29 8.45
C ALA A 30 -10.08 -4.03 8.08
N VAL A 31 -9.16 -4.30 8.96
CA VAL A 31 -7.74 -4.08 8.60
C VAL A 31 -7.49 -4.82 7.30
N ASP A 32 -8.04 -6.00 7.20
CA ASP A 32 -7.90 -6.79 5.95
C ASP A 32 -8.59 -6.03 4.83
N SER A 33 -9.55 -5.23 5.18
CA SER A 33 -10.27 -4.45 4.14
C SER A 33 -9.32 -3.40 3.54
N ALA A 34 -8.46 -2.84 4.34
CA ALA A 34 -7.51 -1.82 3.81
C ALA A 34 -6.41 -2.54 3.04
N VAL A 35 -6.05 -3.67 3.51
CA VAL A 35 -5.00 -4.46 2.84
C VAL A 35 -5.61 -5.02 1.56
N GLU A 36 -6.90 -5.18 1.57
CA GLU A 36 -7.60 -5.73 0.39
C GLU A 36 -7.93 -4.57 -0.55
N LYS A 37 -8.26 -3.44 -0.01
CA LYS A 37 -8.58 -2.29 -0.88
C LYS A 37 -7.27 -1.75 -1.42
N ALA A 38 -6.27 -1.73 -0.60
CA ALA A 38 -4.91 -1.28 -1.03
C ALA A 38 -4.39 -2.29 -2.05
N LEU A 39 -4.22 -3.50 -1.58
CA LEU A 39 -3.72 -4.59 -2.46
C LEU A 39 -4.48 -4.58 -3.76
N LYS A 40 -5.77 -4.56 -3.67
CA LYS A 40 -6.60 -4.57 -4.91
C LYS A 40 -6.42 -3.26 -5.65
N VAL A 41 -6.27 -2.18 -4.96
CA VAL A 41 -6.10 -0.88 -5.63
C VAL A 41 -4.98 -1.03 -6.64
N TRP A 42 -3.92 -1.69 -6.25
CA TRP A 42 -2.78 -1.85 -7.19
C TRP A 42 -2.90 -3.15 -7.98
N GLU A 43 -3.61 -4.11 -7.46
CA GLU A 43 -3.76 -5.39 -8.19
C GLU A 43 -4.62 -5.13 -9.40
N GLU A 44 -5.46 -4.14 -9.31
CA GLU A 44 -6.33 -3.81 -10.44
C GLU A 44 -5.65 -2.79 -11.33
N VAL A 45 -5.05 -1.79 -10.74
CA VAL A 45 -4.39 -0.77 -11.60
C VAL A 45 -3.33 -1.43 -12.48
N THR A 46 -2.78 -2.55 -12.09
CA THR A 46 -1.74 -3.18 -12.97
C THR A 46 -2.31 -4.39 -13.69
N PRO A 47 -1.64 -4.75 -14.76
CA PRO A 47 -2.05 -5.89 -15.60
C PRO A 47 -1.51 -7.23 -15.07
N LEU A 48 -1.17 -7.32 -13.80
CA LEU A 48 -0.64 -8.62 -13.30
C LEU A 48 -1.58 -9.22 -12.25
N THR A 49 -1.15 -10.25 -11.57
CA THR A 49 -2.03 -10.88 -10.54
C THR A 49 -1.39 -10.76 -9.15
N PHE A 50 -2.17 -10.99 -8.13
CA PHE A 50 -1.65 -10.88 -6.74
C PHE A 50 -2.31 -11.95 -5.87
N SER A 51 -1.56 -12.58 -5.00
CA SER A 51 -2.15 -13.62 -4.12
C SER A 51 -2.05 -13.13 -2.67
N ARG A 52 -2.25 -14.00 -1.72
CA ARG A 52 -2.18 -13.55 -0.31
C ARG A 52 -1.87 -14.75 0.59
N LEU A 53 -1.33 -14.49 1.75
CA LEU A 53 -1.00 -15.60 2.68
C LEU A 53 -0.86 -15.06 4.10
N TYR A 54 -0.29 -15.84 4.98
CA TYR A 54 -0.11 -15.40 6.39
C TYR A 54 1.08 -16.15 6.98
N GLU A 55 1.96 -16.62 6.13
CA GLU A 55 3.15 -17.36 6.63
C GLU A 55 4.38 -16.93 5.83
N GLY A 56 5.52 -17.50 6.14
CA GLY A 56 6.76 -17.14 5.40
C GLY A 56 6.77 -15.63 5.10
N GLU A 57 6.43 -15.25 3.91
CA GLU A 57 6.42 -13.80 3.57
C GLU A 57 6.01 -13.60 2.11
N ALA A 58 4.93 -12.90 1.88
CA ALA A 58 4.49 -12.65 0.47
C ALA A 58 5.36 -11.54 -0.12
N ASP A 59 4.85 -10.82 -1.08
CA ASP A 59 5.67 -9.72 -1.69
C ASP A 59 5.53 -8.46 -0.83
N ILE A 60 4.34 -8.21 -0.33
CA ILE A 60 4.12 -6.99 0.51
C ILE A 60 3.62 -7.42 1.89
N MET A 61 4.52 -7.76 2.78
CA MET A 61 4.08 -8.19 4.14
C MET A 61 3.40 -7.01 4.84
N ILE A 62 2.11 -6.97 4.83
CA ILE A 62 1.39 -5.86 5.50
C ILE A 62 1.26 -6.20 6.98
N SER A 63 1.88 -5.46 7.85
CA SER A 63 1.76 -5.81 9.29
C SER A 63 1.50 -4.58 10.16
N PHE A 64 0.91 -4.78 11.30
CA PHE A 64 0.64 -3.62 12.21
C PHE A 64 1.92 -3.28 12.98
N ALA A 65 2.20 -2.03 13.18
CA ALA A 65 3.44 -1.68 13.94
C ALA A 65 3.37 -0.26 14.50
N VAL A 66 4.38 0.17 15.20
CA VAL A 66 4.39 1.53 15.80
C VAL A 66 5.80 1.85 16.29
N ARG A 67 5.92 2.67 17.31
CA ARG A 67 7.27 3.04 17.85
C ARG A 67 8.26 1.89 17.66
N GLU A 68 7.95 0.74 18.19
CA GLU A 68 8.88 -0.43 18.04
C GLU A 68 9.29 -0.56 16.57
N HIS A 69 10.56 -0.50 16.29
CA HIS A 69 11.01 -0.62 14.88
C HIS A 69 12.51 -0.94 14.84
N GLY A 70 13.34 0.06 14.77
CA GLY A 70 14.81 -0.19 14.73
C GLY A 70 15.55 1.14 14.75
N ASP A 71 15.49 1.88 13.68
CA ASP A 71 16.19 3.19 13.63
C ASP A 71 15.97 3.86 12.27
N PHE A 72 14.74 3.99 11.86
CA PHE A 72 14.46 4.64 10.55
C PHE A 72 12.95 4.67 10.30
N TYR A 73 12.23 3.69 10.78
CA TYR A 73 10.75 3.67 10.58
C TYR A 73 10.04 3.69 11.92
N PRO A 74 10.50 4.56 12.79
CA PRO A 74 9.89 4.68 14.14
C PRO A 74 8.51 5.31 14.02
N PHE A 75 7.50 4.69 14.58
CA PHE A 75 6.14 5.25 14.48
C PHE A 75 5.72 5.84 15.82
N ASP A 76 4.44 6.09 15.99
CA ASP A 76 3.96 6.68 17.27
C ASP A 76 2.44 6.87 17.24
N GLY A 77 1.70 5.90 16.80
CA GLY A 77 0.22 6.03 16.76
C GLY A 77 -0.17 7.45 16.32
N PRO A 78 -0.47 8.27 17.30
CA PRO A 78 -0.86 9.66 17.04
C PRO A 78 0.34 10.46 16.53
N GLY A 79 0.94 10.01 15.46
CA GLY A 79 2.12 10.75 14.90
C GLY A 79 1.94 10.90 13.40
N ASN A 80 2.34 12.02 12.85
CA ASN A 80 2.19 12.24 11.40
C ASN A 80 2.56 10.96 10.63
N VAL A 81 3.47 10.19 11.15
CA VAL A 81 3.88 8.94 10.45
C VAL A 81 2.74 7.92 10.48
N LEU A 82 1.80 8.02 9.57
CA LEU A 82 0.66 7.07 9.54
C LEU A 82 1.13 5.62 9.26
N ALA A 83 1.54 5.32 8.06
CA ALA A 83 1.98 3.92 7.73
C ALA A 83 3.06 3.93 6.64
N HIS A 84 3.39 2.80 6.08
CA HIS A 84 4.44 2.83 5.02
C HIS A 84 4.72 1.44 4.48
N ALA A 85 5.64 1.34 3.56
CA ALA A 85 5.99 0.01 3.00
C ALA A 85 7.42 0.01 2.46
N TYR A 86 7.88 -1.10 1.95
CA TYR A 86 9.28 -1.14 1.43
C TYR A 86 9.30 -1.51 -0.05
N ALA A 87 10.46 -1.83 -0.57
CA ALA A 87 10.56 -2.21 -2.01
C ALA A 87 11.99 -2.65 -2.32
N PRO A 88 12.92 -1.75 -2.08
CA PRO A 88 14.34 -2.04 -2.33
C PRO A 88 14.91 -2.89 -1.19
N GLY A 89 15.63 -3.93 -1.51
CA GLY A 89 16.21 -4.78 -0.42
C GLY A 89 15.95 -6.25 -0.73
N PRO A 90 16.31 -7.09 0.22
CA PRO A 90 16.11 -8.54 0.09
C PRO A 90 14.66 -8.91 0.37
N GLY A 91 14.33 -9.24 1.59
CA GLY A 91 12.92 -9.62 1.93
C GLY A 91 12.10 -8.35 2.16
N ILE A 92 12.72 -7.34 2.72
CA ILE A 92 11.99 -6.07 2.95
C ILE A 92 11.55 -5.50 1.60
N ASN A 93 11.97 -6.10 0.52
CA ASN A 93 11.56 -5.59 -0.81
C ASN A 93 10.06 -5.79 -1.00
N GLY A 94 9.26 -5.12 -0.20
CA GLY A 94 7.79 -5.26 -0.32
C GLY A 94 7.20 -5.63 1.05
N ASP A 95 6.99 -4.65 1.87
CA ASP A 95 6.42 -4.92 3.21
C ASP A 95 5.80 -3.63 3.72
N ALA A 96 4.52 -3.63 4.00
CA ALA A 96 3.87 -2.37 4.49
C ALA A 96 3.45 -2.56 5.94
N HIS A 97 3.31 -1.47 6.64
CA HIS A 97 2.87 -1.59 8.05
C HIS A 97 1.97 -0.41 8.42
N PHE A 98 0.89 -0.70 9.07
CA PHE A 98 -0.07 0.37 9.49
C PHE A 98 0.21 0.78 10.93
N ASP A 99 0.26 2.06 11.22
CA ASP A 99 0.47 2.45 12.64
C ASP A 99 -0.51 1.67 13.52
N ASP A 100 -0.16 1.35 14.72
CA ASP A 100 -1.09 0.58 15.59
C ASP A 100 -1.33 1.34 16.88
N ASP A 101 -1.10 2.62 16.88
CA ASP A 101 -1.31 3.40 18.13
C ASP A 101 -2.15 4.66 17.84
N GLU A 102 -2.71 4.79 16.66
CA GLU A 102 -3.52 6.00 16.35
C GLU A 102 -4.98 5.60 16.15
N GLN A 103 -5.42 5.45 14.93
CA GLN A 103 -6.83 5.06 14.67
C GLN A 103 -6.92 4.35 13.33
N TRP A 104 -8.01 3.68 13.06
CA TRP A 104 -8.16 2.98 11.76
C TRP A 104 -9.63 2.70 11.47
N THR A 105 -10.14 3.23 10.40
CA THR A 105 -11.56 2.99 10.05
C THR A 105 -11.68 2.81 8.54
N LYS A 106 -12.66 2.07 8.13
CA LYS A 106 -12.87 1.85 6.68
C LYS A 106 -13.46 3.11 6.11
N ASP A 107 -14.25 3.78 6.89
CA ASP A 107 -14.87 5.05 6.46
C ASP A 107 -13.95 6.19 6.86
N THR A 108 -14.51 7.28 7.29
CA THR A 108 -13.64 8.41 7.70
C THR A 108 -13.89 8.68 9.19
N THR A 109 -13.91 7.64 9.99
CA THR A 109 -14.18 7.82 11.43
C THR A 109 -12.91 7.70 12.26
N GLY A 110 -11.95 6.93 11.82
CA GLY A 110 -10.71 6.79 12.64
C GLY A 110 -9.55 7.49 11.92
N THR A 111 -8.85 6.76 11.12
CA THR A 111 -7.72 7.37 10.37
C THR A 111 -8.09 7.33 8.90
N ASN A 112 -7.83 6.23 8.26
CA ASN A 112 -8.18 6.11 6.83
C ASN A 112 -7.72 4.73 6.34
N LEU A 113 -8.40 3.73 6.84
CA LEU A 113 -8.13 2.30 6.52
C LEU A 113 -7.37 2.11 5.19
N PHE A 114 -8.08 1.85 4.14
CA PHE A 114 -7.42 1.55 2.85
C PHE A 114 -6.71 2.78 2.31
N LEU A 115 -6.89 3.89 2.93
CA LEU A 115 -6.18 5.07 2.42
C LEU A 115 -4.70 4.81 2.63
N VAL A 116 -4.31 4.65 3.85
CA VAL A 116 -2.88 4.35 4.13
C VAL A 116 -2.59 2.93 3.66
N ALA A 117 -3.61 2.15 3.40
CA ALA A 117 -3.35 0.78 2.93
C ALA A 117 -2.86 0.86 1.49
N ALA A 118 -3.66 1.37 0.57
CA ALA A 118 -3.16 1.46 -0.80
C ALA A 118 -1.98 2.40 -0.80
N HIS A 119 -1.81 3.16 0.24
CA HIS A 119 -0.62 4.03 0.26
C HIS A 119 0.61 3.13 0.45
N GLU A 120 0.53 2.18 1.34
CA GLU A 120 1.69 1.27 1.56
C GLU A 120 1.72 0.13 0.53
N ILE A 121 0.61 -0.51 0.28
CA ILE A 121 0.63 -1.61 -0.74
C ILE A 121 0.97 -0.95 -2.06
N GLY A 122 0.57 0.28 -2.17
CA GLY A 122 0.88 1.06 -3.40
C GLY A 122 2.33 1.48 -3.34
N HIS A 123 2.81 1.71 -2.17
CA HIS A 123 4.23 2.14 -2.02
C HIS A 123 5.20 1.05 -2.51
N SER A 124 4.99 -0.17 -2.10
CA SER A 124 5.94 -1.26 -2.50
C SER A 124 5.60 -1.86 -3.87
N LEU A 125 4.40 -2.28 -4.08
CA LEU A 125 4.07 -2.92 -5.39
C LEU A 125 3.27 -1.97 -6.29
N GLY A 126 3.13 -0.75 -5.88
CA GLY A 126 2.34 0.22 -6.67
C GLY A 126 3.27 1.26 -7.30
N LEU A 127 3.60 2.27 -6.57
CA LEU A 127 4.49 3.32 -7.15
C LEU A 127 5.16 4.10 -6.01
N PHE A 128 5.66 5.27 -6.31
CA PHE A 128 6.33 6.08 -5.27
C PHE A 128 5.35 7.13 -4.73
N HIS A 129 5.05 8.12 -5.52
CA HIS A 129 4.09 9.18 -5.06
C HIS A 129 3.56 9.92 -6.28
N SER A 130 2.42 9.51 -6.79
CA SER A 130 1.84 10.20 -7.98
C SER A 130 1.04 11.41 -7.51
N ALA A 131 0.45 12.12 -8.43
CA ALA A 131 -0.38 13.29 -8.03
C ALA A 131 -1.51 12.77 -7.20
N ASN A 132 -1.24 12.48 -5.96
CA ASN A 132 -2.30 11.91 -5.12
C ASN A 132 -3.19 13.00 -4.56
N THR A 133 -3.05 14.22 -5.01
CA THR A 133 -4.00 15.27 -4.54
C THR A 133 -5.39 14.65 -4.75
N GLU A 134 -5.45 13.77 -5.72
CA GLU A 134 -6.69 13.03 -6.02
C GLU A 134 -6.42 11.55 -5.72
N ALA A 135 -5.22 11.10 -5.99
CA ALA A 135 -4.90 9.65 -5.76
C ALA A 135 -5.03 9.26 -4.28
N LEU A 136 -4.39 8.17 -3.94
CA LEU A 136 -4.46 7.65 -2.54
C LEU A 136 -3.17 7.92 -1.78
N MET A 137 -2.12 8.31 -2.44
CA MET A 137 -0.84 8.51 -1.69
C MET A 137 -0.80 9.86 -0.96
N TYR A 138 -1.73 10.73 -1.22
CA TYR A 138 -1.68 12.06 -0.49
C TYR A 138 -3.03 12.47 0.15
N PRO A 139 -4.03 11.61 0.18
CA PRO A 139 -5.30 11.99 0.80
C PRO A 139 -5.14 12.03 2.31
N LEU A 140 -4.44 11.05 2.85
CA LEU A 140 -4.18 10.94 4.33
C LEU A 140 -4.83 12.10 5.09
N TYR A 141 -4.29 13.28 4.97
CA TYR A 141 -4.87 14.45 5.70
C TYR A 141 -6.25 14.78 5.12
N HIS A 142 -7.16 13.84 5.15
CA HIS A 142 -8.52 14.09 4.61
C HIS A 142 -9.37 12.83 4.73
N SER A 143 -10.38 12.68 3.93
CA SER A 143 -11.24 11.48 3.99
C SER A 143 -11.36 10.87 2.59
N LEU A 144 -11.05 9.61 2.44
CA LEU A 144 -11.15 8.99 1.09
C LEU A 144 -10.75 7.51 1.16
N THR A 145 -11.16 6.83 2.19
CA THR A 145 -10.84 5.38 2.30
C THR A 145 -12.09 4.59 1.94
N ASP A 146 -13.23 5.05 2.37
CA ASP A 146 -14.49 4.34 2.03
C ASP A 146 -15.66 5.34 1.94
N LEU A 147 -15.50 6.55 2.42
CA LEU A 147 -16.63 7.53 2.35
C LEU A 147 -17.32 7.44 0.97
N THR A 148 -17.01 8.33 0.07
CA THR A 148 -17.67 8.28 -1.27
C THR A 148 -16.65 8.55 -2.37
N ARG A 149 -15.41 8.79 -2.02
CA ARG A 149 -14.38 9.07 -3.05
C ARG A 149 -13.32 7.97 -3.01
N PHE A 150 -13.28 7.23 -1.93
CA PHE A 150 -12.29 6.13 -1.76
C PHE A 150 -11.92 5.51 -3.11
N ARG A 151 -10.78 5.88 -3.64
CA ARG A 151 -10.34 5.31 -4.94
C ARG A 151 -9.00 5.92 -5.34
N LEU A 152 -8.19 5.19 -6.05
CA LEU A 152 -6.88 5.74 -6.49
C LEU A 152 -7.12 6.81 -7.55
N SER A 153 -6.15 7.62 -7.84
CA SER A 153 -6.35 8.67 -8.88
C SER A 153 -5.68 8.23 -10.17
N GLN A 154 -5.81 9.03 -11.18
CA GLN A 154 -5.17 8.67 -12.47
C GLN A 154 -3.65 8.79 -12.35
N ASP A 155 -3.16 9.42 -11.32
CA ASP A 155 -1.71 9.56 -11.19
C ASP A 155 -1.15 8.34 -10.45
N ASP A 156 -1.71 7.96 -9.33
CA ASP A 156 -1.13 6.75 -8.68
C ASP A 156 -1.37 5.58 -9.63
N ILE A 157 -2.52 5.49 -10.20
CA ILE A 157 -2.76 4.41 -11.19
C ILE A 157 -1.65 4.53 -12.22
N ASN A 158 -1.33 5.74 -12.57
CA ASN A 158 -0.26 5.97 -13.58
C ASN A 158 1.07 5.39 -13.06
N GLY A 159 1.42 5.71 -11.85
CA GLY A 159 2.70 5.19 -11.27
C GLY A 159 2.70 3.66 -11.27
N ILE A 160 1.71 3.07 -10.65
CA ILE A 160 1.68 1.58 -10.60
C ILE A 160 1.56 1.00 -12.01
N GLN A 161 0.63 1.46 -12.79
CA GLN A 161 0.50 0.92 -14.16
C GLN A 161 1.86 1.04 -14.84
N SER A 162 2.67 1.96 -14.39
CA SER A 162 4.03 2.12 -14.97
C SER A 162 5.01 1.25 -14.17
N LEU A 163 4.57 0.74 -13.04
CA LEU A 163 5.43 -0.11 -12.21
C LEU A 163 5.44 -1.51 -12.84
N TYR A 164 4.28 -2.03 -13.12
CA TYR A 164 4.17 -3.37 -13.73
C TYR A 164 4.16 -3.24 -15.26
N GLY A 165 3.01 -3.40 -15.89
CA GLY A 165 2.96 -3.28 -17.37
C GLY A 165 4.14 -4.01 -17.99
N PRO A 166 3.95 -5.27 -18.26
CA PRO A 166 5.00 -6.10 -18.86
C PRO A 166 5.44 -5.61 -20.26
N PRO A 167 4.58 -4.93 -20.99
CA PRO A 167 4.94 -4.41 -22.31
C PRO A 167 5.36 -2.93 -22.26
N PRO A 168 6.49 -2.65 -21.64
CA PRO A 168 6.96 -1.25 -21.56
C PRO A 168 7.43 -0.77 -22.93
N ASP A 169 8.39 -1.45 -23.51
CA ASP A 169 8.90 -1.05 -24.84
C ASP A 169 10.02 -2.00 -25.26
N SER A 170 10.78 -2.47 -24.31
CA SER A 170 11.90 -3.41 -24.63
C SER A 170 12.20 -4.27 -23.40
N PRO A 171 11.70 -5.47 -23.41
CA PRO A 171 11.91 -6.41 -22.30
C PRO A 171 13.37 -6.89 -22.27
N GLU A 172 13.99 -6.98 -23.42
CA GLU A 172 15.40 -7.45 -23.46
C GLU A 172 16.10 -6.87 -24.68
N THR A 173 15.76 -7.31 -25.85
CA THR A 173 16.41 -6.77 -27.08
C THR A 173 16.35 -5.24 -27.06
N PHE A 1 10.07 11.88 -3.64
CA PHE A 1 10.48 11.58 -5.05
C PHE A 1 9.35 10.86 -5.77
N ARG A 2 9.27 11.00 -7.06
CA ARG A 2 8.17 10.33 -7.82
C ARG A 2 8.61 8.92 -8.22
N THR A 3 7.89 8.29 -9.10
CA THR A 3 8.27 6.91 -9.52
C THR A 3 9.78 6.84 -9.76
N PHE A 4 10.33 5.67 -9.83
CA PHE A 4 11.80 5.53 -10.05
C PHE A 4 12.08 5.54 -11.55
N PRO A 5 12.68 6.62 -12.01
CA PRO A 5 13.02 6.76 -13.43
C PRO A 5 14.19 5.85 -13.80
N GLY A 6 13.92 4.59 -14.02
CA GLY A 6 15.02 3.65 -14.37
C GLY A 6 14.58 2.21 -14.07
N ILE A 7 14.20 1.93 -12.87
CA ILE A 7 13.76 0.56 -12.52
C ILE A 7 12.52 0.61 -11.64
N PRO A 8 11.53 -0.17 -12.00
CA PRO A 8 10.27 -0.22 -11.24
C PRO A 8 10.48 -0.98 -9.92
N LYS A 9 9.49 -1.01 -9.07
CA LYS A 9 9.64 -1.72 -7.77
C LYS A 9 9.76 -3.22 -8.04
N TRP A 10 8.67 -3.90 -8.27
CA TRP A 10 8.76 -5.37 -8.53
C TRP A 10 8.53 -5.62 -10.03
N ARG A 11 8.95 -6.76 -10.51
CA ARG A 11 8.78 -7.04 -11.97
C ARG A 11 7.96 -8.33 -12.17
N LYS A 12 8.03 -9.25 -11.26
CA LYS A 12 7.27 -10.52 -11.43
C LYS A 12 5.86 -10.23 -11.95
N THR A 13 5.14 -11.25 -12.33
CA THR A 13 3.76 -11.04 -12.84
C THR A 13 2.76 -11.51 -11.80
N HIS A 14 3.22 -12.01 -10.68
CA HIS A 14 2.28 -12.48 -9.63
C HIS A 14 2.79 -12.09 -8.25
N LEU A 15 2.36 -10.98 -7.76
CA LEU A 15 2.82 -10.51 -6.42
C LEU A 15 1.95 -11.13 -5.33
N THR A 16 2.39 -11.08 -4.11
CA THR A 16 1.60 -11.64 -3.00
C THR A 16 1.78 -10.74 -1.78
N TYR A 17 0.86 -10.75 -0.86
CA TYR A 17 1.02 -9.88 0.35
C TYR A 17 0.66 -10.66 1.60
N ARG A 18 0.91 -10.12 2.75
CA ARG A 18 0.58 -10.84 4.01
C ARG A 18 -0.14 -9.89 4.97
N ILE A 19 -1.32 -10.23 5.40
CA ILE A 19 -2.07 -9.32 6.32
C ILE A 19 -1.54 -9.50 7.75
N VAL A 20 -0.48 -8.81 8.08
CA VAL A 20 0.09 -8.93 9.46
C VAL A 20 -0.36 -7.74 10.32
N ASN A 21 -1.27 -6.94 9.85
CA ASN A 21 -1.73 -5.79 10.68
C ASN A 21 -3.12 -6.05 11.21
N TYR A 22 -3.58 -5.19 12.06
CA TYR A 22 -4.95 -5.34 12.62
C TYR A 22 -5.19 -4.23 13.65
N THR A 23 -5.34 -3.02 13.21
CA THR A 23 -5.59 -1.91 14.15
C THR A 23 -6.84 -2.25 14.96
N PRO A 24 -6.86 -1.79 16.17
CA PRO A 24 -8.02 -2.05 17.05
C PRO A 24 -9.22 -1.31 16.49
N ASP A 25 -8.97 -0.23 15.82
CA ASP A 25 -10.07 0.53 15.20
C ASP A 25 -10.59 -0.29 14.02
N LEU A 26 -9.89 -1.33 13.68
CA LEU A 26 -10.33 -2.19 12.54
C LEU A 26 -10.30 -3.65 12.94
N PRO A 27 -11.44 -4.28 12.85
CA PRO A 27 -11.52 -5.71 13.16
C PRO A 27 -10.68 -6.49 12.15
N LYS A 28 -10.37 -7.72 12.46
CA LYS A 28 -9.54 -8.55 11.54
C LYS A 28 -9.90 -8.24 10.09
N ASP A 29 -11.09 -8.56 9.71
CA ASP A 29 -11.52 -8.32 8.30
C ASP A 29 -11.39 -6.84 7.94
N ALA A 30 -11.24 -5.97 8.89
CA ALA A 30 -11.11 -4.54 8.54
C ALA A 30 -9.67 -4.26 8.12
N VAL A 31 -8.73 -4.45 9.01
CA VAL A 31 -7.32 -4.21 8.59
C VAL A 31 -7.09 -4.99 7.29
N ASP A 32 -7.62 -6.17 7.23
CA ASP A 32 -7.49 -7.00 6.00
C ASP A 32 -8.24 -6.29 4.87
N SER A 33 -9.22 -5.51 5.22
CA SER A 33 -9.99 -4.76 4.19
C SER A 33 -9.08 -3.72 3.54
N ALA A 34 -8.24 -3.08 4.32
CA ALA A 34 -7.32 -2.06 3.75
C ALA A 34 -6.22 -2.76 2.95
N VAL A 35 -5.82 -3.92 3.38
CA VAL A 35 -4.78 -4.66 2.65
C VAL A 35 -5.44 -5.25 1.41
N GLU A 36 -6.72 -5.42 1.49
CA GLU A 36 -7.49 -5.98 0.36
C GLU A 36 -7.83 -4.85 -0.60
N LYS A 37 -8.11 -3.68 -0.08
CA LYS A 37 -8.43 -2.54 -0.97
C LYS A 37 -7.12 -1.99 -1.50
N ALA A 38 -6.13 -1.95 -0.66
CA ALA A 38 -4.78 -1.49 -1.09
C ALA A 38 -4.26 -2.44 -2.15
N LEU A 39 -4.10 -3.68 -1.77
CA LEU A 39 -3.59 -4.71 -2.73
C LEU A 39 -4.41 -4.68 -4.00
N LYS A 40 -5.70 -4.55 -3.88
CA LYS A 40 -6.54 -4.54 -5.11
C LYS A 40 -6.40 -3.20 -5.79
N VAL A 41 -6.20 -2.17 -5.04
CA VAL A 41 -6.04 -0.83 -5.62
C VAL A 41 -4.93 -0.92 -6.67
N TRP A 42 -3.85 -1.56 -6.34
CA TRP A 42 -2.75 -1.66 -7.34
C TRP A 42 -2.89 -2.92 -8.18
N GLU A 43 -3.56 -3.92 -7.70
CA GLU A 43 -3.74 -5.16 -8.49
C GLU A 43 -4.66 -4.85 -9.64
N GLU A 44 -5.52 -3.89 -9.43
CA GLU A 44 -6.47 -3.52 -10.50
C GLU A 44 -5.86 -2.44 -11.38
N VAL A 45 -5.22 -1.47 -10.78
CA VAL A 45 -4.63 -0.40 -11.63
C VAL A 45 -3.63 -1.03 -12.60
N THR A 46 -3.07 -2.17 -12.27
CA THR A 46 -2.11 -2.78 -13.23
C THR A 46 -2.69 -4.08 -13.79
N PRO A 47 -2.00 -4.59 -14.77
CA PRO A 47 -2.37 -5.84 -15.44
C PRO A 47 -1.80 -7.06 -14.70
N LEU A 48 -0.96 -6.85 -13.72
CA LEU A 48 -0.34 -7.98 -12.99
C LEU A 48 -1.37 -8.65 -12.07
N THR A 49 -0.97 -9.67 -11.36
CA THR A 49 -1.92 -10.37 -10.44
C THR A 49 -1.42 -10.29 -8.99
N PHE A 50 -2.19 -10.78 -8.06
CA PHE A 50 -1.77 -10.73 -6.63
C PHE A 50 -2.25 -11.99 -5.90
N SER A 51 -1.63 -12.30 -4.79
CA SER A 51 -2.03 -13.51 -4.01
C SER A 51 -1.87 -13.20 -2.53
N ARG A 52 -2.17 -14.12 -1.66
CA ARG A 52 -2.02 -13.84 -0.21
C ARG A 52 -1.55 -15.09 0.53
N LEU A 53 -0.95 -14.90 1.67
CA LEU A 53 -0.46 -16.07 2.45
C LEU A 53 -0.50 -15.71 3.95
N TYR A 54 0.48 -16.10 4.72
CA TYR A 54 0.48 -15.77 6.17
C TYR A 54 1.73 -16.37 6.81
N GLU A 55 2.84 -16.30 6.13
CA GLU A 55 4.09 -16.87 6.69
C GLU A 55 5.30 -16.34 5.92
N GLY A 56 6.48 -16.78 6.25
CA GLY A 56 7.69 -16.31 5.53
C GLY A 56 7.57 -14.82 5.24
N GLU A 57 7.14 -14.47 4.06
CA GLU A 57 6.99 -13.03 3.72
C GLU A 57 6.50 -12.88 2.28
N ALA A 58 5.25 -12.52 2.10
CA ALA A 58 4.73 -12.33 0.72
C ALA A 58 5.54 -11.24 0.04
N ASP A 59 4.93 -10.53 -0.87
CA ASP A 59 5.68 -9.43 -1.55
C ASP A 59 5.43 -8.13 -0.79
N ILE A 60 4.30 -8.04 -0.15
CA ILE A 60 3.98 -6.80 0.65
C ILE A 60 3.50 -7.24 2.04
N MET A 61 4.42 -7.62 2.88
CA MET A 61 4.03 -8.06 4.24
C MET A 61 3.41 -6.88 4.99
N ILE A 62 2.11 -6.78 5.00
CA ILE A 62 1.46 -5.65 5.72
C ILE A 62 1.44 -5.98 7.21
N SER A 63 2.01 -5.15 8.05
CA SER A 63 1.99 -5.48 9.50
C SER A 63 1.69 -4.25 10.35
N PHE A 64 1.13 -4.46 11.50
CA PHE A 64 0.83 -3.31 12.41
C PHE A 64 2.06 -3.03 13.27
N ALA A 65 2.39 -1.78 13.51
CA ALA A 65 3.60 -1.50 14.34
C ALA A 65 3.59 -0.05 14.88
N VAL A 66 4.74 0.44 15.26
CA VAL A 66 4.83 1.83 15.81
C VAL A 66 6.31 2.20 15.94
N ARG A 67 6.60 3.40 16.39
CA ARG A 67 8.02 3.83 16.54
C ARG A 67 8.90 2.67 17.00
N GLU A 68 8.35 1.73 17.72
CA GLU A 68 9.16 0.58 18.19
C GLU A 68 9.19 -0.51 17.12
N HIS A 69 10.19 -0.52 16.29
CA HIS A 69 10.28 -1.56 15.22
C HIS A 69 11.42 -2.53 15.54
N GLY A 70 12.63 -2.14 15.26
CA GLY A 70 13.79 -3.04 15.53
C GLY A 70 14.73 -3.05 14.32
N ASP A 71 14.36 -2.39 13.26
CA ASP A 71 15.23 -2.37 12.05
C ASP A 71 15.62 -0.93 11.72
N PHE A 72 14.87 -0.27 10.88
CA PHE A 72 15.20 1.14 10.52
C PHE A 72 13.94 1.87 10.05
N TYR A 73 12.78 1.38 10.40
CA TYR A 73 11.53 2.06 9.98
C TYR A 73 10.63 2.26 11.20
N PRO A 74 11.16 2.96 12.17
CA PRO A 74 10.40 3.25 13.40
C PRO A 74 9.33 4.32 13.12
N PHE A 75 8.10 4.03 13.43
CA PHE A 75 7.02 5.03 13.17
C PHE A 75 6.83 5.91 14.42
N ASP A 76 5.65 6.41 14.68
CA ASP A 76 5.48 7.29 15.87
C ASP A 76 4.20 6.96 16.64
N GLY A 77 3.41 6.05 16.17
CA GLY A 77 2.14 5.71 16.89
C GLY A 77 1.48 6.98 17.42
N PRO A 78 1.75 7.28 18.66
CA PRO A 78 1.19 8.49 19.29
C PRO A 78 1.69 9.74 18.55
N GLY A 79 1.18 9.96 17.36
CA GLY A 79 1.61 11.14 16.57
C GLY A 79 0.73 11.24 15.31
N ASN A 80 1.15 12.01 14.34
CA ASN A 80 0.33 12.16 13.10
C ASN A 80 0.75 11.10 12.07
N VAL A 81 1.99 10.70 12.09
CA VAL A 81 2.49 9.69 11.12
C VAL A 81 1.41 8.64 10.83
N LEU A 82 1.15 8.38 9.58
CA LEU A 82 0.09 7.37 9.20
C LEU A 82 0.68 5.95 9.02
N ALA A 83 1.26 5.64 7.88
CA ALA A 83 1.80 4.25 7.68
C ALA A 83 2.82 4.21 6.53
N HIS A 84 3.26 3.05 6.10
CA HIS A 84 4.25 3.04 4.98
C HIS A 84 4.63 1.61 4.60
N ALA A 85 5.64 1.46 3.78
CA ALA A 85 6.07 0.11 3.36
C ALA A 85 7.51 0.13 2.83
N TYR A 86 7.93 -0.88 2.11
CA TYR A 86 9.33 -0.89 1.61
C TYR A 86 9.36 -1.22 0.12
N ALA A 87 10.48 -1.69 -0.37
CA ALA A 87 10.61 -2.02 -1.81
C ALA A 87 11.92 -2.77 -2.05
N PRO A 88 13.02 -2.12 -1.73
CA PRO A 88 14.35 -2.72 -1.90
C PRO A 88 14.65 -3.69 -0.75
N GLY A 89 15.86 -4.19 -0.67
CA GLY A 89 16.22 -5.13 0.43
C GLY A 89 15.57 -6.49 0.19
N PRO A 90 16.29 -7.52 0.56
CA PRO A 90 15.79 -8.89 0.40
C PRO A 90 14.65 -9.16 1.38
N GLY A 91 13.58 -9.77 0.92
CA GLY A 91 12.44 -10.04 1.83
C GLY A 91 11.72 -8.73 2.14
N ILE A 92 12.39 -7.82 2.79
CA ILE A 92 11.75 -6.51 3.10
C ILE A 92 11.44 -5.79 1.79
N ASN A 93 11.90 -6.30 0.69
CA ASN A 93 11.61 -5.63 -0.61
C ASN A 93 10.11 -5.71 -0.88
N GLY A 94 9.32 -5.07 -0.08
CA GLY A 94 7.85 -5.11 -0.28
C GLY A 94 7.17 -5.47 1.05
N ASP A 95 7.01 -4.51 1.90
CA ASP A 95 6.36 -4.79 3.20
C ASP A 95 5.73 -3.49 3.70
N ALA A 96 4.48 -3.50 4.06
CA ALA A 96 3.84 -2.25 4.54
C ALA A 96 3.53 -2.40 6.02
N HIS A 97 3.09 -1.34 6.64
CA HIS A 97 2.75 -1.45 8.07
C HIS A 97 1.93 -0.23 8.49
N PHE A 98 0.88 -0.48 9.20
CA PHE A 98 0.01 0.62 9.70
C PHE A 98 0.54 1.11 11.05
N ASP A 99 0.83 2.37 11.15
CA ASP A 99 1.34 2.89 12.45
C ASP A 99 0.22 2.82 13.49
N ASP A 100 0.55 2.54 14.72
CA ASP A 100 -0.50 2.49 15.78
C ASP A 100 -1.17 3.88 15.89
N ASP A 101 -0.67 4.84 15.15
CA ASP A 101 -1.21 6.23 15.15
C ASP A 101 -2.31 6.44 16.19
N GLU A 102 -3.54 6.31 15.80
CA GLU A 102 -4.63 6.56 16.79
C GLU A 102 -5.97 6.03 16.27
N GLN A 103 -6.22 6.09 14.99
CA GLN A 103 -7.53 5.59 14.49
C GLN A 103 -7.35 4.85 13.16
N TRP A 104 -8.31 4.02 12.83
CA TRP A 104 -8.26 3.26 11.56
C TRP A 104 -9.68 2.82 11.19
N THR A 105 -10.20 3.24 10.06
CA THR A 105 -11.58 2.83 9.71
C THR A 105 -11.70 2.61 8.21
N LYS A 106 -12.64 1.80 7.82
CA LYS A 106 -12.85 1.53 6.39
C LYS A 106 -13.55 2.75 5.81
N ASP A 107 -14.40 3.34 6.60
CA ASP A 107 -15.13 4.54 6.16
C ASP A 107 -14.34 5.77 6.62
N THR A 108 -15.03 6.80 7.00
CA THR A 108 -14.29 8.00 7.47
C THR A 108 -14.52 8.11 8.98
N THR A 109 -14.56 6.99 9.66
CA THR A 109 -14.83 7.01 11.12
C THR A 109 -13.54 7.25 11.90
N GLY A 110 -12.43 6.73 11.45
CA GLY A 110 -11.17 6.96 12.22
C GLY A 110 -10.17 7.67 11.32
N THR A 111 -9.41 6.93 10.58
CA THR A 111 -8.44 7.55 9.66
C THR A 111 -8.88 7.22 8.24
N ASN A 112 -8.19 6.33 7.58
CA ASN A 112 -8.60 5.97 6.22
C ASN A 112 -8.04 4.58 5.89
N LEU A 113 -8.60 3.58 6.52
CA LEU A 113 -8.19 2.16 6.33
C LEU A 113 -7.42 1.95 5.01
N PHE A 114 -8.12 1.61 3.97
CA PHE A 114 -7.44 1.31 2.69
C PHE A 114 -6.78 2.54 2.10
N LEU A 115 -7.06 3.70 2.60
CA LEU A 115 -6.38 4.87 2.03
C LEU A 115 -4.89 4.70 2.33
N VAL A 116 -4.57 4.53 3.58
CA VAL A 116 -3.15 4.30 3.94
C VAL A 116 -2.78 2.87 3.58
N ALA A 117 -3.74 2.06 3.23
CA ALA A 117 -3.38 0.68 2.85
C ALA A 117 -2.85 0.71 1.43
N ALA A 118 -3.62 1.20 0.49
CA ALA A 118 -3.10 1.29 -0.88
C ALA A 118 -1.96 2.27 -0.85
N HIS A 119 -1.88 3.09 0.14
CA HIS A 119 -0.71 4.00 0.17
C HIS A 119 0.53 3.16 0.43
N GLU A 120 0.45 2.19 1.31
CA GLU A 120 1.63 1.34 1.58
C GLU A 120 1.73 0.21 0.55
N ILE A 121 0.66 -0.50 0.31
CA ILE A 121 0.72 -1.60 -0.70
C ILE A 121 1.12 -0.96 -2.01
N GLY A 122 0.71 0.26 -2.17
CA GLY A 122 1.07 1.02 -3.40
C GLY A 122 2.51 1.49 -3.27
N HIS A 123 2.91 1.83 -2.08
CA HIS A 123 4.29 2.30 -1.86
C HIS A 123 5.29 1.25 -2.36
N SER A 124 5.17 0.04 -1.90
CA SER A 124 6.13 -1.01 -2.32
C SER A 124 5.74 -1.64 -3.66
N LEU A 125 4.55 -2.17 -3.75
CA LEU A 125 4.12 -2.84 -5.02
C LEU A 125 3.19 -1.94 -5.81
N GLY A 126 3.42 -0.67 -5.82
CA GLY A 126 2.53 0.24 -6.57
C GLY A 126 3.35 1.33 -7.25
N LEU A 127 3.81 2.28 -6.49
CA LEU A 127 4.62 3.37 -7.11
C LEU A 127 5.25 4.23 -6.01
N PHE A 128 5.72 5.39 -6.36
CA PHE A 128 6.35 6.28 -5.34
C PHE A 128 5.32 7.31 -4.88
N HIS A 129 5.13 8.35 -5.65
CA HIS A 129 4.14 9.40 -5.27
C HIS A 129 3.64 10.09 -6.54
N SER A 130 2.43 9.81 -6.94
CA SER A 130 1.87 10.46 -8.17
C SER A 130 1.07 11.69 -7.76
N ALA A 131 0.45 12.34 -8.70
CA ALA A 131 -0.38 13.52 -8.36
C ALA A 131 -1.49 13.02 -7.47
N ASN A 132 -1.21 12.86 -6.22
CA ASN A 132 -2.24 12.33 -5.31
C ASN A 132 -3.12 13.42 -4.76
N THR A 133 -3.02 14.62 -5.27
CA THR A 133 -3.97 15.66 -4.80
C THR A 133 -5.35 15.02 -4.93
N GLU A 134 -5.43 14.09 -5.86
CA GLU A 134 -6.66 13.30 -6.08
C GLU A 134 -6.34 11.84 -5.76
N ALA A 135 -5.14 11.40 -6.10
CA ALA A 135 -4.75 9.97 -5.88
C ALA A 135 -4.75 9.60 -4.39
N LEU A 136 -4.29 8.41 -4.13
CA LEU A 136 -4.26 7.86 -2.73
C LEU A 136 -3.00 8.27 -1.97
N MET A 137 -1.97 8.74 -2.63
CA MET A 137 -0.75 9.09 -1.85
C MET A 137 -0.87 10.45 -1.14
N TYR A 138 -1.91 11.21 -1.39
CA TYR A 138 -2.02 12.53 -0.68
C TYR A 138 -3.42 12.79 -0.08
N PRO A 139 -4.27 11.79 0.03
CA PRO A 139 -5.60 12.00 0.61
C PRO A 139 -5.49 12.08 2.14
N LEU A 140 -4.68 11.21 2.70
CA LEU A 140 -4.48 11.15 4.19
C LEU A 140 -5.13 12.34 4.90
N TYR A 141 -4.62 13.52 4.71
CA TYR A 141 -5.23 14.70 5.38
C TYR A 141 -6.63 14.96 4.82
N HIS A 142 -7.51 14.01 4.95
CA HIS A 142 -8.89 14.17 4.43
C HIS A 142 -9.71 12.91 4.71
N SER A 143 -10.59 12.53 3.82
CA SER A 143 -11.40 11.30 4.05
C SER A 143 -11.80 10.69 2.71
N LEU A 144 -11.47 9.45 2.48
CA LEU A 144 -11.83 8.80 1.19
C LEU A 144 -11.31 7.36 1.18
N THR A 145 -11.74 6.55 2.11
CA THR A 145 -11.30 5.13 2.13
C THR A 145 -12.48 4.24 1.75
N ASP A 146 -13.63 4.48 2.30
CA ASP A 146 -14.82 3.66 1.93
C ASP A 146 -16.06 4.55 1.79
N LEU A 147 -16.02 5.78 2.25
CA LEU A 147 -17.21 6.68 2.12
C LEU A 147 -17.94 6.45 0.79
N THR A 148 -17.74 7.30 -0.18
CA THR A 148 -18.46 7.12 -1.48
C THR A 148 -17.53 7.46 -2.65
N ARG A 149 -16.45 8.14 -2.39
CA ARG A 149 -15.52 8.51 -3.50
C ARG A 149 -14.20 7.79 -3.29
N PHE A 150 -13.94 7.41 -2.07
CA PHE A 150 -12.67 6.70 -1.72
C PHE A 150 -12.14 5.85 -2.89
N ARG A 151 -10.99 6.21 -3.41
CA ARG A 151 -10.39 5.42 -4.52
C ARG A 151 -9.08 6.07 -4.96
N LEU A 152 -8.29 5.37 -5.74
CA LEU A 152 -7.01 5.96 -6.21
C LEU A 152 -7.26 6.94 -7.34
N SER A 153 -6.29 7.76 -7.66
CA SER A 153 -6.50 8.73 -8.79
C SER A 153 -5.86 8.20 -10.06
N GLN A 154 -5.80 9.04 -11.05
CA GLN A 154 -5.20 8.62 -12.35
C GLN A 154 -3.68 8.79 -12.29
N ASP A 155 -3.19 9.54 -11.36
CA ASP A 155 -1.75 9.71 -11.27
C ASP A 155 -1.16 8.52 -10.53
N ASP A 156 -1.71 8.14 -9.40
CA ASP A 156 -1.14 6.94 -8.74
C ASP A 156 -1.40 5.77 -9.67
N ILE A 157 -2.54 5.74 -10.31
CA ILE A 157 -2.82 4.64 -11.28
C ILE A 157 -1.69 4.68 -12.31
N ASN A 158 -1.25 5.85 -12.62
CA ASN A 158 -0.14 6.00 -13.62
C ASN A 158 1.13 5.37 -13.05
N GLY A 159 1.61 5.87 -11.95
CA GLY A 159 2.85 5.30 -11.34
C GLY A 159 2.76 3.78 -11.25
N ILE A 160 1.68 3.26 -10.72
CA ILE A 160 1.58 1.78 -10.60
C ILE A 160 1.53 1.15 -11.98
N GLN A 161 0.73 1.68 -12.86
CA GLN A 161 0.68 1.11 -14.22
C GLN A 161 2.10 1.06 -14.77
N SER A 162 2.94 1.93 -14.30
CA SER A 162 4.36 1.93 -14.76
C SER A 162 5.12 0.92 -13.91
N LEU A 163 4.58 0.55 -12.79
CA LEU A 163 5.25 -0.42 -11.90
C LEU A 163 5.10 -1.83 -12.49
N TYR A 164 3.89 -2.29 -12.64
CA TYR A 164 3.69 -3.67 -13.19
C TYR A 164 3.70 -3.61 -14.73
N GLY A 165 2.65 -4.02 -15.39
CA GLY A 165 2.65 -3.99 -16.88
C GLY A 165 3.41 -5.20 -17.41
N PRO A 166 2.85 -5.82 -18.41
CA PRO A 166 3.47 -7.01 -19.04
C PRO A 166 4.69 -6.58 -19.86
N PRO A 167 5.40 -7.55 -20.39
CA PRO A 167 6.62 -7.28 -21.18
C PRO A 167 6.37 -6.56 -22.53
N PRO A 168 5.20 -6.70 -23.10
CA PRO A 168 4.93 -6.04 -24.39
C PRO A 168 4.48 -4.59 -24.16
N ASP A 169 3.30 -4.40 -23.63
CA ASP A 169 2.82 -3.01 -23.39
C ASP A 169 3.95 -2.17 -22.78
N SER A 170 4.77 -2.76 -21.97
CA SER A 170 5.89 -1.99 -21.34
C SER A 170 6.73 -2.93 -20.47
N PRO A 171 7.70 -3.54 -21.09
CA PRO A 171 8.59 -4.46 -20.38
C PRO A 171 9.58 -3.68 -19.51
N GLU A 172 10.17 -2.65 -20.05
CA GLU A 172 11.14 -1.85 -19.25
C GLU A 172 11.16 -0.41 -19.77
N THR A 173 11.07 -0.23 -21.06
CA THR A 173 11.09 1.14 -21.63
C THR A 173 9.76 1.43 -22.31
N PHE A 1 13.67 11.08 -9.38
CA PHE A 1 12.27 11.58 -9.59
C PHE A 1 11.36 10.98 -8.51
N ARG A 2 10.07 11.10 -8.68
CA ARG A 2 9.13 10.55 -7.67
C ARG A 2 8.97 9.04 -7.91
N THR A 3 8.32 8.69 -8.99
CA THR A 3 8.12 7.25 -9.29
C THR A 3 9.48 6.57 -9.47
N PHE A 4 9.99 6.52 -10.67
CA PHE A 4 11.32 5.87 -10.89
C PHE A 4 11.68 5.97 -12.37
N PRO A 5 12.65 6.78 -12.67
CA PRO A 5 13.11 6.97 -14.06
C PRO A 5 13.88 5.72 -14.52
N GLY A 6 13.24 4.59 -14.54
CA GLY A 6 13.92 3.35 -15.00
C GLY A 6 13.18 2.12 -14.44
N ILE A 7 13.88 1.22 -13.81
CA ILE A 7 13.22 0.02 -13.26
C ILE A 7 12.31 0.42 -12.10
N PRO A 8 11.06 0.04 -12.20
CA PRO A 8 10.07 0.37 -11.16
C PRO A 8 10.30 -0.49 -9.91
N LYS A 9 9.33 -0.59 -9.05
CA LYS A 9 9.50 -1.42 -7.82
C LYS A 9 9.72 -2.88 -8.21
N TRP A 10 8.67 -3.64 -8.40
CA TRP A 10 8.85 -5.07 -8.78
C TRP A 10 8.71 -5.22 -10.29
N ARG A 11 8.95 -6.40 -10.80
CA ARG A 11 8.84 -6.61 -12.28
C ARG A 11 8.08 -7.91 -12.56
N LYS A 12 8.33 -8.92 -11.78
CA LYS A 12 7.63 -10.23 -12.00
C LYS A 12 6.15 -9.98 -12.30
N THR A 13 5.45 -11.00 -12.73
CA THR A 13 4.01 -10.83 -13.04
C THR A 13 3.16 -11.49 -11.94
N HIS A 14 3.79 -12.01 -10.91
CA HIS A 14 2.99 -12.65 -9.83
C HIS A 14 3.52 -12.24 -8.46
N LEU A 15 2.99 -11.18 -7.93
CA LEU A 15 3.45 -10.69 -6.60
C LEU A 15 2.55 -11.25 -5.51
N THR A 16 2.91 -11.13 -4.26
CA THR A 16 2.05 -11.68 -3.19
C THR A 16 2.10 -10.73 -1.99
N TYR A 17 1.10 -10.75 -1.15
CA TYR A 17 1.10 -9.86 0.04
C TYR A 17 0.63 -10.62 1.28
N ARG A 18 0.72 -10.01 2.42
CA ARG A 18 0.29 -10.71 3.68
C ARG A 18 -0.52 -9.74 4.56
N ILE A 19 -1.51 -10.24 5.24
CA ILE A 19 -2.34 -9.36 6.11
C ILE A 19 -1.91 -9.50 7.57
N VAL A 20 -0.81 -8.90 7.94
CA VAL A 20 -0.35 -9.00 9.37
C VAL A 20 -0.85 -7.79 10.15
N ASN A 21 -1.71 -6.99 9.57
CA ASN A 21 -2.24 -5.82 10.29
C ASN A 21 -3.63 -6.14 10.84
N TYR A 22 -4.10 -5.36 11.77
CA TYR A 22 -5.43 -5.61 12.35
C TYR A 22 -5.73 -4.57 13.43
N THR A 23 -5.65 -3.31 13.09
CA THR A 23 -5.94 -2.25 14.10
C THR A 23 -7.18 -2.66 14.89
N PRO A 24 -7.23 -2.21 16.12
CA PRO A 24 -8.36 -2.53 16.99
C PRO A 24 -9.61 -1.84 16.46
N ASP A 25 -9.43 -0.77 15.76
CA ASP A 25 -10.59 -0.07 15.17
C ASP A 25 -11.04 -0.85 13.94
N LEU A 26 -10.34 -1.91 13.62
CA LEU A 26 -10.72 -2.73 12.45
C LEU A 26 -10.53 -4.20 12.76
N PRO A 27 -11.61 -4.93 12.77
CA PRO A 27 -11.54 -6.37 13.03
C PRO A 27 -10.79 -7.05 11.89
N LYS A 28 -10.54 -8.32 12.03
CA LYS A 28 -9.81 -9.07 10.97
C LYS A 28 -10.23 -8.59 9.58
N ASP A 29 -11.46 -8.81 9.25
CA ASP A 29 -11.98 -8.41 7.90
C ASP A 29 -11.79 -6.91 7.63
N ALA A 30 -11.82 -6.07 8.63
CA ALA A 30 -11.65 -4.63 8.35
C ALA A 30 -10.19 -4.36 7.95
N VAL A 31 -9.27 -4.61 8.82
CA VAL A 31 -7.85 -4.39 8.43
C VAL A 31 -7.63 -5.13 7.11
N ASP A 32 -8.20 -6.30 7.01
CA ASP A 32 -8.07 -7.08 5.75
C ASP A 32 -8.74 -6.28 4.64
N SER A 33 -9.71 -5.48 5.00
CA SER A 33 -10.41 -4.66 3.98
C SER A 33 -9.42 -3.66 3.39
N ALA A 34 -8.56 -3.08 4.21
CA ALA A 34 -7.56 -2.10 3.68
C ALA A 34 -6.48 -2.84 2.93
N VAL A 35 -6.16 -4.01 3.37
CA VAL A 35 -5.11 -4.82 2.70
C VAL A 35 -5.69 -5.36 1.41
N GLU A 36 -6.99 -5.47 1.38
CA GLU A 36 -7.68 -5.99 0.19
C GLU A 36 -7.99 -4.82 -0.73
N LYS A 37 -8.29 -3.69 -0.17
CA LYS A 37 -8.59 -2.51 -1.02
C LYS A 37 -7.25 -1.98 -1.51
N ALA A 38 -6.27 -1.98 -0.66
CA ALA A 38 -4.92 -1.53 -1.05
C ALA A 38 -4.37 -2.50 -2.09
N LEU A 39 -4.20 -3.73 -1.67
CA LEU A 39 -3.67 -4.78 -2.58
C LEU A 39 -4.46 -4.77 -3.89
N LYS A 40 -5.75 -4.70 -3.79
CA LYS A 40 -6.56 -4.72 -5.04
C LYS A 40 -6.42 -3.38 -5.76
N VAL A 41 -6.26 -2.34 -5.01
CA VAL A 41 -6.11 -1.01 -5.62
C VAL A 41 -4.96 -1.08 -6.62
N TRP A 42 -3.89 -1.72 -6.27
CA TRP A 42 -2.76 -1.80 -7.22
C TRP A 42 -2.86 -3.06 -8.07
N GLU A 43 -3.54 -4.07 -7.61
CA GLU A 43 -3.66 -5.30 -8.42
C GLU A 43 -4.56 -4.99 -9.60
N GLU A 44 -5.43 -4.06 -9.41
CA GLU A 44 -6.34 -3.69 -10.51
C GLU A 44 -5.73 -2.60 -11.35
N VAL A 45 -5.14 -1.62 -10.74
CA VAL A 45 -4.53 -0.53 -11.56
C VAL A 45 -3.47 -1.13 -12.49
N THR A 46 -2.89 -2.25 -12.14
CA THR A 46 -1.86 -2.82 -13.07
C THR A 46 -2.39 -4.09 -13.73
N PRO A 47 -1.84 -4.38 -14.87
CA PRO A 47 -2.22 -5.57 -15.65
C PRO A 47 -1.54 -6.83 -15.11
N LEU A 48 -0.91 -6.75 -13.96
CA LEU A 48 -0.21 -7.95 -13.43
C LEU A 48 -1.12 -8.68 -12.42
N THR A 49 -0.63 -9.75 -11.85
CA THR A 49 -1.45 -10.52 -10.88
C THR A 49 -0.79 -10.54 -9.50
N PHE A 50 -1.51 -10.95 -8.50
CA PHE A 50 -0.94 -10.99 -7.12
C PHE A 50 -1.43 -12.25 -6.39
N SER A 51 -1.03 -12.43 -5.17
CA SER A 51 -1.48 -13.62 -4.40
C SER A 51 -1.39 -13.30 -2.91
N ARG A 52 -1.40 -14.29 -2.07
CA ARG A 52 -1.32 -13.99 -0.61
C ARG A 52 -0.90 -15.24 0.17
N LEU A 53 -0.82 -15.12 1.45
CA LEU A 53 -0.42 -16.28 2.30
C LEU A 53 -0.79 -15.98 3.75
N TYR A 54 0.12 -16.13 4.67
CA TYR A 54 -0.20 -15.84 6.10
C TYR A 54 1.00 -16.15 6.98
N GLU A 55 2.19 -15.99 6.45
CA GLU A 55 3.41 -16.30 7.27
C GLU A 55 4.65 -15.83 6.53
N GLY A 56 5.79 -16.34 6.91
CA GLY A 56 7.07 -15.96 6.24
C GLY A 56 7.02 -14.49 5.82
N GLU A 57 6.71 -14.23 4.59
CA GLU A 57 6.65 -12.81 4.13
C GLU A 57 6.32 -12.74 2.64
N ALA A 58 5.13 -12.33 2.29
CA ALA A 58 4.78 -12.21 0.85
C ALA A 58 5.62 -11.09 0.24
N ASP A 59 5.15 -10.50 -0.81
CA ASP A 59 5.91 -9.39 -1.43
C ASP A 59 5.61 -8.11 -0.64
N ILE A 60 4.41 -8.00 -0.12
CA ILE A 60 4.01 -6.80 0.68
C ILE A 60 3.47 -7.31 2.02
N MET A 61 4.31 -7.54 2.99
CA MET A 61 3.77 -8.04 4.27
C MET A 61 3.14 -6.88 5.03
N ILE A 62 1.84 -6.77 4.98
CA ILE A 62 1.16 -5.66 5.68
C ILE A 62 1.07 -6.02 7.17
N SER A 63 1.72 -5.31 8.03
CA SER A 63 1.66 -5.69 9.47
C SER A 63 1.46 -4.47 10.37
N PHE A 64 0.97 -4.71 11.56
CA PHE A 64 0.76 -3.59 12.53
C PHE A 64 2.11 -3.22 13.17
N ALA A 65 2.37 -1.96 13.36
CA ALA A 65 3.68 -1.58 13.99
C ALA A 65 3.69 -0.08 14.33
N VAL A 66 4.77 0.37 14.93
CA VAL A 66 4.87 1.81 15.31
C VAL A 66 6.22 2.05 15.99
N ARG A 67 6.81 3.20 15.75
CA ARG A 67 8.14 3.57 16.35
C ARG A 67 8.71 2.46 17.23
N GLU A 68 9.07 1.35 16.63
CA GLU A 68 9.63 0.23 17.43
C GLU A 68 9.95 -0.95 16.51
N HIS A 69 10.32 -0.66 15.29
CA HIS A 69 10.65 -1.76 14.33
C HIS A 69 11.96 -2.43 14.73
N GLY A 70 13.06 -1.96 14.18
CA GLY A 70 14.37 -2.58 14.53
C GLY A 70 15.39 -1.48 14.82
N ASP A 71 15.52 -0.53 13.94
CA ASP A 71 16.51 0.57 14.18
C ASP A 71 16.29 1.70 13.17
N PHE A 72 16.28 1.38 11.90
CA PHE A 72 16.09 2.45 10.87
C PHE A 72 14.63 2.46 10.41
N TYR A 73 13.78 1.68 11.03
CA TYR A 73 12.36 1.66 10.60
C TYR A 73 11.44 2.13 11.75
N PRO A 74 11.91 3.06 12.54
CA PRO A 74 11.09 3.58 13.65
C PRO A 74 10.00 4.49 13.08
N PHE A 75 8.76 4.11 13.20
CA PHE A 75 7.68 4.96 12.63
C PHE A 75 7.44 6.17 13.53
N ASP A 76 6.21 6.52 13.79
CA ASP A 76 5.96 7.72 14.63
C ASP A 76 4.86 7.44 15.67
N GLY A 77 3.93 6.58 15.35
CA GLY A 77 2.83 6.32 16.32
C GLY A 77 2.22 7.66 16.72
N PRO A 78 2.49 8.07 17.94
CA PRO A 78 1.96 9.34 18.45
C PRO A 78 2.34 10.51 17.54
N GLY A 79 1.50 10.80 16.58
CA GLY A 79 1.78 11.92 15.64
C GLY A 79 0.90 11.74 14.39
N ASN A 80 1.21 12.42 13.32
CA ASN A 80 0.39 12.30 12.09
C ASN A 80 0.85 11.12 11.24
N VAL A 81 2.12 10.80 11.29
CA VAL A 81 2.64 9.65 10.48
C VAL A 81 1.63 8.50 10.49
N LEU A 82 0.87 8.35 9.43
CA LEU A 82 -0.14 7.25 9.37
C LEU A 82 0.54 5.86 9.21
N ALA A 83 1.12 5.57 8.06
CA ALA A 83 1.75 4.22 7.89
C ALA A 83 2.74 4.22 6.71
N HIS A 84 3.16 3.07 6.25
CA HIS A 84 4.12 3.07 5.09
C HIS A 84 4.50 1.65 4.71
N ALA A 85 5.54 1.50 3.92
CA ALA A 85 5.96 0.13 3.52
C ALA A 85 7.37 0.15 2.93
N TYR A 86 7.78 -0.91 2.28
CA TYR A 86 9.15 -0.94 1.71
C TYR A 86 9.11 -1.47 0.27
N ALA A 87 10.21 -1.94 -0.25
CA ALA A 87 10.23 -2.47 -1.64
C ALA A 87 11.45 -3.35 -1.86
N PRO A 88 12.61 -2.75 -1.76
CA PRO A 88 13.88 -3.49 -1.94
C PRO A 88 14.21 -4.32 -0.70
N GLY A 89 15.25 -5.11 -0.75
CA GLY A 89 15.63 -5.93 0.43
C GLY A 89 15.18 -7.39 0.24
N PRO A 90 15.60 -8.23 1.13
CA PRO A 90 15.25 -9.66 1.09
C PRO A 90 13.79 -9.85 1.53
N GLY A 91 13.54 -9.96 2.81
CA GLY A 91 12.14 -10.12 3.28
C GLY A 91 11.49 -8.74 3.28
N ILE A 92 12.26 -7.74 3.60
CA ILE A 92 11.73 -6.36 3.60
C ILE A 92 11.47 -5.92 2.16
N ASN A 93 11.67 -6.81 1.21
CA ASN A 93 11.42 -6.46 -0.21
C ASN A 93 9.92 -6.17 -0.41
N GLY A 94 9.41 -5.18 0.27
CA GLY A 94 7.97 -4.86 0.13
C GLY A 94 7.23 -5.28 1.39
N ASP A 95 7.14 -4.40 2.34
CA ASP A 95 6.42 -4.70 3.61
C ASP A 95 5.68 -3.44 4.01
N ALA A 96 4.40 -3.50 4.24
CA ALA A 96 3.68 -2.27 4.64
C ALA A 96 3.30 -2.40 6.10
N HIS A 97 3.23 -1.33 6.82
CA HIS A 97 2.85 -1.46 8.24
C HIS A 97 2.00 -0.25 8.66
N PHE A 98 0.89 -0.53 9.29
CA PHE A 98 -0.01 0.55 9.77
C PHE A 98 0.48 1.02 11.15
N ASP A 99 0.55 2.31 11.37
CA ASP A 99 1.01 2.80 12.70
C ASP A 99 -0.12 2.60 13.72
N ASP A 100 0.19 2.04 14.87
CA ASP A 100 -0.85 1.83 15.89
C ASP A 100 -1.18 3.16 16.57
N ASP A 101 -0.51 4.22 16.18
CA ASP A 101 -0.75 5.56 16.78
C ASP A 101 -2.20 5.73 17.26
N GLU A 102 -3.11 5.87 16.34
CA GLU A 102 -4.52 6.10 16.73
C GLU A 102 -5.42 4.92 16.32
N GLN A 103 -6.29 5.11 15.36
CA GLN A 103 -7.18 4.01 14.95
C GLN A 103 -7.22 3.90 13.42
N TRP A 104 -8.13 3.12 12.90
CA TRP A 104 -8.20 2.98 11.43
C TRP A 104 -9.62 2.58 11.01
N THR A 105 -10.16 3.18 9.98
CA THR A 105 -11.54 2.86 9.55
C THR A 105 -11.66 2.94 8.03
N LYS A 106 -12.56 2.20 7.47
CA LYS A 106 -12.76 2.25 6.00
C LYS A 106 -13.45 3.56 5.69
N ASP A 107 -14.28 3.98 6.58
CA ASP A 107 -14.98 5.27 6.40
C ASP A 107 -14.13 6.36 7.02
N THR A 108 -14.72 7.40 7.49
CA THR A 108 -13.89 8.45 8.12
C THR A 108 -14.06 8.32 9.64
N THR A 109 -14.21 7.12 10.12
CA THR A 109 -14.42 6.91 11.57
C THR A 109 -13.11 6.94 12.35
N GLY A 110 -12.04 6.45 11.78
CA GLY A 110 -10.76 6.46 12.52
C GLY A 110 -9.71 7.26 11.74
N THR A 111 -9.11 6.65 10.77
CA THR A 111 -8.09 7.38 9.97
C THR A 111 -8.45 7.24 8.49
N ASN A 112 -8.14 6.13 7.90
CA ASN A 112 -8.47 5.93 6.47
C ASN A 112 -7.97 4.54 6.05
N LEU A 113 -8.51 3.55 6.70
CA LEU A 113 -8.17 2.12 6.46
C LEU A 113 -7.49 1.89 5.10
N PHE A 114 -8.26 1.60 4.10
CA PHE A 114 -7.66 1.30 2.77
C PHE A 114 -6.96 2.52 2.21
N LEU A 115 -7.22 3.69 2.70
CA LEU A 115 -6.50 4.85 2.14
C LEU A 115 -5.01 4.63 2.37
N VAL A 116 -4.60 4.53 3.60
CA VAL A 116 -3.17 4.28 3.86
C VAL A 116 -2.86 2.81 3.54
N ALA A 117 -3.87 2.02 3.26
CA ALA A 117 -3.57 0.61 2.90
C ALA A 117 -3.02 0.64 1.49
N ALA A 118 -3.76 1.14 0.54
CA ALA A 118 -3.21 1.21 -0.81
C ALA A 118 -2.07 2.19 -0.76
N HIS A 119 -2.00 2.98 0.26
CA HIS A 119 -0.84 3.91 0.34
C HIS A 119 0.41 3.08 0.61
N GLU A 120 0.32 2.08 1.45
CA GLU A 120 1.50 1.25 1.74
C GLU A 120 1.61 0.10 0.72
N ILE A 121 0.54 -0.60 0.45
CA ILE A 121 0.62 -1.69 -0.57
C ILE A 121 1.01 -1.04 -1.87
N GLY A 122 0.59 0.17 -2.02
CA GLY A 122 0.93 0.95 -3.24
C GLY A 122 2.37 1.41 -3.12
N HIS A 123 2.77 1.71 -1.94
CA HIS A 123 4.18 2.15 -1.74
C HIS A 123 5.16 1.09 -2.22
N SER A 124 5.01 -0.11 -1.73
CA SER A 124 5.94 -1.21 -2.10
C SER A 124 5.65 -1.77 -3.49
N LEU A 125 4.47 -2.30 -3.69
CA LEU A 125 4.14 -2.93 -5.01
C LEU A 125 3.25 -2.01 -5.83
N GLY A 126 3.39 -0.73 -5.67
CA GLY A 126 2.52 0.20 -6.42
C GLY A 126 3.35 1.30 -7.06
N LEU A 127 3.77 2.26 -6.29
CA LEU A 127 4.58 3.36 -6.88
C LEU A 127 5.16 4.23 -5.78
N PHE A 128 5.66 5.38 -6.13
CA PHE A 128 6.24 6.29 -5.09
C PHE A 128 5.20 7.35 -4.72
N HIS A 129 4.99 8.31 -5.57
CA HIS A 129 3.99 9.37 -5.25
C HIS A 129 3.56 10.07 -6.55
N SER A 130 2.34 9.85 -6.96
CA SER A 130 1.85 10.51 -8.20
C SER A 130 1.03 11.74 -7.81
N ALA A 131 0.38 12.38 -8.75
CA ALA A 131 -0.45 13.56 -8.37
C ALA A 131 -1.58 13.03 -7.53
N ASN A 132 -1.29 12.78 -6.29
CA ASN A 132 -2.32 12.21 -5.43
C ASN A 132 -3.21 13.27 -4.84
N THR A 133 -3.10 14.50 -5.30
CA THR A 133 -4.07 15.53 -4.81
C THR A 133 -5.44 14.88 -4.93
N GLU A 134 -5.53 13.99 -5.89
CA GLU A 134 -6.76 13.18 -6.10
C GLU A 134 -6.40 11.73 -5.80
N ALA A 135 -5.20 11.31 -6.16
CA ALA A 135 -4.79 9.89 -5.93
C ALA A 135 -4.63 9.56 -4.44
N LEU A 136 -4.63 8.28 -4.15
CA LEU A 136 -4.53 7.76 -2.74
C LEU A 136 -3.28 8.25 -2.00
N MET A 137 -2.26 8.68 -2.66
CA MET A 137 -1.05 9.08 -1.88
C MET A 137 -1.21 10.46 -1.24
N TYR A 138 -2.24 11.21 -1.55
CA TYR A 138 -2.38 12.56 -0.89
C TYR A 138 -3.81 12.83 -0.36
N PRO A 139 -4.63 11.84 -0.19
CA PRO A 139 -5.99 12.07 0.34
C PRO A 139 -5.89 12.25 1.84
N LEU A 140 -4.99 11.49 2.45
CA LEU A 140 -4.78 11.54 3.93
C LEU A 140 -5.24 12.89 4.49
N TYR A 141 -4.68 13.97 4.03
CA TYR A 141 -5.08 15.30 4.55
C TYR A 141 -6.47 15.67 4.01
N HIS A 142 -7.45 14.83 4.21
CA HIS A 142 -8.82 15.13 3.72
C HIS A 142 -9.79 14.04 4.18
N SER A 143 -10.13 13.11 3.32
CA SER A 143 -11.06 12.02 3.72
C SER A 143 -11.28 11.08 2.54
N LEU A 144 -10.96 9.83 2.69
CA LEU A 144 -11.16 8.89 1.55
C LEU A 144 -10.70 7.49 1.95
N THR A 145 -11.60 6.55 1.91
CA THR A 145 -11.28 5.15 2.28
C THR A 145 -12.56 4.33 2.15
N ASP A 146 -13.67 4.95 2.45
CA ASP A 146 -14.99 4.26 2.32
C ASP A 146 -16.10 5.31 2.26
N LEU A 147 -15.88 6.51 2.75
CA LEU A 147 -16.95 7.56 2.70
C LEU A 147 -17.78 7.41 1.43
N THR A 148 -17.16 7.50 0.29
CA THR A 148 -17.91 7.37 -0.99
C THR A 148 -16.94 7.54 -2.15
N ARG A 149 -15.92 8.34 -1.95
CA ARG A 149 -14.92 8.57 -3.03
C ARG A 149 -13.79 7.54 -2.89
N PHE A 150 -13.76 6.86 -1.78
CA PHE A 150 -12.71 5.83 -1.51
C PHE A 150 -12.24 5.18 -2.82
N ARG A 151 -11.12 5.62 -3.34
CA ARG A 151 -10.60 5.03 -4.60
C ARG A 151 -9.31 5.74 -5.01
N LEU A 152 -8.47 5.07 -5.76
CA LEU A 152 -7.19 5.72 -6.19
C LEU A 152 -7.47 6.70 -7.33
N SER A 153 -6.55 7.57 -7.62
CA SER A 153 -6.82 8.53 -8.75
C SER A 153 -6.06 8.08 -10.01
N GLN A 154 -6.02 8.92 -10.99
CA GLN A 154 -5.33 8.56 -12.27
C GLN A 154 -3.83 8.81 -12.18
N ASP A 155 -3.37 9.54 -11.21
CA ASP A 155 -1.93 9.79 -11.12
C ASP A 155 -1.30 8.61 -10.39
N ASP A 156 -1.88 8.14 -9.32
CA ASP A 156 -1.28 6.96 -8.67
C ASP A 156 -1.46 5.80 -9.63
N ILE A 157 -2.61 5.71 -10.25
CA ILE A 157 -2.83 4.63 -11.26
C ILE A 157 -1.70 4.75 -12.28
N ASN A 158 -1.31 5.96 -12.55
CA ASN A 158 -0.20 6.17 -13.53
C ASN A 158 1.09 5.63 -12.93
N GLY A 159 1.38 5.96 -11.70
CA GLY A 159 2.62 5.46 -11.07
C GLY A 159 2.63 3.92 -11.03
N ILE A 160 1.60 3.33 -10.47
CA ILE A 160 1.56 1.85 -10.40
C ILE A 160 1.56 1.26 -11.81
N GLN A 161 0.75 1.80 -12.67
CA GLN A 161 0.73 1.29 -14.06
C GLN A 161 2.17 1.33 -14.59
N SER A 162 2.92 2.28 -14.12
CA SER A 162 4.35 2.37 -14.55
C SER A 162 5.14 1.31 -13.78
N LEU A 163 4.59 0.85 -12.69
CA LEU A 163 5.28 -0.19 -11.90
C LEU A 163 5.24 -1.49 -12.70
N TYR A 164 4.05 -1.97 -12.97
CA TYR A 164 3.93 -3.23 -13.76
C TYR A 164 3.63 -2.90 -15.23
N GLY A 165 2.55 -3.38 -15.78
CA GLY A 165 2.24 -3.06 -17.20
C GLY A 165 2.26 -4.34 -18.04
N PRO A 166 2.20 -4.17 -19.33
CA PRO A 166 2.20 -5.31 -20.26
C PRO A 166 3.59 -5.96 -20.31
N PRO A 167 3.65 -7.20 -19.91
CA PRO A 167 4.91 -7.96 -19.90
C PRO A 167 5.32 -8.31 -21.33
N PRO A 168 6.49 -8.86 -21.46
CA PRO A 168 7.02 -9.26 -22.77
C PRO A 168 6.27 -10.49 -23.30
N ASP A 169 6.39 -10.78 -24.56
CA ASP A 169 5.68 -11.96 -25.12
C ASP A 169 6.55 -13.21 -24.96
N SER A 170 7.47 -13.41 -25.86
CA SER A 170 8.36 -14.61 -25.77
C SER A 170 8.80 -14.81 -24.31
N PRO A 171 8.58 -15.99 -23.81
CA PRO A 171 8.96 -16.31 -22.43
C PRO A 171 10.48 -16.46 -22.32
N GLU A 172 11.13 -16.91 -23.36
CA GLU A 172 12.60 -17.07 -23.32
C GLU A 172 13.25 -16.22 -24.41
N THR A 173 14.50 -16.45 -24.69
CA THR A 173 15.18 -15.64 -25.76
C THR A 173 16.13 -16.55 -26.54
N PHE A 1 8.72 14.67 -8.97
CA PHE A 1 9.58 13.69 -9.70
C PHE A 1 9.98 12.56 -8.75
N ARG A 2 9.02 11.92 -8.13
CA ARG A 2 9.34 10.80 -7.20
C ARG A 2 9.24 9.47 -7.94
N THR A 3 8.15 9.25 -8.63
CA THR A 3 7.98 7.98 -9.38
C THR A 3 9.30 7.62 -10.09
N PHE A 4 10.00 6.64 -9.61
CA PHE A 4 11.28 6.25 -10.27
C PHE A 4 11.00 5.73 -11.68
N PRO A 5 11.43 6.48 -12.64
CA PRO A 5 11.23 6.12 -14.06
C PRO A 5 12.16 4.96 -14.44
N GLY A 6 11.82 4.20 -15.44
CA GLY A 6 12.69 3.06 -15.86
C GLY A 6 12.46 1.88 -14.92
N ILE A 7 13.51 1.20 -14.54
CA ILE A 7 13.34 0.04 -13.63
C ILE A 7 12.36 0.39 -12.51
N PRO A 8 11.16 -0.13 -12.63
CA PRO A 8 10.12 0.13 -11.63
C PRO A 8 10.42 -0.63 -10.33
N LYS A 9 9.44 -0.78 -9.48
CA LYS A 9 9.67 -1.51 -8.20
C LYS A 9 9.78 -3.01 -8.47
N TRP A 10 8.68 -3.69 -8.66
CA TRP A 10 8.75 -5.16 -8.90
C TRP A 10 8.74 -5.42 -10.42
N ARG A 11 8.86 -6.67 -10.81
CA ARG A 11 8.87 -7.00 -12.26
C ARG A 11 8.05 -8.27 -12.54
N LYS A 12 8.01 -9.19 -11.61
CA LYS A 12 7.24 -10.45 -11.83
C LYS A 12 5.82 -10.12 -12.29
N THR A 13 4.99 -11.13 -12.36
CA THR A 13 3.58 -10.90 -12.79
C THR A 13 2.64 -11.43 -11.70
N HIS A 14 3.17 -11.98 -10.64
CA HIS A 14 2.30 -12.50 -9.56
C HIS A 14 2.85 -12.11 -8.19
N LEU A 15 2.43 -10.99 -7.68
CA LEU A 15 2.92 -10.53 -6.36
C LEU A 15 2.03 -11.09 -5.25
N THR A 16 2.48 -11.06 -4.02
CA THR A 16 1.65 -11.58 -2.91
C THR A 16 1.85 -10.68 -1.70
N TYR A 17 0.91 -10.64 -0.80
CA TYR A 17 1.08 -9.77 0.39
C TYR A 17 0.62 -10.54 1.63
N ARG A 18 0.99 -10.07 2.79
CA ARG A 18 0.56 -10.76 4.04
C ARG A 18 -0.18 -9.77 4.94
N ILE A 19 -1.37 -10.11 5.35
CA ILE A 19 -2.14 -9.16 6.22
C ILE A 19 -1.68 -9.30 7.68
N VAL A 20 -0.54 -8.75 8.01
CA VAL A 20 -0.04 -8.83 9.40
C VAL A 20 -0.57 -7.65 10.23
N ASN A 21 -1.42 -6.85 9.65
CA ASN A 21 -1.96 -5.69 10.42
C ASN A 21 -3.37 -6.02 10.91
N TYR A 22 -3.79 -5.39 11.96
CA TYR A 22 -5.16 -5.65 12.49
C TYR A 22 -5.37 -4.83 13.76
N THR A 23 -5.61 -3.55 13.61
CA THR A 23 -5.83 -2.69 14.80
C THR A 23 -7.23 -2.95 15.34
N PRO A 24 -7.45 -2.56 16.56
CA PRO A 24 -8.75 -2.74 17.20
C PRO A 24 -9.75 -1.83 16.52
N ASP A 25 -9.26 -0.81 15.88
CA ASP A 25 -10.17 0.10 15.15
C ASP A 25 -10.70 -0.63 13.93
N LEU A 26 -10.18 -1.81 13.66
CA LEU A 26 -10.64 -2.60 12.50
C LEU A 26 -10.54 -4.09 12.79
N PRO A 27 -11.66 -4.76 12.66
CA PRO A 27 -11.68 -6.20 12.87
C PRO A 27 -10.82 -6.87 11.80
N LYS A 28 -10.52 -8.13 11.96
CA LYS A 28 -9.69 -8.85 10.96
C LYS A 28 -10.06 -8.40 9.54
N ASP A 29 -11.25 -8.67 9.13
CA ASP A 29 -11.69 -8.31 7.76
C ASP A 29 -11.51 -6.80 7.50
N ALA A 30 -11.56 -5.97 8.51
CA ALA A 30 -11.40 -4.52 8.25
C ALA A 30 -9.94 -4.21 7.92
N VAL A 31 -9.04 -4.47 8.83
CA VAL A 31 -7.61 -4.22 8.51
C VAL A 31 -7.31 -4.94 7.20
N ASP A 32 -7.84 -6.13 7.06
CA ASP A 32 -7.64 -6.90 5.82
C ASP A 32 -8.36 -6.14 4.71
N SER A 33 -9.37 -5.40 5.06
CA SER A 33 -10.12 -4.62 4.04
C SER A 33 -9.17 -3.61 3.40
N ALA A 34 -8.36 -2.93 4.18
CA ALA A 34 -7.41 -1.95 3.61
C ALA A 34 -6.31 -2.69 2.86
N VAL A 35 -5.94 -3.83 3.34
CA VAL A 35 -4.88 -4.63 2.68
C VAL A 35 -5.45 -5.20 1.40
N GLU A 36 -6.75 -5.30 1.36
CA GLU A 36 -7.44 -5.85 0.16
C GLU A 36 -7.80 -4.67 -0.75
N LYS A 37 -8.13 -3.55 -0.19
CA LYS A 37 -8.48 -2.38 -1.02
C LYS A 37 -7.17 -1.83 -1.58
N ALA A 38 -6.17 -1.79 -0.75
CA ALA A 38 -4.82 -1.34 -1.19
C ALA A 38 -4.33 -2.35 -2.23
N LEU A 39 -4.21 -3.57 -1.78
CA LEU A 39 -3.77 -4.68 -2.67
C LEU A 39 -4.50 -4.60 -3.99
N LYS A 40 -5.78 -4.49 -3.93
CA LYS A 40 -6.59 -4.47 -5.18
C LYS A 40 -6.43 -3.12 -5.88
N VAL A 41 -6.28 -2.08 -5.15
CA VAL A 41 -6.13 -0.77 -5.79
C VAL A 41 -4.98 -0.87 -6.78
N TRP A 42 -3.92 -1.51 -6.41
CA TRP A 42 -2.77 -1.63 -7.35
C TRP A 42 -2.89 -2.90 -8.18
N GLU A 43 -3.60 -3.88 -7.70
CA GLU A 43 -3.76 -5.13 -8.48
C GLU A 43 -4.63 -4.83 -9.68
N GLU A 44 -5.48 -3.85 -9.52
CA GLU A 44 -6.37 -3.48 -10.64
C GLU A 44 -5.70 -2.42 -11.50
N VAL A 45 -5.09 -1.45 -10.89
CA VAL A 45 -4.43 -0.39 -11.72
C VAL A 45 -3.41 -1.06 -12.64
N THR A 46 -2.88 -2.20 -12.27
CA THR A 46 -1.90 -2.85 -13.18
C THR A 46 -2.49 -4.16 -13.70
N PRO A 47 -2.05 -4.55 -14.87
CA PRO A 47 -2.53 -5.78 -15.51
C PRO A 47 -1.94 -7.03 -14.82
N LEU A 48 -1.17 -6.85 -13.78
CA LEU A 48 -0.56 -8.03 -13.09
C LEU A 48 -1.56 -8.61 -12.08
N THR A 49 -1.16 -9.63 -11.37
CA THR A 49 -2.06 -10.26 -10.38
C THR A 49 -1.40 -10.27 -8.99
N PHE A 50 -2.18 -10.55 -7.98
CA PHE A 50 -1.62 -10.58 -6.59
C PHE A 50 -2.14 -11.81 -5.85
N SER A 51 -1.61 -12.09 -4.69
CA SER A 51 -2.07 -13.27 -3.91
C SER A 51 -1.89 -12.98 -2.42
N ARG A 52 -2.32 -13.85 -1.57
CA ARG A 52 -2.16 -13.59 -0.10
C ARG A 52 -1.84 -14.89 0.63
N LEU A 53 -1.22 -14.78 1.76
CA LEU A 53 -0.87 -16.00 2.54
C LEU A 53 -0.96 -15.68 4.05
N TYR A 54 0.01 -16.09 4.82
CA TYR A 54 -0.03 -15.80 6.29
C TYR A 54 1.20 -16.40 6.96
N GLU A 55 2.30 -16.44 6.27
CA GLU A 55 3.53 -17.03 6.87
C GLU A 55 4.77 -16.51 6.15
N GLY A 56 5.93 -16.96 6.54
CA GLY A 56 7.18 -16.51 5.88
C GLY A 56 7.10 -15.01 5.59
N GLU A 57 6.74 -14.66 4.38
CA GLU A 57 6.64 -13.21 4.04
C GLU A 57 6.24 -13.04 2.57
N ALA A 58 5.03 -12.63 2.32
CA ALA A 58 4.59 -12.42 0.91
C ALA A 58 5.48 -11.38 0.26
N ASP A 59 4.97 -10.66 -0.69
CA ASP A 59 5.80 -9.61 -1.35
C ASP A 59 5.63 -8.31 -0.59
N ILE A 60 4.48 -8.11 0.00
CA ILE A 60 4.21 -6.87 0.79
C ILE A 60 3.71 -7.27 2.18
N MET A 61 4.60 -7.60 3.07
CA MET A 61 4.16 -8.00 4.43
C MET A 61 3.48 -6.81 5.10
N ILE A 62 2.18 -6.74 5.06
CA ILE A 62 1.49 -5.60 5.71
C ILE A 62 1.38 -5.90 7.20
N SER A 63 2.00 -5.13 8.06
CA SER A 63 1.90 -5.46 9.50
C SER A 63 1.61 -4.22 10.35
N PHE A 64 0.95 -4.42 11.44
CA PHE A 64 0.64 -3.26 12.35
C PHE A 64 1.86 -2.97 13.22
N ALA A 65 2.16 -1.72 13.47
CA ALA A 65 3.37 -1.41 14.31
C ALA A 65 3.34 0.05 14.76
N VAL A 66 4.34 0.46 15.50
CA VAL A 66 4.39 1.87 15.98
C VAL A 66 5.81 2.18 16.48
N ARG A 67 5.94 3.04 17.48
CA ARG A 67 7.29 3.40 18.03
C ARG A 67 8.24 2.20 17.91
N GLU A 68 7.98 1.14 18.63
CA GLU A 68 8.86 -0.06 18.55
C GLU A 68 8.99 -0.49 17.09
N HIS A 69 10.20 -0.77 16.64
CA HIS A 69 10.38 -1.19 15.23
C HIS A 69 11.67 -2.01 15.11
N GLY A 70 12.79 -1.37 14.96
CA GLY A 70 14.07 -2.12 14.83
C GLY A 70 14.77 -1.71 13.53
N ASP A 71 14.69 -0.45 13.17
CA ASP A 71 15.35 0.00 11.92
C ASP A 71 15.11 1.50 11.72
N PHE A 72 14.98 1.95 10.51
CA PHE A 72 14.74 3.39 10.26
C PHE A 72 13.25 3.61 9.92
N TYR A 73 12.38 3.04 10.70
CA TYR A 73 10.92 3.20 10.44
C TYR A 73 10.18 3.25 11.76
N PRO A 74 10.67 4.09 12.64
CA PRO A 74 10.08 4.26 13.97
C PRO A 74 8.74 5.01 13.85
N PHE A 75 7.72 4.54 14.51
CA PHE A 75 6.41 5.22 14.42
C PHE A 75 6.06 5.88 15.75
N ASP A 76 4.85 6.35 15.86
CA ASP A 76 4.43 7.04 17.10
C ASP A 76 2.98 7.50 16.99
N GLY A 77 2.08 6.59 16.68
CA GLY A 77 0.62 6.94 16.55
C GLY A 77 0.39 8.46 16.42
N PRO A 78 0.42 9.13 17.55
CA PRO A 78 0.21 10.59 17.58
C PRO A 78 1.33 11.29 16.81
N GLY A 79 1.39 11.06 15.53
CA GLY A 79 2.44 11.70 14.69
C GLY A 79 2.04 11.56 13.22
N ASN A 80 2.16 12.60 12.46
CA ASN A 80 1.78 12.54 11.01
C ASN A 80 2.21 11.19 10.43
N VAL A 81 3.33 10.68 10.84
CA VAL A 81 3.80 9.37 10.31
C VAL A 81 2.71 8.32 10.53
N LEU A 82 1.78 8.19 9.60
CA LEU A 82 0.67 7.21 9.79
C LEU A 82 1.06 5.76 9.36
N ALA A 83 1.64 5.56 8.20
CA ALA A 83 1.99 4.16 7.80
C ALA A 83 3.08 4.14 6.70
N HIS A 84 3.40 3.01 6.15
CA HIS A 84 4.44 3.01 5.09
C HIS A 84 4.73 1.61 4.58
N ALA A 85 5.70 1.48 3.72
CA ALA A 85 6.06 0.16 3.17
C ALA A 85 7.53 0.16 2.75
N TYR A 86 8.02 -0.93 2.19
CA TYR A 86 9.47 -0.95 1.82
C TYR A 86 9.65 -1.10 0.31
N ALA A 87 10.88 -1.34 -0.10
CA ALA A 87 11.19 -1.49 -1.54
C ALA A 87 11.72 -2.91 -1.81
N PRO A 88 12.30 -3.14 -2.95
CA PRO A 88 12.83 -4.48 -3.29
C PRO A 88 14.11 -4.78 -2.50
N GLY A 89 14.15 -5.92 -1.86
CA GLY A 89 15.36 -6.30 -1.07
C GLY A 89 15.19 -7.72 -0.54
N PRO A 90 16.08 -8.11 0.33
CA PRO A 90 16.02 -9.46 0.94
C PRO A 90 14.90 -9.52 1.97
N GLY A 91 13.75 -10.04 1.61
CA GLY A 91 12.62 -10.10 2.59
C GLY A 91 11.91 -8.76 2.60
N ILE A 92 12.66 -7.69 2.72
CA ILE A 92 12.04 -6.33 2.71
C ILE A 92 11.56 -6.01 1.30
N ASN A 93 11.63 -6.96 0.39
CA ASN A 93 11.16 -6.70 -1.00
C ASN A 93 9.65 -6.43 -0.98
N GLY A 94 9.25 -5.39 -0.31
CA GLY A 94 7.80 -5.07 -0.23
C GLY A 94 7.25 -5.45 1.15
N ASP A 95 7.04 -4.47 1.98
CA ASP A 95 6.50 -4.76 3.33
C ASP A 95 5.86 -3.47 3.85
N ALA A 96 4.59 -3.48 4.16
CA ALA A 96 3.93 -2.25 4.65
C ALA A 96 3.60 -2.37 6.11
N HIS A 97 3.15 -1.30 6.70
CA HIS A 97 2.77 -1.37 8.13
C HIS A 97 1.90 -0.17 8.51
N PHE A 98 0.88 -0.44 9.27
CA PHE A 98 -0.05 0.63 9.73
C PHE A 98 0.29 1.03 11.17
N ASP A 99 0.30 2.30 11.49
CA ASP A 99 0.61 2.71 12.89
C ASP A 99 -0.42 2.05 13.81
N ASP A 100 -0.06 1.80 15.05
CA ASP A 100 -1.01 1.15 15.98
C ASP A 100 -1.35 2.10 17.13
N ASP A 101 -0.86 3.30 17.10
CA ASP A 101 -1.17 4.24 18.20
C ASP A 101 -2.06 5.38 17.69
N GLU A 102 -2.82 5.14 16.66
CA GLU A 102 -3.73 6.19 16.12
C GLU A 102 -5.14 5.61 15.97
N GLN A 103 -5.47 5.13 14.81
CA GLN A 103 -6.81 4.54 14.59
C GLN A 103 -6.90 4.10 13.13
N TRP A 104 -7.90 3.37 12.77
CA TRP A 104 -8.02 2.92 11.37
C TRP A 104 -9.47 2.56 11.07
N THR A 105 -10.02 3.03 9.99
CA THR A 105 -11.43 2.69 9.67
C THR A 105 -11.67 2.87 8.18
N LYS A 106 -12.57 2.10 7.64
CA LYS A 106 -12.91 2.23 6.21
C LYS A 106 -13.87 3.40 6.07
N ASP A 107 -14.65 3.60 7.09
CA ASP A 107 -15.62 4.74 7.09
C ASP A 107 -14.89 5.98 7.58
N THR A 108 -13.86 6.40 6.86
CA THR A 108 -13.02 7.58 7.25
C THR A 108 -13.46 8.17 8.60
N THR A 109 -13.39 7.38 9.64
CA THR A 109 -13.79 7.85 10.98
C THR A 109 -12.63 7.68 11.95
N GLY A 110 -11.83 6.67 11.76
CA GLY A 110 -10.67 6.46 12.67
C GLY A 110 -9.48 7.21 12.08
N THR A 111 -8.92 6.67 11.04
CA THR A 111 -7.77 7.34 10.38
C THR A 111 -8.01 7.30 8.88
N ASN A 112 -7.72 6.17 8.28
CA ASN A 112 -7.92 6.04 6.82
C ASN A 112 -7.50 4.63 6.38
N LEU A 113 -8.27 3.66 6.81
CA LEU A 113 -8.01 2.22 6.49
C LEU A 113 -7.31 2.04 5.14
N PHE A 114 -8.06 1.77 4.11
CA PHE A 114 -7.46 1.51 2.77
C PHE A 114 -6.77 2.75 2.25
N LEU A 115 -6.86 3.85 2.91
CA LEU A 115 -6.13 5.03 2.41
C LEU A 115 -4.65 4.72 2.58
N VAL A 116 -4.22 4.55 3.79
CA VAL A 116 -2.80 4.21 4.04
C VAL A 116 -2.54 2.81 3.52
N ALA A 117 -3.57 2.06 3.27
CA ALA A 117 -3.34 0.69 2.77
C ALA A 117 -2.84 0.80 1.34
N ALA A 118 -3.61 1.33 0.43
CA ALA A 118 -3.07 1.46 -0.92
C ALA A 118 -1.90 2.40 -0.85
N HIS A 119 -1.76 3.12 0.22
CA HIS A 119 -0.58 3.99 0.32
C HIS A 119 0.66 3.09 0.46
N GLU A 120 0.61 2.14 1.35
CA GLU A 120 1.78 1.24 1.53
C GLU A 120 1.79 0.13 0.47
N ILE A 121 0.67 -0.51 0.20
CA ILE A 121 0.68 -1.57 -0.84
C ILE A 121 1.05 -0.89 -2.15
N GLY A 122 0.67 0.35 -2.25
CA GLY A 122 1.00 1.15 -3.45
C GLY A 122 2.46 1.54 -3.36
N HIS A 123 2.93 1.70 -2.18
CA HIS A 123 4.36 2.08 -1.98
C HIS A 123 5.28 1.00 -2.55
N SER A 124 5.07 -0.22 -2.17
CA SER A 124 5.98 -1.32 -2.64
C SER A 124 5.60 -1.83 -4.03
N LEU A 125 4.38 -2.24 -4.22
CA LEU A 125 3.96 -2.78 -5.56
C LEU A 125 3.13 -1.77 -6.34
N GLY A 126 3.27 -0.53 -6.02
CA GLY A 126 2.46 0.50 -6.72
C GLY A 126 3.37 1.55 -7.34
N LEU A 127 3.84 2.47 -6.56
CA LEU A 127 4.72 3.53 -7.12
C LEU A 127 5.37 4.33 -5.99
N PHE A 128 5.85 5.50 -6.30
CA PHE A 128 6.50 6.33 -5.24
C PHE A 128 5.50 7.35 -4.69
N HIS A 129 5.14 8.33 -5.48
CA HIS A 129 4.17 9.35 -4.98
C HIS A 129 3.59 10.11 -6.19
N SER A 130 2.49 9.64 -6.71
CA SER A 130 1.88 10.35 -7.88
C SER A 130 1.08 11.55 -7.38
N ALA A 131 0.54 12.32 -8.28
CA ALA A 131 -0.29 13.48 -7.87
C ALA A 131 -1.46 12.94 -7.09
N ASN A 132 -1.24 12.65 -5.84
CA ASN A 132 -2.33 12.08 -5.04
C ASN A 132 -3.23 13.15 -4.48
N THR A 133 -3.05 14.39 -4.92
CA THR A 133 -4.01 15.43 -4.45
C THR A 133 -5.39 14.84 -4.70
N GLU A 134 -5.45 13.97 -5.68
CA GLU A 134 -6.69 13.25 -6.01
C GLU A 134 -6.43 11.76 -5.73
N ALA A 135 -5.22 11.30 -6.00
CA ALA A 135 -4.91 9.84 -5.80
C ALA A 135 -5.04 9.43 -4.33
N LEU A 136 -4.50 8.28 -4.03
CA LEU A 136 -4.60 7.73 -2.64
C LEU A 136 -3.29 7.90 -1.87
N MET A 137 -2.24 8.30 -2.51
CA MET A 137 -0.96 8.43 -1.75
C MET A 137 -0.89 9.76 -0.99
N TYR A 138 -1.82 10.64 -1.20
CA TYR A 138 -1.75 11.94 -0.45
C TYR A 138 -3.13 12.43 0.03
N PRO A 139 -4.15 11.59 0.03
CA PRO A 139 -5.45 12.05 0.52
C PRO A 139 -5.39 12.16 2.03
N LEU A 140 -4.66 11.25 2.64
CA LEU A 140 -4.50 11.22 4.14
C LEU A 140 -5.17 12.42 4.79
N TYR A 141 -4.59 13.58 4.66
CA TYR A 141 -5.21 14.79 5.26
C TYR A 141 -6.51 15.11 4.51
N HIS A 142 -7.46 14.19 4.52
CA HIS A 142 -8.75 14.44 3.81
C HIS A 142 -9.75 13.34 4.19
N SER A 143 -10.59 12.94 3.27
CA SER A 143 -11.59 11.87 3.58
C SER A 143 -11.89 11.04 2.34
N LEU A 144 -11.36 9.85 2.28
CA LEU A 144 -11.59 8.98 1.09
C LEU A 144 -10.83 7.66 1.27
N THR A 145 -10.97 7.05 2.41
CA THR A 145 -10.23 5.78 2.65
C THR A 145 -11.16 4.59 2.42
N ASP A 146 -12.44 4.82 2.30
CA ASP A 146 -13.37 3.68 2.06
C ASP A 146 -14.82 4.16 2.00
N LEU A 147 -15.12 5.33 2.52
CA LEU A 147 -16.55 5.83 2.51
C LEU A 147 -17.30 5.35 1.25
N THR A 148 -17.43 6.19 0.26
CA THR A 148 -18.16 5.77 -0.97
C THR A 148 -17.34 6.17 -2.21
N ARG A 149 -16.40 7.06 -2.06
CA ARG A 149 -15.58 7.49 -3.23
C ARG A 149 -14.20 6.86 -3.11
N PHE A 150 -13.83 6.48 -1.91
CA PHE A 150 -12.50 5.85 -1.63
C PHE A 150 -11.94 5.19 -2.90
N ARG A 151 -10.83 5.68 -3.38
CA ARG A 151 -10.21 5.07 -4.60
C ARG A 151 -8.95 5.82 -4.99
N LEU A 152 -8.22 5.31 -5.94
CA LEU A 152 -6.96 6.00 -6.37
C LEU A 152 -7.25 7.02 -7.46
N SER A 153 -6.26 7.80 -7.81
CA SER A 153 -6.46 8.82 -8.88
C SER A 153 -5.78 8.35 -10.17
N GLN A 154 -5.70 9.23 -11.13
CA GLN A 154 -5.06 8.87 -12.41
C GLN A 154 -3.54 9.02 -12.30
N ASP A 155 -3.08 9.71 -11.29
CA ASP A 155 -1.64 9.87 -11.14
C ASP A 155 -1.08 8.63 -10.45
N ASP A 156 -1.66 8.21 -9.34
CA ASP A 156 -1.10 6.98 -8.72
C ASP A 156 -1.34 5.85 -9.72
N ILE A 157 -2.48 5.85 -10.38
CA ILE A 157 -2.73 4.80 -11.40
C ILE A 157 -1.60 4.90 -12.42
N ASN A 158 -1.15 6.10 -12.66
CA ASN A 158 -0.04 6.30 -13.64
C ASN A 158 1.23 5.69 -13.08
N GLY A 159 1.60 6.04 -11.87
CA GLY A 159 2.84 5.49 -11.27
C GLY A 159 2.80 3.96 -11.27
N ILE A 160 1.78 3.37 -10.73
CA ILE A 160 1.70 1.88 -10.69
C ILE A 160 1.62 1.35 -12.10
N GLN A 161 0.80 1.95 -12.92
CA GLN A 161 0.70 1.48 -14.32
C GLN A 161 2.11 1.52 -14.91
N SER A 162 2.93 2.39 -14.39
CA SER A 162 4.33 2.48 -14.87
C SER A 162 5.12 1.37 -14.19
N LEU A 163 4.61 0.87 -13.09
CA LEU A 163 5.29 -0.22 -12.37
C LEU A 163 5.16 -1.48 -13.23
N TYR A 164 3.96 -1.95 -13.38
CA TYR A 164 3.74 -3.16 -14.23
C TYR A 164 3.19 -2.71 -15.59
N GLY A 165 2.09 -3.25 -16.02
CA GLY A 165 1.52 -2.81 -17.33
C GLY A 165 2.05 -3.70 -18.46
N PRO A 166 2.23 -3.09 -19.59
CA PRO A 166 2.72 -3.81 -20.78
C PRO A 166 4.21 -4.17 -20.61
N PRO A 167 4.70 -4.91 -21.56
CA PRO A 167 6.12 -5.34 -21.56
C PRO A 167 7.03 -4.14 -21.81
N PRO A 168 8.32 -4.38 -21.72
CA PRO A 168 9.32 -3.32 -21.93
C PRO A 168 9.30 -2.89 -23.41
N ASP A 169 10.38 -2.32 -23.89
CA ASP A 169 10.45 -1.84 -25.31
C ASP A 169 9.53 -2.67 -26.20
N SER A 170 9.66 -3.97 -26.17
CA SER A 170 8.80 -4.83 -27.02
C SER A 170 7.36 -4.31 -26.97
N PRO A 171 6.98 -3.62 -28.02
CA PRO A 171 5.63 -3.05 -28.11
C PRO A 171 4.60 -4.15 -28.37
N GLU A 172 4.89 -5.06 -29.25
CA GLU A 172 3.92 -6.15 -29.53
C GLU A 172 4.54 -7.51 -29.18
N THR A 173 3.73 -8.49 -28.91
CA THR A 173 4.27 -9.82 -28.55
C THR A 173 4.78 -10.53 -29.81
N PHE A 1 10.17 14.49 -4.22
CA PHE A 1 9.10 14.11 -3.27
C PHE A 1 7.89 13.58 -4.04
N ARG A 2 8.11 12.90 -5.12
CA ARG A 2 6.98 12.35 -5.92
C ARG A 2 7.41 11.10 -6.67
N THR A 3 6.62 10.63 -7.59
CA THR A 3 6.99 9.40 -8.35
C THR A 3 8.46 9.51 -8.79
N PHE A 4 9.30 8.67 -8.26
CA PHE A 4 10.74 8.71 -8.65
C PHE A 4 10.85 8.84 -10.17
N PRO A 5 12.05 9.07 -10.62
CA PRO A 5 12.31 9.21 -12.07
C PRO A 5 12.24 7.84 -12.74
N GLY A 6 11.07 7.24 -12.74
CA GLY A 6 10.93 5.89 -13.38
C GLY A 6 11.60 4.84 -12.50
N ILE A 7 10.84 4.19 -11.65
CA ILE A 7 11.44 3.15 -10.76
C ILE A 7 10.50 1.94 -10.69
N PRO A 8 10.78 0.98 -11.53
CA PRO A 8 9.98 -0.25 -11.58
C PRO A 8 10.28 -1.11 -10.34
N LYS A 9 9.52 -0.94 -9.29
CA LYS A 9 9.77 -1.73 -8.05
C LYS A 9 9.86 -3.22 -8.40
N TRP A 10 8.75 -3.87 -8.61
CA TRP A 10 8.80 -5.32 -8.95
C TRP A 10 8.64 -5.52 -10.46
N ARG A 11 8.72 -6.75 -10.91
CA ARG A 11 8.58 -7.01 -12.38
C ARG A 11 7.73 -8.26 -12.59
N LYS A 12 7.86 -9.25 -11.74
CA LYS A 12 7.04 -10.50 -11.91
C LYS A 12 5.59 -10.15 -12.18
N THR A 13 4.77 -11.13 -12.41
CA THR A 13 3.34 -10.87 -12.68
C THR A 13 2.49 -11.50 -11.57
N HIS A 14 3.12 -12.11 -10.60
CA HIS A 14 2.32 -12.73 -9.51
C HIS A 14 2.90 -12.34 -8.15
N LEU A 15 2.39 -11.30 -7.57
CA LEU A 15 2.90 -10.85 -6.24
C LEU A 15 2.01 -11.44 -5.15
N THR A 16 2.37 -11.26 -3.90
CA THR A 16 1.54 -11.81 -2.80
C THR A 16 1.69 -10.89 -1.59
N TYR A 17 0.74 -10.88 -0.70
CA TYR A 17 0.88 -10.00 0.48
C TYR A 17 0.47 -10.76 1.74
N ARG A 18 0.80 -10.23 2.89
CA ARG A 18 0.43 -10.93 4.16
C ARG A 18 -0.37 -9.96 5.04
N ILE A 19 -1.56 -10.32 5.42
CA ILE A 19 -2.38 -9.40 6.26
C ILE A 19 -1.96 -9.53 7.73
N VAL A 20 -0.94 -8.84 8.14
CA VAL A 20 -0.49 -8.93 9.56
C VAL A 20 -0.97 -7.69 10.35
N ASN A 21 -1.82 -6.88 9.75
CA ASN A 21 -2.34 -5.69 10.47
C ASN A 21 -3.72 -6.01 11.03
N TYR A 22 -4.16 -5.27 12.01
CA TYR A 22 -5.51 -5.51 12.57
C TYR A 22 -5.75 -4.56 13.76
N THR A 23 -6.11 -3.34 13.47
CA THR A 23 -6.38 -2.37 14.56
C THR A 23 -7.71 -2.73 15.21
N PRO A 24 -7.89 -2.26 16.41
CA PRO A 24 -9.14 -2.54 17.14
C PRO A 24 -10.26 -1.78 16.46
N ASP A 25 -9.92 -0.76 15.74
CA ASP A 25 -10.96 0.00 15.01
C ASP A 25 -11.31 -0.76 13.74
N LEU A 26 -10.69 -1.91 13.54
CA LEU A 26 -10.98 -2.71 12.32
C LEU A 26 -10.83 -4.19 12.63
N PRO A 27 -11.91 -4.91 12.48
CA PRO A 27 -11.87 -6.36 12.69
C PRO A 27 -11.00 -7.01 11.62
N LYS A 28 -10.78 -8.28 11.74
CA LYS A 28 -9.93 -9.00 10.74
C LYS A 28 -10.23 -8.47 9.33
N ASP A 29 -11.42 -8.70 8.87
CA ASP A 29 -11.80 -8.27 7.49
C ASP A 29 -11.59 -6.77 7.27
N ALA A 30 -11.70 -5.96 8.29
CA ALA A 30 -11.51 -4.50 8.07
C ALA A 30 -10.03 -4.21 7.80
N VAL A 31 -9.18 -4.51 8.74
CA VAL A 31 -7.73 -4.26 8.48
C VAL A 31 -7.37 -5.02 7.21
N ASP A 32 -7.84 -6.24 7.12
CA ASP A 32 -7.60 -7.04 5.92
C ASP A 32 -8.22 -6.30 4.76
N SER A 33 -9.24 -5.54 5.04
CA SER A 33 -9.89 -4.75 3.98
C SER A 33 -8.85 -3.82 3.38
N ALA A 34 -8.31 -2.90 4.14
CA ALA A 34 -7.27 -1.98 3.60
C ALA A 34 -6.19 -2.77 2.89
N VAL A 35 -5.93 -3.94 3.34
CA VAL A 35 -4.91 -4.78 2.69
C VAL A 35 -5.49 -5.29 1.38
N GLU A 36 -6.79 -5.35 1.35
CA GLU A 36 -7.50 -5.83 0.14
C GLU A 36 -7.80 -4.66 -0.80
N LYS A 37 -8.05 -3.51 -0.25
CA LYS A 37 -8.35 -2.35 -1.11
C LYS A 37 -7.01 -1.79 -1.56
N ALA A 38 -6.04 -1.81 -0.69
CA ALA A 38 -4.68 -1.35 -1.06
C ALA A 38 -4.14 -2.32 -2.11
N LEU A 39 -4.01 -3.57 -1.72
CA LEU A 39 -3.50 -4.60 -2.67
C LEU A 39 -4.31 -4.58 -3.95
N LYS A 40 -5.60 -4.46 -3.83
CA LYS A 40 -6.45 -4.47 -5.06
C LYS A 40 -6.23 -3.17 -5.82
N VAL A 41 -6.01 -2.10 -5.11
CA VAL A 41 -5.80 -0.82 -5.79
C VAL A 41 -4.61 -0.99 -6.74
N TRP A 42 -3.63 -1.75 -6.32
CA TRP A 42 -2.46 -1.95 -7.22
C TRP A 42 -2.65 -3.19 -8.08
N GLU A 43 -3.44 -4.12 -7.65
CA GLU A 43 -3.66 -5.33 -8.48
C GLU A 43 -4.52 -4.96 -9.66
N GLU A 44 -5.32 -3.96 -9.50
CA GLU A 44 -6.18 -3.54 -10.61
C GLU A 44 -5.49 -2.46 -11.43
N VAL A 45 -4.87 -1.52 -10.78
CA VAL A 45 -4.20 -0.45 -11.57
C VAL A 45 -3.10 -1.06 -12.43
N THR A 46 -2.58 -2.22 -12.08
CA THR A 46 -1.53 -2.82 -12.96
C THR A 46 -2.07 -4.10 -13.60
N PRO A 47 -1.38 -4.52 -14.63
CA PRO A 47 -1.78 -5.73 -15.38
C PRO A 47 -1.29 -7.01 -14.69
N LEU A 48 -1.02 -6.96 -13.41
CA LEU A 48 -0.53 -8.20 -12.73
C LEU A 48 -1.55 -8.65 -11.67
N THR A 49 -1.27 -9.75 -11.01
CA THR A 49 -2.22 -10.27 -9.98
C THR A 49 -1.53 -10.36 -8.62
N PHE A 50 -2.25 -10.74 -7.60
CA PHE A 50 -1.64 -10.84 -6.24
C PHE A 50 -2.28 -12.00 -5.45
N SER A 51 -1.52 -12.66 -4.63
CA SER A 51 -2.06 -13.78 -3.81
C SER A 51 -2.00 -13.37 -2.34
N ARG A 52 -2.26 -14.26 -1.43
CA ARG A 52 -2.21 -13.86 0.00
C ARG A 52 -1.79 -15.03 0.88
N LEU A 53 -1.43 -14.74 2.10
CA LEU A 53 -1.01 -15.81 3.04
C LEU A 53 -1.04 -15.27 4.47
N TYR A 54 -0.43 -15.96 5.39
CA TYR A 54 -0.40 -15.51 6.80
C TYR A 54 0.76 -16.20 7.51
N GLU A 55 1.76 -16.59 6.76
CA GLU A 55 2.93 -17.28 7.36
C GLU A 55 4.18 -16.90 6.58
N GLY A 56 5.33 -17.36 7.00
CA GLY A 56 6.58 -17.02 6.28
C GLY A 56 6.55 -15.55 5.87
N GLU A 57 6.16 -15.27 4.65
CA GLU A 57 6.10 -13.85 4.22
C GLU A 57 5.65 -13.74 2.76
N ALA A 58 4.92 -12.72 2.44
CA ALA A 58 4.46 -12.52 1.04
C ALA A 58 5.34 -11.47 0.37
N ASP A 59 4.80 -10.76 -0.56
CA ASP A 59 5.61 -9.72 -1.23
C ASP A 59 5.43 -8.40 -0.47
N ILE A 60 4.25 -8.18 0.07
CA ILE A 60 3.95 -6.94 0.86
C ILE A 60 3.45 -7.36 2.24
N MET A 61 4.35 -7.64 3.15
CA MET A 61 3.90 -8.05 4.51
C MET A 61 3.20 -6.87 5.18
N ILE A 62 1.90 -6.83 5.14
CA ILE A 62 1.17 -5.70 5.80
C ILE A 62 1.07 -6.02 7.28
N SER A 63 1.70 -5.26 8.13
CA SER A 63 1.61 -5.60 9.59
C SER A 63 1.38 -4.38 10.46
N PHE A 64 0.81 -4.59 11.60
CA PHE A 64 0.54 -3.45 12.54
C PHE A 64 1.73 -3.31 13.50
N ALA A 65 2.14 -2.10 13.76
CA ALA A 65 3.30 -1.91 14.71
C ALA A 65 3.42 -0.44 15.11
N VAL A 66 4.58 -0.03 15.55
CA VAL A 66 4.75 1.41 15.95
C VAL A 66 6.22 1.66 16.28
N ARG A 67 6.53 2.75 16.92
CA ARG A 67 7.95 3.06 17.25
C ARG A 67 8.61 1.84 17.91
N GLU A 68 9.17 0.97 17.12
CA GLU A 68 9.82 -0.24 17.69
C GLU A 68 10.41 -1.10 16.57
N HIS A 69 10.86 -0.48 15.51
CA HIS A 69 11.43 -1.26 14.37
C HIS A 69 12.86 -1.69 14.73
N GLY A 70 13.63 -2.10 13.75
CA GLY A 70 15.03 -2.54 14.04
C GLY A 70 15.95 -2.01 12.94
N ASP A 71 15.89 -0.74 12.66
CA ASP A 71 16.77 -0.17 11.59
C ASP A 71 16.60 1.35 11.56
N PHE A 72 15.69 1.84 10.75
CA PHE A 72 15.49 3.31 10.66
C PHE A 72 14.04 3.60 10.23
N TYR A 73 13.14 2.72 10.56
CA TYR A 73 11.71 2.95 10.16
C TYR A 73 10.83 2.93 11.41
N PRO A 74 11.21 3.74 12.37
CA PRO A 74 10.46 3.83 13.63
C PRO A 74 9.13 4.56 13.39
N PHE A 75 8.03 3.95 13.74
CA PHE A 75 6.72 4.62 13.52
C PHE A 75 6.45 5.61 14.64
N ASP A 76 5.23 6.06 14.73
CA ASP A 76 4.88 7.05 15.77
C ASP A 76 3.41 7.40 15.64
N GLY A 77 2.52 6.44 15.77
CA GLY A 77 1.06 6.73 15.64
C GLY A 77 0.75 8.17 16.08
N PRO A 78 1.20 8.55 17.26
CA PRO A 78 0.98 9.93 17.73
C PRO A 78 1.75 10.91 16.85
N GLY A 79 1.45 10.92 15.58
CA GLY A 79 2.17 11.83 14.65
C GLY A 79 1.62 11.64 13.24
N ASN A 80 1.81 12.61 12.38
CA ASN A 80 1.28 12.50 10.99
C ASN A 80 1.73 11.18 10.36
N VAL A 81 2.94 10.76 10.61
CA VAL A 81 3.44 9.48 10.01
C VAL A 81 2.47 8.32 10.31
N LEU A 82 1.43 8.21 9.53
CA LEU A 82 0.44 7.11 9.76
C LEU A 82 1.03 5.71 9.44
N ALA A 83 1.19 5.38 8.18
CA ALA A 83 1.74 4.02 7.85
C ALA A 83 2.81 4.09 6.75
N HIS A 84 3.31 2.96 6.32
CA HIS A 84 4.36 2.98 5.24
C HIS A 84 4.81 1.56 4.91
N ALA A 85 5.54 1.39 3.84
CA ALA A 85 5.99 0.03 3.48
C ALA A 85 7.49 0.03 3.14
N TYR A 86 8.01 -1.03 2.58
CA TYR A 86 9.47 -1.04 2.26
C TYR A 86 9.69 -1.09 0.75
N ALA A 87 10.90 -1.35 0.35
CA ALA A 87 11.23 -1.41 -1.11
C ALA A 87 11.89 -2.75 -1.42
N PRO A 88 12.32 -2.93 -2.65
CA PRO A 88 12.97 -4.19 -3.06
C PRO A 88 14.33 -4.34 -2.39
N GLY A 89 14.66 -5.53 -1.96
CA GLY A 89 15.97 -5.76 -1.29
C GLY A 89 16.00 -7.19 -0.73
N PRO A 90 16.28 -7.28 0.55
CA PRO A 90 16.34 -8.58 1.22
C PRO A 90 14.92 -9.14 1.43
N GLY A 91 14.32 -8.88 2.57
CA GLY A 91 12.94 -9.39 2.81
C GLY A 91 11.97 -8.21 2.78
N ILE A 92 12.48 -7.02 2.93
CA ILE A 92 11.59 -5.83 2.89
C ILE A 92 11.16 -5.58 1.44
N ASN A 93 11.39 -6.53 0.57
CA ASN A 93 10.98 -6.35 -0.86
C ASN A 93 9.45 -6.27 -0.90
N GLY A 94 8.90 -5.27 -0.29
CA GLY A 94 7.43 -5.13 -0.25
C GLY A 94 6.93 -5.47 1.16
N ASP A 95 6.64 -4.49 1.94
CA ASP A 95 6.15 -4.77 3.31
C ASP A 95 5.50 -3.50 3.83
N ALA A 96 4.25 -3.54 4.18
CA ALA A 96 3.61 -2.30 4.67
C ALA A 96 3.28 -2.46 6.14
N HIS A 97 3.00 -1.39 6.82
CA HIS A 97 2.64 -1.53 8.25
C HIS A 97 1.92 -0.25 8.71
N PHE A 98 0.86 -0.46 9.44
CA PHE A 98 0.05 0.66 9.98
C PHE A 98 0.48 0.97 11.43
N ASP A 99 0.70 2.22 11.75
CA ASP A 99 1.06 2.53 13.16
C ASP A 99 -0.16 2.20 14.03
N ASP A 100 0.02 1.46 15.08
CA ASP A 100 -1.14 1.08 15.94
C ASP A 100 -1.26 2.03 17.13
N ASP A 101 -0.73 3.21 17.02
CA ASP A 101 -0.84 4.16 18.16
C ASP A 101 -2.11 5.01 18.00
N GLU A 102 -2.65 5.10 16.81
CA GLU A 102 -3.89 5.92 16.62
C GLU A 102 -5.05 4.97 16.29
N GLN A 103 -5.80 5.25 15.27
CA GLN A 103 -6.93 4.36 14.89
C GLN A 103 -6.86 4.04 13.40
N TRP A 104 -7.83 3.35 12.88
CA TRP A 104 -7.81 3.01 11.44
C TRP A 104 -9.23 2.63 11.01
N THR A 105 -9.76 3.26 9.99
CA THR A 105 -11.14 2.91 9.57
C THR A 105 -11.28 3.03 8.05
N LYS A 106 -12.13 2.24 7.49
CA LYS A 106 -12.35 2.33 6.02
C LYS A 106 -13.37 3.43 5.79
N ASP A 107 -14.27 3.58 6.71
CA ASP A 107 -15.31 4.65 6.59
C ASP A 107 -14.70 5.95 7.09
N THR A 108 -13.68 6.42 6.40
CA THR A 108 -12.94 7.66 6.78
C THR A 108 -13.45 8.26 8.10
N THR A 109 -13.35 7.51 9.17
CA THR A 109 -13.84 8.01 10.48
C THR A 109 -12.73 7.89 11.52
N GLY A 110 -11.88 6.91 11.40
CA GLY A 110 -10.78 6.75 12.39
C GLY A 110 -9.53 7.40 11.82
N THR A 111 -8.84 6.70 10.97
CA THR A 111 -7.63 7.28 10.33
C THR A 111 -7.81 7.18 8.82
N ASN A 112 -7.27 6.17 8.22
CA ASN A 112 -7.42 6.02 6.76
C ASN A 112 -7.09 4.57 6.40
N LEU A 113 -7.91 3.65 6.84
CA LEU A 113 -7.67 2.21 6.56
C LEU A 113 -7.09 2.02 5.15
N PHE A 114 -7.90 1.66 4.20
CA PHE A 114 -7.38 1.43 2.83
C PHE A 114 -6.71 2.69 2.30
N LEU A 115 -6.86 3.80 2.93
CA LEU A 115 -6.17 4.97 2.39
C LEU A 115 -4.68 4.69 2.50
N VAL A 116 -4.18 4.71 3.68
CA VAL A 116 -2.75 4.40 3.88
C VAL A 116 -2.51 2.93 3.55
N ALA A 117 -3.54 2.16 3.26
CA ALA A 117 -3.28 0.74 2.90
C ALA A 117 -2.72 0.75 1.49
N ALA A 118 -3.46 1.28 0.55
CA ALA A 118 -2.90 1.35 -0.80
C ALA A 118 -1.73 2.29 -0.75
N HIS A 119 -1.65 3.09 0.26
CA HIS A 119 -0.48 3.99 0.33
C HIS A 119 0.76 3.13 0.60
N GLU A 120 0.64 2.11 1.41
CA GLU A 120 1.81 1.24 1.67
C GLU A 120 1.90 0.13 0.62
N ILE A 121 0.81 -0.55 0.36
CA ILE A 121 0.84 -1.63 -0.66
C ILE A 121 1.28 -0.99 -1.97
N GLY A 122 0.91 0.25 -2.13
CA GLY A 122 1.29 0.99 -3.36
C GLY A 122 2.71 1.52 -3.19
N HIS A 123 3.05 1.89 -2.00
CA HIS A 123 4.41 2.42 -1.77
C HIS A 123 5.47 1.42 -2.23
N SER A 124 5.31 0.18 -1.89
CA SER A 124 6.32 -0.84 -2.28
C SER A 124 6.01 -1.46 -3.65
N LEU A 125 4.82 -1.98 -3.81
CA LEU A 125 4.46 -2.64 -5.10
C LEU A 125 3.54 -1.74 -5.92
N GLY A 126 3.76 -0.46 -5.88
CA GLY A 126 2.86 0.45 -6.63
C GLY A 126 3.67 1.59 -7.23
N LEU A 127 4.01 2.56 -6.44
CA LEU A 127 4.79 3.70 -7.00
C LEU A 127 5.31 4.58 -5.86
N PHE A 128 5.66 5.80 -6.17
CA PHE A 128 6.18 6.73 -5.12
C PHE A 128 5.07 7.70 -4.72
N HIS A 129 4.83 8.71 -5.51
CA HIS A 129 3.76 9.69 -5.17
C HIS A 129 3.32 10.44 -6.44
N SER A 130 2.07 10.36 -6.77
CA SER A 130 1.56 11.06 -8.00
C SER A 130 0.70 12.24 -7.56
N ALA A 131 -0.01 12.84 -8.48
CA ALA A 131 -0.92 13.95 -8.10
C ALA A 131 -1.98 13.35 -7.23
N ASN A 132 -1.62 13.03 -6.02
CA ASN A 132 -2.58 12.38 -5.13
C ASN A 132 -3.55 13.37 -4.53
N THR A 133 -3.52 14.60 -4.96
CA THR A 133 -4.54 15.55 -4.44
C THR A 133 -5.87 14.83 -4.63
N GLU A 134 -5.88 13.97 -5.62
CA GLU A 134 -7.07 13.14 -5.91
C GLU A 134 -6.68 11.67 -5.66
N ALA A 135 -5.44 11.32 -5.95
CA ALA A 135 -5.00 9.90 -5.76
C ALA A 135 -5.09 9.45 -4.30
N LEU A 136 -4.37 8.40 -4.00
CA LEU A 136 -4.37 7.82 -2.62
C LEU A 136 -3.19 8.34 -1.79
N MET A 137 -2.18 8.84 -2.40
CA MET A 137 -1.00 9.28 -1.60
C MET A 137 -1.22 10.64 -0.94
N TYR A 138 -2.29 11.35 -1.26
CA TYR A 138 -2.51 12.68 -0.60
C TYR A 138 -3.95 12.86 -0.07
N PRO A 139 -4.73 11.80 0.04
CA PRO A 139 -6.11 11.94 0.56
C PRO A 139 -6.06 12.07 2.07
N LEU A 140 -5.15 11.35 2.69
CA LEU A 140 -5.00 11.37 4.19
C LEU A 140 -5.63 12.63 4.77
N TYR A 141 -5.08 13.77 4.50
CA TYR A 141 -5.68 15.03 5.03
C TYR A 141 -7.03 15.26 4.36
N HIS A 142 -7.96 14.34 4.51
CA HIS A 142 -9.29 14.49 3.87
C HIS A 142 -10.15 13.27 4.21
N SER A 143 -10.81 12.68 3.24
CA SER A 143 -11.66 11.49 3.55
C SER A 143 -11.94 10.70 2.27
N LEU A 144 -11.45 9.49 2.18
CA LEU A 144 -11.67 8.67 0.95
C LEU A 144 -10.98 7.32 1.12
N THR A 145 -11.32 6.58 2.14
CA THR A 145 -10.69 5.26 2.35
C THR A 145 -11.73 4.16 2.18
N ASP A 146 -12.97 4.52 2.07
CA ASP A 146 -14.04 3.49 1.89
C ASP A 146 -15.42 4.14 1.83
N LEU A 147 -15.58 5.35 2.34
CA LEU A 147 -16.94 6.00 2.31
C LEU A 147 -17.65 5.66 1.00
N THR A 148 -17.07 6.02 -0.10
CA THR A 148 -17.69 5.73 -1.42
C THR A 148 -16.81 6.30 -2.53
N ARG A 149 -16.14 7.38 -2.24
CA ARG A 149 -15.25 8.00 -3.26
C ARG A 149 -13.86 7.38 -3.13
N PHE A 150 -13.58 6.83 -1.98
CA PHE A 150 -12.26 6.20 -1.74
C PHE A 150 -11.78 5.47 -3.00
N ARG A 151 -10.70 5.90 -3.56
CA ARG A 151 -10.16 5.25 -4.79
C ARG A 151 -8.90 5.98 -5.24
N LEU A 152 -8.02 5.30 -5.91
CA LEU A 152 -6.78 5.97 -6.38
C LEU A 152 -7.12 6.99 -7.47
N SER A 153 -6.19 7.84 -7.80
CA SER A 153 -6.46 8.85 -8.86
C SER A 153 -5.84 8.41 -10.19
N GLN A 154 -5.82 9.29 -11.13
CA GLN A 154 -5.24 8.95 -12.47
C GLN A 154 -3.74 9.13 -12.44
N ASP A 155 -3.23 9.95 -11.55
CA ASP A 155 -1.78 10.14 -11.50
C ASP A 155 -1.19 8.97 -10.71
N ASP A 156 -1.82 8.54 -9.65
CA ASP A 156 -1.26 7.38 -8.93
C ASP A 156 -1.44 6.15 -9.81
N ILE A 157 -2.54 6.07 -10.53
CA ILE A 157 -2.73 4.93 -11.45
C ILE A 157 -1.59 4.99 -12.46
N ASN A 158 -1.21 6.19 -12.78
CA ASN A 158 -0.09 6.39 -13.75
C ASN A 158 1.21 5.88 -13.13
N GLY A 159 1.46 6.22 -11.90
CA GLY A 159 2.72 5.76 -11.23
C GLY A 159 2.75 4.23 -11.18
N ILE A 160 1.78 3.61 -10.55
CA ILE A 160 1.81 2.13 -10.48
C ILE A 160 1.76 1.54 -11.89
N GLN A 161 0.90 2.05 -12.72
CA GLN A 161 0.85 1.53 -14.11
C GLN A 161 2.25 1.66 -14.69
N SER A 162 3.02 2.57 -14.15
CA SER A 162 4.43 2.74 -14.62
C SER A 162 5.31 1.77 -13.83
N LEU A 163 4.81 1.23 -12.75
CA LEU A 163 5.60 0.27 -11.97
C LEU A 163 5.63 -1.04 -12.73
N TYR A 164 4.47 -1.56 -13.02
CA TYR A 164 4.39 -2.83 -13.80
C TYR A 164 4.31 -2.51 -15.30
N GLY A 165 3.16 -2.66 -15.90
CA GLY A 165 3.05 -2.35 -17.36
C GLY A 165 2.35 -3.50 -18.08
N PRO A 166 1.40 -3.14 -18.91
CA PRO A 166 0.63 -4.13 -19.68
C PRO A 166 1.49 -4.69 -20.81
N PRO A 167 1.54 -6.00 -20.89
CA PRO A 167 2.31 -6.68 -21.94
C PRO A 167 1.63 -6.53 -23.29
N PRO A 168 2.40 -6.16 -24.28
CA PRO A 168 1.88 -5.98 -25.64
C PRO A 168 1.56 -7.33 -26.27
N ASP A 169 1.13 -7.34 -27.50
CA ASP A 169 0.81 -8.64 -28.17
C ASP A 169 1.91 -9.65 -27.86
N SER A 170 3.15 -9.26 -28.02
CA SER A 170 4.26 -10.21 -27.74
C SER A 170 4.93 -9.83 -26.40
N PRO A 171 5.24 -10.85 -25.64
CA PRO A 171 5.88 -10.65 -24.33
C PRO A 171 7.34 -10.23 -24.53
N GLU A 172 7.83 -10.31 -25.72
CA GLU A 172 9.25 -9.91 -25.98
C GLU A 172 9.29 -8.59 -26.75
N THR A 173 10.45 -8.09 -27.04
CA THR A 173 10.55 -6.80 -27.79
C THR A 173 10.31 -7.07 -29.28
N PHE A 1 6.63 13.20 -5.77
CA PHE A 1 7.51 13.82 -6.81
C PHE A 1 7.11 13.31 -8.19
N ARG A 2 7.08 12.01 -8.36
CA ARG A 2 6.70 11.45 -9.69
C ARG A 2 6.73 9.92 -9.62
N THR A 3 7.89 9.34 -9.48
CA THR A 3 7.98 7.86 -9.41
C THR A 3 9.44 7.44 -9.24
N PHE A 4 9.73 6.18 -9.38
CA PHE A 4 11.14 5.71 -9.24
C PHE A 4 11.80 5.64 -10.62
N PRO A 5 12.66 6.59 -10.87
CA PRO A 5 13.38 6.65 -12.16
C PRO A 5 14.44 5.55 -12.23
N GLY A 6 14.71 5.05 -13.40
CA GLY A 6 15.73 3.97 -13.54
C GLY A 6 15.04 2.64 -13.82
N ILE A 7 14.17 2.22 -12.96
CA ILE A 7 13.45 0.93 -13.18
C ILE A 7 12.17 0.89 -12.35
N PRO A 8 11.30 -0.02 -12.70
CA PRO A 8 10.02 -0.17 -12.00
C PRO A 8 10.26 -0.82 -10.63
N LYS A 9 9.33 -0.68 -9.72
CA LYS A 9 9.51 -1.29 -8.37
C LYS A 9 9.78 -2.78 -8.52
N TRP A 10 8.77 -3.59 -8.70
CA TRP A 10 9.01 -5.05 -8.85
C TRP A 10 9.01 -5.42 -10.34
N ARG A 11 8.92 -6.68 -10.66
CA ARG A 11 8.93 -7.09 -12.09
C ARG A 11 8.03 -8.30 -12.32
N LYS A 12 8.04 -9.26 -11.42
CA LYS A 12 7.19 -10.47 -11.61
C LYS A 12 5.78 -10.07 -12.04
N THR A 13 4.96 -11.04 -12.35
CA THR A 13 3.57 -10.74 -12.77
C THR A 13 2.59 -11.23 -11.70
N HIS A 14 3.07 -11.76 -10.61
CA HIS A 14 2.15 -12.24 -9.56
C HIS A 14 2.74 -11.99 -8.17
N LEU A 15 2.34 -10.92 -7.54
CA LEU A 15 2.88 -10.60 -6.19
C LEU A 15 1.96 -11.15 -5.11
N THR A 16 2.41 -11.17 -3.89
CA THR A 16 1.55 -11.66 -2.78
C THR A 16 1.82 -10.79 -1.55
N TYR A 17 0.88 -10.73 -0.64
CA TYR A 17 1.11 -9.89 0.57
C TYR A 17 0.66 -10.65 1.81
N ARG A 18 1.04 -10.19 2.96
CA ARG A 18 0.65 -10.89 4.21
C ARG A 18 -0.06 -9.92 5.15
N ILE A 19 -1.27 -10.21 5.53
CA ILE A 19 -2.00 -9.30 6.46
C ILE A 19 -1.49 -9.51 7.89
N VAL A 20 -0.41 -8.85 8.23
CA VAL A 20 0.17 -9.00 9.61
C VAL A 20 -0.31 -7.86 10.52
N ASN A 21 -1.24 -7.06 10.08
CA ASN A 21 -1.72 -5.96 10.95
C ASN A 21 -3.16 -6.24 11.37
N TYR A 22 -3.65 -5.49 12.30
CA TYR A 22 -5.04 -5.69 12.77
C TYR A 22 -5.35 -4.70 13.88
N THR A 23 -4.97 -3.46 13.72
CA THR A 23 -5.24 -2.44 14.77
C THR A 23 -6.65 -2.67 15.32
N PRO A 24 -6.85 -2.26 16.54
CA PRO A 24 -8.16 -2.41 17.18
C PRO A 24 -9.17 -1.53 16.48
N ASP A 25 -8.68 -0.50 15.85
CA ASP A 25 -9.59 0.39 15.10
C ASP A 25 -10.11 -0.38 13.89
N LEU A 26 -9.55 -1.54 13.64
CA LEU A 26 -9.99 -2.36 12.49
C LEU A 26 -9.89 -3.84 12.87
N PRO A 27 -11.02 -4.49 12.92
CA PRO A 27 -11.05 -5.91 13.25
C PRO A 27 -10.32 -6.69 12.15
N LYS A 28 -10.04 -7.95 12.41
CA LYS A 28 -9.32 -8.78 11.41
C LYS A 28 -9.76 -8.42 9.99
N ASP A 29 -10.99 -8.64 9.69
CA ASP A 29 -11.50 -8.34 8.32
C ASP A 29 -11.34 -6.86 7.97
N ALA A 30 -11.17 -5.99 8.92
CA ALA A 30 -11.01 -4.56 8.56
C ALA A 30 -9.57 -4.31 8.14
N VAL A 31 -8.62 -4.51 9.01
CA VAL A 31 -7.21 -4.31 8.59
C VAL A 31 -6.99 -5.07 7.29
N ASP A 32 -7.56 -6.24 7.20
CA ASP A 32 -7.44 -7.05 5.96
C ASP A 32 -8.20 -6.33 4.86
N SER A 33 -9.20 -5.58 5.22
CA SER A 33 -9.98 -4.83 4.20
C SER A 33 -9.07 -3.80 3.53
N ALA A 34 -8.25 -3.12 4.28
CA ALA A 34 -7.33 -2.11 3.68
C ALA A 34 -6.24 -2.82 2.91
N VAL A 35 -5.83 -3.97 3.37
CA VAL A 35 -4.78 -4.73 2.65
C VAL A 35 -5.43 -5.31 1.41
N GLU A 36 -6.71 -5.49 1.47
CA GLU A 36 -7.47 -6.05 0.33
C GLU A 36 -7.81 -4.92 -0.63
N LYS A 37 -8.11 -3.76 -0.11
CA LYS A 37 -8.45 -2.63 -0.99
C LYS A 37 -7.14 -2.07 -1.54
N ALA A 38 -6.14 -2.03 -0.72
CA ALA A 38 -4.79 -1.55 -1.16
C ALA A 38 -4.29 -2.52 -2.23
N LEU A 39 -4.12 -3.75 -1.84
CA LEU A 39 -3.62 -4.78 -2.80
C LEU A 39 -4.42 -4.73 -4.08
N LYS A 40 -5.71 -4.56 -3.98
CA LYS A 40 -6.55 -4.52 -5.21
C LYS A 40 -6.40 -3.17 -5.88
N VAL A 41 -6.23 -2.15 -5.11
CA VAL A 41 -6.06 -0.81 -5.70
C VAL A 41 -4.96 -0.88 -6.74
N TRP A 42 -3.88 -1.54 -6.41
CA TRP A 42 -2.77 -1.64 -7.40
C TRP A 42 -2.93 -2.90 -8.25
N GLU A 43 -3.61 -3.89 -7.76
CA GLU A 43 -3.78 -5.12 -8.56
C GLU A 43 -4.69 -4.80 -9.72
N GLU A 44 -5.52 -3.82 -9.53
CA GLU A 44 -6.45 -3.43 -10.61
C GLU A 44 -5.80 -2.35 -11.47
N VAL A 45 -5.16 -1.39 -10.86
CA VAL A 45 -4.52 -0.32 -11.69
C VAL A 45 -3.50 -0.96 -12.63
N THR A 46 -2.98 -2.13 -12.29
CA THR A 46 -2.00 -2.76 -13.23
C THR A 46 -2.56 -4.08 -13.73
N PRO A 47 -1.97 -4.56 -14.78
CA PRO A 47 -2.37 -5.84 -15.40
C PRO A 47 -1.82 -7.00 -14.57
N LEU A 48 -0.97 -6.72 -13.61
CA LEU A 48 -0.39 -7.81 -12.79
C LEU A 48 -1.45 -8.43 -11.87
N THR A 49 -1.07 -9.41 -11.09
CA THR A 49 -2.04 -10.06 -10.17
C THR A 49 -1.48 -10.06 -8.74
N PHE A 50 -2.26 -10.50 -7.79
CA PHE A 50 -1.77 -10.52 -6.38
C PHE A 50 -2.35 -11.73 -5.64
N SER A 51 -1.75 -12.09 -4.53
CA SER A 51 -2.25 -13.26 -3.75
C SER A 51 -2.08 -12.95 -2.27
N ARG A 52 -2.37 -13.90 -1.41
CA ARG A 52 -2.21 -13.64 0.04
C ARG A 52 -1.91 -14.95 0.79
N LEU A 53 -1.28 -14.85 1.92
CA LEU A 53 -0.95 -16.08 2.70
C LEU A 53 -1.00 -15.74 4.21
N TYR A 54 -0.04 -16.17 4.96
CA TYR A 54 -0.05 -15.86 6.43
C TYR A 54 1.17 -16.51 7.09
N GLU A 55 2.27 -16.58 6.38
CA GLU A 55 3.48 -17.21 6.97
C GLU A 55 4.72 -16.73 6.22
N GLY A 56 5.87 -17.24 6.58
CA GLY A 56 7.12 -16.83 5.88
C GLY A 56 7.09 -15.33 5.60
N GLU A 57 6.71 -14.96 4.40
CA GLU A 57 6.65 -13.50 4.07
C GLU A 57 6.23 -13.32 2.62
N ALA A 58 5.02 -12.87 2.38
CA ALA A 58 4.57 -12.64 0.99
C ALA A 58 5.48 -11.61 0.34
N ASP A 59 4.97 -10.87 -0.59
CA ASP A 59 5.81 -9.82 -1.24
C ASP A 59 5.62 -8.52 -0.48
N ILE A 60 4.49 -8.37 0.17
CA ILE A 60 4.20 -7.14 0.95
C ILE A 60 3.78 -7.56 2.37
N MET A 61 4.72 -7.75 3.24
CA MET A 61 4.35 -8.13 4.63
C MET A 61 3.62 -6.96 5.28
N ILE A 62 2.31 -6.97 5.27
CA ILE A 62 1.56 -5.84 5.88
C ILE A 62 1.50 -6.09 7.39
N SER A 63 2.08 -5.26 8.19
CA SER A 63 2.00 -5.54 9.65
C SER A 63 1.65 -4.31 10.47
N PHE A 64 1.06 -4.53 11.61
CA PHE A 64 0.68 -3.39 12.49
C PHE A 64 1.83 -3.10 13.46
N ALA A 65 2.19 -1.85 13.66
CA ALA A 65 3.32 -1.57 14.59
C ALA A 65 3.40 -0.07 14.93
N VAL A 66 4.58 0.38 15.24
CA VAL A 66 4.77 1.83 15.58
C VAL A 66 6.26 2.07 15.86
N ARG A 67 6.60 3.23 16.38
CA ARG A 67 8.03 3.56 16.69
C ARG A 67 8.83 2.29 17.04
N GLU A 68 8.23 1.36 17.72
CA GLU A 68 8.96 0.11 18.08
C GLU A 68 8.96 -0.85 16.89
N HIS A 69 10.08 -1.06 16.27
CA HIS A 69 10.13 -2.00 15.11
C HIS A 69 11.22 -3.05 15.35
N GLY A 70 12.42 -2.80 14.90
CA GLY A 70 13.51 -3.80 15.10
C GLY A 70 14.86 -3.17 14.75
N ASP A 71 14.93 -2.45 13.67
CA ASP A 71 16.22 -1.81 13.28
C ASP A 71 16.01 -0.33 13.01
N PHE A 72 15.81 0.04 11.76
CA PHE A 72 15.60 1.49 11.45
C PHE A 72 14.22 1.69 10.85
N TYR A 73 13.19 1.50 11.64
CA TYR A 73 11.81 1.69 11.12
C TYR A 73 10.90 2.21 12.24
N PRO A 74 11.41 3.12 13.03
CA PRO A 74 10.63 3.70 14.14
C PRO A 74 9.56 4.62 13.57
N PHE A 75 8.32 4.20 13.60
CA PHE A 75 7.25 5.06 13.03
C PHE A 75 6.95 6.22 13.98
N ASP A 76 5.71 6.60 14.17
CA ASP A 76 5.42 7.75 15.06
C ASP A 76 4.25 7.46 16.01
N GLY A 77 3.39 6.54 15.67
CA GLY A 77 2.22 6.23 16.57
C GLY A 77 1.65 7.53 17.14
N PRO A 78 2.07 7.87 18.33
CA PRO A 78 1.59 9.10 18.98
C PRO A 78 1.95 10.33 18.12
N GLY A 79 1.21 10.53 17.07
CA GLY A 79 1.47 11.69 16.17
C GLY A 79 0.51 11.61 14.96
N ASN A 80 0.76 12.39 13.95
CA ASN A 80 -0.14 12.37 12.76
C ASN A 80 0.32 11.28 11.78
N VAL A 81 1.58 10.97 11.79
CA VAL A 81 2.12 9.93 10.86
C VAL A 81 1.11 8.79 10.66
N LEU A 82 0.99 8.30 9.45
CA LEU A 82 0.01 7.20 9.17
C LEU A 82 0.70 5.82 9.00
N ALA A 83 1.08 5.43 7.80
CA ALA A 83 1.70 4.07 7.62
C ALA A 83 2.75 4.07 6.50
N HIS A 84 3.22 2.93 6.08
CA HIS A 84 4.24 2.93 4.99
C HIS A 84 4.68 1.52 4.63
N ALA A 85 5.45 1.37 3.59
CA ALA A 85 5.91 0.01 3.19
C ALA A 85 7.30 0.10 2.56
N TYR A 86 7.74 -0.93 1.88
CA TYR A 86 9.10 -0.88 1.28
C TYR A 86 9.06 -1.32 -0.18
N ALA A 87 10.21 -1.64 -0.74
CA ALA A 87 10.26 -2.10 -2.15
C ALA A 87 11.60 -2.77 -2.41
N PRO A 88 12.67 -2.02 -2.27
CA PRO A 88 14.02 -2.56 -2.48
C PRO A 88 14.45 -3.39 -1.27
N GLY A 89 15.40 -4.27 -1.43
CA GLY A 89 15.86 -5.10 -0.28
C GLY A 89 15.55 -6.58 -0.55
N PRO A 90 16.03 -7.41 0.35
CA PRO A 90 15.81 -8.86 0.24
C PRO A 90 14.38 -9.21 0.67
N GLY A 91 14.17 -9.48 1.93
CA GLY A 91 12.81 -9.82 2.41
C GLY A 91 11.99 -8.53 2.54
N ILE A 92 12.63 -7.47 2.92
CA ILE A 92 11.91 -6.18 3.05
C ILE A 92 11.54 -5.68 1.65
N ASN A 93 11.88 -6.43 0.63
CA ASN A 93 11.54 -6.02 -0.76
C ASN A 93 10.02 -6.06 -0.91
N GLY A 94 9.32 -5.23 -0.18
CA GLY A 94 7.84 -5.22 -0.27
C GLY A 94 7.25 -5.56 1.11
N ASP A 95 7.00 -4.56 1.89
CA ASP A 95 6.45 -4.81 3.24
C ASP A 95 5.76 -3.53 3.71
N ALA A 96 4.53 -3.60 4.12
CA ALA A 96 3.83 -2.37 4.58
C ALA A 96 3.50 -2.53 6.05
N HIS A 97 3.11 -1.47 6.68
CA HIS A 97 2.75 -1.57 8.10
C HIS A 97 1.96 -0.34 8.52
N PHE A 98 0.89 -0.55 9.23
CA PHE A 98 0.05 0.57 9.71
C PHE A 98 0.55 1.03 11.08
N ASP A 99 0.79 2.30 11.24
CA ASP A 99 1.27 2.77 12.57
C ASP A 99 0.09 2.84 13.54
N ASP A 100 0.32 2.54 14.78
CA ASP A 100 -0.80 2.59 15.79
C ASP A 100 -1.34 4.03 15.91
N ASP A 101 -0.76 4.96 15.19
CA ASP A 101 -1.19 6.40 15.21
C ASP A 101 -2.31 6.65 16.23
N GLU A 102 -3.55 6.64 15.81
CA GLU A 102 -4.64 6.91 16.77
C GLU A 102 -5.90 6.12 16.39
N GLN A 103 -6.34 6.21 15.16
CA GLN A 103 -7.57 5.47 14.77
C GLN A 103 -7.42 4.87 13.36
N TRP A 104 -8.37 4.06 12.98
CA TRP A 104 -8.33 3.42 11.63
C TRP A 104 -9.75 2.96 11.28
N THR A 105 -10.25 3.28 10.12
CA THR A 105 -11.63 2.84 9.78
C THR A 105 -11.75 2.57 8.29
N LYS A 106 -12.67 1.75 7.93
CA LYS A 106 -12.90 1.46 6.50
C LYS A 106 -13.66 2.63 5.91
N ASP A 107 -14.49 3.21 6.72
CA ASP A 107 -15.26 4.39 6.27
C ASP A 107 -14.44 5.64 6.59
N THR A 108 -15.09 6.70 6.97
CA THR A 108 -14.30 7.92 7.32
C THR A 108 -14.51 8.21 8.81
N THR A 109 -14.42 7.20 9.64
CA THR A 109 -14.65 7.40 11.09
C THR A 109 -13.32 7.44 11.86
N GLY A 110 -12.32 6.75 11.39
CA GLY A 110 -11.02 6.77 12.13
C GLY A 110 -10.00 7.57 11.34
N THR A 111 -9.28 6.90 10.50
CA THR A 111 -8.27 7.62 9.68
C THR A 111 -8.62 7.39 8.21
N ASN A 112 -8.26 6.26 7.68
CA ASN A 112 -8.60 5.98 6.28
C ASN A 112 -8.01 4.61 5.90
N LEU A 113 -8.56 3.60 6.53
CA LEU A 113 -8.15 2.18 6.33
C LEU A 113 -7.40 1.95 5.00
N PHE A 114 -8.09 1.56 3.98
CA PHE A 114 -7.43 1.24 2.69
C PHE A 114 -6.74 2.48 2.13
N LEU A 115 -7.04 3.63 2.61
CA LEU A 115 -6.32 4.80 2.05
C LEU A 115 -4.84 4.59 2.33
N VAL A 116 -4.49 4.43 3.58
CA VAL A 116 -3.07 4.19 3.90
C VAL A 116 -2.72 2.76 3.53
N ALA A 117 -3.69 1.96 3.19
CA ALA A 117 -3.35 0.58 2.79
C ALA A 117 -2.83 0.62 1.36
N ALA A 118 -3.60 1.12 0.44
CA ALA A 118 -3.09 1.22 -0.93
C ALA A 118 -1.93 2.17 -0.89
N HIS A 119 -1.82 2.97 0.13
CA HIS A 119 -0.64 3.86 0.18
C HIS A 119 0.59 2.99 0.41
N GLU A 120 0.50 2.00 1.27
CA GLU A 120 1.67 1.14 1.52
C GLU A 120 1.77 0.04 0.44
N ILE A 121 0.70 -0.67 0.18
CA ILE A 121 0.75 -1.73 -0.87
C ILE A 121 1.13 -1.04 -2.17
N GLY A 122 0.70 0.18 -2.27
CA GLY A 122 1.02 1.01 -3.46
C GLY A 122 2.46 1.47 -3.35
N HIS A 123 2.90 1.71 -2.16
CA HIS A 123 4.30 2.15 -1.97
C HIS A 123 5.26 1.12 -2.56
N SER A 124 5.10 -0.12 -2.17
CA SER A 124 6.01 -1.18 -2.67
C SER A 124 5.64 -1.61 -4.10
N LEU A 125 4.47 -2.18 -4.27
CA LEU A 125 4.06 -2.68 -5.62
C LEU A 125 3.09 -1.70 -6.27
N GLY A 126 3.32 -0.44 -6.10
CA GLY A 126 2.40 0.56 -6.70
C GLY A 126 3.23 1.67 -7.33
N LEU A 127 3.89 2.46 -6.55
CA LEU A 127 4.70 3.55 -7.15
C LEU A 127 5.37 4.35 -6.04
N PHE A 128 5.82 5.54 -6.34
CA PHE A 128 6.48 6.36 -5.29
C PHE A 128 5.51 7.42 -4.79
N HIS A 129 5.23 8.40 -5.60
CA HIS A 129 4.27 9.47 -5.18
C HIS A 129 3.79 10.22 -6.42
N SER A 130 2.61 9.92 -6.87
CA SER A 130 2.06 10.60 -8.08
C SER A 130 1.25 11.82 -7.64
N ALA A 131 0.62 12.49 -8.56
CA ALA A 131 -0.22 13.65 -8.15
C ALA A 131 -1.34 13.12 -7.31
N ASN A 132 -1.04 12.82 -6.08
CA ASN A 132 -2.07 12.24 -5.21
C ASN A 132 -2.94 13.30 -4.59
N THR A 133 -2.81 14.54 -5.01
CA THR A 133 -3.74 15.57 -4.48
C THR A 133 -5.13 14.97 -4.66
N GLU A 134 -5.23 14.11 -5.66
CA GLU A 134 -6.49 13.37 -5.93
C GLU A 134 -6.22 11.90 -5.66
N ALA A 135 -5.03 11.44 -6.00
CA ALA A 135 -4.70 9.99 -5.81
C ALA A 135 -4.70 9.58 -4.33
N LEU A 136 -4.25 8.37 -4.10
CA LEU A 136 -4.23 7.79 -2.72
C LEU A 136 -2.97 8.21 -1.94
N MET A 137 -1.94 8.63 -2.59
CA MET A 137 -0.72 8.99 -1.80
C MET A 137 -0.85 10.35 -1.10
N TYR A 138 -1.88 11.11 -1.37
CA TYR A 138 -1.99 12.44 -0.67
C TYR A 138 -3.41 12.72 -0.14
N PRO A 139 -4.28 11.74 -0.04
CA PRO A 139 -5.63 11.99 0.49
C PRO A 139 -5.56 12.09 2.00
N LEU A 140 -4.79 11.22 2.62
CA LEU A 140 -4.64 11.19 4.12
C LEU A 140 -5.38 12.38 4.78
N TYR A 141 -4.82 13.55 4.68
CA TYR A 141 -5.48 14.74 5.29
C TYR A 141 -6.81 15.01 4.57
N HIS A 142 -7.74 14.10 4.64
CA HIS A 142 -9.05 14.31 3.96
C HIS A 142 -9.94 13.09 4.21
N SER A 143 -10.97 12.92 3.42
CA SER A 143 -11.87 11.74 3.61
C SER A 143 -12.12 11.07 2.26
N LEU A 144 -11.69 9.84 2.11
CA LEU A 144 -11.89 9.12 0.82
C LEU A 144 -11.29 7.72 0.91
N THR A 145 -11.30 7.13 2.08
CA THR A 145 -10.72 5.76 2.20
C THR A 145 -11.71 4.73 1.66
N ASP A 146 -12.93 4.75 2.10
CA ASP A 146 -13.91 3.76 1.57
C ASP A 146 -15.34 4.30 1.63
N LEU A 147 -15.53 5.54 2.06
CA LEU A 147 -16.91 6.11 2.13
C LEU A 147 -17.74 5.71 0.89
N THR A 148 -17.89 6.59 -0.05
CA THR A 148 -18.70 6.26 -1.26
C THR A 148 -17.90 6.57 -2.53
N ARG A 149 -16.88 7.38 -2.41
CA ARG A 149 -16.05 7.71 -3.61
C ARG A 149 -14.73 6.96 -3.52
N PHE A 150 -14.18 6.92 -2.34
CA PHE A 150 -12.89 6.21 -2.06
C PHE A 150 -12.30 5.54 -3.30
N ARG A 151 -11.14 5.95 -3.71
CA ARG A 151 -10.48 5.30 -4.88
C ARG A 151 -9.16 5.99 -5.19
N LEU A 152 -8.34 5.37 -5.98
CA LEU A 152 -7.03 6.00 -6.33
C LEU A 152 -7.23 7.03 -7.43
N SER A 153 -6.25 7.86 -7.68
CA SER A 153 -6.43 8.87 -8.76
C SER A 153 -5.76 8.39 -10.05
N GLN A 154 -5.70 9.24 -11.03
CA GLN A 154 -5.05 8.85 -12.31
C GLN A 154 -3.55 9.08 -12.22
N ASP A 155 -3.09 9.75 -11.22
CA ASP A 155 -1.65 9.98 -11.09
C ASP A 155 -1.04 8.77 -10.39
N ASP A 156 -1.62 8.31 -9.30
CA ASP A 156 -1.02 7.10 -8.69
C ASP A 156 -1.26 5.95 -9.67
N ILE A 157 -2.40 5.94 -10.31
CA ILE A 157 -2.66 4.88 -11.33
C ILE A 157 -1.55 5.00 -12.37
N ASN A 158 -1.12 6.20 -12.62
CA ASN A 158 -0.04 6.41 -13.62
C ASN A 158 1.26 5.79 -13.09
N GLY A 159 1.61 6.09 -11.86
CA GLY A 159 2.86 5.53 -11.29
C GLY A 159 2.80 4.00 -11.27
N ILE A 160 1.73 3.44 -10.76
CA ILE A 160 1.64 1.95 -10.71
C ILE A 160 1.50 1.37 -12.11
N GLN A 161 0.62 1.91 -12.88
CA GLN A 161 0.48 1.39 -14.27
C GLN A 161 1.84 1.45 -14.92
N SER A 162 2.70 2.31 -14.43
CA SER A 162 4.07 2.41 -14.99
C SER A 162 4.95 1.41 -14.25
N LEU A 163 4.50 0.95 -13.10
CA LEU A 163 5.28 -0.02 -12.32
C LEU A 163 5.20 -1.39 -12.99
N TYR A 164 4.01 -1.91 -13.15
CA TYR A 164 3.86 -3.24 -13.81
C TYR A 164 3.64 -3.04 -15.31
N GLY A 165 2.55 -3.52 -15.86
CA GLY A 165 2.32 -3.34 -17.32
C GLY A 165 3.39 -4.08 -18.11
N PRO A 166 3.11 -5.32 -18.42
CA PRO A 166 4.05 -6.16 -19.19
C PRO A 166 4.17 -5.65 -20.62
N PRO A 167 5.08 -6.24 -21.35
CA PRO A 167 5.31 -5.84 -22.75
C PRO A 167 4.13 -6.26 -23.63
N PRO A 168 3.96 -5.55 -24.70
CA PRO A 168 2.86 -5.81 -25.65
C PRO A 168 3.15 -7.08 -26.46
N ASP A 169 4.34 -7.19 -26.96
CA ASP A 169 4.72 -8.39 -27.78
C ASP A 169 4.49 -9.67 -26.96
N SER A 170 5.20 -10.71 -27.28
CA SER A 170 5.05 -12.00 -26.53
C SER A 170 4.84 -11.73 -25.04
N PRO A 171 3.60 -11.77 -24.64
CA PRO A 171 3.25 -11.53 -23.23
C PRO A 171 3.61 -12.75 -22.39
N GLU A 172 3.29 -13.93 -22.85
CA GLU A 172 3.61 -15.16 -22.08
C GLU A 172 5.05 -15.07 -21.55
N THR A 173 5.43 -15.97 -20.69
CA THR A 173 6.81 -15.94 -20.13
C THR A 173 7.31 -17.37 -19.95
N PHE A 1 11.57 12.86 -12.27
CA PHE A 1 11.54 11.91 -11.12
C PHE A 1 10.11 11.46 -10.85
N ARG A 2 9.83 10.20 -10.98
CA ARG A 2 8.45 9.70 -10.73
C ARG A 2 8.51 8.39 -9.94
N THR A 3 8.43 7.27 -10.61
CA THR A 3 8.49 5.97 -9.89
C THR A 3 9.87 5.79 -9.26
N PHE A 4 10.91 5.87 -10.05
CA PHE A 4 12.28 5.71 -9.49
C PHE A 4 13.30 6.22 -10.51
N PRO A 5 14.32 6.86 -9.99
CA PRO A 5 15.39 7.41 -10.85
C PRO A 5 16.27 6.27 -11.40
N GLY A 6 15.99 5.06 -11.02
CA GLY A 6 16.79 3.92 -11.53
C GLY A 6 15.93 2.67 -11.61
N ILE A 7 16.20 1.68 -10.79
CA ILE A 7 15.38 0.43 -10.83
C ILE A 7 14.01 0.71 -10.21
N PRO A 8 13.00 0.23 -10.87
CA PRO A 8 11.61 0.41 -10.39
C PRO A 8 11.35 -0.47 -9.17
N LYS A 9 10.13 -0.56 -8.74
CA LYS A 9 9.83 -1.41 -7.54
C LYS A 9 9.90 -2.88 -7.94
N TRP A 10 8.80 -3.48 -8.27
CA TRP A 10 8.82 -4.92 -8.66
C TRP A 10 8.50 -5.05 -10.16
N ARG A 11 8.80 -6.18 -10.74
CA ARG A 11 8.52 -6.35 -12.20
C ARG A 11 7.80 -7.67 -12.45
N LYS A 12 8.01 -8.66 -11.62
CA LYS A 12 7.35 -9.98 -11.82
C LYS A 12 5.90 -9.79 -12.29
N THR A 13 5.30 -10.84 -12.77
CA THR A 13 3.89 -10.74 -13.23
C THR A 13 2.99 -11.47 -12.22
N HIS A 14 3.54 -11.93 -11.13
CA HIS A 14 2.70 -12.65 -10.13
C HIS A 14 3.30 -12.46 -8.74
N LEU A 15 2.72 -11.61 -7.94
CA LEU A 15 3.27 -11.38 -6.57
C LEU A 15 2.24 -11.83 -5.52
N THR A 16 2.45 -11.43 -4.29
CA THR A 16 1.51 -11.84 -3.22
C THR A 16 1.70 -10.90 -2.03
N TYR A 17 0.75 -10.84 -1.13
CA TYR A 17 0.90 -9.94 0.04
C TYR A 17 0.42 -10.68 1.29
N ARG A 18 0.81 -10.22 2.44
CA ARG A 18 0.38 -10.90 3.70
C ARG A 18 -0.35 -9.91 4.61
N ILE A 19 -1.54 -10.25 5.04
CA ILE A 19 -2.30 -9.32 5.92
C ILE A 19 -1.88 -9.54 7.38
N VAL A 20 -0.82 -8.92 7.80
CA VAL A 20 -0.34 -9.08 9.20
C VAL A 20 -0.77 -7.88 10.05
N ASN A 21 -1.60 -7.02 9.50
CA ASN A 21 -2.05 -5.84 10.29
C ASN A 21 -3.46 -6.10 10.82
N TYR A 22 -3.84 -5.43 11.87
CA TYR A 22 -5.20 -5.63 12.44
C TYR A 22 -5.37 -4.77 13.69
N THR A 23 -5.53 -3.48 13.52
CA THR A 23 -5.71 -2.59 14.69
C THR A 23 -7.09 -2.86 15.29
N PRO A 24 -7.24 -2.49 16.52
CA PRO A 24 -8.53 -2.69 17.21
C PRO A 24 -9.57 -1.77 16.59
N ASP A 25 -9.11 -0.74 15.95
CA ASP A 25 -10.05 0.17 15.27
C ASP A 25 -10.63 -0.56 14.07
N LEU A 26 -10.10 -1.72 13.76
CA LEU A 26 -10.61 -2.50 12.60
C LEU A 26 -10.49 -3.99 12.89
N PRO A 27 -11.59 -4.67 12.80
CA PRO A 27 -11.59 -6.12 13.01
C PRO A 27 -10.78 -6.78 11.90
N LYS A 28 -10.50 -8.05 12.03
CA LYS A 28 -9.72 -8.78 10.99
C LYS A 28 -10.13 -8.30 9.60
N ASP A 29 -11.35 -8.57 9.23
CA ASP A 29 -11.84 -8.17 7.88
C ASP A 29 -11.63 -6.68 7.60
N ALA A 30 -11.69 -5.84 8.59
CA ALA A 30 -11.51 -4.40 8.33
C ALA A 30 -10.05 -4.12 7.98
N VAL A 31 -9.14 -4.38 8.88
CA VAL A 31 -7.71 -4.15 8.54
C VAL A 31 -7.44 -4.89 7.22
N ASP A 32 -7.97 -6.08 7.12
CA ASP A 32 -7.80 -6.87 5.88
C ASP A 32 -8.50 -6.10 4.76
N SER A 33 -9.50 -5.33 5.11
CA SER A 33 -10.22 -4.54 4.08
C SER A 33 -9.25 -3.54 3.46
N ALA A 34 -8.45 -2.89 4.25
CA ALA A 34 -7.47 -1.91 3.71
C ALA A 34 -6.41 -2.65 2.93
N VAL A 35 -6.08 -3.82 3.35
CA VAL A 35 -5.05 -4.61 2.62
C VAL A 35 -5.70 -5.16 1.37
N GLU A 36 -7.00 -5.25 1.38
CA GLU A 36 -7.74 -5.78 0.21
C GLU A 36 -8.04 -4.63 -0.72
N LYS A 37 -8.27 -3.47 -0.19
CA LYS A 37 -8.56 -2.31 -1.05
C LYS A 37 -7.22 -1.77 -1.52
N ALA A 38 -6.24 -1.80 -0.66
CA ALA A 38 -4.88 -1.36 -1.05
C ALA A 38 -4.32 -2.34 -2.08
N LEU A 39 -4.20 -3.57 -1.67
CA LEU A 39 -3.65 -4.61 -2.60
C LEU A 39 -4.46 -4.68 -3.86
N LYS A 40 -5.75 -4.60 -3.77
CA LYS A 40 -6.59 -4.66 -5.00
C LYS A 40 -6.45 -3.34 -5.74
N VAL A 41 -6.30 -2.28 -5.03
CA VAL A 41 -6.17 -0.97 -5.69
C VAL A 41 -5.01 -1.06 -6.68
N TRP A 42 -3.94 -1.69 -6.30
CA TRP A 42 -2.80 -1.81 -7.25
C TRP A 42 -2.91 -3.08 -8.07
N GLU A 43 -3.59 -4.07 -7.56
CA GLU A 43 -3.73 -5.33 -8.33
C GLU A 43 -4.62 -5.05 -9.53
N GLU A 44 -5.48 -4.09 -9.38
CA GLU A 44 -6.38 -3.74 -10.49
C GLU A 44 -5.73 -2.68 -11.37
N VAL A 45 -5.13 -1.70 -10.77
CA VAL A 45 -4.50 -0.63 -11.61
C VAL A 45 -3.45 -1.27 -12.52
N THR A 46 -2.90 -2.41 -12.16
CA THR A 46 -1.89 -3.03 -13.06
C THR A 46 -2.42 -4.35 -13.60
N PRO A 47 -1.91 -4.72 -14.74
CA PRO A 47 -2.30 -5.97 -15.41
C PRO A 47 -1.53 -7.16 -14.83
N LEU A 48 -1.15 -7.09 -13.58
CA LEU A 48 -0.37 -8.21 -12.97
C LEU A 48 -1.30 -9.11 -12.15
N THR A 49 -0.74 -10.14 -11.55
CA THR A 49 -1.58 -11.06 -10.72
C THR A 49 -1.16 -10.92 -9.26
N PHE A 50 -1.99 -11.34 -8.34
CA PHE A 50 -1.62 -11.21 -6.91
C PHE A 50 -2.21 -12.35 -6.09
N SER A 51 -1.53 -12.75 -5.05
CA SER A 51 -2.03 -13.83 -4.17
C SER A 51 -1.95 -13.34 -2.71
N ARG A 52 -2.33 -14.14 -1.77
CA ARG A 52 -2.26 -13.68 -0.35
C ARG A 52 -1.93 -14.85 0.57
N LEU A 53 -1.40 -14.55 1.73
CA LEU A 53 -1.05 -15.64 2.68
C LEU A 53 -1.04 -15.07 4.11
N TYR A 54 -0.43 -15.78 5.03
CA TYR A 54 -0.39 -15.29 6.44
C TYR A 54 0.82 -15.92 7.15
N GLU A 55 1.78 -16.37 6.39
CA GLU A 55 2.98 -17.00 7.01
C GLU A 55 4.23 -16.65 6.21
N GLY A 56 5.35 -17.22 6.56
CA GLY A 56 6.60 -16.93 5.81
C GLY A 56 6.66 -15.45 5.42
N GLU A 57 6.28 -15.13 4.21
CA GLU A 57 6.31 -13.70 3.79
C GLU A 57 5.85 -13.57 2.34
N ALA A 58 4.94 -12.68 2.07
CA ALA A 58 4.46 -12.49 0.67
C ALA A 58 5.33 -11.45 -0.02
N ASP A 59 4.76 -10.69 -0.92
CA ASP A 59 5.54 -9.65 -1.62
C ASP A 59 5.37 -8.34 -0.86
N ILE A 60 4.22 -8.16 -0.26
CA ILE A 60 3.95 -6.92 0.54
C ILE A 60 3.47 -7.36 1.92
N MET A 61 4.38 -7.74 2.78
CA MET A 61 3.96 -8.18 4.13
C MET A 61 3.31 -7.01 4.88
N ILE A 62 2.01 -6.89 4.82
CA ILE A 62 1.35 -5.77 5.53
C ILE A 62 1.26 -6.14 7.00
N SER A 63 1.86 -5.39 7.88
CA SER A 63 1.78 -5.78 9.32
C SER A 63 1.54 -4.59 10.23
N PHE A 64 1.02 -4.84 11.40
CA PHE A 64 0.75 -3.72 12.36
C PHE A 64 1.98 -3.51 13.25
N ALA A 65 2.33 -2.28 13.52
CA ALA A 65 3.52 -2.02 14.38
C ALA A 65 3.50 -0.58 14.90
N VAL A 66 4.61 -0.04 15.31
CA VAL A 66 4.63 1.36 15.82
C VAL A 66 6.08 1.77 16.11
N ARG A 67 6.27 2.88 16.77
CA ARG A 67 7.67 3.33 17.08
C ARG A 67 8.52 2.14 17.51
N GLU A 68 7.92 1.12 18.06
CA GLU A 68 8.70 -0.06 18.51
C GLU A 68 9.28 -0.79 17.29
N HIS A 69 10.08 -0.11 16.51
CA HIS A 69 10.69 -0.78 15.32
C HIS A 69 12.10 -1.25 15.67
N GLY A 70 13.04 -0.35 15.66
CA GLY A 70 14.45 -0.73 15.98
C GLY A 70 15.39 0.39 15.53
N ASP A 71 15.41 0.67 14.26
CA ASP A 71 16.31 1.74 13.74
C ASP A 71 16.16 1.86 12.22
N PHE A 72 14.96 2.02 11.74
CA PHE A 72 14.76 2.13 10.26
C PHE A 72 13.43 2.82 9.96
N TYR A 73 12.41 2.51 10.70
CA TYR A 73 11.08 3.16 10.45
C TYR A 73 10.28 3.21 11.74
N PRO A 74 10.71 4.08 12.62
CA PRO A 74 10.02 4.26 13.92
C PRO A 74 8.71 5.02 13.71
N PHE A 75 7.60 4.42 14.03
CA PHE A 75 6.30 5.12 13.84
C PHE A 75 5.87 5.80 15.14
N ASP A 76 4.62 6.11 15.26
CA ASP A 76 4.14 6.79 16.49
C ASP A 76 2.64 7.07 16.38
N GLY A 77 1.86 6.08 16.03
CA GLY A 77 0.36 6.22 15.88
C GLY A 77 -0.09 7.69 15.95
N PRO A 78 -0.09 8.22 17.14
CA PRO A 78 -0.51 9.62 17.34
C PRO A 78 0.46 10.58 16.64
N GLY A 79 0.57 10.46 15.35
CA GLY A 79 1.50 11.35 14.59
C GLY A 79 1.15 11.25 13.10
N ASN A 80 1.26 12.33 12.38
CA ASN A 80 0.95 12.30 10.93
C ASN A 80 1.53 11.03 10.30
N VAL A 81 2.72 10.66 10.68
CA VAL A 81 3.34 9.43 10.11
C VAL A 81 2.41 8.23 10.31
N LEU A 82 1.47 8.04 9.42
CA LEU A 82 0.49 6.90 9.56
C LEU A 82 1.13 5.53 9.27
N ALA A 83 1.29 5.17 8.01
CA ALA A 83 1.86 3.81 7.70
C ALA A 83 2.91 3.88 6.57
N HIS A 84 3.40 2.76 6.12
CA HIS A 84 4.42 2.80 5.04
C HIS A 84 4.86 1.39 4.67
N ALA A 85 5.56 1.25 3.57
CA ALA A 85 6.02 -0.09 3.18
C ALA A 85 7.44 -0.03 2.59
N TYR A 86 7.87 -1.07 1.93
CA TYR A 86 9.26 -1.05 1.36
C TYR A 86 9.24 -1.44 -0.12
N ALA A 87 10.37 -1.83 -0.63
CA ALA A 87 10.45 -2.23 -2.07
C ALA A 87 11.77 -2.96 -2.33
N PRO A 88 12.86 -2.28 -2.09
CA PRO A 88 14.20 -2.86 -2.28
C PRO A 88 14.55 -3.77 -1.09
N GLY A 89 15.77 -4.25 -1.04
CA GLY A 89 16.17 -5.13 0.10
C GLY A 89 15.53 -6.50 -0.05
N PRO A 90 16.28 -7.51 0.34
CA PRO A 90 15.78 -8.90 0.26
C PRO A 90 14.67 -9.13 1.28
N GLY A 91 13.62 -9.80 0.90
CA GLY A 91 12.51 -10.05 1.86
C GLY A 91 11.76 -8.75 2.12
N ILE A 92 12.44 -7.79 2.71
CA ILE A 92 11.79 -6.48 2.97
C ILE A 92 11.44 -5.81 1.65
N ASN A 93 11.87 -6.37 0.54
CA ASN A 93 11.54 -5.76 -0.77
C ASN A 93 10.03 -5.86 -0.99
N GLY A 94 9.26 -5.18 -0.20
CA GLY A 94 7.79 -5.24 -0.36
C GLY A 94 7.14 -5.60 0.97
N ASP A 95 6.97 -4.64 1.83
CA ASP A 95 6.36 -4.93 3.14
C ASP A 95 5.75 -3.64 3.66
N ALA A 96 4.49 -3.65 4.03
CA ALA A 96 3.86 -2.41 4.53
C ALA A 96 3.51 -2.59 5.99
N HIS A 97 3.16 -1.53 6.66
CA HIS A 97 2.80 -1.68 8.09
C HIS A 97 2.04 -0.42 8.54
N PHE A 98 0.98 -0.65 9.26
CA PHE A 98 0.15 0.47 9.80
C PHE A 98 0.57 0.79 11.23
N ASP A 99 0.74 2.04 11.58
CA ASP A 99 1.09 2.32 13.00
C ASP A 99 -0.13 1.98 13.86
N ASP A 100 0.04 1.27 14.93
CA ASP A 100 -1.13 0.88 15.77
C ASP A 100 -1.15 1.71 17.05
N ASP A 101 -0.79 2.96 16.99
CA ASP A 101 -0.80 3.80 18.20
C ASP A 101 -1.85 4.90 18.05
N GLU A 102 -2.50 4.97 16.91
CA GLU A 102 -3.55 6.01 16.71
C GLU A 102 -4.89 5.31 16.43
N GLN A 103 -5.41 5.42 15.24
CA GLN A 103 -6.70 4.75 14.93
C GLN A 103 -6.70 4.33 13.45
N TRP A 104 -7.71 3.64 13.02
CA TRP A 104 -7.77 3.21 11.60
C TRP A 104 -9.21 2.81 11.26
N THR A 105 -9.78 3.37 10.23
CA THR A 105 -11.19 3.01 9.91
C THR A 105 -11.43 3.13 8.41
N LYS A 106 -12.40 2.41 7.93
CA LYS A 106 -12.75 2.47 6.50
C LYS A 106 -13.68 3.66 6.32
N ASP A 107 -14.43 3.94 7.34
CA ASP A 107 -15.37 5.10 7.30
C ASP A 107 -14.61 6.34 7.75
N THR A 108 -13.61 6.74 6.99
CA THR A 108 -12.76 7.92 7.33
C THR A 108 -13.12 8.52 8.69
N THR A 109 -13.02 7.74 9.73
CA THR A 109 -13.37 8.23 11.09
C THR A 109 -12.19 8.03 12.02
N GLY A 110 -11.41 7.01 11.80
CA GLY A 110 -10.22 6.78 12.69
C GLY A 110 -9.02 7.42 12.04
N THR A 111 -8.46 6.76 11.06
CA THR A 111 -7.30 7.32 10.33
C THR A 111 -7.62 7.22 8.85
N ASN A 112 -7.15 6.18 8.21
CA ASN A 112 -7.45 6.00 6.78
C ASN A 112 -7.21 4.54 6.42
N LEU A 113 -8.10 3.67 6.83
CA LEU A 113 -7.94 2.22 6.53
C LEU A 113 -7.31 2.01 5.15
N PHE A 114 -8.11 1.80 4.15
CA PHE A 114 -7.55 1.54 2.80
C PHE A 114 -6.87 2.78 2.23
N LEU A 115 -6.96 3.91 2.85
CA LEU A 115 -6.24 5.04 2.26
C LEU A 115 -4.76 4.76 2.42
N VAL A 116 -4.32 4.68 3.65
CA VAL A 116 -2.90 4.38 3.89
C VAL A 116 -2.66 2.91 3.53
N ALA A 117 -3.69 2.15 3.27
CA ALA A 117 -3.45 0.74 2.88
C ALA A 117 -2.92 0.75 1.46
N ALA A 118 -3.66 1.29 0.53
CA ALA A 118 -3.12 1.37 -0.83
C ALA A 118 -1.94 2.31 -0.78
N HIS A 119 -1.82 3.07 0.26
CA HIS A 119 -0.63 3.95 0.33
C HIS A 119 0.60 3.08 0.53
N GLU A 120 0.51 2.07 1.38
CA GLU A 120 1.68 1.19 1.59
C GLU A 120 1.71 0.08 0.54
N ILE A 121 0.61 -0.57 0.28
CA ILE A 121 0.61 -1.64 -0.74
C ILE A 121 1.00 -0.99 -2.05
N GLY A 122 0.63 0.24 -2.18
CA GLY A 122 0.98 1.02 -3.41
C GLY A 122 2.43 1.44 -3.29
N HIS A 123 2.86 1.71 -2.11
CA HIS A 123 4.27 2.13 -1.90
C HIS A 123 5.23 1.07 -2.45
N SER A 124 5.03 -0.16 -2.07
CA SER A 124 5.95 -1.24 -2.52
C SER A 124 5.59 -1.77 -3.90
N LEU A 125 4.38 -2.25 -4.06
CA LEU A 125 3.98 -2.82 -5.40
C LEU A 125 3.07 -1.85 -6.14
N GLY A 126 3.30 -0.59 -6.01
CA GLY A 126 2.43 0.39 -6.71
C GLY A 126 3.28 1.49 -7.32
N LEU A 127 3.74 2.41 -6.52
CA LEU A 127 4.57 3.51 -7.09
C LEU A 127 5.15 4.36 -5.97
N PHE A 128 5.66 5.51 -6.30
CA PHE A 128 6.26 6.38 -5.25
C PHE A 128 5.22 7.43 -4.81
N HIS A 129 4.96 8.40 -5.64
CA HIS A 129 3.97 9.44 -5.28
C HIS A 129 3.49 10.15 -6.55
N SER A 130 2.32 9.84 -7.02
CA SER A 130 1.80 10.50 -8.25
C SER A 130 1.01 11.74 -7.86
N ALA A 131 0.33 12.34 -8.80
CA ALA A 131 -0.50 13.52 -8.46
C ALA A 131 -1.60 13.02 -7.55
N ASN A 132 -1.26 12.78 -6.32
CA ASN A 132 -2.25 12.24 -5.39
C ASN A 132 -3.11 13.32 -4.78
N THR A 133 -3.01 14.53 -5.27
CA THR A 133 -3.95 15.58 -4.75
C THR A 133 -5.33 14.93 -4.88
N GLU A 134 -5.43 14.03 -5.83
CA GLU A 134 -6.68 13.26 -6.05
C GLU A 134 -6.35 11.79 -5.76
N ALA A 135 -5.17 11.36 -6.15
CA ALA A 135 -4.78 9.92 -5.92
C ALA A 135 -4.71 9.56 -4.44
N LEU A 136 -4.36 8.34 -4.18
CA LEU A 136 -4.29 7.82 -2.78
C LEU A 136 -3.02 8.27 -2.04
N MET A 137 -2.01 8.70 -2.71
CA MET A 137 -0.79 9.08 -1.95
C MET A 137 -0.92 10.44 -1.27
N TYR A 138 -1.97 11.20 -1.54
CA TYR A 138 -2.08 12.53 -0.86
C TYR A 138 -3.50 12.82 -0.32
N PRO A 139 -4.37 11.83 -0.19
CA PRO A 139 -5.71 12.09 0.34
C PRO A 139 -5.61 12.21 1.86
N LEU A 140 -4.75 11.40 2.44
CA LEU A 140 -4.54 11.38 3.93
C LEU A 140 -5.14 12.63 4.58
N TYR A 141 -4.52 13.76 4.38
CA TYR A 141 -5.06 15.01 4.98
C TYR A 141 -6.39 15.37 4.31
N HIS A 142 -7.36 14.50 4.40
CA HIS A 142 -8.68 14.78 3.78
C HIS A 142 -9.68 13.67 4.11
N SER A 143 -10.73 13.53 3.35
CA SER A 143 -11.72 12.46 3.62
C SER A 143 -11.94 11.62 2.36
N LEU A 144 -11.38 10.44 2.33
CA LEU A 144 -11.55 9.56 1.13
C LEU A 144 -10.76 8.27 1.35
N THR A 145 -10.79 7.75 2.55
CA THR A 145 -10.03 6.50 2.82
C THR A 145 -10.86 5.28 2.42
N ASP A 146 -12.08 5.19 2.88
CA ASP A 146 -12.91 4.01 2.50
C ASP A 146 -14.41 4.35 2.51
N LEU A 147 -14.76 5.61 2.70
CA LEU A 147 -16.22 5.99 2.73
C LEU A 147 -16.96 5.40 1.51
N THR A 148 -17.35 6.22 0.56
CA THR A 148 -18.07 5.68 -0.62
C THR A 148 -17.29 6.02 -1.89
N ARG A 149 -16.49 7.06 -1.84
CA ARG A 149 -15.70 7.43 -3.04
C ARG A 149 -14.29 6.86 -2.90
N PHE A 150 -13.83 6.76 -1.67
CA PHE A 150 -12.47 6.21 -1.36
C PHE A 150 -11.90 5.41 -2.53
N ARG A 151 -10.79 5.85 -3.07
CA ARG A 151 -10.17 5.10 -4.20
C ARG A 151 -8.91 5.81 -4.69
N LEU A 152 -8.18 5.18 -5.57
CA LEU A 152 -6.94 5.82 -6.09
C LEU A 152 -7.27 6.80 -7.21
N SER A 153 -6.35 7.64 -7.58
CA SER A 153 -6.65 8.59 -8.70
C SER A 153 -6.00 8.10 -9.99
N GLN A 154 -5.96 8.95 -10.98
CA GLN A 154 -5.36 8.55 -12.28
C GLN A 154 -3.85 8.74 -12.25
N ASP A 155 -3.35 9.51 -11.33
CA ASP A 155 -1.91 9.71 -11.27
C ASP A 155 -1.29 8.52 -10.55
N ASP A 156 -1.81 8.13 -9.42
CA ASP A 156 -1.24 6.93 -8.76
C ASP A 156 -1.48 5.76 -9.70
N ILE A 157 -2.64 5.70 -10.31
CA ILE A 157 -2.91 4.61 -11.28
C ILE A 157 -1.81 4.68 -12.33
N ASN A 158 -1.37 5.86 -12.62
CA ASN A 158 -0.29 6.04 -13.62
C ASN A 158 1.01 5.47 -13.06
N GLY A 159 1.41 5.93 -11.90
CA GLY A 159 2.67 5.42 -11.29
C GLY A 159 2.67 3.88 -11.28
N ILE A 160 1.64 3.28 -10.73
CA ILE A 160 1.61 1.80 -10.68
C ILE A 160 1.54 1.23 -12.09
N GLN A 161 0.73 1.82 -12.92
CA GLN A 161 0.65 1.33 -14.32
C GLN A 161 2.06 1.35 -14.89
N SER A 162 2.87 2.24 -14.38
CA SER A 162 4.29 2.31 -14.85
C SER A 162 5.07 1.22 -14.12
N LEU A 163 4.55 0.76 -13.01
CA LEU A 163 5.22 -0.32 -12.25
C LEU A 163 5.15 -1.59 -13.09
N TYR A 164 3.96 -2.07 -13.31
CA TYR A 164 3.81 -3.30 -14.14
C TYR A 164 3.40 -2.91 -15.56
N GLY A 165 2.31 -3.44 -16.07
CA GLY A 165 1.89 -3.08 -17.46
C GLY A 165 3.05 -3.31 -18.42
N PRO A 166 3.62 -2.22 -18.88
CA PRO A 166 4.75 -2.30 -19.82
C PRO A 166 6.01 -2.80 -19.10
N PRO A 167 6.69 -3.71 -19.74
CA PRO A 167 7.92 -4.29 -19.17
C PRO A 167 9.06 -3.27 -19.23
N PRO A 168 9.45 -2.80 -18.07
CA PRO A 168 10.54 -1.81 -17.97
C PRO A 168 11.89 -2.48 -18.27
N ASP A 169 12.24 -3.48 -17.49
CA ASP A 169 13.53 -4.17 -17.72
C ASP A 169 13.55 -4.80 -19.12
N SER A 170 14.33 -5.81 -19.31
CA SER A 170 14.39 -6.47 -20.65
C SER A 170 13.21 -7.43 -20.80
N PRO A 171 12.68 -7.49 -21.98
CA PRO A 171 11.53 -8.37 -22.28
C PRO A 171 12.00 -9.83 -22.33
N GLU A 172 13.28 -10.04 -22.49
CA GLU A 172 13.79 -11.44 -22.55
C GLU A 172 13.44 -12.17 -21.24
N THR A 173 13.88 -13.40 -21.10
CA THR A 173 13.57 -14.16 -19.86
C THR A 173 14.86 -14.76 -19.30
N PHE A 1 6.56 14.67 -11.02
CA PHE A 1 7.16 13.50 -10.32
C PHE A 1 6.20 12.30 -10.40
N ARG A 2 6.70 11.12 -10.19
CA ARG A 2 5.81 9.92 -10.24
C ARG A 2 6.44 8.78 -9.44
N THR A 3 7.16 7.91 -10.09
CA THR A 3 7.80 6.78 -9.35
C THR A 3 9.31 7.03 -9.23
N PHE A 4 10.02 6.11 -8.64
CA PHE A 4 11.49 6.30 -8.48
C PHE A 4 12.09 6.81 -9.79
N PRO A 5 13.32 7.24 -9.72
CA PRO A 5 14.02 7.76 -10.91
C PRO A 5 14.38 6.60 -11.85
N GLY A 6 13.41 5.86 -12.29
CA GLY A 6 13.69 4.72 -13.21
C GLY A 6 13.69 3.41 -12.42
N ILE A 7 14.44 3.34 -11.36
CA ILE A 7 14.47 2.09 -10.55
C ILE A 7 13.05 1.63 -10.27
N PRO A 8 12.65 0.58 -10.95
CA PRO A 8 11.30 0.02 -10.77
C PRO A 8 11.20 -0.70 -9.43
N LYS A 9 10.00 -0.97 -8.98
CA LYS A 9 9.85 -1.67 -7.67
C LYS A 9 9.86 -3.19 -7.90
N TRP A 10 8.75 -3.76 -8.28
CA TRP A 10 8.70 -5.23 -8.51
C TRP A 10 9.11 -5.53 -9.96
N ARG A 11 8.88 -6.74 -10.39
CA ARG A 11 9.23 -7.10 -11.79
C ARG A 11 8.48 -8.38 -12.18
N LYS A 12 8.33 -9.29 -11.26
CA LYS A 12 7.61 -10.57 -11.56
C LYS A 12 6.25 -10.26 -12.16
N THR A 13 5.42 -11.27 -12.29
CA THR A 13 4.07 -11.06 -12.85
C THR A 13 3.02 -11.52 -11.84
N HIS A 14 3.45 -12.02 -10.71
CA HIS A 14 2.46 -12.47 -9.69
C HIS A 14 2.95 -12.09 -8.30
N LEU A 15 2.54 -10.95 -7.82
CA LEU A 15 2.99 -10.49 -6.47
C LEU A 15 2.07 -11.09 -5.41
N THR A 16 2.49 -11.09 -4.17
CA THR A 16 1.63 -11.64 -3.10
C THR A 16 1.79 -10.76 -1.87
N TYR A 17 0.82 -10.74 -0.99
CA TYR A 17 0.98 -9.87 0.21
C TYR A 17 0.57 -10.66 1.46
N ARG A 18 0.84 -10.11 2.61
CA ARG A 18 0.48 -10.82 3.88
C ARG A 18 -0.25 -9.84 4.81
N ILE A 19 -1.44 -10.16 5.23
CA ILE A 19 -2.19 -9.24 6.14
C ILE A 19 -1.67 -9.41 7.57
N VAL A 20 -0.57 -8.79 7.89
CA VAL A 20 -0.02 -8.91 9.28
C VAL A 20 -0.50 -7.74 10.14
N ASN A 21 -1.36 -6.91 9.62
CA ASN A 21 -1.87 -5.77 10.41
C ASN A 21 -3.29 -6.10 10.89
N TYR A 22 -3.79 -5.39 11.86
CA TYR A 22 -5.16 -5.67 12.35
C TYR A 22 -5.54 -4.68 13.45
N THR A 23 -5.52 -3.41 13.15
CA THR A 23 -5.92 -2.41 14.18
C THR A 23 -7.19 -2.89 14.84
N PRO A 24 -7.31 -2.60 16.11
CA PRO A 24 -8.48 -3.02 16.87
C PRO A 24 -9.70 -2.27 16.37
N ASP A 25 -9.51 -1.06 15.93
CA ASP A 25 -10.65 -0.31 15.39
C ASP A 25 -11.10 -1.02 14.12
N LEU A 26 -10.23 -1.84 13.57
CA LEU A 26 -10.57 -2.59 12.33
C LEU A 26 -10.59 -4.09 12.62
N PRO A 27 -11.73 -4.68 12.53
CA PRO A 27 -11.85 -6.12 12.75
C PRO A 27 -11.04 -6.86 11.69
N LYS A 28 -10.83 -8.13 11.86
CA LYS A 28 -10.03 -8.91 10.86
C LYS A 28 -10.37 -8.45 9.46
N ASP A 29 -11.60 -8.66 9.06
CA ASP A 29 -12.03 -8.28 7.69
C ASP A 29 -11.83 -6.77 7.44
N ALA A 30 -11.54 -6.00 8.46
CA ALA A 30 -11.34 -4.55 8.24
C ALA A 30 -9.88 -4.29 7.87
N VAL A 31 -8.97 -4.66 8.72
CA VAL A 31 -7.53 -4.45 8.38
C VAL A 31 -7.28 -5.23 7.10
N ASP A 32 -7.79 -6.43 7.05
CA ASP A 32 -7.64 -7.25 5.84
C ASP A 32 -8.31 -6.48 4.70
N SER A 33 -9.27 -5.67 5.04
CA SER A 33 -9.96 -4.87 4.01
C SER A 33 -8.95 -3.93 3.38
N ALA A 34 -8.42 -2.99 4.12
CA ALA A 34 -7.43 -2.05 3.57
C ALA A 34 -6.34 -2.81 2.83
N VAL A 35 -6.03 -3.97 3.27
CA VAL A 35 -4.99 -4.77 2.59
C VAL A 35 -5.61 -5.30 1.30
N GLU A 36 -6.90 -5.38 1.30
CA GLU A 36 -7.65 -5.88 0.11
C GLU A 36 -7.93 -4.69 -0.82
N LYS A 37 -8.23 -3.55 -0.26
CA LYS A 37 -8.51 -2.38 -1.12
C LYS A 37 -7.17 -1.85 -1.60
N ALA A 38 -6.20 -1.86 -0.75
CA ALA A 38 -4.83 -1.42 -1.14
C ALA A 38 -4.29 -2.40 -2.19
N LEU A 39 -4.16 -3.64 -1.78
CA LEU A 39 -3.62 -4.67 -2.71
C LEU A 39 -4.43 -4.70 -4.00
N LYS A 40 -5.71 -4.58 -3.91
CA LYS A 40 -6.53 -4.62 -5.15
C LYS A 40 -6.40 -3.29 -5.86
N VAL A 41 -6.25 -2.25 -5.12
CA VAL A 41 -6.11 -0.92 -5.74
C VAL A 41 -4.96 -1.00 -6.75
N TRP A 42 -3.88 -1.60 -6.37
CA TRP A 42 -2.74 -1.69 -7.33
C TRP A 42 -2.82 -2.99 -8.13
N GLU A 43 -3.50 -3.97 -7.63
CA GLU A 43 -3.61 -5.24 -8.39
C GLU A 43 -4.48 -4.99 -9.59
N GLU A 44 -5.35 -4.04 -9.48
CA GLU A 44 -6.24 -3.72 -10.61
C GLU A 44 -5.60 -2.65 -11.47
N VAL A 45 -5.02 -1.65 -10.88
CA VAL A 45 -4.40 -0.59 -11.71
C VAL A 45 -3.34 -1.21 -12.62
N THR A 46 -2.77 -2.33 -12.23
CA THR A 46 -1.74 -2.94 -13.14
C THR A 46 -2.31 -4.22 -13.76
N PRO A 47 -1.77 -4.56 -14.91
CA PRO A 47 -2.20 -5.75 -15.66
C PRO A 47 -1.54 -7.02 -15.11
N LEU A 48 -1.15 -7.05 -13.87
CA LEU A 48 -0.48 -8.27 -13.33
C LEU A 48 -1.40 -9.01 -12.36
N THR A 49 -0.89 -9.99 -11.65
CA THR A 49 -1.74 -10.76 -10.70
C THR A 49 -1.24 -10.59 -9.26
N PHE A 50 -2.03 -11.04 -8.32
CA PHE A 50 -1.64 -10.91 -6.89
C PHE A 50 -2.00 -12.19 -6.13
N SER A 51 -1.44 -12.38 -4.97
CA SER A 51 -1.75 -13.59 -4.16
C SER A 51 -1.77 -13.19 -2.69
N ARG A 52 -1.88 -14.11 -1.78
CA ARG A 52 -1.91 -13.71 -0.35
C ARG A 52 -1.54 -14.89 0.55
N LEU A 53 -1.25 -14.60 1.80
CA LEU A 53 -0.87 -15.67 2.74
C LEU A 53 -0.99 -15.13 4.18
N TYR A 54 -0.39 -15.82 5.11
CA TYR A 54 -0.46 -15.37 6.53
C TYR A 54 0.72 -15.99 7.29
N GLU A 55 1.74 -16.37 6.59
CA GLU A 55 2.92 -16.99 7.26
C GLU A 55 4.18 -16.65 6.46
N GLY A 56 5.32 -17.12 6.89
CA GLY A 56 6.58 -16.83 6.15
C GLY A 56 6.56 -15.36 5.70
N GLU A 57 6.18 -15.11 4.48
CA GLU A 57 6.14 -13.70 4.00
C GLU A 57 5.70 -13.64 2.54
N ALA A 58 4.99 -12.62 2.17
CA ALA A 58 4.54 -12.45 0.77
C ALA A 58 5.43 -11.40 0.10
N ASP A 59 4.90 -10.69 -0.84
CA ASP A 59 5.72 -9.64 -1.50
C ASP A 59 5.56 -8.35 -0.71
N ILE A 60 4.37 -8.11 -0.21
CA ILE A 60 4.11 -6.88 0.61
C ILE A 60 3.59 -7.31 1.97
N MET A 61 4.48 -7.66 2.86
CA MET A 61 4.02 -8.08 4.21
C MET A 61 3.41 -6.88 4.91
N ILE A 62 2.11 -6.79 4.92
CA ILE A 62 1.46 -5.65 5.60
C ILE A 62 1.38 -5.98 7.09
N SER A 63 2.03 -5.23 7.94
CA SER A 63 1.97 -5.58 9.37
C SER A 63 1.73 -4.36 10.25
N PHE A 64 1.18 -4.59 11.40
CA PHE A 64 0.92 -3.46 12.34
C PHE A 64 2.24 -3.08 13.01
N ALA A 65 2.53 -1.82 13.12
CA ALA A 65 3.82 -1.42 13.76
C ALA A 65 3.71 -0.04 14.39
N VAL A 66 4.65 0.30 15.24
CA VAL A 66 4.60 1.63 15.91
C VAL A 66 6.00 1.97 16.43
N ARG A 67 6.14 3.06 17.15
CA ARG A 67 7.47 3.46 17.69
C ARG A 67 8.25 2.22 18.15
N GLU A 68 7.56 1.19 18.56
CA GLU A 68 8.27 -0.04 19.01
C GLU A 68 8.74 -0.85 17.80
N HIS A 69 9.44 -0.22 16.89
CA HIS A 69 9.93 -0.96 15.69
C HIS A 69 11.22 -1.71 16.06
N GLY A 70 12.34 -1.05 15.98
CA GLY A 70 13.62 -1.71 16.32
C GLY A 70 14.77 -0.71 16.13
N ASP A 71 15.00 -0.28 14.92
CA ASP A 71 16.09 0.70 14.66
C ASP A 71 16.13 1.04 13.17
N PHE A 72 15.01 1.29 12.57
CA PHE A 72 15.00 1.63 11.12
C PHE A 72 13.71 2.37 10.76
N TYR A 73 12.57 1.77 11.00
CA TYR A 73 11.29 2.44 10.67
C TYR A 73 10.48 2.67 11.94
N PRO A 74 11.03 3.44 12.84
CA PRO A 74 10.36 3.75 14.11
C PRO A 74 9.17 4.68 13.85
N PHE A 75 8.01 4.33 14.34
CA PHE A 75 6.82 5.19 14.11
C PHE A 75 6.28 5.71 15.44
N ASP A 76 5.07 6.17 15.45
CA ASP A 76 4.50 6.73 16.71
C ASP A 76 3.03 7.06 16.53
N GLY A 77 2.24 6.08 16.12
CA GLY A 77 0.77 6.30 15.89
C GLY A 77 0.38 7.78 15.84
N PRO A 78 0.32 8.40 16.99
CA PRO A 78 -0.04 9.82 17.08
C PRO A 78 1.05 10.68 16.44
N GLY A 79 1.31 10.46 15.18
CA GLY A 79 2.35 11.25 14.48
C GLY A 79 2.01 11.33 12.99
N ASN A 80 2.26 12.45 12.38
CA ASN A 80 1.94 12.59 10.93
C ASN A 80 2.33 11.31 10.17
N VAL A 81 3.38 10.66 10.59
CA VAL A 81 3.80 9.41 9.89
C VAL A 81 2.75 8.32 10.12
N LEU A 82 1.72 8.30 9.31
CA LEU A 82 0.64 7.28 9.49
C LEU A 82 1.18 5.85 9.23
N ALA A 83 1.77 5.58 8.09
CA ALA A 83 2.27 4.20 7.83
C ALA A 83 3.26 4.20 6.66
N HIS A 84 3.57 3.06 6.09
CA HIS A 84 4.53 3.07 4.95
C HIS A 84 4.78 1.67 4.42
N ALA A 85 5.62 1.56 3.42
CA ALA A 85 5.94 0.22 2.86
C ALA A 85 7.35 0.23 2.29
N TYR A 86 7.84 -0.91 1.84
CA TYR A 86 9.21 -0.96 1.28
C TYR A 86 9.17 -1.29 -0.22
N ALA A 87 10.31 -1.55 -0.80
CA ALA A 87 10.34 -1.88 -2.25
C ALA A 87 11.60 -2.69 -2.56
N PRO A 88 12.73 -2.05 -2.41
CA PRO A 88 14.03 -2.72 -2.66
C PRO A 88 14.32 -3.70 -1.52
N GLY A 89 15.57 -4.08 -1.36
CA GLY A 89 15.92 -5.03 -0.26
C GLY A 89 15.50 -6.46 -0.64
N PRO A 90 16.02 -7.41 0.08
CA PRO A 90 15.71 -8.83 -0.17
C PRO A 90 14.31 -9.15 0.34
N GLY A 91 14.18 -9.60 1.56
CA GLY A 91 12.83 -9.93 2.10
C GLY A 91 12.02 -8.66 2.26
N ILE A 92 12.68 -7.54 2.39
CA ILE A 92 11.93 -6.26 2.53
C ILE A 92 11.44 -5.84 1.13
N ASN A 93 11.57 -6.71 0.17
CA ASN A 93 11.09 -6.38 -1.20
C ASN A 93 9.58 -6.24 -1.16
N GLY A 94 9.08 -5.28 -0.44
CA GLY A 94 7.62 -5.09 -0.34
C GLY A 94 7.15 -5.43 1.08
N ASP A 95 7.02 -4.43 1.89
CA ASP A 95 6.58 -4.66 3.30
C ASP A 95 5.88 -3.40 3.78
N ALA A 96 4.60 -3.45 4.05
CA ALA A 96 3.90 -2.22 4.52
C ALA A 96 3.54 -2.35 5.97
N HIS A 97 3.36 -1.26 6.65
CA HIS A 97 2.98 -1.34 8.08
C HIS A 97 2.07 -0.18 8.44
N PHE A 98 1.02 -0.49 9.16
CA PHE A 98 0.04 0.54 9.59
C PHE A 98 0.36 1.00 11.01
N ASP A 99 0.42 2.29 11.26
CA ASP A 99 0.70 2.74 12.65
C ASP A 99 -0.20 2.00 13.62
N ASP A 100 0.30 1.67 14.78
CA ASP A 100 -0.54 0.96 15.77
C ASP A 100 -0.67 1.80 17.05
N ASP A 101 -0.62 3.09 16.92
CA ASP A 101 -0.75 3.96 18.13
C ASP A 101 -1.69 5.14 17.86
N GLU A 102 -2.29 5.21 16.70
CA GLU A 102 -3.21 6.35 16.42
C GLU A 102 -4.65 5.82 16.30
N GLN A 103 -5.11 5.59 15.12
CA GLN A 103 -6.49 5.08 14.95
C GLN A 103 -6.64 4.47 13.55
N TRP A 104 -7.75 3.85 13.27
CA TRP A 104 -7.93 3.24 11.93
C TRP A 104 -9.42 3.00 11.66
N THR A 105 -9.88 3.37 10.49
CA THR A 105 -11.32 3.16 10.16
C THR A 105 -11.50 3.24 8.65
N LYS A 106 -12.45 2.55 8.13
CA LYS A 106 -12.73 2.61 6.67
C LYS A 106 -13.59 3.84 6.44
N ASP A 107 -14.41 4.14 7.42
CA ASP A 107 -15.29 5.33 7.33
C ASP A 107 -14.50 6.55 7.76
N THR A 108 -13.47 6.89 7.02
CA THR A 108 -12.57 8.04 7.37
C THR A 108 -12.95 8.69 8.72
N THR A 109 -12.90 7.92 9.77
CA THR A 109 -13.27 8.46 11.10
C THR A 109 -12.09 8.29 12.05
N GLY A 110 -11.32 7.25 11.89
CA GLY A 110 -10.14 7.05 12.79
C GLY A 110 -8.91 7.57 12.05
N THR A 111 -8.45 6.82 11.12
CA THR A 111 -7.28 7.25 10.31
C THR A 111 -7.72 7.20 8.86
N ASN A 112 -7.54 6.08 8.23
CA ASN A 112 -7.96 5.94 6.83
C ASN A 112 -7.59 4.54 6.37
N LEU A 113 -8.30 3.55 6.84
CA LEU A 113 -8.03 2.14 6.50
C LEU A 113 -7.38 1.98 5.10
N PHE A 114 -8.16 1.58 4.13
CA PHE A 114 -7.60 1.36 2.76
C PHE A 114 -6.93 2.61 2.22
N LEU A 115 -7.15 3.77 2.76
CA LEU A 115 -6.42 4.92 2.18
C LEU A 115 -4.94 4.66 2.39
N VAL A 116 -4.54 4.60 3.62
CA VAL A 116 -3.12 4.33 3.92
C VAL A 116 -2.80 2.89 3.55
N ALA A 117 -3.79 2.10 3.21
CA ALA A 117 -3.49 0.70 2.82
C ALA A 117 -2.95 0.75 1.40
N ALA A 118 -3.71 1.25 0.47
CA ALA A 118 -3.15 1.35 -0.89
C ALA A 118 -2.02 2.34 -0.82
N HIS A 119 -1.92 3.08 0.24
CA HIS A 119 -0.77 3.99 0.33
C HIS A 119 0.49 3.14 0.47
N GLU A 120 0.50 2.20 1.37
CA GLU A 120 1.69 1.34 1.54
C GLU A 120 1.73 0.23 0.46
N ILE A 121 0.62 -0.44 0.24
CA ILE A 121 0.63 -1.50 -0.81
C ILE A 121 0.99 -0.84 -2.13
N GLY A 122 0.62 0.39 -2.24
CA GLY A 122 0.94 1.18 -3.47
C GLY A 122 2.39 1.60 -3.37
N HIS A 123 2.84 1.86 -2.19
CA HIS A 123 4.25 2.28 -2.01
C HIS A 123 5.20 1.23 -2.54
N SER A 124 4.99 -0.01 -2.17
CA SER A 124 5.93 -1.08 -2.61
C SER A 124 5.57 -1.63 -4.00
N LEU A 125 4.36 -2.10 -4.18
CA LEU A 125 3.99 -2.69 -5.51
C LEU A 125 3.11 -1.72 -6.31
N GLY A 126 3.24 -0.46 -6.08
CA GLY A 126 2.38 0.51 -6.81
C GLY A 126 3.24 1.61 -7.40
N LEU A 127 3.65 2.55 -6.61
CA LEU A 127 4.49 3.65 -7.16
C LEU A 127 5.11 4.46 -6.04
N PHE A 128 5.58 5.64 -6.34
CA PHE A 128 6.21 6.49 -5.28
C PHE A 128 5.19 7.52 -4.78
N HIS A 129 4.87 8.48 -5.59
CA HIS A 129 3.88 9.51 -5.16
C HIS A 129 3.32 10.24 -6.39
N SER A 130 2.28 9.71 -6.97
CA SER A 130 1.68 10.37 -8.17
C SER A 130 0.86 11.58 -7.73
N ALA A 131 0.27 12.28 -8.66
CA ALA A 131 -0.58 13.43 -8.30
C ALA A 131 -1.72 12.91 -7.45
N ASN A 132 -1.47 12.71 -6.20
CA ASN A 132 -2.53 12.17 -5.34
C ASN A 132 -3.43 13.26 -4.81
N THR A 133 -3.33 14.47 -5.32
CA THR A 133 -4.28 15.51 -4.88
C THR A 133 -5.66 14.84 -5.01
N GLU A 134 -5.73 13.93 -5.95
CA GLU A 134 -6.94 13.13 -6.17
C GLU A 134 -6.61 11.67 -5.85
N ALA A 135 -5.41 11.25 -6.18
CA ALA A 135 -5.02 9.81 -5.94
C ALA A 135 -5.01 9.44 -4.46
N LEU A 136 -4.43 8.31 -4.18
CA LEU A 136 -4.40 7.77 -2.79
C LEU A 136 -3.11 8.14 -2.05
N MET A 137 -2.09 8.57 -2.72
CA MET A 137 -0.83 8.86 -1.96
C MET A 137 -0.89 10.21 -1.24
N TYR A 138 -1.91 10.99 -1.45
CA TYR A 138 -1.97 12.31 -0.73
C TYR A 138 -3.38 12.65 -0.21
N PRO A 139 -4.30 11.71 -0.13
CA PRO A 139 -5.64 12.02 0.39
C PRO A 139 -5.57 12.09 1.90
N LEU A 140 -4.78 11.21 2.48
CA LEU A 140 -4.62 11.14 3.97
C LEU A 140 -5.17 12.40 4.64
N TYR A 141 -4.66 13.54 4.32
CA TYR A 141 -5.18 14.79 4.93
C TYR A 141 -6.56 15.12 4.34
N HIS A 142 -7.48 14.21 4.44
CA HIS A 142 -8.84 14.46 3.89
C HIS A 142 -9.78 13.31 4.27
N SER A 143 -10.71 12.97 3.40
CA SER A 143 -11.65 11.85 3.73
C SER A 143 -11.96 11.05 2.45
N LEU A 144 -11.47 9.84 2.39
CA LEU A 144 -11.74 9.00 1.18
C LEU A 144 -11.05 7.64 1.35
N THR A 145 -11.09 7.09 2.54
CA THR A 145 -10.44 5.77 2.76
C THR A 145 -11.49 4.67 2.58
N ASP A 146 -12.73 5.03 2.54
CA ASP A 146 -13.79 4.00 2.35
C ASP A 146 -15.18 4.63 2.37
N LEU A 147 -15.33 5.81 2.95
CA LEU A 147 -16.66 6.49 3.03
C LEU A 147 -17.58 6.06 1.86
N THR A 148 -17.67 6.85 0.81
CA THR A 148 -18.55 6.47 -0.32
C THR A 148 -17.82 6.73 -1.64
N ARG A 149 -16.62 7.27 -1.59
CA ARG A 149 -15.85 7.54 -2.83
C ARG A 149 -14.56 6.74 -2.80
N PHE A 150 -13.94 6.69 -1.64
CA PHE A 150 -12.66 5.94 -1.42
C PHE A 150 -12.17 5.26 -2.72
N ARG A 151 -11.09 5.73 -3.26
CA ARG A 151 -10.57 5.12 -4.52
C ARG A 151 -9.30 5.85 -4.97
N LEU A 152 -8.45 5.17 -5.70
CA LEU A 152 -7.20 5.81 -6.18
C LEU A 152 -7.50 6.78 -7.32
N SER A 153 -6.53 7.59 -7.70
CA SER A 153 -6.78 8.54 -8.82
C SER A 153 -6.09 8.05 -10.09
N GLN A 154 -6.04 8.88 -11.09
CA GLN A 154 -5.39 8.49 -12.37
C GLN A 154 -3.89 8.74 -12.29
N ASP A 155 -3.43 9.44 -11.30
CA ASP A 155 -1.99 9.69 -11.21
C ASP A 155 -1.36 8.47 -10.51
N ASP A 156 -1.88 8.07 -9.38
CA ASP A 156 -1.28 6.87 -8.75
C ASP A 156 -1.53 5.71 -9.70
N ILE A 157 -2.68 5.68 -10.33
CA ILE A 157 -2.95 4.61 -11.32
C ILE A 157 -1.84 4.69 -12.36
N ASN A 158 -1.41 5.88 -12.65
CA ASN A 158 -0.33 6.07 -13.65
C ASN A 158 0.98 5.52 -13.10
N GLY A 159 1.41 6.00 -11.96
CA GLY A 159 2.67 5.50 -11.36
C GLY A 159 2.69 3.97 -11.37
N ILE A 160 1.68 3.35 -10.83
CA ILE A 160 1.67 1.87 -10.80
C ILE A 160 1.63 1.33 -12.24
N GLN A 161 0.83 1.91 -13.07
CA GLN A 161 0.78 1.45 -14.47
C GLN A 161 2.20 1.52 -15.01
N SER A 162 3.00 2.38 -14.47
CA SER A 162 4.41 2.49 -14.90
C SER A 162 5.21 1.42 -14.16
N LEU A 163 4.67 0.92 -13.08
CA LEU A 163 5.36 -0.15 -12.33
C LEU A 163 5.32 -1.41 -13.17
N TYR A 164 4.15 -1.91 -13.40
CA TYR A 164 4.02 -3.14 -14.23
C TYR A 164 3.62 -2.75 -15.67
N GLY A 165 2.53 -3.27 -16.18
CA GLY A 165 2.13 -2.91 -17.57
C GLY A 165 3.29 -3.20 -18.52
N PRO A 166 3.19 -4.31 -19.20
CA PRO A 166 4.22 -4.71 -20.16
C PRO A 166 4.16 -3.84 -21.42
N PRO A 167 5.14 -4.02 -22.27
CA PRO A 167 5.21 -3.25 -23.52
C PRO A 167 4.15 -3.74 -24.51
N PRO A 168 3.89 -2.93 -25.50
CA PRO A 168 2.89 -3.27 -26.52
C PRO A 168 3.44 -4.36 -27.45
N ASP A 169 4.54 -4.10 -28.09
CA ASP A 169 5.12 -5.13 -29.01
C ASP A 169 5.29 -6.45 -28.26
N SER A 170 5.28 -7.55 -28.96
CA SER A 170 5.44 -8.87 -28.29
C SER A 170 6.64 -8.82 -27.34
N PRO A 171 6.57 -9.62 -26.32
CA PRO A 171 7.64 -9.68 -25.31
C PRO A 171 8.87 -10.40 -25.90
N GLU A 172 8.72 -10.98 -27.05
CA GLU A 172 9.87 -11.70 -27.68
C GLU A 172 10.46 -10.83 -28.79
N THR A 173 11.32 -11.40 -29.60
CA THR A 173 11.92 -10.61 -30.71
C THR A 173 11.13 -10.82 -32.00
N PHE A 1 10.58 13.46 -12.49
CA PHE A 1 11.27 12.60 -11.49
C PHE A 1 10.32 12.36 -10.30
N ARG A 2 9.78 11.18 -10.20
CA ARG A 2 8.85 10.89 -9.07
C ARG A 2 8.54 9.39 -9.04
N THR A 3 7.72 8.94 -9.96
CA THR A 3 7.37 7.49 -9.99
C THR A 3 8.65 6.65 -9.96
N PHE A 4 9.15 6.27 -11.11
CA PHE A 4 10.40 5.45 -11.16
C PHE A 4 10.76 5.14 -12.60
N PRO A 5 11.13 6.17 -13.32
CA PRO A 5 11.51 6.03 -14.73
C PRO A 5 12.88 5.36 -14.84
N GLY A 6 13.01 4.16 -14.33
CA GLY A 6 14.31 3.45 -14.40
C GLY A 6 14.16 2.02 -13.92
N ILE A 7 14.20 1.81 -12.63
CA ILE A 7 14.04 0.43 -12.09
C ILE A 7 12.77 0.34 -11.26
N PRO A 8 11.86 -0.48 -11.69
CA PRO A 8 10.58 -0.67 -10.99
C PRO A 8 10.80 -1.47 -9.70
N LYS A 9 9.76 -2.02 -9.15
CA LYS A 9 9.90 -2.83 -7.90
C LYS A 9 9.76 -4.31 -8.24
N TRP A 10 8.55 -4.76 -8.48
CA TRP A 10 8.37 -6.21 -8.82
C TRP A 10 8.37 -6.36 -10.35
N ARG A 11 8.56 -7.56 -10.84
CA ARG A 11 8.58 -7.76 -12.32
C ARG A 11 7.71 -8.96 -12.71
N LYS A 12 7.69 -9.98 -11.89
CA LYS A 12 6.87 -11.18 -12.23
C LYS A 12 5.44 -10.77 -12.57
N THR A 13 4.57 -11.73 -12.74
CA THR A 13 3.16 -11.41 -13.07
C THR A 13 2.23 -12.04 -12.03
N HIS A 14 2.76 -12.71 -11.04
CA HIS A 14 1.89 -13.34 -10.03
C HIS A 14 2.55 -13.31 -8.65
N LEU A 15 2.17 -12.38 -7.83
CA LEU A 15 2.78 -12.29 -6.46
C LEU A 15 1.67 -12.25 -5.41
N THR A 16 1.93 -11.66 -4.27
CA THR A 16 0.86 -11.60 -3.23
C THR A 16 1.30 -10.74 -2.05
N TYR A 17 0.45 -10.64 -1.06
CA TYR A 17 0.76 -9.82 0.13
C TYR A 17 0.38 -10.58 1.40
N ARG A 18 0.60 -9.99 2.53
CA ARG A 18 0.25 -10.67 3.80
C ARG A 18 -0.51 -9.71 4.70
N ILE A 19 -1.48 -10.18 5.45
CA ILE A 19 -2.24 -9.26 6.33
C ILE A 19 -1.74 -9.40 7.78
N VAL A 20 -0.63 -8.81 8.08
CA VAL A 20 -0.06 -8.90 9.45
C VAL A 20 -0.54 -7.73 10.32
N ASN A 21 -1.47 -6.94 9.85
CA ASN A 21 -1.95 -5.82 10.69
C ASN A 21 -3.37 -6.08 11.18
N TYR A 22 -3.85 -5.22 12.01
CA TYR A 22 -5.24 -5.38 12.53
C TYR A 22 -5.53 -4.26 13.55
N THR A 23 -5.98 -3.14 13.07
CA THR A 23 -6.30 -2.01 14.01
C THR A 23 -7.49 -2.42 14.85
N PRO A 24 -7.58 -1.84 16.03
CA PRO A 24 -8.69 -2.13 16.93
C PRO A 24 -9.97 -1.59 16.33
N ASP A 25 -9.84 -0.58 15.52
CA ASP A 25 -11.03 -0.01 14.86
C ASP A 25 -11.34 -0.87 13.64
N LEU A 26 -10.58 -1.92 13.44
CA LEU A 26 -10.82 -2.79 12.27
C LEU A 26 -10.52 -4.25 12.62
N PRO A 27 -11.53 -5.07 12.56
CA PRO A 27 -11.36 -6.49 12.83
C PRO A 27 -10.49 -7.11 11.75
N LYS A 28 -10.16 -8.36 11.89
CA LYS A 28 -9.32 -9.04 10.86
C LYS A 28 -9.74 -8.59 9.46
N ASP A 29 -10.94 -8.92 9.08
CA ASP A 29 -11.43 -8.57 7.72
C ASP A 29 -11.31 -7.06 7.43
N ALA A 30 -11.42 -6.21 8.41
CA ALA A 30 -11.33 -4.76 8.12
C ALA A 30 -9.87 -4.41 7.81
N VAL A 31 -8.97 -4.61 8.73
CA VAL A 31 -7.55 -4.30 8.42
C VAL A 31 -7.21 -5.03 7.11
N ASP A 32 -7.73 -6.22 6.96
CA ASP A 32 -7.50 -6.98 5.71
C ASP A 32 -8.19 -6.22 4.58
N SER A 33 -9.24 -5.51 4.91
CA SER A 33 -9.96 -4.73 3.88
C SER A 33 -9.01 -3.69 3.30
N ALA A 34 -8.20 -3.07 4.13
CA ALA A 34 -7.24 -2.05 3.62
C ALA A 34 -6.12 -2.74 2.85
N VAL A 35 -5.76 -3.90 3.28
CA VAL A 35 -4.69 -4.66 2.60
C VAL A 35 -5.26 -5.21 1.31
N GLU A 36 -6.55 -5.34 1.27
CA GLU A 36 -7.23 -5.87 0.07
C GLU A 36 -7.61 -4.72 -0.84
N LYS A 37 -7.93 -3.60 -0.29
CA LYS A 37 -8.28 -2.45 -1.15
C LYS A 37 -6.99 -1.80 -1.59
N ALA A 38 -6.01 -1.82 -0.73
CA ALA A 38 -4.68 -1.28 -1.08
C ALA A 38 -4.09 -2.18 -2.14
N LEU A 39 -3.83 -3.40 -1.75
CA LEU A 39 -3.25 -4.36 -2.72
C LEU A 39 -4.11 -4.37 -3.96
N LYS A 40 -5.36 -4.64 -3.80
CA LYS A 40 -6.25 -4.67 -5.01
C LYS A 40 -6.10 -3.37 -5.77
N VAL A 41 -5.95 -2.29 -5.08
CA VAL A 41 -5.81 -0.99 -5.77
C VAL A 41 -4.62 -1.12 -6.73
N TRP A 42 -3.60 -1.82 -6.33
CA TRP A 42 -2.42 -1.96 -7.22
C TRP A 42 -2.55 -3.21 -8.08
N GLU A 43 -3.32 -4.16 -7.67
CA GLU A 43 -3.48 -5.39 -8.49
C GLU A 43 -4.36 -5.05 -9.67
N GLU A 44 -5.21 -4.10 -9.50
CA GLU A 44 -6.10 -3.71 -10.61
C GLU A 44 -5.45 -2.61 -11.44
N VAL A 45 -4.89 -1.64 -10.79
CA VAL A 45 -4.25 -0.54 -11.59
C VAL A 45 -3.15 -1.13 -12.46
N THR A 46 -2.57 -2.25 -12.10
CA THR A 46 -1.50 -2.82 -12.97
C THR A 46 -2.02 -4.04 -13.74
N PRO A 47 -1.27 -4.41 -14.74
CA PRO A 47 -1.63 -5.54 -15.60
C PRO A 47 -1.18 -6.89 -15.00
N LEU A 48 -1.06 -6.98 -13.70
CA LEU A 48 -0.61 -8.29 -13.12
C LEU A 48 -1.57 -8.76 -12.02
N THR A 49 -1.28 -9.87 -11.39
CA THR A 49 -2.22 -10.39 -10.34
C THR A 49 -1.49 -10.62 -9.01
N PHE A 50 -2.25 -10.81 -7.96
CA PHE A 50 -1.66 -11.04 -6.60
C PHE A 50 -2.56 -11.97 -5.79
N SER A 51 -2.04 -12.54 -4.73
CA SER A 51 -2.86 -13.43 -3.88
C SER A 51 -2.62 -13.05 -2.41
N ARG A 52 -2.91 -13.92 -1.50
CA ARG A 52 -2.68 -13.61 -0.07
C ARG A 52 -2.40 -14.90 0.69
N LEU A 53 -1.67 -14.82 1.78
CA LEU A 53 -1.35 -16.06 2.54
C LEU A 53 -1.54 -15.79 4.04
N TYR A 54 -0.58 -16.12 4.85
CA TYR A 54 -0.73 -15.90 6.32
C TYR A 54 0.51 -16.40 7.05
N GLU A 55 1.65 -16.34 6.43
CA GLU A 55 2.89 -16.84 7.10
C GLU A 55 4.13 -16.38 6.32
N GLY A 56 5.28 -16.84 6.73
CA GLY A 56 6.53 -16.45 6.01
C GLY A 56 6.48 -14.98 5.63
N GLU A 57 6.13 -14.70 4.39
CA GLU A 57 6.06 -13.28 3.95
C GLU A 57 5.67 -13.20 2.48
N ALA A 58 4.62 -12.50 2.17
CA ALA A 58 4.18 -12.37 0.74
C ALA A 58 5.01 -11.29 0.07
N ASP A 59 4.46 -10.64 -0.91
CA ASP A 59 5.21 -9.56 -1.60
C ASP A 59 5.11 -8.28 -0.77
N ILE A 60 3.92 -7.93 -0.36
CA ILE A 60 3.71 -6.71 0.50
C ILE A 60 3.26 -7.19 1.88
N MET A 61 4.17 -7.60 2.71
CA MET A 61 3.79 -8.08 4.06
C MET A 61 3.18 -6.91 4.83
N ILE A 62 1.88 -6.81 4.88
CA ILE A 62 1.25 -5.69 5.61
C ILE A 62 1.28 -6.02 7.11
N SER A 63 1.73 -5.12 7.93
CA SER A 63 1.76 -5.45 9.38
C SER A 63 1.47 -4.23 10.25
N PHE A 64 0.98 -4.45 11.42
CA PHE A 64 0.69 -3.31 12.34
C PHE A 64 1.93 -3.04 13.20
N ALA A 65 2.31 -1.80 13.37
CA ALA A 65 3.53 -1.55 14.21
C ALA A 65 3.69 -0.05 14.52
N VAL A 66 4.86 0.32 14.94
CA VAL A 66 5.13 1.75 15.30
C VAL A 66 6.60 1.88 15.71
N ARG A 67 7.00 3.01 16.21
CA ARG A 67 8.42 3.21 16.63
C ARG A 67 8.98 1.93 17.28
N GLU A 68 8.13 1.11 17.85
CA GLU A 68 8.60 -0.14 18.50
C GLU A 68 9.43 -0.99 17.54
N HIS A 69 9.44 -0.68 16.26
CA HIS A 69 10.24 -1.50 15.28
C HIS A 69 11.57 -1.92 15.92
N GLY A 70 12.58 -1.11 15.79
CA GLY A 70 13.89 -1.46 16.38
C GLY A 70 14.80 -0.22 16.38
N ASP A 71 15.61 -0.07 15.38
CA ASP A 71 16.51 1.12 15.32
C ASP A 71 16.69 1.56 13.87
N PHE A 72 15.87 1.06 12.97
CA PHE A 72 16.00 1.45 11.55
C PHE A 72 14.62 1.82 10.99
N TYR A 73 13.59 1.20 11.46
CA TYR A 73 12.22 1.51 10.96
C TYR A 73 11.34 2.04 12.10
N PRO A 74 11.91 2.88 12.92
CA PRO A 74 11.16 3.47 14.05
C PRO A 74 10.12 4.43 13.50
N PHE A 75 8.88 4.01 13.44
CA PHE A 75 7.83 4.90 12.88
C PHE A 75 7.57 6.07 13.83
N ASP A 76 6.34 6.48 13.99
CA ASP A 76 6.07 7.65 14.87
C ASP A 76 5.00 7.34 15.91
N GLY A 77 4.05 6.50 15.60
CA GLY A 77 2.97 6.24 16.60
C GLY A 77 2.45 7.59 17.06
N PRO A 78 2.80 7.97 18.25
CA PRO A 78 2.37 9.27 18.80
C PRO A 78 2.98 10.41 17.97
N GLY A 79 2.64 10.46 16.71
CA GLY A 79 3.17 11.53 15.82
C GLY A 79 2.21 11.72 14.64
N ASN A 80 2.56 12.56 13.70
CA ASN A 80 1.67 12.79 12.53
C ASN A 80 1.82 11.64 11.53
N VAL A 81 3.02 11.19 11.29
CA VAL A 81 3.23 10.08 10.32
C VAL A 81 2.14 9.01 10.50
N LEU A 82 1.50 8.61 9.42
CA LEU A 82 0.41 7.59 9.52
C LEU A 82 0.90 6.16 9.25
N ALA A 83 1.50 5.89 8.10
CA ALA A 83 1.96 4.48 7.83
C ALA A 83 2.99 4.42 6.69
N HIS A 84 3.36 3.25 6.23
CA HIS A 84 4.36 3.19 5.12
C HIS A 84 4.65 1.75 4.71
N ALA A 85 5.43 1.58 3.67
CA ALA A 85 5.78 0.21 3.23
C ALA A 85 7.28 0.14 2.88
N TYR A 86 7.74 -0.94 2.29
CA TYR A 86 9.19 -1.02 1.97
C TYR A 86 9.39 -1.14 0.46
N ALA A 87 10.58 -1.51 0.05
CA ALA A 87 10.84 -1.64 -1.42
C ALA A 87 12.28 -2.12 -1.65
N PRO A 88 13.22 -1.33 -1.21
CA PRO A 88 14.64 -1.67 -1.37
C PRO A 88 15.04 -2.78 -0.38
N GLY A 89 15.93 -3.65 -0.78
CA GLY A 89 16.35 -4.75 0.13
C GLY A 89 15.51 -6.00 -0.14
N PRO A 90 16.14 -7.15 -0.02
CA PRO A 90 15.46 -8.43 -0.25
C PRO A 90 14.47 -8.71 0.88
N GLY A 91 13.43 -9.45 0.59
CA GLY A 91 12.43 -9.75 1.66
C GLY A 91 11.69 -8.46 2.01
N ILE A 92 12.39 -7.49 2.53
CA ILE A 92 11.76 -6.20 2.88
C ILE A 92 11.28 -5.52 1.60
N ASN A 93 11.65 -6.05 0.47
CA ASN A 93 11.21 -5.44 -0.81
C ASN A 93 9.70 -5.61 -0.96
N GLY A 94 8.94 -4.98 -0.12
CA GLY A 94 7.46 -5.12 -0.22
C GLY A 94 6.86 -5.45 1.16
N ASP A 95 6.76 -4.47 2.00
CA ASP A 95 6.17 -4.71 3.34
C ASP A 95 5.47 -3.44 3.80
N ALA A 96 4.19 -3.50 4.04
CA ALA A 96 3.48 -2.27 4.48
C ALA A 96 3.25 -2.33 5.98
N HIS A 97 2.88 -1.24 6.58
CA HIS A 97 2.65 -1.29 8.03
C HIS A 97 1.85 -0.05 8.47
N PHE A 98 0.83 -0.28 9.24
CA PHE A 98 -0.02 0.83 9.75
C PHE A 98 0.51 1.30 11.12
N ASP A 99 0.59 2.59 11.31
CA ASP A 99 1.07 3.10 12.63
C ASP A 99 0.02 2.81 13.69
N ASP A 100 0.41 2.18 14.77
CA ASP A 100 -0.57 1.86 15.84
C ASP A 100 -0.97 3.15 16.57
N ASP A 101 -0.34 4.25 16.23
CA ASP A 101 -0.66 5.55 16.88
C ASP A 101 -2.14 5.64 17.25
N GLU A 102 -2.98 5.80 16.27
CA GLU A 102 -4.43 5.94 16.54
C GLU A 102 -5.18 4.71 16.01
N GLN A 103 -6.28 4.92 15.35
CA GLN A 103 -7.05 3.76 14.81
C GLN A 103 -7.22 3.94 13.29
N TRP A 104 -7.90 3.03 12.65
CA TRP A 104 -8.08 3.14 11.19
C TRP A 104 -9.47 2.61 10.81
N THR A 105 -10.06 3.11 9.75
CA THR A 105 -11.41 2.63 9.35
C THR A 105 -11.54 2.64 7.84
N LYS A 106 -12.37 1.80 7.32
CA LYS A 106 -12.59 1.76 5.85
C LYS A 106 -13.32 3.03 5.49
N ASP A 107 -14.23 3.41 6.33
CA ASP A 107 -15.00 4.64 6.08
C ASP A 107 -14.20 5.80 6.65
N THR A 108 -14.86 6.83 7.09
CA THR A 108 -14.09 7.94 7.68
C THR A 108 -14.35 7.96 9.19
N THR A 109 -14.34 6.81 9.81
CA THR A 109 -14.65 6.74 11.26
C THR A 109 -13.36 6.75 12.09
N GLY A 110 -12.29 6.20 11.60
CA GLY A 110 -11.04 6.18 12.39
C GLY A 110 -9.99 7.03 11.71
N THR A 111 -9.34 6.50 10.72
CA THR A 111 -8.31 7.29 10.00
C THR A 111 -8.51 7.09 8.51
N ASN A 112 -7.83 6.15 7.92
CA ASN A 112 -7.99 5.92 6.48
C ASN A 112 -7.56 4.49 6.16
N LEU A 113 -8.29 3.53 6.66
CA LEU A 113 -7.97 2.09 6.43
C LEU A 113 -7.27 1.90 5.08
N PHE A 114 -8.03 1.66 4.04
CA PHE A 114 -7.44 1.40 2.71
C PHE A 114 -6.76 2.65 2.15
N LEU A 115 -6.96 3.80 2.71
CA LEU A 115 -6.27 4.97 2.14
C LEU A 115 -4.79 4.76 2.39
N VAL A 116 -4.42 4.66 3.63
CA VAL A 116 -3.01 4.42 3.98
C VAL A 116 -2.65 3.00 3.60
N ALA A 117 -3.63 2.18 3.31
CA ALA A 117 -3.31 0.79 2.92
C ALA A 117 -2.74 0.86 1.52
N ALA A 118 -3.51 1.33 0.57
CA ALA A 118 -2.96 1.44 -0.78
C ALA A 118 -1.81 2.43 -0.69
N HIS A 119 -1.76 3.20 0.35
CA HIS A 119 -0.63 4.13 0.47
C HIS A 119 0.63 3.28 0.72
N GLU A 120 0.52 2.27 1.53
CA GLU A 120 1.69 1.41 1.80
C GLU A 120 1.84 0.32 0.74
N ILE A 121 0.80 -0.40 0.42
CA ILE A 121 0.92 -1.44 -0.63
C ILE A 121 1.32 -0.75 -1.91
N GLY A 122 0.87 0.47 -2.03
CA GLY A 122 1.21 1.29 -3.22
C GLY A 122 2.61 1.84 -3.04
N HIS A 123 2.99 2.08 -1.84
CA HIS A 123 4.34 2.64 -1.58
C HIS A 123 5.43 1.66 -2.02
N SER A 124 5.26 0.40 -1.71
CA SER A 124 6.30 -0.60 -2.06
C SER A 124 6.11 -1.18 -3.47
N LEU A 125 4.96 -1.73 -3.75
CA LEU A 125 4.74 -2.37 -5.06
C LEU A 125 3.87 -1.49 -5.97
N GLY A 126 3.58 -0.31 -5.54
CA GLY A 126 2.71 0.59 -6.36
C GLY A 126 3.53 1.66 -7.05
N LEU A 127 3.93 2.68 -6.35
CA LEU A 127 4.70 3.76 -7.01
C LEU A 127 5.22 4.75 -5.97
N PHE A 128 5.60 5.92 -6.39
CA PHE A 128 6.11 6.93 -5.42
C PHE A 128 4.95 7.84 -4.99
N HIS A 129 4.78 8.96 -5.64
CA HIS A 129 3.68 9.89 -5.26
C HIS A 129 3.10 10.53 -6.52
N SER A 130 1.84 10.34 -6.79
CA SER A 130 1.23 10.95 -8.02
C SER A 130 0.31 12.10 -7.61
N ALA A 131 -0.33 12.74 -8.55
CA ALA A 131 -1.26 13.83 -8.18
C ALA A 131 -2.33 13.22 -7.29
N ASN A 132 -2.08 13.18 -6.01
CA ASN A 132 -3.07 12.53 -5.14
C ASN A 132 -4.09 13.50 -4.61
N THR A 133 -4.18 14.69 -5.15
CA THR A 133 -5.28 15.59 -4.71
C THR A 133 -6.53 14.72 -4.84
N GLU A 134 -6.46 13.78 -5.76
CA GLU A 134 -7.53 12.79 -5.97
C GLU A 134 -6.95 11.40 -5.70
N ALA A 135 -5.69 11.19 -6.05
CA ALA A 135 -5.07 9.84 -5.85
C ALA A 135 -5.07 9.39 -4.38
N LEU A 136 -4.21 8.47 -4.08
CA LEU A 136 -4.14 7.90 -2.70
C LEU A 136 -2.83 8.28 -1.98
N MET A 137 -1.93 8.97 -2.60
CA MET A 137 -0.67 9.28 -1.87
C MET A 137 -0.79 10.60 -1.10
N TYR A 138 -1.88 11.30 -1.27
CA TYR A 138 -2.03 12.58 -0.51
C TYR A 138 -3.47 12.80 0.02
N PRO A 139 -4.32 11.79 0.04
CA PRO A 139 -5.67 12.00 0.57
C PRO A 139 -5.60 12.06 2.08
N LEU A 140 -4.70 11.27 2.65
CA LEU A 140 -4.53 11.22 4.14
C LEU A 140 -5.15 12.44 4.80
N TYR A 141 -4.72 13.61 4.43
CA TYR A 141 -5.30 14.84 5.03
C TYR A 141 -6.69 15.07 4.42
N HIS A 142 -7.56 14.10 4.51
CA HIS A 142 -8.92 14.25 3.92
C HIS A 142 -9.78 13.03 4.30
N SER A 143 -10.57 12.52 3.38
CA SER A 143 -11.41 11.33 3.71
C SER A 143 -11.78 10.58 2.44
N LEU A 144 -11.38 9.34 2.32
CA LEU A 144 -11.72 8.55 1.10
C LEU A 144 -11.13 7.14 1.21
N THR A 145 -11.57 6.39 2.18
CA THR A 145 -11.06 5.00 2.34
C THR A 145 -12.22 4.02 2.10
N ASP A 146 -13.42 4.51 2.18
CA ASP A 146 -14.62 3.65 1.92
C ASP A 146 -15.87 4.52 1.77
N LEU A 147 -15.90 5.69 2.37
CA LEU A 147 -17.12 6.57 2.25
C LEU A 147 -17.85 6.32 0.93
N THR A 148 -17.19 6.57 -0.17
CA THR A 148 -17.83 6.34 -1.49
C THR A 148 -16.86 6.73 -2.59
N ARG A 149 -16.01 7.70 -2.31
CA ARG A 149 -15.02 8.14 -3.34
C ARG A 149 -13.71 7.40 -3.10
N PHE A 150 -13.56 6.85 -1.93
CA PHE A 150 -12.31 6.11 -1.58
C PHE A 150 -11.80 5.32 -2.79
N ARG A 151 -10.73 5.77 -3.38
CA ARG A 151 -10.18 5.05 -4.57
C ARG A 151 -8.94 5.79 -5.07
N LEU A 152 -8.03 5.09 -5.70
CA LEU A 152 -6.81 5.75 -6.23
C LEU A 152 -7.19 6.71 -7.35
N SER A 153 -6.29 7.58 -7.73
CA SER A 153 -6.62 8.54 -8.83
C SER A 153 -5.98 8.08 -10.15
N GLN A 154 -6.00 8.93 -11.14
CA GLN A 154 -5.41 8.56 -12.45
C GLN A 154 -3.91 8.85 -12.45
N ASP A 155 -3.44 9.71 -11.59
CA ASP A 155 -1.99 9.97 -11.57
C ASP A 155 -1.33 8.85 -10.80
N ASP A 156 -1.92 8.44 -9.70
CA ASP A 156 -1.31 7.32 -8.96
C ASP A 156 -1.49 6.04 -9.78
N ILE A 157 -2.59 5.95 -10.50
CA ILE A 157 -2.79 4.76 -11.38
C ILE A 157 -1.66 4.82 -12.41
N ASN A 158 -1.28 6.00 -12.77
CA ASN A 158 -0.20 6.17 -13.77
C ASN A 158 1.12 5.64 -13.19
N GLY A 159 1.48 6.08 -12.02
CA GLY A 159 2.74 5.60 -11.39
C GLY A 159 2.74 4.07 -11.25
N ILE A 160 1.74 3.52 -10.61
CA ILE A 160 1.73 2.03 -10.46
C ILE A 160 1.69 1.36 -11.83
N GLN A 161 0.80 1.79 -12.67
CA GLN A 161 0.72 1.20 -14.04
C GLN A 161 2.11 1.30 -14.65
N SER A 162 2.86 2.31 -14.26
CA SER A 162 4.23 2.46 -14.79
C SER A 162 5.15 1.51 -14.02
N LEU A 163 4.69 1.04 -12.88
CA LEU A 163 5.49 0.11 -12.08
C LEU A 163 5.54 -1.22 -12.82
N TYR A 164 4.39 -1.80 -13.04
CA TYR A 164 4.34 -3.10 -13.76
C TYR A 164 4.69 -2.90 -15.24
N GLY A 165 3.69 -2.69 -16.07
CA GLY A 165 3.94 -2.50 -17.54
C GLY A 165 5.27 -1.78 -17.76
N PRO A 166 5.99 -2.27 -18.75
CA PRO A 166 7.31 -1.70 -19.09
C PRO A 166 7.13 -0.34 -19.78
N PRO A 167 7.94 0.60 -19.37
CA PRO A 167 7.88 1.96 -19.94
C PRO A 167 8.43 2.02 -21.38
N PRO A 168 9.38 1.18 -21.71
CA PRO A 168 9.94 1.21 -23.08
C PRO A 168 8.95 0.61 -24.08
N ASP A 169 9.39 0.28 -25.26
CA ASP A 169 8.47 -0.30 -26.27
C ASP A 169 8.23 -1.78 -25.96
N SER A 170 9.27 -2.54 -25.80
CA SER A 170 9.11 -3.99 -25.50
C SER A 170 8.01 -4.17 -24.44
N PRO A 171 6.86 -4.59 -24.91
CA PRO A 171 5.71 -4.81 -24.02
C PRO A 171 5.94 -6.06 -23.17
N GLU A 172 6.41 -7.13 -23.77
CA GLU A 172 6.64 -8.37 -23.00
C GLU A 172 7.73 -8.14 -21.95
N THR A 173 7.72 -8.88 -20.89
CA THR A 173 8.75 -8.69 -19.83
C THR A 173 10.12 -9.07 -20.39
N PHE A 1 8.69 14.16 -7.81
CA PHE A 1 7.69 14.16 -8.92
C PHE A 1 7.56 12.75 -9.49
N ARG A 2 8.66 12.15 -9.87
CA ARG A 2 8.59 10.76 -10.42
C ARG A 2 8.65 9.75 -9.28
N THR A 3 8.43 8.50 -9.58
CA THR A 3 8.48 7.46 -8.52
C THR A 3 9.89 7.38 -7.93
N PHE A 4 10.18 6.35 -7.18
CA PHE A 4 11.54 6.21 -6.58
C PHE A 4 12.59 6.41 -7.67
N PRO A 5 13.85 6.31 -7.29
CA PRO A 5 14.94 6.48 -8.27
C PRO A 5 14.93 5.33 -9.26
N GLY A 6 13.85 5.17 -9.98
CA GLY A 6 13.76 4.07 -10.98
C GLY A 6 12.34 4.05 -11.55
N ILE A 7 11.76 2.90 -11.70
CA ILE A 7 10.36 2.82 -12.25
C ILE A 7 9.81 1.41 -12.05
N PRO A 8 10.45 0.46 -12.66
CA PRO A 8 10.01 -0.95 -12.55
C PRO A 8 10.30 -1.49 -11.15
N LYS A 9 9.47 -1.17 -10.19
CA LYS A 9 9.71 -1.67 -8.81
C LYS A 9 9.90 -3.19 -8.86
N TRP A 10 8.87 -3.96 -8.60
CA TRP A 10 9.04 -5.44 -8.65
C TRP A 10 9.32 -5.85 -10.10
N ARG A 11 9.20 -7.12 -10.41
CA ARG A 11 9.47 -7.56 -11.82
C ARG A 11 8.65 -8.81 -12.14
N LYS A 12 8.47 -9.69 -11.20
CA LYS A 12 7.69 -10.94 -11.47
C LYS A 12 6.36 -10.59 -12.13
N THR A 13 5.54 -11.58 -12.32
CA THR A 13 4.21 -11.36 -12.93
C THR A 13 3.13 -11.84 -11.95
N HIS A 14 3.54 -12.44 -10.87
CA HIS A 14 2.55 -12.94 -9.87
C HIS A 14 3.15 -12.81 -8.48
N LEU A 15 2.79 -11.79 -7.76
CA LEU A 15 3.36 -11.60 -6.39
C LEU A 15 2.31 -11.94 -5.34
N THR A 16 2.54 -11.56 -4.11
CA THR A 16 1.57 -11.88 -3.04
C THR A 16 1.79 -10.94 -1.85
N TYR A 17 0.84 -10.80 -0.99
CA TYR A 17 1.01 -9.89 0.17
C TYR A 17 0.58 -10.64 1.43
N ARG A 18 0.89 -10.12 2.58
CA ARG A 18 0.48 -10.82 3.85
C ARG A 18 -0.30 -9.85 4.75
N ILE A 19 -1.49 -10.20 5.11
CA ILE A 19 -2.30 -9.31 5.99
C ILE A 19 -1.89 -9.50 7.45
N VAL A 20 -0.86 -8.83 7.87
CA VAL A 20 -0.40 -8.95 9.28
C VAL A 20 -0.92 -7.77 10.10
N ASN A 21 -1.74 -6.93 9.52
CA ASN A 21 -2.30 -5.78 10.28
C ASN A 21 -3.68 -6.16 10.82
N TYR A 22 -4.11 -5.52 11.86
CA TYR A 22 -5.44 -5.81 12.42
C TYR A 22 -5.68 -4.93 13.65
N THR A 23 -5.23 -3.70 13.62
CA THR A 23 -5.45 -2.81 14.79
C THR A 23 -6.88 -2.97 15.28
N PRO A 24 -7.08 -2.66 16.52
CA PRO A 24 -8.42 -2.77 17.13
C PRO A 24 -9.34 -1.75 16.49
N ASP A 25 -8.77 -0.73 15.90
CA ASP A 25 -9.61 0.28 15.23
C ASP A 25 -10.26 -0.38 14.01
N LEU A 26 -9.84 -1.57 13.68
CA LEU A 26 -10.43 -2.29 12.53
C LEU A 26 -10.50 -3.79 12.83
N PRO A 27 -11.68 -4.33 12.74
CA PRO A 27 -11.86 -5.77 12.96
C PRO A 27 -11.12 -6.54 11.87
N LYS A 28 -10.95 -7.82 12.07
CA LYS A 28 -10.21 -8.65 11.07
C LYS A 28 -10.56 -8.19 9.65
N ASP A 29 -11.78 -8.35 9.26
CA ASP A 29 -12.19 -7.96 7.89
C ASP A 29 -11.91 -6.48 7.60
N ALA A 30 -11.80 -5.66 8.60
CA ALA A 30 -11.52 -4.23 8.32
C ALA A 30 -10.06 -4.05 7.95
N VAL A 31 -9.16 -4.36 8.84
CA VAL A 31 -7.73 -4.23 8.49
C VAL A 31 -7.50 -4.96 7.17
N ASP A 32 -8.15 -6.08 7.01
CA ASP A 32 -8.03 -6.85 5.76
C ASP A 32 -8.68 -6.03 4.65
N SER A 33 -9.63 -5.21 5.01
CA SER A 33 -10.31 -4.37 3.99
C SER A 33 -9.31 -3.37 3.39
N ALA A 34 -8.48 -2.79 4.21
CA ALA A 34 -7.47 -1.82 3.69
C ALA A 34 -6.37 -2.57 2.95
N VAL A 35 -6.06 -3.73 3.40
CA VAL A 35 -5.01 -4.53 2.73
C VAL A 35 -5.60 -5.07 1.44
N GLU A 36 -6.90 -5.18 1.41
CA GLU A 36 -7.59 -5.70 0.21
C GLU A 36 -7.88 -4.53 -0.72
N LYS A 37 -8.17 -3.38 -0.17
CA LYS A 37 -8.45 -2.22 -1.02
C LYS A 37 -7.10 -1.70 -1.51
N ALA A 38 -6.13 -1.70 -0.64
CA ALA A 38 -4.76 -1.27 -1.03
C ALA A 38 -4.18 -2.27 -2.02
N LEU A 39 -4.03 -3.48 -1.58
CA LEU A 39 -3.43 -4.54 -2.46
C LEU A 39 -4.23 -4.65 -3.75
N LYS A 40 -5.52 -4.57 -3.68
CA LYS A 40 -6.31 -4.68 -4.93
C LYS A 40 -6.21 -3.38 -5.69
N VAL A 41 -6.10 -2.30 -4.99
CA VAL A 41 -5.99 -1.00 -5.64
C VAL A 41 -4.84 -1.07 -6.63
N TRP A 42 -3.73 -1.63 -6.23
CA TRP A 42 -2.58 -1.72 -7.17
C TRP A 42 -2.63 -3.02 -7.96
N GLU A 43 -3.26 -4.02 -7.46
CA GLU A 43 -3.33 -5.29 -8.21
C GLU A 43 -4.20 -5.08 -9.42
N GLU A 44 -5.11 -4.16 -9.31
CA GLU A 44 -6.00 -3.89 -10.44
C GLU A 44 -5.39 -2.81 -11.32
N VAL A 45 -4.85 -1.78 -10.73
CA VAL A 45 -4.26 -0.69 -11.57
C VAL A 45 -3.18 -1.30 -12.48
N THR A 46 -2.56 -2.39 -12.08
CA THR A 46 -1.52 -2.95 -12.99
C THR A 46 -2.05 -4.25 -13.63
N PRO A 47 -1.51 -4.55 -14.78
CA PRO A 47 -1.92 -5.75 -15.53
C PRO A 47 -1.22 -7.02 -15.00
N LEU A 48 -0.81 -7.02 -13.76
CA LEU A 48 -0.12 -8.24 -13.22
C LEU A 48 -1.07 -9.00 -12.27
N THR A 49 -0.54 -9.95 -11.55
CA THR A 49 -1.41 -10.74 -10.61
C THR A 49 -0.89 -10.64 -9.18
N PHE A 50 -1.73 -10.97 -8.23
CA PHE A 50 -1.31 -10.89 -6.80
C PHE A 50 -2.05 -11.95 -5.99
N SER A 51 -1.40 -12.53 -5.01
CA SER A 51 -2.06 -13.57 -4.17
C SER A 51 -1.94 -13.17 -2.71
N ARG A 52 -2.14 -14.09 -1.80
CA ARG A 52 -2.02 -13.74 -0.36
C ARG A 52 -1.72 -15.00 0.46
N LEU A 53 -1.09 -14.84 1.58
CA LEU A 53 -0.75 -16.00 2.43
C LEU A 53 -0.85 -15.59 3.91
N TYR A 54 0.08 -16.00 4.73
CA TYR A 54 0.01 -15.61 6.17
C TYR A 54 1.19 -16.24 6.91
N GLU A 55 2.32 -16.35 6.25
CA GLU A 55 3.51 -16.95 6.91
C GLU A 55 4.77 -16.46 6.19
N GLY A 56 5.92 -16.91 6.63
CA GLY A 56 7.19 -16.48 5.98
C GLY A 56 7.11 -14.99 5.63
N GLU A 57 6.75 -14.67 4.43
CA GLU A 57 6.65 -13.23 4.04
C GLU A 57 6.23 -13.11 2.58
N ALA A 58 5.01 -12.73 2.32
CA ALA A 58 4.56 -12.56 0.91
C ALA A 58 5.43 -11.50 0.24
N ASP A 59 4.86 -10.77 -0.66
CA ASP A 59 5.64 -9.70 -1.36
C ASP A 59 5.50 -8.40 -0.57
N ILE A 60 4.29 -8.10 -0.16
CA ILE A 60 4.02 -6.85 0.63
C ILE A 60 3.51 -7.27 2.00
N MET A 61 4.39 -7.61 2.90
CA MET A 61 3.95 -8.02 4.25
C MET A 61 3.27 -6.84 4.95
N ILE A 62 1.97 -6.78 4.91
CA ILE A 62 1.26 -5.66 5.60
C ILE A 62 1.14 -6.02 7.08
N SER A 63 1.76 -5.30 7.96
CA SER A 63 1.66 -5.69 9.40
C SER A 63 1.41 -4.48 10.30
N PHE A 64 0.86 -4.72 11.45
CA PHE A 64 0.60 -3.60 12.41
C PHE A 64 1.83 -3.40 13.29
N ALA A 65 2.16 -2.16 13.57
CA ALA A 65 3.37 -1.91 14.44
C ALA A 65 3.40 -0.44 14.87
N VAL A 66 4.54 0.04 15.30
CA VAL A 66 4.62 1.47 15.72
C VAL A 66 6.05 1.79 16.18
N ARG A 67 6.21 2.80 16.99
CA ARG A 67 7.57 3.21 17.48
C ARG A 67 8.51 2.01 17.55
N GLU A 68 8.02 0.86 17.93
CA GLU A 68 8.91 -0.34 18.00
C GLU A 68 9.06 -0.96 16.61
N HIS A 69 10.28 -1.13 16.15
CA HIS A 69 10.50 -1.73 14.81
C HIS A 69 11.82 -2.50 14.81
N GLY A 70 12.90 -1.86 14.44
CA GLY A 70 14.21 -2.56 14.41
C GLY A 70 15.33 -1.54 14.66
N ASP A 71 15.31 -0.43 13.98
CA ASP A 71 16.38 0.59 14.20
C ASP A 71 16.15 1.80 13.28
N PHE A 72 15.56 1.59 12.13
CA PHE A 72 15.33 2.74 11.21
C PHE A 72 13.87 2.78 10.76
N TYR A 73 12.95 2.56 11.66
CA TYR A 73 11.51 2.58 11.28
C TYR A 73 10.65 2.90 12.50
N PRO A 74 11.07 3.89 13.24
CA PRO A 74 10.34 4.31 14.45
C PRO A 74 9.05 5.04 14.07
N PHE A 75 7.92 4.46 14.34
CA PHE A 75 6.64 5.13 13.97
C PHE A 75 6.14 5.96 15.15
N ASP A 76 4.88 6.24 15.19
CA ASP A 76 4.33 7.07 16.29
C ASP A 76 2.84 7.25 16.12
N GLY A 77 2.10 6.16 16.01
CA GLY A 77 0.62 6.23 15.83
C GLY A 77 0.08 7.64 16.05
N PRO A 78 0.20 8.12 17.26
CA PRO A 78 -0.27 9.49 17.60
C PRO A 78 0.61 10.53 16.90
N GLY A 79 0.66 10.50 15.59
CA GLY A 79 1.48 11.49 14.85
C GLY A 79 1.09 11.48 13.37
N ASN A 80 1.49 12.48 12.64
CA ASN A 80 1.13 12.54 11.19
C ASN A 80 1.58 11.24 10.50
N VAL A 81 2.85 10.93 10.56
CA VAL A 81 3.34 9.69 9.91
C VAL A 81 2.41 8.51 10.26
N LEU A 82 1.45 8.25 9.42
CA LEU A 82 0.48 7.13 9.72
C LEU A 82 1.08 5.74 9.43
N ALA A 83 1.36 5.41 8.19
CA ALA A 83 1.89 4.04 7.89
C ALA A 83 2.94 4.08 6.76
N HIS A 84 3.38 2.95 6.28
CA HIS A 84 4.39 2.98 5.19
C HIS A 84 4.79 1.57 4.77
N ALA A 85 5.48 1.45 3.67
CA ALA A 85 5.92 0.10 3.21
C ALA A 85 7.35 0.17 2.69
N TYR A 86 7.89 -0.92 2.20
CA TYR A 86 9.30 -0.87 1.71
C TYR A 86 9.34 -1.08 0.19
N ALA A 87 10.52 -1.33 -0.33
CA ALA A 87 10.67 -1.54 -1.79
C ALA A 87 10.99 -3.01 -2.06
N PRO A 88 11.26 -3.33 -3.30
CA PRO A 88 11.57 -4.71 -3.68
C PRO A 88 12.99 -5.07 -3.24
N GLY A 89 13.31 -4.89 -1.99
CA GLY A 89 14.69 -5.24 -1.51
C GLY A 89 14.66 -6.67 -0.95
N PRO A 90 15.74 -7.04 -0.32
CA PRO A 90 15.86 -8.39 0.27
C PRO A 90 14.95 -8.51 1.49
N GLY A 91 14.07 -9.48 1.50
CA GLY A 91 13.15 -9.63 2.67
C GLY A 91 12.15 -8.48 2.67
N ILE A 92 12.65 -7.28 2.75
CA ILE A 92 11.73 -6.11 2.73
C ILE A 92 11.25 -5.86 1.29
N ASN A 93 11.37 -6.85 0.44
CA ASN A 93 10.90 -6.71 -0.97
C ASN A 93 9.39 -6.50 -0.93
N GLY A 94 8.96 -5.42 -0.33
CA GLY A 94 7.50 -5.15 -0.23
C GLY A 94 7.02 -5.48 1.18
N ASP A 95 6.81 -4.49 1.98
CA ASP A 95 6.33 -4.73 3.36
C ASP A 95 5.69 -3.46 3.87
N ALA A 96 4.41 -3.48 4.12
CA ALA A 96 3.74 -2.25 4.61
C ALA A 96 3.36 -2.44 6.06
N HIS A 97 3.11 -1.39 6.77
CA HIS A 97 2.72 -1.55 8.17
C HIS A 97 1.93 -0.31 8.62
N PHE A 98 0.85 -0.56 9.31
CA PHE A 98 -0.01 0.55 9.83
C PHE A 98 0.40 0.91 11.27
N ASP A 99 0.59 2.17 11.57
CA ASP A 99 0.93 2.51 12.98
C ASP A 99 -0.28 2.16 13.85
N ASP A 100 -0.10 1.32 14.83
CA ASP A 100 -1.26 0.91 15.68
C ASP A 100 -1.44 1.88 16.85
N ASP A 101 -0.50 2.75 17.05
CA ASP A 101 -0.63 3.70 18.19
C ASP A 101 -1.58 4.84 17.80
N GLU A 102 -2.15 4.77 16.62
CA GLU A 102 -3.08 5.84 16.17
C GLU A 102 -4.48 5.23 16.03
N GLN A 103 -5.14 5.44 14.93
CA GLN A 103 -6.50 4.85 14.75
C GLN A 103 -6.61 4.28 13.34
N TRP A 104 -7.70 3.64 13.00
CA TRP A 104 -7.84 3.08 11.63
C TRP A 104 -9.31 2.80 11.33
N THR A 105 -9.87 3.48 10.37
CA THR A 105 -11.31 3.23 10.05
C THR A 105 -11.51 3.26 8.55
N LYS A 106 -12.49 2.54 8.09
CA LYS A 106 -12.80 2.53 6.63
C LYS A 106 -13.70 3.72 6.35
N ASP A 107 -14.50 4.07 7.32
CA ASP A 107 -15.40 5.23 7.17
C ASP A 107 -14.62 6.49 7.52
N THR A 108 -13.61 6.79 6.74
CA THR A 108 -12.70 7.97 7.00
C THR A 108 -13.06 8.70 8.29
N THR A 109 -13.00 8.02 9.40
CA THR A 109 -13.34 8.64 10.69
C THR A 109 -12.20 8.44 11.69
N GLY A 110 -11.48 7.36 11.57
CA GLY A 110 -10.35 7.13 12.53
C GLY A 110 -9.07 7.66 11.90
N THR A 111 -8.44 6.85 11.09
CA THR A 111 -7.19 7.31 10.43
C THR A 111 -7.43 7.25 8.93
N ASN A 112 -7.28 6.10 8.37
CA ASN A 112 -7.48 5.97 6.92
C ASN A 112 -7.27 4.52 6.52
N LEU A 113 -8.18 3.67 6.85
CA LEU A 113 -8.06 2.23 6.51
C LEU A 113 -7.36 2.05 5.15
N PHE A 114 -8.12 1.88 4.11
CA PHE A 114 -7.50 1.64 2.79
C PHE A 114 -6.82 2.89 2.25
N LEU A 115 -6.99 4.03 2.84
CA LEU A 115 -6.29 5.18 2.26
C LEU A 115 -4.80 4.95 2.50
N VAL A 116 -4.43 4.82 3.73
CA VAL A 116 -3.02 4.53 4.05
C VAL A 116 -2.71 3.08 3.68
N ALA A 117 -3.72 2.30 3.36
CA ALA A 117 -3.43 0.90 2.96
C ALA A 117 -2.87 0.94 1.55
N ALA A 118 -3.64 1.42 0.59
CA ALA A 118 -3.09 1.51 -0.76
C ALA A 118 -1.94 2.48 -0.70
N HIS A 119 -1.85 3.25 0.34
CA HIS A 119 -0.69 4.16 0.42
C HIS A 119 0.57 3.31 0.63
N GLU A 120 0.50 2.32 1.47
CA GLU A 120 1.69 1.45 1.70
C GLU A 120 1.77 0.35 0.63
N ILE A 121 0.69 -0.34 0.38
CA ILE A 121 0.73 -1.41 -0.66
C ILE A 121 1.09 -0.73 -1.97
N GLY A 122 0.69 0.50 -2.08
CA GLY A 122 1.03 1.29 -3.30
C GLY A 122 2.47 1.74 -3.16
N HIS A 123 2.90 1.97 -1.96
CA HIS A 123 4.29 2.41 -1.74
C HIS A 123 5.25 1.39 -2.34
N SER A 124 5.09 0.14 -1.99
CA SER A 124 6.02 -0.91 -2.50
C SER A 124 5.67 -1.34 -3.93
N LEU A 125 4.48 -1.84 -4.13
CA LEU A 125 4.08 -2.32 -5.51
C LEU A 125 3.14 -1.33 -6.16
N GLY A 126 3.37 -0.07 -6.00
CA GLY A 126 2.45 0.93 -6.61
C GLY A 126 3.26 2.10 -7.17
N LEU A 127 3.79 2.93 -6.34
CA LEU A 127 4.57 4.07 -6.87
C LEU A 127 5.08 4.94 -5.72
N PHE A 128 5.47 6.15 -5.99
CA PHE A 128 5.97 7.03 -4.91
C PHE A 128 4.85 7.98 -4.48
N HIS A 129 4.64 9.03 -5.23
CA HIS A 129 3.56 9.99 -4.86
C HIS A 129 3.08 10.70 -6.14
N SER A 130 2.28 10.03 -6.93
CA SER A 130 1.77 10.67 -8.18
C SER A 130 0.93 11.89 -7.82
N ALA A 131 0.29 12.48 -8.77
CA ALA A 131 -0.58 13.64 -8.48
C ALA A 131 -1.70 13.12 -7.60
N ASN A 132 -1.41 12.92 -6.34
CA ASN A 132 -2.42 12.35 -5.45
C ASN A 132 -3.32 13.43 -4.88
N THR A 133 -3.28 14.62 -5.42
CA THR A 133 -4.26 15.64 -4.94
C THR A 133 -5.61 14.92 -5.02
N GLU A 134 -5.66 13.99 -5.94
CA GLU A 134 -6.85 13.12 -6.12
C GLU A 134 -6.40 11.69 -5.82
N ALA A 135 -5.21 11.32 -6.25
CA ALA A 135 -4.71 9.92 -6.02
C ALA A 135 -4.54 9.61 -4.53
N LEU A 136 -4.42 8.35 -4.23
CA LEU A 136 -4.30 7.86 -2.83
C LEU A 136 -2.99 8.29 -2.13
N MET A 137 -2.00 8.74 -2.84
CA MET A 137 -0.75 9.07 -2.09
C MET A 137 -0.84 10.41 -1.36
N TYR A 138 -1.86 11.19 -1.59
CA TYR A 138 -1.94 12.49 -0.85
C TYR A 138 -3.36 12.83 -0.32
N PRO A 139 -4.25 11.86 -0.24
CA PRO A 139 -5.60 12.15 0.28
C PRO A 139 -5.54 12.21 1.79
N LEU A 140 -4.71 11.35 2.37
CA LEU A 140 -4.56 11.27 3.86
C LEU A 140 -5.12 12.52 4.53
N TYR A 141 -4.63 13.67 4.16
CA TYR A 141 -5.16 14.93 4.75
C TYR A 141 -6.53 15.26 4.14
N HIS A 142 -7.42 14.29 4.10
CA HIS A 142 -8.77 14.54 3.51
C HIS A 142 -9.74 13.46 4.03
N SER A 143 -10.35 12.69 3.16
CA SER A 143 -11.29 11.64 3.63
C SER A 143 -11.73 10.77 2.44
N LEU A 144 -11.30 9.54 2.39
CA LEU A 144 -11.70 8.64 1.26
C LEU A 144 -11.06 7.27 1.43
N THR A 145 -11.42 6.54 2.45
CA THR A 145 -10.84 5.20 2.66
C THR A 145 -11.95 4.14 2.56
N ASP A 146 -13.17 4.56 2.48
CA ASP A 146 -14.29 3.58 2.38
C ASP A 146 -15.64 4.29 2.34
N LEU A 147 -15.72 5.52 2.84
CA LEU A 147 -17.03 6.25 2.85
C LEU A 147 -17.89 5.83 1.66
N THR A 148 -17.40 6.05 0.47
CA THR A 148 -18.18 5.65 -0.73
C THR A 148 -17.40 6.03 -1.99
N ARG A 149 -16.59 7.06 -1.90
CA ARG A 149 -15.80 7.50 -3.07
C ARG A 149 -14.37 6.97 -2.92
N PHE A 150 -13.95 6.78 -1.70
CA PHE A 150 -12.57 6.28 -1.42
C PHE A 150 -12.02 5.42 -2.57
N ARG A 151 -10.92 5.82 -3.13
CA ARG A 151 -10.32 5.02 -4.25
C ARG A 151 -9.04 5.71 -4.75
N LEU A 152 -8.30 5.05 -5.59
CA LEU A 152 -7.05 5.68 -6.11
C LEU A 152 -7.37 6.62 -7.26
N SER A 153 -6.48 7.52 -7.60
CA SER A 153 -6.78 8.44 -8.73
C SER A 153 -6.03 8.01 -9.99
N GLN A 154 -6.00 8.85 -10.98
CA GLN A 154 -5.32 8.48 -12.26
C GLN A 154 -3.82 8.76 -12.21
N ASP A 155 -3.34 9.51 -11.25
CA ASP A 155 -1.90 9.76 -11.21
C ASP A 155 -1.25 8.60 -10.48
N ASP A 156 -1.81 8.18 -9.36
CA ASP A 156 -1.21 7.01 -8.68
C ASP A 156 -1.39 5.82 -9.62
N ILE A 157 -2.55 5.72 -10.25
CA ILE A 157 -2.75 4.62 -11.22
C ILE A 157 -1.62 4.74 -12.24
N ASN A 158 -1.25 5.95 -12.54
CA ASN A 158 -0.15 6.19 -13.50
C ASN A 158 1.16 5.66 -12.92
N GLY A 159 1.44 6.00 -11.69
CA GLY A 159 2.70 5.51 -11.05
C GLY A 159 2.74 3.97 -11.06
N ILE A 160 1.74 3.34 -10.52
CA ILE A 160 1.75 1.85 -10.51
C ILE A 160 1.80 1.34 -11.94
N GLN A 161 1.00 1.90 -12.79
CA GLN A 161 1.02 1.49 -14.20
C GLN A 161 2.46 1.68 -14.70
N SER A 162 3.16 2.59 -14.06
CA SER A 162 4.57 2.83 -14.43
C SER A 162 5.41 1.70 -13.83
N LEU A 163 4.92 1.06 -12.82
CA LEU A 163 5.67 -0.08 -12.22
C LEU A 163 5.59 -1.21 -13.21
N TYR A 164 4.40 -1.70 -13.36
CA TYR A 164 4.17 -2.82 -14.32
C TYR A 164 3.80 -2.24 -15.70
N GLY A 165 2.63 -2.57 -16.22
CA GLY A 165 2.25 -2.02 -17.54
C GLY A 165 3.39 -2.21 -18.54
N PRO A 166 3.66 -3.45 -18.85
CA PRO A 166 4.74 -3.79 -19.80
C PRO A 166 4.32 -3.40 -21.23
N PRO A 167 5.00 -2.42 -21.76
CA PRO A 167 4.72 -1.94 -23.12
C PRO A 167 5.18 -2.94 -24.20
N PRO A 168 6.23 -3.71 -23.94
CA PRO A 168 6.71 -4.67 -24.94
C PRO A 168 5.78 -5.88 -24.99
N ASP A 169 5.97 -6.75 -25.94
CA ASP A 169 5.09 -7.95 -26.04
C ASP A 169 5.91 -9.15 -26.52
N SER A 170 6.38 -9.12 -27.74
CA SER A 170 7.19 -10.26 -28.26
C SER A 170 8.43 -10.44 -27.39
N PRO A 171 8.48 -11.55 -26.70
CA PRO A 171 9.62 -11.86 -25.82
C PRO A 171 10.85 -12.21 -26.65
N GLU A 172 10.66 -12.61 -27.88
CA GLU A 172 11.82 -12.96 -28.75
C GLU A 172 11.78 -12.11 -30.02
N THR A 173 10.94 -12.47 -30.96
CA THR A 173 10.87 -11.69 -32.23
C THR A 173 9.43 -11.19 -32.44
N PHE A 1 7.22 15.49 -7.44
CA PHE A 1 5.74 15.26 -7.51
C PHE A 1 5.43 14.23 -8.61
N ARG A 2 6.11 13.12 -8.59
CA ARG A 2 5.85 12.09 -9.64
C ARG A 2 6.55 10.78 -9.24
N THR A 3 6.23 9.70 -9.90
CA THR A 3 6.88 8.40 -9.57
C THR A 3 8.39 8.57 -9.53
N PHE A 4 9.12 7.51 -9.28
CA PHE A 4 10.60 7.61 -9.24
C PHE A 4 11.17 7.36 -10.63
N PRO A 5 11.66 8.40 -11.23
CA PRO A 5 12.26 8.32 -12.58
C PRO A 5 13.61 7.58 -12.52
N GLY A 6 13.63 6.34 -12.89
CA GLY A 6 14.91 5.57 -12.86
C GLY A 6 14.63 4.10 -13.19
N ILE A 7 13.89 3.42 -12.37
CA ILE A 7 13.59 1.99 -12.64
C ILE A 7 12.27 1.60 -11.98
N PRO A 8 11.61 0.64 -12.56
CA PRO A 8 10.33 0.15 -12.03
C PRO A 8 10.55 -0.67 -10.76
N LYS A 9 9.54 -0.82 -9.94
CA LYS A 9 9.70 -1.60 -8.68
C LYS A 9 9.71 -3.09 -9.01
N TRP A 10 8.56 -3.73 -8.95
CA TRP A 10 8.50 -5.18 -9.25
C TRP A 10 8.43 -5.42 -10.76
N ARG A 11 8.44 -6.64 -11.18
CA ARG A 11 8.38 -6.95 -12.64
C ARG A 11 7.53 -8.20 -12.85
N LYS A 12 7.68 -9.19 -12.01
CA LYS A 12 6.89 -10.45 -12.16
C LYS A 12 5.43 -10.11 -12.47
N THR A 13 4.66 -11.12 -12.78
CA THR A 13 3.22 -10.87 -13.09
C THR A 13 2.35 -11.44 -11.97
N HIS A 14 2.94 -11.90 -10.88
CA HIS A 14 2.11 -12.46 -9.79
C HIS A 14 2.72 -12.10 -8.43
N LEU A 15 2.24 -11.06 -7.82
CA LEU A 15 2.80 -10.65 -6.49
C LEU A 15 1.92 -11.20 -5.38
N THR A 16 2.40 -11.21 -4.18
CA THR A 16 1.59 -11.74 -3.05
C THR A 16 1.74 -10.79 -1.85
N TYR A 17 0.80 -10.77 -0.97
CA TYR A 17 0.92 -9.86 0.20
C TYR A 17 0.53 -10.61 1.48
N ARG A 18 0.76 -10.03 2.62
CA ARG A 18 0.40 -10.71 3.89
C ARG A 18 -0.37 -9.74 4.79
N ILE A 19 -1.52 -10.12 5.28
CA ILE A 19 -2.31 -9.21 6.15
C ILE A 19 -1.85 -9.36 7.61
N VAL A 20 -0.78 -8.71 7.97
CA VAL A 20 -0.28 -8.81 9.38
C VAL A 20 -0.75 -7.59 10.20
N ASN A 21 -1.61 -6.77 9.62
CA ASN A 21 -2.10 -5.59 10.36
C ASN A 21 -3.48 -5.91 10.94
N TYR A 22 -3.90 -5.16 11.92
CA TYR A 22 -5.24 -5.40 12.52
C TYR A 22 -5.46 -4.43 13.68
N THR A 23 -5.78 -3.20 13.38
CA THR A 23 -6.03 -2.21 14.47
C THR A 23 -7.32 -2.59 15.18
N PRO A 24 -7.43 -2.17 16.40
CA PRO A 24 -8.64 -2.46 17.18
C PRO A 24 -9.81 -1.70 16.57
N ASP A 25 -9.51 -0.62 15.91
CA ASP A 25 -10.60 0.15 15.26
C ASP A 25 -11.05 -0.63 14.02
N LEU A 26 -10.36 -1.69 13.71
CA LEU A 26 -10.74 -2.50 12.52
C LEU A 26 -10.60 -3.99 12.83
N PRO A 27 -11.68 -4.69 12.69
CA PRO A 27 -11.67 -6.14 12.91
C PRO A 27 -10.80 -6.79 11.83
N LYS A 28 -10.50 -8.05 11.98
CA LYS A 28 -9.66 -8.76 10.98
C LYS A 28 -10.02 -8.30 9.58
N ASP A 29 -11.21 -8.59 9.16
CA ASP A 29 -11.66 -8.23 7.79
C ASP A 29 -11.50 -6.72 7.53
N ALA A 30 -11.54 -5.89 8.53
CA ALA A 30 -11.38 -4.44 8.28
C ALA A 30 -9.93 -4.13 7.95
N VAL A 31 -9.02 -4.38 8.85
CA VAL A 31 -7.59 -4.13 8.53
C VAL A 31 -7.29 -4.86 7.22
N ASP A 32 -7.81 -6.06 7.10
CA ASP A 32 -7.61 -6.83 5.86
C ASP A 32 -8.31 -6.08 4.74
N SER A 33 -9.32 -5.33 5.09
CA SER A 33 -10.04 -4.54 4.05
C SER A 33 -9.09 -3.53 3.44
N ALA A 34 -8.28 -2.88 4.23
CA ALA A 34 -7.31 -1.90 3.68
C ALA A 34 -6.22 -2.62 2.93
N VAL A 35 -5.88 -3.79 3.36
CA VAL A 35 -4.83 -4.57 2.66
C VAL A 35 -5.44 -5.13 1.38
N GLU A 36 -6.73 -5.24 1.38
CA GLU A 36 -7.45 -5.77 0.20
C GLU A 36 -7.80 -4.61 -0.73
N LYS A 37 -8.08 -3.47 -0.17
CA LYS A 37 -8.42 -2.31 -1.02
C LYS A 37 -7.11 -1.71 -1.51
N ALA A 38 -6.12 -1.72 -0.66
CA ALA A 38 -4.78 -1.21 -1.06
C ALA A 38 -4.22 -2.17 -2.12
N LEU A 39 -4.03 -3.40 -1.72
CA LEU A 39 -3.46 -4.41 -2.66
C LEU A 39 -4.31 -4.47 -3.92
N LYS A 40 -5.60 -4.44 -3.78
CA LYS A 40 -6.46 -4.51 -4.99
C LYS A 40 -6.34 -3.21 -5.76
N VAL A 41 -6.18 -2.14 -5.05
CA VAL A 41 -6.04 -0.84 -5.72
C VAL A 41 -4.90 -0.95 -6.72
N TRP A 42 -3.83 -1.58 -6.34
CA TRP A 42 -2.69 -1.70 -7.29
C TRP A 42 -2.80 -2.99 -8.09
N GLU A 43 -3.50 -3.95 -7.59
CA GLU A 43 -3.65 -5.23 -8.35
C GLU A 43 -4.55 -4.97 -9.54
N GLU A 44 -5.41 -4.00 -9.40
CA GLU A 44 -6.32 -3.68 -10.52
C GLU A 44 -5.68 -2.63 -11.40
N VAL A 45 -5.09 -1.63 -10.82
CA VAL A 45 -4.46 -0.58 -11.67
C VAL A 45 -3.42 -1.22 -12.58
N THR A 46 -2.86 -2.34 -12.19
CA THR A 46 -1.83 -2.98 -13.09
C THR A 46 -2.42 -4.19 -13.80
N PRO A 47 -1.73 -4.59 -14.83
CA PRO A 47 -2.14 -5.75 -15.66
C PRO A 47 -1.58 -7.06 -15.09
N LEU A 48 -1.39 -7.15 -13.80
CA LEU A 48 -0.83 -8.43 -13.24
C LEU A 48 -1.79 -9.02 -12.22
N THR A 49 -1.34 -9.99 -11.45
CA THR A 49 -2.24 -10.63 -10.44
C THR A 49 -1.64 -10.51 -9.03
N PHE A 50 -2.37 -10.97 -8.04
CA PHE A 50 -1.87 -10.89 -6.65
C PHE A 50 -2.20 -12.20 -5.90
N SER A 51 -1.65 -12.40 -4.74
CA SER A 51 -1.93 -13.64 -3.97
C SER A 51 -1.78 -13.32 -2.48
N ARG A 52 -2.19 -14.21 -1.62
CA ARG A 52 -2.05 -13.92 -0.16
C ARG A 52 -1.64 -15.19 0.59
N LEU A 53 -1.24 -15.02 1.83
CA LEU A 53 -0.81 -16.19 2.63
C LEU A 53 -0.97 -15.82 4.12
N TYR A 54 0.02 -16.11 4.93
CA TYR A 54 -0.09 -15.76 6.38
C TYR A 54 1.17 -16.24 7.11
N GLU A 55 2.29 -16.23 6.44
CA GLU A 55 3.55 -16.70 7.10
C GLU A 55 4.75 -16.18 6.33
N GLY A 56 5.93 -16.62 6.69
CA GLY A 56 7.16 -16.18 5.97
C GLY A 56 7.04 -14.71 5.62
N GLU A 57 6.68 -14.41 4.40
CA GLU A 57 6.55 -12.98 4.00
C GLU A 57 6.15 -12.88 2.53
N ALA A 58 4.94 -12.51 2.25
CA ALA A 58 4.51 -12.36 0.83
C ALA A 58 5.38 -11.32 0.16
N ASP A 59 4.86 -10.63 -0.81
CA ASP A 59 5.67 -9.58 -1.48
C ASP A 59 5.49 -8.27 -0.72
N ILE A 60 4.30 -8.06 -0.19
CA ILE A 60 4.01 -6.82 0.60
C ILE A 60 3.47 -7.25 1.96
N MET A 61 4.33 -7.65 2.86
CA MET A 61 3.83 -8.09 4.19
C MET A 61 3.26 -6.88 4.92
N ILE A 62 1.97 -6.76 4.95
CA ILE A 62 1.33 -5.61 5.65
C ILE A 62 1.27 -5.95 7.13
N SER A 63 1.88 -5.19 7.99
CA SER A 63 1.82 -5.55 9.44
C SER A 63 1.61 -4.32 10.32
N PHE A 64 1.13 -4.55 11.50
CA PHE A 64 0.89 -3.42 12.44
C PHE A 64 2.14 -3.20 13.30
N ALA A 65 2.50 -1.96 13.55
CA ALA A 65 3.70 -1.69 14.38
C ALA A 65 3.67 -0.25 14.89
N VAL A 66 4.78 0.29 15.30
CA VAL A 66 4.78 1.69 15.79
C VAL A 66 6.19 2.09 16.22
N ARG A 67 6.32 3.07 17.07
CA ARG A 67 7.68 3.52 17.52
C ARG A 67 8.37 2.39 18.30
N GLU A 68 8.57 1.26 17.67
CA GLU A 68 9.24 0.13 18.37
C GLU A 68 9.83 -0.83 17.32
N HIS A 69 10.06 -0.35 16.13
CA HIS A 69 10.63 -1.23 15.07
C HIS A 69 11.97 -1.78 15.54
N GLY A 70 12.51 -2.75 14.84
CA GLY A 70 13.82 -3.33 15.25
C GLY A 70 14.79 -2.20 15.64
N ASP A 71 14.95 -1.24 14.77
CA ASP A 71 15.87 -0.11 15.09
C ASP A 71 15.82 0.92 13.97
N PHE A 72 14.64 1.31 13.55
CA PHE A 72 14.53 2.31 12.45
C PHE A 72 13.07 2.77 12.35
N TYR A 73 12.66 3.23 11.17
CA TYR A 73 11.26 3.72 10.94
C TYR A 73 10.41 3.67 12.21
N PRO A 74 10.75 4.52 13.14
CA PRO A 74 10.01 4.58 14.42
C PRO A 74 8.70 5.34 14.21
N PHE A 75 7.62 4.62 14.02
CA PHE A 75 6.31 5.32 13.81
C PHE A 75 5.82 5.92 15.12
N ASP A 76 4.57 6.26 15.19
CA ASP A 76 4.03 6.87 16.43
C ASP A 76 2.54 7.19 16.25
N GLY A 77 1.76 6.21 15.87
CA GLY A 77 0.28 6.40 15.66
C GLY A 77 -0.17 7.84 15.92
N PRO A 78 -0.13 8.25 17.17
CA PRO A 78 -0.52 9.61 17.53
C PRO A 78 0.47 10.62 16.94
N GLY A 79 0.61 10.63 15.65
CA GLY A 79 1.57 11.57 15.00
C GLY A 79 1.34 11.56 13.49
N ASN A 80 1.79 12.57 12.80
CA ASN A 80 1.59 12.62 11.33
C ASN A 80 2.10 11.33 10.68
N VAL A 81 3.28 10.89 11.04
CA VAL A 81 3.83 9.64 10.44
C VAL A 81 2.80 8.51 10.58
N LEU A 82 1.95 8.36 9.61
CA LEU A 82 0.89 7.30 9.67
C LEU A 82 1.42 5.88 9.36
N ALA A 83 1.57 5.52 8.11
CA ALA A 83 2.04 4.13 7.77
C ALA A 83 3.07 4.16 6.63
N HIS A 84 3.52 3.02 6.17
CA HIS A 84 4.51 3.05 5.06
C HIS A 84 4.92 1.62 4.67
N ALA A 85 5.62 1.47 3.57
CA ALA A 85 6.03 0.12 3.15
C ALA A 85 7.48 0.12 2.69
N TYR A 86 7.95 -0.97 2.14
CA TYR A 86 9.36 -1.03 1.69
C TYR A 86 9.43 -1.26 0.18
N ALA A 87 10.59 -1.60 -0.33
CA ALA A 87 10.72 -1.84 -1.79
C ALA A 87 12.02 -2.60 -2.07
N PRO A 88 13.12 -1.96 -1.79
CA PRO A 88 14.45 -2.58 -2.01
C PRO A 88 14.71 -3.65 -0.96
N GLY A 89 15.77 -4.40 -1.12
CA GLY A 89 16.10 -5.47 -0.14
C GLY A 89 15.45 -6.78 -0.57
N PRO A 90 15.89 -7.85 0.05
CA PRO A 90 15.38 -9.20 -0.27
C PRO A 90 13.97 -9.39 0.33
N GLY A 91 13.88 -9.94 1.51
CA GLY A 91 12.53 -10.15 2.13
C GLY A 91 11.82 -8.82 2.30
N ILE A 92 12.54 -7.78 2.57
CA ILE A 92 11.91 -6.44 2.73
C ILE A 92 11.45 -5.94 1.35
N ASN A 93 11.60 -6.75 0.33
CA ASN A 93 11.17 -6.31 -1.03
C ASN A 93 9.65 -6.15 -1.04
N GLY A 94 9.13 -5.25 -0.27
CA GLY A 94 7.65 -5.05 -0.25
C GLY A 94 7.10 -5.43 1.14
N ASP A 95 6.97 -4.46 1.99
CA ASP A 95 6.46 -4.73 3.35
C ASP A 95 5.77 -3.46 3.83
N ALA A 96 4.49 -3.50 4.12
CA ALA A 96 3.81 -2.26 4.59
C ALA A 96 3.50 -2.38 6.06
N HIS A 97 3.22 -1.30 6.71
CA HIS A 97 2.89 -1.40 8.14
C HIS A 97 2.12 -0.14 8.59
N PHE A 98 1.07 -0.38 9.32
CA PHE A 98 0.22 0.75 9.85
C PHE A 98 0.63 1.08 11.29
N ASP A 99 0.87 2.33 11.61
CA ASP A 99 1.19 2.62 13.04
C ASP A 99 -0.03 2.26 13.87
N ASP A 100 0.11 1.42 14.85
CA ASP A 100 -1.07 1.00 15.67
C ASP A 100 -1.14 1.81 16.96
N ASP A 101 -0.71 3.04 16.94
CA ASP A 101 -0.77 3.86 18.17
C ASP A 101 -1.87 4.92 18.02
N GLU A 102 -2.48 5.01 16.87
CA GLU A 102 -3.56 6.02 16.67
C GLU A 102 -4.88 5.28 16.39
N GLN A 103 -5.41 5.36 15.20
CA GLN A 103 -6.69 4.65 14.90
C GLN A 103 -6.69 4.23 13.42
N TRP A 104 -7.71 3.55 12.99
CA TRP A 104 -7.77 3.12 11.57
C TRP A 104 -9.21 2.77 11.20
N THR A 105 -9.75 3.35 10.17
CA THR A 105 -11.16 3.02 9.83
C THR A 105 -11.37 3.09 8.32
N LYS A 106 -12.33 2.35 7.84
CA LYS A 106 -12.65 2.37 6.40
C LYS A 106 -13.60 3.53 6.15
N ASP A 107 -14.40 3.81 7.12
CA ASP A 107 -15.36 4.95 7.01
C ASP A 107 -14.65 6.21 7.45
N THR A 108 -13.63 6.60 6.72
CA THR A 108 -12.79 7.81 7.08
C THR A 108 -13.23 8.45 8.39
N THR A 109 -13.17 7.70 9.46
CA THR A 109 -13.58 8.25 10.78
C THR A 109 -12.44 8.07 11.79
N GLY A 110 -11.65 7.05 11.64
CA GLY A 110 -10.52 6.86 12.59
C GLY A 110 -9.28 7.48 11.97
N THR A 111 -8.65 6.78 11.08
CA THR A 111 -7.46 7.32 10.40
C THR A 111 -7.67 7.20 8.90
N ASN A 112 -7.17 6.16 8.31
CA ASN A 112 -7.35 5.99 6.85
C ASN A 112 -7.11 4.53 6.49
N LEU A 113 -8.03 3.66 6.85
CA LEU A 113 -7.86 2.22 6.54
C LEU A 113 -7.20 2.03 5.16
N PHE A 114 -8.00 1.82 4.15
CA PHE A 114 -7.43 1.58 2.80
C PHE A 114 -6.78 2.85 2.25
N LEU A 115 -6.86 3.95 2.93
CA LEU A 115 -6.18 5.12 2.37
C LEU A 115 -4.69 4.85 2.50
N VAL A 116 -4.21 4.80 3.71
CA VAL A 116 -2.78 4.50 3.92
C VAL A 116 -2.53 3.05 3.53
N ALA A 117 -3.56 2.27 3.28
CA ALA A 117 -3.31 0.87 2.87
C ALA A 117 -2.80 0.91 1.44
N ALA A 118 -3.55 1.46 0.52
CA ALA A 118 -3.03 1.54 -0.84
C ALA A 118 -1.85 2.48 -0.79
N HIS A 119 -1.72 3.23 0.27
CA HIS A 119 -0.53 4.11 0.35
C HIS A 119 0.70 3.22 0.54
N GLU A 120 0.61 2.21 1.38
CA GLU A 120 1.77 1.31 1.59
C GLU A 120 1.82 0.21 0.52
N ILE A 121 0.72 -0.44 0.24
CA ILE A 121 0.75 -1.49 -0.80
C ILE A 121 1.09 -0.80 -2.10
N GLY A 122 0.70 0.43 -2.19
CA GLY A 122 1.02 1.24 -3.39
C GLY A 122 2.46 1.67 -3.31
N HIS A 123 2.94 1.86 -2.12
CA HIS A 123 4.35 2.29 -1.95
C HIS A 123 5.32 1.21 -2.46
N SER A 124 5.08 -0.02 -2.12
CA SER A 124 6.01 -1.10 -2.52
C SER A 124 5.72 -1.66 -3.92
N LEU A 125 4.51 -2.07 -4.17
CA LEU A 125 4.19 -2.67 -5.51
C LEU A 125 3.43 -1.70 -6.39
N GLY A 126 3.12 -0.55 -5.86
CA GLY A 126 2.33 0.44 -6.64
C GLY A 126 3.25 1.46 -7.30
N LEU A 127 3.62 2.47 -6.58
CA LEU A 127 4.50 3.51 -7.17
C LEU A 127 5.08 4.39 -6.06
N PHE A 128 5.52 5.57 -6.40
CA PHE A 128 6.10 6.46 -5.36
C PHE A 128 5.03 7.45 -4.88
N HIS A 129 4.85 8.54 -5.58
CA HIS A 129 3.83 9.54 -5.17
C HIS A 129 3.37 10.31 -6.41
N SER A 130 2.19 10.01 -6.90
CA SER A 130 1.69 10.72 -8.12
C SER A 130 0.86 11.94 -7.68
N ALA A 131 0.14 12.52 -8.59
CA ALA A 131 -0.73 13.67 -8.21
C ALA A 131 -1.78 13.11 -7.28
N ASN A 132 -1.44 12.98 -6.03
CA ASN A 132 -2.40 12.38 -5.09
C ASN A 132 -3.37 13.41 -4.56
N THR A 133 -3.33 14.62 -5.06
CA THR A 133 -4.36 15.59 -4.62
C THR A 133 -5.70 14.87 -4.81
N GLU A 134 -5.68 13.94 -5.75
CA GLU A 134 -6.86 13.09 -6.03
C GLU A 134 -6.45 11.64 -5.74
N ALA A 135 -5.21 11.29 -6.04
CA ALA A 135 -4.76 9.87 -5.83
C ALA A 135 -4.90 9.45 -4.38
N LEU A 136 -4.54 8.22 -4.11
CA LEU A 136 -4.65 7.69 -2.73
C LEU A 136 -3.30 7.81 -2.01
N MET A 137 -2.28 8.14 -2.72
CA MET A 137 -0.95 8.24 -2.04
C MET A 137 -0.85 9.48 -1.16
N TYR A 138 -1.71 10.44 -1.33
CA TYR A 138 -1.60 11.63 -0.45
C TYR A 138 -2.95 12.24 -0.06
N PRO A 139 -4.01 11.47 -0.09
CA PRO A 139 -5.31 12.00 0.34
C PRO A 139 -5.27 12.06 1.85
N LEU A 140 -4.55 11.13 2.43
CA LEU A 140 -4.41 11.04 3.93
C LEU A 140 -5.06 12.25 4.62
N TYR A 141 -4.52 13.42 4.41
CA TYR A 141 -5.11 14.62 5.05
C TYR A 141 -6.48 14.91 4.43
N HIS A 142 -7.39 13.98 4.54
CA HIS A 142 -8.75 14.18 3.96
C HIS A 142 -9.64 12.99 4.32
N SER A 143 -10.53 12.61 3.44
CA SER A 143 -11.43 11.46 3.74
C SER A 143 -11.73 10.68 2.46
N LEU A 144 -11.25 9.47 2.36
CA LEU A 144 -11.50 8.64 1.14
C LEU A 144 -10.82 7.29 1.29
N THR A 145 -11.08 6.60 2.37
CA THR A 145 -10.45 5.28 2.58
C THR A 145 -11.49 4.18 2.41
N ASP A 146 -12.74 4.54 2.31
CA ASP A 146 -13.80 3.50 2.13
C ASP A 146 -15.19 4.15 2.10
N LEU A 147 -15.33 5.35 2.61
CA LEU A 147 -16.69 6.01 2.61
C LEU A 147 -17.50 5.56 1.40
N THR A 148 -17.02 5.84 0.22
CA THR A 148 -17.75 5.45 -1.01
C THR A 148 -16.95 5.91 -2.22
N ARG A 149 -16.25 6.99 -2.08
CA ARG A 149 -15.44 7.51 -3.22
C ARG A 149 -14.02 6.97 -3.10
N PHE A 150 -13.65 6.57 -1.92
CA PHE A 150 -12.28 6.02 -1.67
C PHE A 150 -11.73 5.31 -2.91
N ARG A 151 -10.63 5.76 -3.42
CA ARG A 151 -10.03 5.11 -4.62
C ARG A 151 -8.76 5.85 -5.04
N LEU A 152 -8.01 5.28 -5.94
CA LEU A 152 -6.76 5.95 -6.41
C LEU A 152 -7.06 6.97 -7.48
N SER A 153 -6.11 7.79 -7.81
CA SER A 153 -6.35 8.80 -8.88
C SER A 153 -5.78 8.30 -10.20
N GLN A 154 -5.76 9.14 -11.19
CA GLN A 154 -5.20 8.73 -12.51
C GLN A 154 -3.69 8.86 -12.50
N ASP A 155 -3.16 9.63 -11.59
CA ASP A 155 -1.71 9.77 -11.54
C ASP A 155 -1.14 8.59 -10.77
N ASP A 156 -1.75 8.19 -9.67
CA ASP A 156 -1.21 6.99 -8.99
C ASP A 156 -1.42 5.80 -9.92
N ILE A 157 -2.57 5.74 -10.55
CA ILE A 157 -2.80 4.63 -11.52
C ILE A 157 -1.69 4.69 -12.55
N ASN A 158 -1.27 5.89 -12.86
CA ASN A 158 -0.17 6.06 -13.85
C ASN A 158 1.13 5.50 -13.29
N GLY A 159 1.43 5.81 -12.05
CA GLY A 159 2.69 5.30 -11.44
C GLY A 159 2.67 3.77 -11.38
N ILE A 160 1.70 3.20 -10.73
CA ILE A 160 1.65 1.71 -10.63
C ILE A 160 1.48 1.10 -12.02
N GLN A 161 0.54 1.58 -12.77
CA GLN A 161 0.34 1.03 -14.14
C GLN A 161 1.68 1.13 -14.87
N SER A 162 2.51 2.06 -14.47
CA SER A 162 3.84 2.19 -15.11
C SER A 162 4.84 1.33 -14.35
N LEU A 163 4.44 0.82 -13.21
CA LEU A 163 5.34 -0.03 -12.42
C LEU A 163 5.32 -1.44 -13.02
N TYR A 164 4.16 -2.00 -13.19
CA TYR A 164 4.08 -3.37 -13.77
C TYR A 164 4.18 -3.30 -15.30
N GLY A 165 3.11 -3.55 -16.01
CA GLY A 165 3.18 -3.49 -17.50
C GLY A 165 4.26 -4.47 -17.99
N PRO A 166 3.81 -5.61 -18.45
CA PRO A 166 4.73 -6.65 -18.95
C PRO A 166 5.35 -6.27 -20.31
N PRO A 167 4.67 -5.51 -21.14
CA PRO A 167 5.22 -5.14 -22.45
C PRO A 167 6.32 -4.08 -22.27
N PRO A 168 7.53 -4.48 -22.55
CA PRO A 168 8.68 -3.58 -22.44
C PRO A 168 8.68 -2.56 -23.59
N ASP A 169 9.31 -2.88 -24.68
CA ASP A 169 9.34 -1.94 -25.83
C ASP A 169 8.39 -2.43 -26.92
N SER A 170 8.58 -3.63 -27.38
CA SER A 170 7.70 -4.18 -28.45
C SER A 170 6.23 -4.11 -27.99
N PRO A 171 5.45 -3.33 -28.68
CA PRO A 171 4.03 -3.16 -28.34
C PRO A 171 3.25 -4.43 -28.71
N GLU A 172 3.65 -5.09 -29.77
CA GLU A 172 2.93 -6.33 -30.18
C GLU A 172 3.41 -7.51 -29.33
N THR A 173 2.74 -8.62 -29.41
CA THR A 173 3.17 -9.81 -28.61
C THR A 173 3.10 -11.06 -29.47
N PHE A 1 10.97 13.87 -5.28
CA PHE A 1 10.72 13.55 -6.71
C PHE A 1 9.35 12.87 -6.85
N ARG A 2 9.04 12.40 -8.02
CA ARG A 2 7.72 11.73 -8.23
C ARG A 2 7.93 10.28 -8.65
N THR A 3 6.97 9.69 -9.31
CA THR A 3 7.12 8.28 -9.75
C THR A 3 8.52 8.06 -10.32
N PHE A 4 9.01 6.86 -10.31
CA PHE A 4 10.36 6.58 -10.86
C PHE A 4 10.38 6.89 -12.35
N PRO A 5 11.54 7.24 -12.84
CA PRO A 5 11.71 7.56 -14.26
C PRO A 5 11.65 6.29 -15.11
N GLY A 6 11.71 5.14 -14.48
CA GLY A 6 11.66 3.87 -15.26
C GLY A 6 11.82 2.68 -14.32
N ILE A 7 12.95 2.58 -13.67
CA ILE A 7 13.17 1.44 -12.73
C ILE A 7 11.91 1.16 -11.92
N PRO A 8 11.19 0.15 -12.34
CA PRO A 8 9.94 -0.24 -11.66
C PRO A 8 10.26 -1.00 -10.37
N LYS A 9 9.45 -0.81 -9.36
CA LYS A 9 9.70 -1.51 -8.07
C LYS A 9 9.75 -3.03 -8.32
N TRP A 10 8.60 -3.68 -8.37
CA TRP A 10 8.60 -5.15 -8.60
C TRP A 10 8.92 -5.42 -10.08
N ARG A 11 8.69 -6.63 -10.53
CA ARG A 11 8.97 -6.96 -11.96
C ARG A 11 8.32 -8.31 -12.32
N LYS A 12 8.26 -9.21 -11.38
CA LYS A 12 7.65 -10.54 -11.66
C LYS A 12 6.28 -10.39 -12.31
N THR A 13 5.57 -11.47 -12.46
CA THR A 13 4.22 -11.41 -13.07
C THR A 13 3.18 -11.88 -12.04
N HIS A 14 3.62 -12.33 -10.89
CA HIS A 14 2.64 -12.79 -9.87
C HIS A 14 3.14 -12.43 -8.47
N LEU A 15 2.70 -11.32 -7.95
CA LEU A 15 3.14 -10.91 -6.59
C LEU A 15 2.24 -11.54 -5.53
N THR A 16 2.44 -11.19 -4.29
CA THR A 16 1.59 -11.76 -3.21
C THR A 16 1.66 -10.83 -2.00
N TYR A 17 0.69 -10.87 -1.13
CA TYR A 17 0.74 -9.98 0.05
C TYR A 17 0.36 -10.76 1.31
N ARG A 18 0.65 -10.20 2.46
CA ARG A 18 0.32 -10.90 3.73
C ARG A 18 -0.40 -9.94 4.68
N ILE A 19 -1.53 -10.32 5.19
CA ILE A 19 -2.29 -9.41 6.11
C ILE A 19 -1.79 -9.57 7.54
N VAL A 20 -0.70 -8.91 7.88
CA VAL A 20 -0.17 -9.00 9.27
C VAL A 20 -0.67 -7.80 10.09
N ASN A 21 -1.65 -7.10 9.57
CA ASN A 21 -2.21 -5.93 10.29
C ASN A 21 -3.59 -6.28 10.83
N TYR A 22 -4.00 -5.60 11.85
CA TYR A 22 -5.35 -5.84 12.43
C TYR A 22 -5.58 -4.93 13.63
N THR A 23 -5.21 -3.68 13.52
CA THR A 23 -5.43 -2.74 14.66
C THR A 23 -6.82 -2.96 15.23
N PRO A 24 -6.98 -2.61 16.47
CA PRO A 24 -8.28 -2.77 17.14
C PRO A 24 -9.27 -1.81 16.51
N ASP A 25 -8.78 -0.79 15.89
CA ASP A 25 -9.68 0.17 15.21
C ASP A 25 -10.30 -0.53 14.00
N LEU A 26 -9.81 -1.70 13.68
CA LEU A 26 -10.36 -2.46 12.52
C LEU A 26 -10.35 -3.94 12.83
N PRO A 27 -11.51 -4.54 12.78
CA PRO A 27 -11.63 -5.98 13.01
C PRO A 27 -10.92 -6.72 11.88
N LYS A 28 -10.79 -8.01 12.01
CA LYS A 28 -10.10 -8.80 10.95
C LYS A 28 -10.48 -8.28 9.56
N ASP A 29 -11.72 -8.40 9.21
CA ASP A 29 -12.18 -7.95 7.86
C ASP A 29 -11.84 -6.47 7.60
N ALA A 30 -11.81 -5.64 8.60
CA ALA A 30 -11.49 -4.21 8.34
C ALA A 30 -10.02 -4.05 7.99
N VAL A 31 -9.13 -4.43 8.87
CA VAL A 31 -7.69 -4.31 8.54
C VAL A 31 -7.46 -5.06 7.23
N ASP A 32 -8.12 -6.18 7.09
CA ASP A 32 -7.99 -6.96 5.85
C ASP A 32 -8.63 -6.16 4.73
N SER A 33 -9.57 -5.32 5.05
CA SER A 33 -10.22 -4.50 4.00
C SER A 33 -9.21 -3.50 3.45
N ALA A 34 -8.40 -2.90 4.27
CA ALA A 34 -7.41 -1.93 3.76
C ALA A 34 -6.30 -2.67 3.04
N VAL A 35 -5.99 -3.84 3.49
CA VAL A 35 -4.93 -4.63 2.84
C VAL A 35 -5.50 -5.19 1.54
N GLU A 36 -6.80 -5.31 1.50
CA GLU A 36 -7.48 -5.85 0.30
C GLU A 36 -7.82 -4.70 -0.64
N LYS A 37 -8.12 -3.56 -0.10
CA LYS A 37 -8.44 -2.41 -0.95
C LYS A 37 -7.11 -1.81 -1.40
N ALA A 38 -6.14 -1.80 -0.55
CA ALA A 38 -4.79 -1.31 -0.92
C ALA A 38 -4.18 -2.28 -1.92
N LEU A 39 -4.00 -3.50 -1.47
CA LEU A 39 -3.40 -4.55 -2.36
C LEU A 39 -4.18 -4.66 -3.65
N LYS A 40 -5.49 -4.62 -3.57
CA LYS A 40 -6.30 -4.73 -4.81
C LYS A 40 -6.21 -3.43 -5.58
N VAL A 41 -6.10 -2.34 -4.90
CA VAL A 41 -6.01 -1.04 -5.59
C VAL A 41 -4.83 -1.12 -6.55
N TRP A 42 -3.76 -1.72 -6.14
CA TRP A 42 -2.59 -1.81 -7.04
C TRP A 42 -2.64 -3.10 -7.86
N GLU A 43 -3.33 -4.09 -7.38
CA GLU A 43 -3.42 -5.36 -8.15
C GLU A 43 -4.30 -5.13 -9.35
N GLU A 44 -5.21 -4.22 -9.22
CA GLU A 44 -6.12 -3.93 -10.35
C GLU A 44 -5.51 -2.85 -11.23
N VAL A 45 -4.98 -1.82 -10.64
CA VAL A 45 -4.39 -0.74 -11.48
C VAL A 45 -3.26 -1.33 -12.34
N THR A 46 -2.66 -2.42 -11.93
CA THR A 46 -1.56 -2.97 -12.77
C THR A 46 -2.05 -4.14 -13.61
N PRO A 47 -1.34 -4.36 -14.69
CA PRO A 47 -1.64 -5.45 -15.63
C PRO A 47 -0.98 -6.76 -15.16
N LEU A 48 -0.77 -6.92 -13.88
CA LEU A 48 -0.11 -8.17 -13.40
C LEU A 48 -1.04 -8.97 -12.49
N THR A 49 -0.55 -10.04 -11.92
CA THR A 49 -1.42 -10.87 -11.02
C THR A 49 -0.96 -10.72 -9.57
N PHE A 50 -1.73 -11.21 -8.64
CA PHE A 50 -1.35 -11.10 -7.20
C PHE A 50 -1.88 -12.30 -6.42
N SER A 51 -1.34 -12.54 -5.25
CA SER A 51 -1.80 -13.69 -4.41
C SER A 51 -1.84 -13.23 -2.95
N ARG A 52 -1.98 -14.13 -2.03
CA ARG A 52 -2.04 -13.72 -0.60
C ARG A 52 -1.69 -14.89 0.31
N LEU A 53 -1.24 -14.61 1.51
CA LEU A 53 -0.89 -15.70 2.45
C LEU A 53 -0.90 -15.16 3.88
N TYR A 54 -0.33 -15.89 4.80
CA TYR A 54 -0.28 -15.42 6.22
C TYR A 54 0.94 -16.05 6.90
N GLU A 55 1.90 -16.50 6.12
CA GLU A 55 3.10 -17.14 6.72
C GLU A 55 4.33 -16.72 5.92
N GLY A 56 5.46 -17.31 6.21
CA GLY A 56 6.70 -16.96 5.47
C GLY A 56 6.74 -15.47 5.17
N GLU A 57 6.37 -15.07 3.99
CA GLU A 57 6.38 -13.62 3.66
C GLU A 57 5.93 -13.40 2.21
N ALA A 58 4.85 -12.71 2.00
CA ALA A 58 4.39 -12.43 0.61
C ALA A 58 5.26 -11.35 0.01
N ASP A 59 4.71 -10.55 -0.85
CA ASP A 59 5.50 -9.46 -1.48
C ASP A 59 5.18 -8.15 -0.77
N ILE A 60 4.01 -8.08 -0.18
CA ILE A 60 3.58 -6.85 0.56
C ILE A 60 3.21 -7.24 1.98
N MET A 61 4.17 -7.48 2.81
CA MET A 61 3.85 -7.88 4.21
C MET A 61 3.13 -6.72 4.91
N ILE A 62 1.82 -6.72 4.89
CA ILE A 62 1.08 -5.63 5.57
C ILE A 62 1.06 -5.95 7.06
N SER A 63 1.82 -5.27 7.88
CA SER A 63 1.80 -5.63 9.31
C SER A 63 1.64 -4.41 10.22
N PHE A 64 1.26 -4.67 11.43
CA PHE A 64 1.08 -3.55 12.42
C PHE A 64 2.44 -3.17 13.02
N ALA A 65 2.74 -1.90 13.10
CA ALA A 65 4.05 -1.49 13.68
C ALA A 65 3.95 -0.10 14.31
N VAL A 66 4.89 0.25 15.15
CA VAL A 66 4.87 1.58 15.82
C VAL A 66 6.24 1.82 16.48
N ARG A 67 6.33 2.76 17.39
CA ARG A 67 7.63 3.04 18.06
C ARG A 67 8.37 1.72 18.34
N GLU A 68 7.67 0.73 18.81
CA GLU A 68 8.33 -0.58 19.09
C GLU A 68 8.67 -1.26 17.76
N HIS A 69 9.44 -0.62 16.93
CA HIS A 69 9.82 -1.23 15.63
C HIS A 69 11.04 -2.14 15.81
N GLY A 70 12.22 -1.59 15.66
CA GLY A 70 13.45 -2.41 15.82
C GLY A 70 14.37 -2.21 14.62
N ASP A 71 14.46 -1.02 14.10
CA ASP A 71 15.34 -0.76 12.94
C ASP A 71 15.27 0.72 12.53
N PHE A 72 15.30 1.00 11.26
CA PHE A 72 15.23 2.43 10.81
C PHE A 72 13.79 2.82 10.48
N TYR A 73 12.84 2.07 10.95
CA TYR A 73 11.41 2.40 10.67
C TYR A 73 10.68 2.66 11.99
N PRO A 74 11.27 3.50 12.80
CA PRO A 74 10.68 3.83 14.11
C PRO A 74 9.41 4.66 13.88
N PHE A 75 8.33 4.26 14.49
CA PHE A 75 7.06 5.01 14.29
C PHE A 75 6.62 5.70 15.57
N ASP A 76 5.44 6.22 15.57
CA ASP A 76 4.93 6.94 16.76
C ASP A 76 3.50 7.38 16.54
N GLY A 77 2.60 6.43 16.39
CA GLY A 77 1.14 6.74 16.18
C GLY A 77 0.82 8.21 16.46
N PRO A 78 1.05 8.63 17.68
CA PRO A 78 0.80 10.03 18.07
C PRO A 78 1.74 10.95 17.27
N GLY A 79 1.54 11.01 15.99
CA GLY A 79 2.38 11.86 15.12
C GLY A 79 1.95 11.68 13.66
N ASN A 80 1.98 12.72 12.88
CA ASN A 80 1.56 12.62 11.45
C ASN A 80 2.02 11.28 10.85
N VAL A 81 3.23 10.89 11.12
CA VAL A 81 3.74 9.59 10.58
C VAL A 81 2.65 8.52 10.73
N LEU A 82 1.87 8.31 9.69
CA LEU A 82 0.78 7.30 9.79
C LEU A 82 1.21 5.87 9.37
N ALA A 83 2.02 5.70 8.36
CA ALA A 83 2.41 4.30 7.97
C ALA A 83 3.36 4.29 6.75
N HIS A 84 3.63 3.14 6.20
CA HIS A 84 4.54 3.12 5.01
C HIS A 84 4.77 1.70 4.50
N ALA A 85 5.69 1.52 3.59
CA ALA A 85 5.98 0.16 3.06
C ALA A 85 7.43 0.08 2.56
N TYR A 86 7.85 -1.07 2.07
CA TYR A 86 9.26 -1.19 1.61
C TYR A 86 9.33 -1.73 0.17
N ALA A 87 10.44 -1.56 -0.48
CA ALA A 87 10.57 -2.07 -1.88
C ALA A 87 12.01 -2.56 -2.11
N PRO A 88 12.95 -1.64 -2.11
CA PRO A 88 14.36 -2.00 -2.33
C PRO A 88 14.91 -2.74 -1.12
N GLY A 89 14.89 -4.05 -1.15
CA GLY A 89 15.41 -4.83 0.00
C GLY A 89 14.83 -6.25 -0.05
N PRO A 90 15.62 -7.20 0.37
CA PRO A 90 15.19 -8.61 0.39
C PRO A 90 14.16 -8.83 1.50
N GLY A 91 13.21 -9.71 1.27
CA GLY A 91 12.18 -9.96 2.32
C GLY A 91 11.31 -8.72 2.47
N ILE A 92 11.90 -7.63 2.90
CA ILE A 92 11.11 -6.38 3.06
C ILE A 92 10.85 -5.80 1.66
N ASN A 93 11.22 -6.50 0.62
CA ASN A 93 10.97 -5.99 -0.76
C ASN A 93 9.45 -5.91 -0.95
N GLY A 94 8.81 -5.04 -0.24
CA GLY A 94 7.33 -4.92 -0.35
C GLY A 94 6.72 -5.33 0.99
N ASP A 95 6.57 -4.39 1.86
CA ASP A 95 5.99 -4.67 3.20
C ASP A 95 5.40 -3.38 3.71
N ALA A 96 4.12 -3.34 3.97
CA ALA A 96 3.52 -2.06 4.45
C ALA A 96 3.15 -2.18 5.92
N HIS A 97 3.58 -1.25 6.73
CA HIS A 97 3.20 -1.33 8.15
C HIS A 97 2.28 -0.17 8.52
N PHE A 98 1.21 -0.49 9.18
CA PHE A 98 0.24 0.54 9.63
C PHE A 98 0.58 0.98 11.05
N ASP A 99 0.77 2.25 11.27
CA ASP A 99 1.09 2.70 12.67
C ASP A 99 0.06 2.08 13.61
N ASP A 100 0.50 1.54 14.73
CA ASP A 100 -0.46 0.91 15.67
C ASP A 100 -0.66 1.81 16.89
N ASP A 101 -0.44 3.08 16.77
CA ASP A 101 -0.63 3.98 17.93
C ASP A 101 -1.52 5.17 17.53
N GLU A 102 -2.33 5.00 16.52
CA GLU A 102 -3.22 6.11 16.07
C GLU A 102 -4.66 5.60 15.97
N GLN A 103 -5.03 5.13 14.81
CA GLN A 103 -6.41 4.60 14.61
C GLN A 103 -6.55 4.12 13.18
N TRP A 104 -7.60 3.45 12.85
CA TRP A 104 -7.77 2.96 11.46
C TRP A 104 -9.24 2.69 11.17
N THR A 105 -9.79 3.29 10.15
CA THR A 105 -11.22 3.06 9.85
C THR A 105 -11.47 3.15 8.35
N LYS A 106 -12.44 2.42 7.87
CA LYS A 106 -12.79 2.48 6.43
C LYS A 106 -13.72 3.66 6.23
N ASP A 107 -14.50 3.92 7.24
CA ASP A 107 -15.44 5.08 7.16
C ASP A 107 -14.68 6.34 7.56
N THR A 108 -13.66 6.66 6.79
CA THR A 108 -12.79 7.86 7.07
C THR A 108 -13.19 8.54 8.38
N THR A 109 -13.03 7.85 9.47
CA THR A 109 -13.40 8.43 10.79
C THR A 109 -12.26 8.24 11.78
N GLY A 110 -11.51 7.18 11.64
CA GLY A 110 -10.37 6.96 12.59
C GLY A 110 -9.10 7.52 11.95
N THR A 111 -8.54 6.80 11.02
CA THR A 111 -7.31 7.30 10.35
C THR A 111 -7.53 7.23 8.85
N ASN A 112 -7.34 6.07 8.29
CA ASN A 112 -7.50 5.92 6.84
C ASN A 112 -7.28 4.47 6.45
N LEU A 113 -8.17 3.60 6.87
CA LEU A 113 -8.05 2.15 6.55
C LEU A 113 -7.39 1.96 5.18
N PHE A 114 -8.17 1.77 4.16
CA PHE A 114 -7.60 1.54 2.81
C PHE A 114 -6.99 2.81 2.25
N LEU A 115 -7.16 3.94 2.86
CA LEU A 115 -6.52 5.12 2.26
C LEU A 115 -5.02 4.97 2.48
N VAL A 116 -4.62 4.82 3.71
CA VAL A 116 -3.18 4.63 3.99
C VAL A 116 -2.83 3.17 3.68
N ALA A 117 -3.81 2.34 3.38
CA ALA A 117 -3.47 0.95 3.04
C ALA A 117 -2.91 0.96 1.63
N ALA A 118 -3.67 1.44 0.67
CA ALA A 118 -3.12 1.50 -0.69
C ALA A 118 -2.01 2.51 -0.68
N HIS A 119 -1.97 3.38 0.28
CA HIS A 119 -0.83 4.33 0.29
C HIS A 119 0.44 3.53 0.54
N GLU A 120 0.41 2.59 1.44
CA GLU A 120 1.62 1.77 1.72
C GLU A 120 1.73 0.60 0.72
N ILE A 121 0.68 -0.15 0.52
CA ILE A 121 0.77 -1.26 -0.47
C ILE A 121 1.16 -0.66 -1.80
N GLY A 122 0.73 0.55 -2.01
CA GLY A 122 1.07 1.27 -3.26
C GLY A 122 2.47 1.85 -3.13
N HIS A 123 2.82 2.27 -1.97
CA HIS A 123 4.17 2.87 -1.78
C HIS A 123 5.25 1.87 -2.17
N SER A 124 5.13 0.66 -1.71
CA SER A 124 6.17 -0.36 -1.99
C SER A 124 5.92 -1.07 -3.32
N LEU A 125 4.79 -1.70 -3.49
CA LEU A 125 4.52 -2.43 -4.77
C LEU A 125 3.54 -1.65 -5.62
N GLY A 126 3.62 -0.36 -5.56
CA GLY A 126 2.67 0.48 -6.35
C GLY A 126 3.45 1.56 -7.09
N LEU A 127 3.85 2.58 -6.39
CA LEU A 127 4.60 3.67 -7.07
C LEU A 127 5.27 4.57 -6.02
N PHE A 128 5.63 5.76 -6.40
CA PHE A 128 6.29 6.68 -5.43
C PHE A 128 5.26 7.70 -4.93
N HIS A 129 4.89 8.62 -5.78
CA HIS A 129 3.89 9.65 -5.37
C HIS A 129 3.34 10.33 -6.63
N SER A 130 2.17 9.93 -7.07
CA SER A 130 1.58 10.56 -8.29
C SER A 130 0.74 11.76 -7.89
N ALA A 131 0.08 12.37 -8.84
CA ALA A 131 -0.79 13.53 -8.50
C ALA A 131 -1.90 12.99 -7.62
N ASN A 132 -1.58 12.78 -6.38
CA ASN A 132 -2.59 12.21 -5.49
C ASN A 132 -3.52 13.27 -4.93
N THR A 133 -3.46 14.47 -5.43
CA THR A 133 -4.43 15.49 -4.97
C THR A 133 -5.79 14.80 -5.12
N GLU A 134 -5.84 13.88 -6.06
CA GLU A 134 -7.04 13.05 -6.29
C GLU A 134 -6.67 11.61 -5.96
N ALA A 135 -5.46 11.21 -6.28
CA ALA A 135 -5.03 9.79 -6.02
C ALA A 135 -5.05 9.45 -4.53
N LEU A 136 -4.52 8.30 -4.23
CA LEU A 136 -4.50 7.81 -2.82
C LEU A 136 -3.23 8.25 -2.07
N MET A 137 -2.21 8.68 -2.76
CA MET A 137 -0.97 9.05 -2.01
C MET A 137 -1.08 10.42 -1.32
N TYR A 138 -2.10 11.18 -1.59
CA TYR A 138 -2.20 12.50 -0.90
C TYR A 138 -3.63 12.83 -0.39
N PRO A 139 -4.51 11.85 -0.29
CA PRO A 139 -5.86 12.14 0.21
C PRO A 139 -5.80 12.24 1.73
N LEU A 140 -5.03 11.36 2.33
CA LEU A 140 -4.87 11.32 3.83
C LEU A 140 -5.57 12.51 4.48
N TYR A 141 -4.97 13.66 4.44
CA TYR A 141 -5.62 14.85 5.06
C TYR A 141 -6.87 15.21 4.23
N HIS A 142 -7.80 14.30 4.14
CA HIS A 142 -9.04 14.58 3.36
C HIS A 142 -10.12 13.55 3.74
N SER A 143 -10.67 12.83 2.80
CA SER A 143 -11.71 11.82 3.15
C SER A 143 -12.02 10.92 1.95
N LEU A 144 -11.53 9.71 1.97
CA LEU A 144 -11.79 8.77 0.84
C LEU A 144 -11.10 7.44 1.09
N THR A 145 -11.24 6.89 2.26
CA THR A 145 -10.60 5.59 2.57
C THR A 145 -11.63 4.47 2.40
N ASP A 146 -12.88 4.82 2.35
CA ASP A 146 -13.94 3.78 2.17
C ASP A 146 -15.32 4.43 2.20
N LEU A 147 -15.45 5.63 2.72
CA LEU A 147 -16.79 6.30 2.78
C LEU A 147 -17.63 5.91 1.56
N THR A 148 -17.12 6.15 0.39
CA THR A 148 -17.86 5.80 -0.85
C THR A 148 -17.01 6.22 -2.05
N ARG A 149 -16.25 7.27 -1.89
CA ARG A 149 -15.39 7.76 -3.01
C ARG A 149 -14.07 6.99 -2.95
N PHE A 150 -13.80 6.38 -1.83
CA PHE A 150 -12.54 5.61 -1.64
C PHE A 150 -12.07 4.99 -2.95
N ARG A 151 -10.98 5.47 -3.49
CA ARG A 151 -10.48 4.91 -4.77
C ARG A 151 -9.21 5.66 -5.18
N LEU A 152 -8.32 5.00 -5.86
CA LEU A 152 -7.07 5.68 -6.30
C LEU A 152 -7.38 6.64 -7.45
N SER A 153 -6.46 7.50 -7.77
CA SER A 153 -6.72 8.44 -8.91
C SER A 153 -6.05 7.93 -10.18
N GLN A 154 -6.03 8.74 -11.19
CA GLN A 154 -5.40 8.31 -12.47
C GLN A 154 -3.90 8.58 -12.43
N ASP A 155 -3.43 9.35 -11.48
CA ASP A 155 -2.00 9.59 -11.42
C ASP A 155 -1.35 8.45 -10.65
N ASP A 156 -1.90 8.05 -9.53
CA ASP A 156 -1.28 6.90 -8.85
C ASP A 156 -1.47 5.69 -9.77
N ILE A 157 -2.62 5.59 -10.39
CA ILE A 157 -2.85 4.48 -11.35
C ILE A 157 -1.74 4.56 -12.39
N ASN A 158 -1.35 5.75 -12.72
CA ASN A 158 -0.26 5.93 -13.73
C ASN A 158 1.05 5.40 -13.15
N GLY A 159 1.39 5.82 -11.97
CA GLY A 159 2.67 5.36 -11.34
C GLY A 159 2.65 3.82 -11.19
N ILE A 160 1.63 3.28 -10.61
CA ILE A 160 1.59 1.80 -10.42
C ILE A 160 1.51 1.11 -11.77
N GLN A 161 0.62 1.52 -12.60
CA GLN A 161 0.51 0.90 -13.94
C GLN A 161 1.88 0.97 -14.60
N SER A 162 2.68 1.91 -14.20
CA SER A 162 4.05 2.03 -14.76
C SER A 162 5.01 1.24 -13.86
N LEU A 163 4.54 0.82 -12.72
CA LEU A 163 5.37 0.04 -11.80
C LEU A 163 5.47 -1.39 -12.32
N TYR A 164 4.34 -1.99 -12.59
CA TYR A 164 4.38 -3.40 -13.09
C TYR A 164 4.67 -3.40 -14.60
N GLY A 165 3.71 -3.72 -15.44
CA GLY A 165 4.01 -3.73 -16.90
C GLY A 165 3.05 -4.68 -17.63
N PRO A 166 2.67 -4.28 -18.81
CA PRO A 166 1.75 -5.09 -19.63
C PRO A 166 2.41 -6.34 -20.23
N PRO A 167 3.70 -6.31 -20.47
CA PRO A 167 4.39 -7.49 -21.03
C PRO A 167 4.52 -8.58 -19.96
N PRO A 168 4.08 -9.76 -20.32
CA PRO A 168 4.14 -10.90 -19.39
C PRO A 168 5.58 -11.38 -19.21
N ASP A 169 6.02 -12.32 -20.02
CA ASP A 169 7.41 -12.81 -19.89
C ASP A 169 8.12 -12.75 -21.24
N SER A 170 7.46 -13.18 -22.29
CA SER A 170 8.11 -13.14 -23.64
C SER A 170 7.37 -12.16 -24.53
N PRO A 171 7.52 -10.89 -24.21
CA PRO A 171 6.88 -9.82 -24.99
C PRO A 171 7.59 -9.66 -26.34
N GLU A 172 8.73 -10.25 -26.49
CA GLU A 172 9.48 -10.13 -27.77
C GLU A 172 9.24 -11.38 -28.63
N THR A 173 9.96 -11.51 -29.71
CA THR A 173 9.76 -12.70 -30.58
C THR A 173 10.89 -12.78 -31.60
N PHE A 1 12.19 13.12 -11.64
CA PHE A 1 12.23 11.68 -11.31
C PHE A 1 10.80 11.12 -11.27
N ARG A 2 10.62 9.93 -10.78
CA ARG A 2 9.25 9.35 -10.70
C ARG A 2 9.26 8.13 -9.77
N THR A 3 8.45 7.15 -10.04
CA THR A 3 8.42 5.94 -9.16
C THR A 3 9.85 5.52 -8.82
N PHE A 4 10.43 4.65 -9.60
CA PHE A 4 11.82 4.21 -9.32
C PHE A 4 12.74 4.62 -10.47
N PRO A 5 13.78 5.33 -10.12
CA PRO A 5 14.75 5.80 -11.13
C PRO A 5 15.60 4.64 -11.63
N GLY A 6 15.11 3.91 -12.60
CA GLY A 6 15.90 2.75 -13.13
C GLY A 6 15.00 1.52 -13.19
N ILE A 7 15.17 0.62 -12.27
CA ILE A 7 14.33 -0.62 -12.27
C ILE A 7 13.07 -0.39 -11.41
N PRO A 8 11.96 -0.87 -11.91
CA PRO A 8 10.68 -0.72 -11.21
C PRO A 8 10.64 -1.65 -9.99
N LYS A 9 9.84 -1.33 -9.01
CA LYS A 9 9.76 -2.19 -7.80
C LYS A 9 9.73 -3.66 -8.22
N TRP A 10 8.57 -4.21 -8.49
CA TRP A 10 8.52 -5.64 -8.90
C TRP A 10 8.26 -5.73 -10.41
N ARG A 11 8.76 -6.77 -11.05
CA ARG A 11 8.55 -6.92 -12.51
C ARG A 11 7.73 -8.18 -12.79
N LYS A 12 7.89 -9.19 -11.98
CA LYS A 12 7.13 -10.46 -12.20
C LYS A 12 5.66 -10.14 -12.50
N THR A 13 4.89 -11.16 -12.81
CA THR A 13 3.45 -10.92 -13.10
C THR A 13 2.60 -11.48 -11.96
N HIS A 14 3.21 -11.96 -10.90
CA HIS A 14 2.38 -12.51 -9.78
C HIS A 14 3.06 -12.25 -8.44
N LEU A 15 2.70 -11.19 -7.79
CA LEU A 15 3.31 -10.87 -6.46
C LEU A 15 2.43 -11.45 -5.37
N THR A 16 2.76 -11.22 -4.12
CA THR A 16 1.91 -11.74 -3.02
C THR A 16 1.95 -10.76 -1.84
N TYR A 17 0.93 -10.75 -1.03
CA TYR A 17 0.95 -9.82 0.13
C TYR A 17 0.52 -10.55 1.39
N ARG A 18 0.75 -9.94 2.52
CA ARG A 18 0.38 -10.58 3.82
C ARG A 18 -0.43 -9.59 4.65
N ILE A 19 -1.52 -9.99 5.21
CA ILE A 19 -2.34 -9.06 6.03
C ILE A 19 -1.99 -9.22 7.51
N VAL A 20 -0.92 -8.61 7.95
CA VAL A 20 -0.52 -8.73 9.38
C VAL A 20 -0.99 -7.49 10.16
N ASN A 21 -1.76 -6.63 9.53
CA ASN A 21 -2.24 -5.42 10.25
C ASN A 21 -3.60 -5.70 10.89
N TYR A 22 -3.95 -4.94 11.89
CA TYR A 22 -5.26 -5.14 12.55
C TYR A 22 -5.40 -4.15 13.71
N THR A 23 -5.80 -2.94 13.43
CA THR A 23 -5.97 -1.93 14.51
C THR A 23 -7.27 -2.25 15.24
N PRO A 24 -7.36 -1.75 16.45
CA PRO A 24 -8.57 -1.97 17.25
C PRO A 24 -9.72 -1.20 16.62
N ASP A 25 -9.41 -0.22 15.82
CA ASP A 25 -10.47 0.54 15.14
C ASP A 25 -10.96 -0.30 13.95
N LEU A 26 -10.38 -1.45 13.76
CA LEU A 26 -10.79 -2.31 12.62
C LEU A 26 -10.56 -3.78 12.97
N PRO A 27 -11.63 -4.54 12.96
CA PRO A 27 -11.53 -5.96 13.25
C PRO A 27 -10.75 -6.65 12.14
N LYS A 28 -10.50 -7.92 12.29
CA LYS A 28 -9.74 -8.69 11.26
C LYS A 28 -10.16 -8.24 9.85
N ASP A 29 -11.38 -8.50 9.51
CA ASP A 29 -11.88 -8.13 8.15
C ASP A 29 -11.72 -6.65 7.83
N ALA A 30 -11.78 -5.78 8.79
CA ALA A 30 -11.64 -4.33 8.47
C ALA A 30 -10.18 -4.03 8.11
N VAL A 31 -9.27 -4.25 9.02
CA VAL A 31 -7.85 -3.99 8.67
C VAL A 31 -7.57 -4.76 7.39
N ASP A 32 -8.08 -5.96 7.32
CA ASP A 32 -7.89 -6.78 6.10
C ASP A 32 -8.56 -6.05 4.95
N SER A 33 -9.57 -5.28 5.25
CA SER A 33 -10.26 -4.51 4.18
C SER A 33 -9.28 -3.50 3.57
N ALA A 34 -8.51 -2.84 4.38
CA ALA A 34 -7.53 -1.85 3.84
C ALA A 34 -6.40 -2.58 3.12
N VAL A 35 -6.04 -3.72 3.61
CA VAL A 35 -4.95 -4.49 2.98
C VAL A 35 -5.51 -5.13 1.71
N GLU A 36 -6.80 -5.28 1.68
CA GLU A 36 -7.47 -5.88 0.51
C GLU A 36 -7.81 -4.77 -0.47
N LYS A 37 -8.13 -3.60 0.01
CA LYS A 37 -8.45 -2.49 -0.90
C LYS A 37 -7.12 -1.90 -1.36
N ALA A 38 -6.16 -1.88 -0.49
CA ALA A 38 -4.81 -1.39 -0.87
C ALA A 38 -4.25 -2.38 -1.89
N LEU A 39 -4.08 -3.59 -1.45
CA LEU A 39 -3.53 -4.66 -2.34
C LEU A 39 -4.34 -4.72 -3.63
N LYS A 40 -5.62 -4.70 -3.52
CA LYS A 40 -6.46 -4.78 -4.75
C LYS A 40 -6.31 -3.49 -5.55
N VAL A 41 -6.14 -2.41 -4.87
CA VAL A 41 -5.98 -1.12 -5.58
C VAL A 41 -4.80 -1.25 -6.52
N TRP A 42 -3.78 -1.96 -6.10
CA TRP A 42 -2.61 -2.11 -6.99
C TRP A 42 -2.74 -3.36 -7.85
N GLU A 43 -3.50 -4.32 -7.41
CA GLU A 43 -3.67 -5.55 -8.23
C GLU A 43 -4.53 -5.21 -9.42
N GLU A 44 -5.38 -4.24 -9.27
CA GLU A 44 -6.25 -3.86 -10.39
C GLU A 44 -5.60 -2.76 -11.20
N VAL A 45 -5.01 -1.80 -10.56
CA VAL A 45 -4.39 -0.69 -11.34
C VAL A 45 -3.27 -1.26 -12.22
N THR A 46 -2.69 -2.39 -11.88
CA THR A 46 -1.61 -2.90 -12.77
C THR A 46 -2.11 -4.06 -13.62
N PRO A 47 -1.38 -4.32 -14.67
CA PRO A 47 -1.71 -5.40 -15.61
C PRO A 47 -1.25 -6.75 -15.06
N LEU A 48 -0.88 -6.82 -13.81
CA LEU A 48 -0.42 -8.12 -13.25
C LEU A 48 -1.36 -8.60 -12.16
N THR A 49 -1.05 -9.71 -11.53
CA THR A 49 -1.95 -10.23 -10.46
C THR A 49 -1.17 -10.42 -9.15
N PHE A 50 -1.86 -10.69 -8.09
CA PHE A 50 -1.18 -10.88 -6.78
C PHE A 50 -1.69 -12.16 -6.10
N SER A 51 -1.16 -12.45 -4.95
CA SER A 51 -1.59 -13.66 -4.20
C SER A 51 -1.61 -13.31 -2.70
N ARG A 52 -1.68 -14.29 -1.85
CA ARG A 52 -1.72 -13.96 -0.40
C ARG A 52 -1.44 -15.19 0.45
N LEU A 53 -1.06 -14.99 1.68
CA LEU A 53 -0.79 -16.14 2.58
C LEU A 53 -0.86 -15.64 4.04
N TYR A 54 0.13 -15.88 4.85
CA TYR A 54 0.07 -15.41 6.26
C TYR A 54 1.31 -15.88 7.01
N GLU A 55 2.43 -16.01 6.34
CA GLU A 55 3.66 -16.48 7.04
C GLU A 55 4.89 -15.91 6.35
N GLY A 56 6.06 -16.27 6.81
CA GLY A 56 7.32 -15.77 6.19
C GLY A 56 7.15 -14.29 5.83
N GLU A 57 6.83 -14.01 4.60
CA GLU A 57 6.64 -12.60 4.18
C GLU A 57 6.30 -12.53 2.68
N ALA A 58 5.07 -12.24 2.37
CA ALA A 58 4.68 -12.14 0.93
C ALA A 58 5.52 -11.07 0.26
N ASP A 59 5.02 -10.50 -0.78
CA ASP A 59 5.80 -9.42 -1.47
C ASP A 59 5.53 -8.10 -0.74
N ILE A 60 4.39 -8.00 -0.10
CA ILE A 60 4.03 -6.77 0.66
C ILE A 60 3.58 -7.16 2.06
N MET A 61 4.49 -7.48 2.93
CA MET A 61 4.10 -7.88 4.30
C MET A 61 3.35 -6.72 4.98
N ILE A 62 2.05 -6.68 4.89
CA ILE A 62 1.31 -5.57 5.53
C ILE A 62 1.13 -5.89 7.02
N SER A 63 1.81 -5.20 7.90
CA SER A 63 1.66 -5.53 9.34
C SER A 63 1.48 -4.28 10.20
N PHE A 64 0.83 -4.41 11.31
CA PHE A 64 0.62 -3.24 12.21
C PHE A 64 1.82 -3.10 13.14
N ALA A 65 2.26 -1.88 13.37
CA ALA A 65 3.44 -1.70 14.28
C ALA A 65 3.61 -0.22 14.65
N VAL A 66 4.80 0.16 15.04
CA VAL A 66 5.06 1.58 15.41
C VAL A 66 6.56 1.76 15.67
N ARG A 67 6.95 2.77 16.41
CA ARG A 67 8.39 2.99 16.69
C ARG A 67 8.91 1.84 17.57
N GLU A 68 8.86 0.63 17.09
CA GLU A 68 9.35 -0.52 17.88
C GLU A 68 9.42 -1.76 16.99
N HIS A 69 9.94 -1.61 15.80
CA HIS A 69 10.04 -2.78 14.88
C HIS A 69 11.16 -3.71 15.36
N GLY A 70 12.37 -3.22 15.39
CA GLY A 70 13.51 -4.06 15.83
C GLY A 70 14.62 -4.02 14.78
N ASP A 71 14.79 -2.90 14.13
CA ASP A 71 15.86 -2.80 13.09
C ASP A 71 16.06 -1.33 12.69
N PHE A 72 15.34 -0.88 11.69
CA PHE A 72 15.48 0.53 11.27
C PHE A 72 14.13 1.07 10.79
N TYR A 73 13.06 0.55 11.32
CA TYR A 73 11.71 1.01 10.90
C TYR A 73 10.95 1.56 12.11
N PRO A 74 11.63 2.38 12.88
CA PRO A 74 11.02 2.98 14.07
C PRO A 74 9.97 4.01 13.65
N PHE A 75 8.72 3.63 13.67
CA PHE A 75 7.65 4.57 13.25
C PHE A 75 7.47 5.67 14.31
N ASP A 76 6.28 5.96 14.74
CA ASP A 76 6.09 7.04 15.74
C ASP A 76 4.89 6.74 16.64
N GLY A 77 3.85 6.15 16.09
CA GLY A 77 2.64 5.87 16.91
C GLY A 77 1.98 7.20 17.28
N PRO A 78 2.05 7.57 18.53
CA PRO A 78 1.45 8.84 18.97
C PRO A 78 2.08 10.02 18.22
N GLY A 79 1.70 10.20 16.99
CA GLY A 79 2.24 11.33 16.18
C GLY A 79 1.39 11.52 14.92
N ASN A 80 1.92 12.18 13.93
CA ASN A 80 1.14 12.41 12.68
C ASN A 80 1.36 11.27 11.68
N VAL A 81 2.59 10.91 11.43
CA VAL A 81 2.88 9.81 10.46
C VAL A 81 1.87 8.68 10.66
N LEU A 82 1.22 8.26 9.60
CA LEU A 82 0.19 7.17 9.73
C LEU A 82 0.77 5.78 9.38
N ALA A 83 1.58 5.63 8.36
CA ALA A 83 2.11 4.26 8.04
C ALA A 83 3.08 4.29 6.86
N HIS A 84 3.42 3.16 6.30
CA HIS A 84 4.37 3.19 5.14
C HIS A 84 4.67 1.78 4.63
N ALA A 85 5.58 1.66 3.68
CA ALA A 85 5.93 0.32 3.15
C ALA A 85 7.39 0.31 2.71
N TYR A 86 7.86 -0.76 2.10
CA TYR A 86 9.30 -0.79 1.69
C TYR A 86 9.44 -1.02 0.19
N ALA A 87 10.61 -1.42 -0.24
CA ALA A 87 10.83 -1.67 -1.70
C ALA A 87 12.22 -2.31 -1.90
N PRO A 88 13.23 -1.58 -1.49
CA PRO A 88 14.62 -2.06 -1.61
C PRO A 88 14.91 -3.13 -0.56
N GLY A 89 16.11 -3.64 -0.52
CA GLY A 89 16.45 -4.68 0.49
C GLY A 89 15.69 -5.97 0.18
N PRO A 90 16.37 -7.07 0.36
CA PRO A 90 15.77 -8.39 0.10
C PRO A 90 14.71 -8.70 1.17
N GLY A 91 13.72 -9.50 0.83
CA GLY A 91 12.66 -9.82 1.82
C GLY A 91 11.85 -8.57 2.12
N ILE A 92 12.48 -7.59 2.71
CA ILE A 92 11.78 -6.32 3.00
C ILE A 92 11.43 -5.61 1.69
N ASN A 93 11.87 -6.15 0.58
CA ASN A 93 11.56 -5.51 -0.72
C ASN A 93 10.05 -5.56 -0.95
N GLY A 94 9.30 -4.88 -0.14
CA GLY A 94 7.82 -4.90 -0.29
C GLY A 94 7.18 -5.28 1.04
N ASP A 95 7.02 -4.34 1.92
CA ASP A 95 6.41 -4.63 3.23
C ASP A 95 5.74 -3.36 3.72
N ALA A 96 4.47 -3.40 4.01
CA ALA A 96 3.78 -2.17 4.48
C ALA A 96 3.41 -2.35 5.93
N HIS A 97 3.24 -1.29 6.64
CA HIS A 97 2.86 -1.44 8.05
C HIS A 97 2.04 -0.23 8.51
N PHE A 98 0.96 -0.49 9.16
CA PHE A 98 0.08 0.60 9.65
C PHE A 98 0.54 1.05 11.04
N ASP A 99 0.77 2.33 11.20
CA ASP A 99 1.21 2.84 12.52
C ASP A 99 0.06 2.73 13.53
N ASP A 100 0.33 2.25 14.72
CA ASP A 100 -0.77 2.18 15.71
C ASP A 100 -1.25 3.61 15.97
N ASP A 101 -0.47 4.56 15.52
CA ASP A 101 -0.78 6.01 15.65
C ASP A 101 -2.05 6.29 16.45
N GLU A 102 -3.16 6.43 15.80
CA GLU A 102 -4.40 6.77 16.54
C GLU A 102 -5.52 5.78 16.20
N GLN A 103 -5.95 5.73 14.96
CA GLN A 103 -7.04 4.78 14.60
C GLN A 103 -7.03 4.51 13.09
N TRP A 104 -7.89 3.64 12.65
CA TRP A 104 -7.95 3.31 11.20
C TRP A 104 -9.41 2.95 10.85
N THR A 105 -9.98 3.55 9.85
CA THR A 105 -11.40 3.22 9.54
C THR A 105 -11.66 3.27 8.03
N LYS A 106 -12.60 2.49 7.59
CA LYS A 106 -12.97 2.48 6.15
C LYS A 106 -13.95 3.63 5.94
N ASP A 107 -14.76 3.86 6.93
CA ASP A 107 -15.75 4.97 6.85
C ASP A 107 -15.07 6.26 7.28
N THR A 108 -14.04 6.67 6.56
CA THR A 108 -13.25 7.90 6.90
C THR A 108 -13.71 8.53 8.22
N THR A 109 -13.62 7.79 9.29
CA THR A 109 -14.05 8.31 10.60
C THR A 109 -12.90 8.19 11.60
N GLY A 110 -12.07 7.20 11.46
CA GLY A 110 -10.92 7.06 12.40
C GLY A 110 -9.71 7.72 11.77
N THR A 111 -9.18 7.11 10.75
CA THR A 111 -8.01 7.70 10.05
C THR A 111 -8.20 7.49 8.55
N ASN A 112 -7.64 6.45 8.00
CA ASN A 112 -7.80 6.20 6.56
C ASN A 112 -7.52 4.72 6.29
N LEU A 113 -8.39 3.85 6.71
CA LEU A 113 -8.19 2.38 6.49
C LEU A 113 -7.49 2.13 5.13
N PHE A 114 -8.25 1.85 4.12
CA PHE A 114 -7.65 1.54 2.79
C PHE A 114 -6.98 2.78 2.21
N LEU A 115 -7.11 3.91 2.80
CA LEU A 115 -6.41 5.06 2.21
C LEU A 115 -4.93 4.81 2.40
N VAL A 116 -4.51 4.81 3.62
CA VAL A 116 -3.08 4.54 3.92
C VAL A 116 -2.79 3.07 3.60
N ALA A 117 -3.80 2.26 3.38
CA ALA A 117 -3.51 0.85 3.04
C ALA A 117 -2.95 0.83 1.63
N ALA A 118 -3.67 1.34 0.66
CA ALA A 118 -3.12 1.37 -0.69
C ALA A 118 -1.97 2.35 -0.69
N HIS A 119 -1.89 3.16 0.32
CA HIS A 119 -0.74 4.10 0.33
C HIS A 119 0.53 3.28 0.59
N GLU A 120 0.47 2.33 1.49
CA GLU A 120 1.68 1.51 1.76
C GLU A 120 1.77 0.33 0.77
N ILE A 121 0.68 -0.36 0.54
CA ILE A 121 0.73 -1.48 -0.43
C ILE A 121 1.11 -0.90 -1.77
N GLY A 122 0.70 0.31 -1.97
CA GLY A 122 1.03 1.03 -3.22
C GLY A 122 2.45 1.57 -3.13
N HIS A 123 2.84 1.96 -1.96
CA HIS A 123 4.20 2.51 -1.80
C HIS A 123 5.24 1.49 -2.28
N SER A 124 5.09 0.26 -1.87
CA SER A 124 6.08 -0.78 -2.27
C SER A 124 5.76 -1.37 -3.65
N LEU A 125 4.59 -1.93 -3.81
CA LEU A 125 4.23 -2.55 -5.11
C LEU A 125 3.29 -1.65 -5.90
N GLY A 126 3.49 -0.38 -5.83
CA GLY A 126 2.58 0.54 -6.55
C GLY A 126 3.37 1.66 -7.19
N LEU A 127 3.77 2.63 -6.44
CA LEU A 127 4.53 3.75 -7.04
C LEU A 127 5.04 4.69 -5.96
N PHE A 128 5.36 5.91 -6.33
CA PHE A 128 5.87 6.88 -5.32
C PHE A 128 4.75 7.82 -4.89
N HIS A 129 4.59 8.93 -5.56
CA HIS A 129 3.51 9.88 -5.18
C HIS A 129 3.02 10.62 -6.43
N SER A 130 1.85 10.29 -6.91
CA SER A 130 1.31 10.98 -8.13
C SER A 130 0.38 12.10 -7.70
N ALA A 131 -0.30 12.72 -8.63
CA ALA A 131 -1.24 13.80 -8.26
C ALA A 131 -2.28 13.18 -7.34
N ASN A 132 -1.98 13.11 -6.07
CA ASN A 132 -2.93 12.45 -5.17
C ASN A 132 -3.97 13.41 -4.65
N THR A 133 -4.06 14.59 -5.18
CA THR A 133 -5.16 15.49 -4.74
C THR A 133 -6.42 14.63 -4.89
N GLU A 134 -6.33 13.70 -5.81
CA GLU A 134 -7.42 12.72 -6.04
C GLU A 134 -6.86 11.32 -5.76
N ALA A 135 -5.60 11.09 -6.09
CA ALA A 135 -5.01 9.73 -5.89
C ALA A 135 -5.10 9.26 -4.43
N LEU A 136 -4.26 8.32 -4.09
CA LEU A 136 -4.27 7.73 -2.71
C LEU A 136 -3.01 8.08 -1.92
N MET A 137 -2.08 8.78 -2.50
CA MET A 137 -0.84 9.08 -1.74
C MET A 137 -0.99 10.41 -1.00
N TYR A 138 -2.00 11.16 -1.28
CA TYR A 138 -2.17 12.45 -0.55
C TYR A 138 -3.62 12.72 -0.11
N PRO A 139 -4.49 11.73 -0.12
CA PRO A 139 -5.87 11.94 0.33
C PRO A 139 -5.89 12.05 1.84
N LEU A 140 -5.10 11.23 2.49
CA LEU A 140 -5.02 11.19 3.99
C LEU A 140 -5.82 12.34 4.61
N TYR A 141 -5.28 13.53 4.62
CA TYR A 141 -6.01 14.69 5.19
C TYR A 141 -7.23 15.01 4.31
N HIS A 142 -8.12 14.06 4.15
CA HIS A 142 -9.32 14.30 3.30
C HIS A 142 -10.39 13.24 3.61
N SER A 143 -11.15 12.84 2.63
CA SER A 143 -12.20 11.81 2.88
C SER A 143 -12.33 10.89 1.66
N LEU A 144 -11.75 9.72 1.73
CA LEU A 144 -11.85 8.77 0.58
C LEU A 144 -11.05 7.51 0.92
N THR A 145 -11.14 7.06 2.13
CA THR A 145 -10.38 5.83 2.52
C THR A 145 -11.27 4.60 2.31
N ASP A 146 -12.54 4.80 2.15
CA ASP A 146 -13.45 3.64 1.93
C ASP A 146 -14.91 4.10 1.82
N LEU A 147 -15.24 5.28 2.28
CA LEU A 147 -16.66 5.78 2.21
C LEU A 147 -17.37 5.21 0.97
N THR A 148 -17.47 5.99 -0.09
CA THR A 148 -18.17 5.49 -1.31
C THR A 148 -17.30 5.76 -2.54
N ARG A 149 -16.29 6.58 -2.42
CA ARG A 149 -15.42 6.87 -3.59
C ARG A 149 -14.09 6.15 -3.40
N PHE A 150 -13.56 6.20 -2.20
CA PHE A 150 -12.26 5.54 -1.85
C PHE A 150 -11.63 4.82 -3.05
N ARG A 151 -10.54 5.32 -3.54
CA ARG A 151 -9.89 4.66 -4.71
C ARG A 151 -8.65 5.45 -5.14
N LEU A 152 -7.92 4.93 -6.10
CA LEU A 152 -6.70 5.64 -6.58
C LEU A 152 -7.04 6.66 -7.66
N SER A 153 -6.14 7.58 -7.93
CA SER A 153 -6.43 8.60 -8.98
C SER A 153 -5.80 8.21 -10.30
N GLN A 154 -6.00 9.00 -11.30
CA GLN A 154 -5.43 8.69 -12.64
C GLN A 154 -3.91 8.89 -12.62
N ASP A 155 -3.39 9.71 -11.74
CA ASP A 155 -1.93 9.89 -11.72
C ASP A 155 -1.30 8.77 -10.91
N ASP A 156 -1.87 8.39 -9.79
CA ASP A 156 -1.27 7.29 -9.03
C ASP A 156 -1.50 6.01 -9.81
N ILE A 157 -2.66 5.85 -10.38
CA ILE A 157 -2.88 4.66 -11.22
C ILE A 157 -1.78 4.65 -12.25
N ASN A 158 -1.48 5.83 -12.74
CA ASN A 158 -0.40 5.97 -13.78
C ASN A 158 0.93 5.48 -13.20
N GLY A 159 1.24 5.88 -11.99
CA GLY A 159 2.53 5.46 -11.38
C GLY A 159 2.58 3.92 -11.26
N ILE A 160 1.60 3.33 -10.64
CA ILE A 160 1.64 1.85 -10.49
C ILE A 160 1.54 1.16 -11.85
N GLN A 161 0.61 1.58 -12.66
CA GLN A 161 0.51 0.94 -14.00
C GLN A 161 1.87 1.05 -14.66
N SER A 162 2.65 2.02 -14.26
CA SER A 162 4.01 2.18 -14.83
C SER A 162 4.98 1.35 -14.01
N LEU A 163 4.55 0.92 -12.84
CA LEU A 163 5.43 0.09 -11.99
C LEU A 163 5.47 -1.33 -12.54
N TYR A 164 4.32 -1.93 -12.69
CA TYR A 164 4.30 -3.33 -13.22
C TYR A 164 4.14 -3.32 -14.75
N GLY A 165 2.97 -2.99 -15.24
CA GLY A 165 2.75 -2.96 -16.73
C GLY A 165 4.01 -2.45 -17.43
N PRO A 166 4.29 -3.04 -18.56
CA PRO A 166 5.47 -2.66 -19.35
C PRO A 166 5.26 -1.29 -20.02
N PRO A 167 6.24 -0.44 -19.85
CA PRO A 167 6.18 0.91 -20.44
C PRO A 167 6.37 0.91 -21.97
N PRO A 168 7.11 -0.04 -22.50
CA PRO A 168 7.33 -0.07 -23.96
C PRO A 168 6.05 -0.54 -24.68
N ASP A 169 5.95 -1.80 -24.98
CA ASP A 169 4.73 -2.30 -25.69
C ASP A 169 4.56 -3.80 -25.45
N SER A 170 5.19 -4.34 -24.45
CA SER A 170 5.06 -5.79 -24.18
C SER A 170 3.58 -6.20 -24.30
N PRO A 171 3.34 -7.18 -25.13
CA PRO A 171 1.97 -7.67 -25.36
C PRO A 171 1.48 -8.46 -24.14
N GLU A 172 2.35 -8.73 -23.21
CA GLU A 172 1.94 -9.49 -22.00
C GLU A 172 0.90 -8.68 -21.22
N THR A 173 -0.31 -8.64 -21.70
CA THR A 173 -1.37 -7.86 -20.98
C THR A 173 -2.54 -8.79 -20.64
N PHE A 1 13.03 11.85 -4.66
CA PHE A 1 12.56 11.59 -6.05
C PHE A 1 11.08 11.19 -6.03
N ARG A 2 10.46 11.13 -7.17
CA ARG A 2 9.02 10.75 -7.21
C ARG A 2 8.89 9.33 -7.80
N THR A 3 8.14 9.17 -8.87
CA THR A 3 7.99 7.82 -9.47
C THR A 3 9.37 7.20 -9.68
N PHE A 4 9.42 5.98 -10.15
CA PHE A 4 10.74 5.32 -10.37
C PHE A 4 10.81 4.79 -11.81
N PRO A 5 11.06 5.69 -12.71
CA PRO A 5 11.16 5.33 -14.14
C PRO A 5 12.46 4.57 -14.40
N GLY A 6 12.41 3.56 -15.22
CA GLY A 6 13.64 2.79 -15.52
C GLY A 6 13.60 1.44 -14.79
N ILE A 7 13.58 1.46 -13.49
CA ILE A 7 13.52 0.19 -12.72
C ILE A 7 12.20 0.10 -11.95
N PRO A 8 11.35 -0.79 -12.38
CA PRO A 8 10.04 -0.98 -11.74
C PRO A 8 10.21 -1.66 -10.38
N LYS A 9 9.16 -2.22 -9.86
CA LYS A 9 9.25 -2.90 -8.54
C LYS A 9 9.30 -4.41 -8.75
N TRP A 10 8.18 -5.07 -8.73
CA TRP A 10 8.18 -6.54 -8.94
C TRP A 10 8.22 -6.83 -10.45
N ARG A 11 8.77 -7.96 -10.84
CA ARG A 11 8.85 -8.27 -12.29
C ARG A 11 7.91 -9.43 -12.63
N LYS A 12 7.83 -10.42 -11.78
CA LYS A 12 6.92 -11.58 -12.06
C LYS A 12 5.53 -11.08 -12.40
N THR A 13 4.60 -11.98 -12.53
CA THR A 13 3.20 -11.59 -12.85
C THR A 13 2.28 -12.02 -11.71
N HIS A 14 2.82 -12.59 -10.66
CA HIS A 14 1.94 -13.01 -9.54
C HIS A 14 2.61 -12.74 -8.20
N LEU A 15 2.41 -11.57 -7.67
CA LEU A 15 3.02 -11.21 -6.36
C LEU A 15 2.11 -11.67 -5.22
N THR A 16 2.57 -11.55 -4.00
CA THR A 16 1.72 -11.96 -2.87
C THR A 16 1.93 -10.99 -1.71
N TYR A 17 0.99 -10.86 -0.83
CA TYR A 17 1.18 -9.93 0.31
C TYR A 17 0.65 -10.61 1.57
N ARG A 18 1.00 -10.09 2.71
CA ARG A 18 0.51 -10.70 3.97
C ARG A 18 -0.28 -9.66 4.75
N ILE A 19 -1.34 -10.07 5.39
CA ILE A 19 -2.15 -9.10 6.16
C ILE A 19 -1.75 -9.15 7.64
N VAL A 20 -0.51 -8.83 7.94
CA VAL A 20 -0.05 -8.84 9.35
C VAL A 20 -0.55 -7.58 10.07
N ASN A 21 -1.35 -6.79 9.40
CA ASN A 21 -1.86 -5.54 10.03
C ASN A 21 -3.21 -5.81 10.68
N TYR A 22 -3.55 -5.02 11.64
CA TYR A 22 -4.87 -5.17 12.33
C TYR A 22 -4.94 -4.16 13.48
N THR A 23 -6.12 -3.73 13.80
CA THR A 23 -6.29 -2.75 14.91
C THR A 23 -7.70 -2.86 15.47
N PRO A 24 -7.88 -2.37 16.65
CA PRO A 24 -9.20 -2.40 17.28
C PRO A 24 -10.12 -1.48 16.50
N ASP A 25 -9.54 -0.53 15.84
CA ASP A 25 -10.35 0.38 15.02
C ASP A 25 -10.79 -0.38 13.78
N LEU A 26 -10.20 -1.53 13.54
CA LEU A 26 -10.57 -2.34 12.36
C LEU A 26 -10.54 -3.82 12.69
N PRO A 27 -11.68 -4.44 12.63
CA PRO A 27 -11.76 -5.88 12.87
C PRO A 27 -10.96 -6.61 11.80
N LYS A 28 -10.72 -7.88 12.01
CA LYS A 28 -9.94 -8.69 11.02
C LYS A 28 -10.27 -8.24 9.60
N ASP A 29 -11.49 -8.47 9.20
CA ASP A 29 -11.90 -8.11 7.81
C ASP A 29 -11.76 -6.60 7.55
N ALA A 30 -11.54 -5.80 8.56
CA ALA A 30 -11.39 -4.36 8.31
C ALA A 30 -9.94 -4.04 7.95
N VAL A 31 -9.01 -4.33 8.81
CA VAL A 31 -7.59 -4.07 8.46
C VAL A 31 -7.32 -4.83 7.16
N ASP A 32 -7.87 -6.00 7.06
CA ASP A 32 -7.70 -6.81 5.83
C ASP A 32 -8.40 -6.06 4.69
N SER A 33 -9.39 -5.28 5.02
CA SER A 33 -10.11 -4.52 3.97
C SER A 33 -9.15 -3.49 3.38
N ALA A 34 -8.37 -2.83 4.19
CA ALA A 34 -7.42 -1.83 3.65
C ALA A 34 -6.32 -2.55 2.88
N VAL A 35 -5.97 -3.70 3.31
CA VAL A 35 -4.92 -4.47 2.61
C VAL A 35 -5.52 -5.03 1.33
N GLU A 36 -6.81 -5.16 1.34
CA GLU A 36 -7.54 -5.70 0.16
C GLU A 36 -7.86 -4.53 -0.77
N LYS A 37 -8.15 -3.39 -0.23
CA LYS A 37 -8.46 -2.22 -1.08
C LYS A 37 -7.14 -1.64 -1.56
N ALA A 38 -6.15 -1.66 -0.70
CA ALA A 38 -4.81 -1.18 -1.09
C ALA A 38 -4.26 -2.11 -2.15
N LEU A 39 -4.12 -3.36 -1.78
CA LEU A 39 -3.59 -4.37 -2.73
C LEU A 39 -4.41 -4.37 -4.00
N LYS A 40 -5.70 -4.38 -3.87
CA LYS A 40 -6.55 -4.40 -5.09
C LYS A 40 -6.40 -3.09 -5.82
N VAL A 41 -6.23 -2.03 -5.09
CA VAL A 41 -6.09 -0.72 -5.75
C VAL A 41 -4.93 -0.83 -6.74
N TRP A 42 -3.86 -1.46 -6.36
CA TRP A 42 -2.72 -1.57 -7.30
C TRP A 42 -2.84 -2.85 -8.14
N GLU A 43 -3.54 -3.83 -7.65
CA GLU A 43 -3.68 -5.08 -8.43
C GLU A 43 -4.58 -4.79 -9.62
N GLU A 44 -5.43 -3.82 -9.48
CA GLU A 44 -6.33 -3.47 -10.59
C GLU A 44 -5.68 -2.41 -11.45
N VAL A 45 -5.08 -1.43 -10.84
CA VAL A 45 -4.44 -0.37 -11.68
C VAL A 45 -3.40 -1.01 -12.59
N THR A 46 -2.84 -2.14 -12.21
CA THR A 46 -1.83 -2.76 -13.12
C THR A 46 -2.37 -4.06 -13.71
N PRO A 47 -1.75 -4.50 -14.77
CA PRO A 47 -2.13 -5.73 -15.46
C PRO A 47 -1.47 -6.95 -14.80
N LEU A 48 -1.18 -6.88 -13.52
CA LEU A 48 -0.53 -8.03 -12.84
C LEU A 48 -1.51 -8.71 -11.88
N THR A 49 -1.08 -9.74 -11.21
CA THR A 49 -1.99 -10.46 -10.26
C THR A 49 -1.33 -10.52 -8.88
N PHE A 50 -2.07 -10.93 -7.88
CA PHE A 50 -1.50 -11.01 -6.51
C PHE A 50 -2.11 -12.20 -5.75
N SER A 51 -1.57 -12.50 -4.60
CA SER A 51 -2.11 -13.63 -3.78
C SER A 51 -2.00 -13.27 -2.31
N ARG A 52 -2.32 -14.17 -1.42
CA ARG A 52 -2.23 -13.84 0.02
C ARG A 52 -2.26 -15.11 0.88
N LEU A 53 -1.62 -15.09 2.01
CA LEU A 53 -1.62 -16.30 2.88
C LEU A 53 -1.08 -15.94 4.26
N TYR A 54 0.17 -16.22 4.53
CA TYR A 54 0.76 -15.91 5.86
C TYR A 54 2.21 -16.40 5.90
N GLU A 55 2.88 -16.42 4.78
CA GLU A 55 4.28 -16.91 4.75
C GLU A 55 5.16 -15.98 5.57
N GLY A 56 6.38 -16.38 5.83
CA GLY A 56 7.31 -15.51 6.62
C GLY A 56 7.14 -14.06 6.16
N GLU A 57 6.90 -13.87 4.89
CA GLU A 57 6.72 -12.51 4.36
C GLU A 57 6.40 -12.56 2.86
N ALA A 58 5.15 -12.36 2.50
CA ALA A 58 4.78 -12.38 1.06
C ALA A 58 5.59 -11.31 0.33
N ASP A 59 5.07 -10.78 -0.74
CA ASP A 59 5.83 -9.72 -1.47
C ASP A 59 5.62 -8.38 -0.76
N ILE A 60 4.48 -8.22 -0.15
CA ILE A 60 4.18 -6.96 0.59
C ILE A 60 3.70 -7.33 2.00
N MET A 61 4.60 -7.65 2.88
CA MET A 61 4.19 -8.02 4.26
C MET A 61 3.51 -6.83 4.92
N ILE A 62 2.21 -6.80 4.94
CA ILE A 62 1.49 -5.66 5.57
C ILE A 62 1.39 -5.95 7.06
N SER A 63 2.13 -5.26 7.89
CA SER A 63 2.05 -5.57 9.35
C SER A 63 1.91 -4.32 10.21
N PHE A 64 1.29 -4.47 11.34
CA PHE A 64 1.12 -3.31 12.26
C PHE A 64 2.43 -3.02 12.99
N ALA A 65 2.70 -1.77 13.28
CA ALA A 65 3.97 -1.44 13.99
C ALA A 65 3.90 -0.01 14.53
N VAL A 66 4.76 0.34 15.45
CA VAL A 66 4.74 1.72 16.01
C VAL A 66 6.09 2.02 16.67
N ARG A 67 6.14 3.00 17.54
CA ARG A 67 7.42 3.36 18.23
C ARG A 67 8.25 2.09 18.51
N GLU A 68 7.60 1.04 18.93
CA GLU A 68 8.34 -0.22 19.23
C GLU A 68 8.68 -0.92 17.91
N HIS A 69 9.42 -0.27 17.06
CA HIS A 69 9.79 -0.91 15.76
C HIS A 69 11.06 -1.73 15.93
N GLY A 70 12.20 -1.13 15.70
CA GLY A 70 13.48 -1.88 15.86
C GLY A 70 14.31 -1.75 14.59
N ASP A 71 14.32 -0.58 14.00
CA ASP A 71 15.12 -0.39 12.75
C ASP A 71 15.01 1.08 12.29
N PHE A 72 14.96 1.31 11.00
CA PHE A 72 14.87 2.71 10.50
C PHE A 72 13.41 3.08 10.25
N TYR A 73 12.49 2.31 10.78
CA TYR A 73 11.04 2.63 10.56
C TYR A 73 10.37 2.90 11.90
N PRO A 74 10.90 3.84 12.63
CA PRO A 74 10.34 4.21 13.94
C PRO A 74 9.00 4.91 13.74
N PHE A 75 8.00 4.54 14.49
CA PHE A 75 6.67 5.20 14.32
C PHE A 75 6.22 5.86 15.61
N ASP A 76 5.00 6.32 15.63
CA ASP A 76 4.49 7.01 16.83
C ASP A 76 3.01 7.35 16.64
N GLY A 77 2.19 6.33 16.48
CA GLY A 77 0.71 6.53 16.28
C GLY A 77 0.27 7.99 16.50
N PRO A 78 0.45 8.46 17.70
CA PRO A 78 0.09 9.85 18.04
C PRO A 78 0.96 10.82 17.24
N GLY A 79 0.78 10.84 15.94
CA GLY A 79 1.59 11.75 15.08
C GLY A 79 1.22 11.51 13.62
N ASN A 80 1.35 12.52 12.79
CA ASN A 80 0.99 12.35 11.35
C ASN A 80 1.52 11.00 10.84
N VAL A 81 2.63 10.56 11.36
CA VAL A 81 3.21 9.25 10.92
C VAL A 81 2.10 8.20 10.84
N LEU A 82 1.52 8.03 9.68
CA LEU A 82 0.40 7.02 9.55
C LEU A 82 0.93 5.61 9.21
N ALA A 83 1.76 5.44 8.20
CA ALA A 83 2.24 4.05 7.87
C ALA A 83 3.25 4.08 6.71
N HIS A 84 3.55 2.96 6.12
CA HIS A 84 4.52 2.99 4.99
C HIS A 84 4.77 1.60 4.42
N ALA A 85 5.69 1.50 3.49
CA ALA A 85 5.99 0.17 2.89
C ALA A 85 7.42 0.17 2.33
N TYR A 86 7.87 -0.95 1.82
CA TYR A 86 9.27 -0.98 1.28
C TYR A 86 9.25 -1.35 -0.22
N ALA A 87 10.40 -1.63 -0.77
CA ALA A 87 10.45 -2.00 -2.22
C ALA A 87 11.74 -2.77 -2.50
N PRO A 88 12.86 -2.09 -2.34
CA PRO A 88 14.17 -2.72 -2.57
C PRO A 88 14.53 -3.64 -1.39
N GLY A 89 15.63 -4.35 -1.50
CA GLY A 89 16.04 -5.26 -0.39
C GLY A 89 15.78 -6.71 -0.78
N PRO A 90 16.28 -7.60 0.05
CA PRO A 90 16.11 -9.04 -0.19
C PRO A 90 14.68 -9.47 0.19
N GLY A 91 14.28 -9.20 1.41
CA GLY A 91 12.91 -9.58 1.85
C GLY A 91 12.09 -8.32 2.10
N ILE A 92 12.70 -7.33 2.69
CA ILE A 92 11.97 -6.06 2.95
C ILE A 92 11.57 -5.44 1.62
N ASN A 93 12.03 -6.00 0.52
CA ASN A 93 11.65 -5.45 -0.80
C ASN A 93 10.15 -5.63 -1.02
N GLY A 94 9.35 -4.98 -0.23
CA GLY A 94 7.87 -5.13 -0.38
C GLY A 94 7.27 -5.48 0.98
N ASP A 95 7.07 -4.51 1.81
CA ASP A 95 6.49 -4.78 3.14
C ASP A 95 5.85 -3.49 3.64
N ALA A 96 4.57 -3.50 3.91
CA ALA A 96 3.89 -2.27 4.40
C ALA A 96 3.59 -2.41 5.88
N HIS A 97 3.29 -1.34 6.53
CA HIS A 97 2.97 -1.46 7.96
C HIS A 97 2.05 -0.31 8.38
N PHE A 98 1.07 -0.64 9.16
CA PHE A 98 0.09 0.38 9.65
C PHE A 98 0.47 0.81 11.07
N ASP A 99 0.56 2.09 11.33
CA ASP A 99 0.89 2.53 12.71
C ASP A 99 -0.01 1.76 13.69
N ASP A 100 0.47 1.50 14.88
CA ASP A 100 -0.36 0.74 15.85
C ASP A 100 -0.72 1.62 17.04
N ASP A 101 -0.62 2.92 16.89
CA ASP A 101 -0.96 3.81 18.03
C ASP A 101 -1.83 4.99 17.54
N GLU A 102 -2.43 4.87 16.39
CA GLU A 102 -3.27 5.99 15.88
C GLU A 102 -4.69 5.46 15.67
N GLN A 103 -5.33 5.84 14.61
CA GLN A 103 -6.71 5.36 14.35
C GLN A 103 -6.73 4.55 13.05
N TRP A 104 -7.79 3.85 12.77
CA TRP A 104 -7.85 3.05 11.52
C TRP A 104 -9.30 2.75 11.16
N THR A 105 -9.84 3.37 10.16
CA THR A 105 -11.25 3.10 9.80
C THR A 105 -11.44 3.14 8.28
N LYS A 106 -12.43 2.46 7.82
CA LYS A 106 -12.74 2.46 6.36
C LYS A 106 -13.76 3.58 6.12
N ASP A 107 -14.53 3.85 7.12
CA ASP A 107 -15.55 4.93 7.01
C ASP A 107 -14.92 6.23 7.48
N THR A 108 -13.95 6.73 6.74
CA THR A 108 -13.21 7.98 7.10
C THR A 108 -13.63 8.53 8.48
N THR A 109 -13.48 7.74 9.51
CA THR A 109 -13.88 8.19 10.86
C THR A 109 -12.69 8.06 11.81
N GLY A 110 -11.84 7.09 11.58
CA GLY A 110 -10.66 6.93 12.48
C GLY A 110 -9.46 7.58 11.80
N THR A 111 -8.73 6.81 11.05
CA THR A 111 -7.58 7.39 10.32
C THR A 111 -7.88 7.28 8.84
N ASN A 112 -7.38 6.26 8.19
CA ASN A 112 -7.64 6.10 6.76
C ASN A 112 -7.35 4.64 6.36
N LEU A 113 -8.17 3.73 6.84
CA LEU A 113 -7.99 2.29 6.53
C LEU A 113 -7.30 2.08 5.16
N PHE A 114 -8.08 1.86 4.14
CA PHE A 114 -7.49 1.60 2.81
C PHE A 114 -6.80 2.84 2.25
N LEU A 115 -6.93 3.96 2.88
CA LEU A 115 -6.22 5.12 2.33
C LEU A 115 -4.74 4.83 2.50
N VAL A 116 -4.29 4.77 3.71
CA VAL A 116 -2.87 4.45 3.96
C VAL A 116 -2.60 3.01 3.53
N ALA A 117 -3.62 2.25 3.30
CA ALA A 117 -3.38 0.85 2.86
C ALA A 117 -2.85 0.92 1.44
N ALA A 118 -3.59 1.47 0.52
CA ALA A 118 -3.04 1.57 -0.84
C ALA A 118 -1.87 2.50 -0.78
N HIS A 119 -1.75 3.26 0.28
CA HIS A 119 -0.57 4.15 0.36
C HIS A 119 0.66 3.26 0.52
N GLU A 120 0.60 2.27 1.38
CA GLU A 120 1.77 1.38 1.56
C GLU A 120 1.79 0.28 0.49
N ILE A 121 0.69 -0.39 0.25
CA ILE A 121 0.69 -1.44 -0.80
C ILE A 121 1.07 -0.77 -2.10
N GLY A 122 0.70 0.47 -2.21
CA GLY A 122 1.03 1.26 -3.42
C GLY A 122 2.48 1.67 -3.31
N HIS A 123 2.94 1.88 -2.13
CA HIS A 123 4.36 2.28 -1.93
C HIS A 123 5.30 1.21 -2.48
N SER A 124 5.10 -0.01 -2.11
CA SER A 124 6.03 -1.10 -2.57
C SER A 124 5.66 -1.61 -3.97
N LEU A 125 4.45 -2.07 -4.16
CA LEU A 125 4.07 -2.63 -5.50
C LEU A 125 3.19 -1.65 -6.25
N GLY A 126 3.31 -0.40 -5.97
CA GLY A 126 2.45 0.60 -6.64
C GLY A 126 3.31 1.68 -7.28
N LEU A 127 3.78 2.61 -6.51
CA LEU A 127 4.61 3.69 -7.10
C LEU A 127 5.26 4.52 -6.00
N PHE A 128 5.72 5.69 -6.33
CA PHE A 128 6.37 6.55 -5.30
C PHE A 128 5.33 7.54 -4.75
N HIS A 129 5.01 8.55 -5.50
CA HIS A 129 4.00 9.54 -5.03
C HIS A 129 3.46 10.32 -6.22
N SER A 130 2.41 9.84 -6.83
CA SER A 130 1.83 10.55 -8.00
C SER A 130 1.01 11.74 -7.50
N ALA A 131 0.41 12.47 -8.39
CA ALA A 131 -0.43 13.62 -7.95
C ALA A 131 -1.55 13.06 -7.11
N ASN A 132 -1.26 12.78 -5.87
CA ASN A 132 -2.30 12.19 -5.01
C ASN A 132 -3.20 13.25 -4.42
N THR A 133 -3.05 14.49 -4.84
CA THR A 133 -4.01 15.51 -4.35
C THR A 133 -5.39 14.91 -4.59
N GLU A 134 -5.44 14.06 -5.60
CA GLU A 134 -6.67 13.32 -5.94
C GLU A 134 -6.40 11.84 -5.68
N ALA A 135 -5.20 11.39 -5.98
CA ALA A 135 -4.87 9.95 -5.79
C ALA A 135 -4.98 9.51 -4.33
N LEU A 136 -4.47 8.35 -4.04
CA LEU A 136 -4.55 7.78 -2.66
C LEU A 136 -3.24 7.93 -1.91
N MET A 137 -2.19 8.35 -2.54
CA MET A 137 -0.91 8.45 -1.80
C MET A 137 -0.84 9.74 -0.99
N TYR A 138 -1.73 10.65 -1.18
CA TYR A 138 -1.66 11.91 -0.37
C TYR A 138 -3.02 12.39 0.16
N PRO A 139 -4.06 11.58 0.10
CA PRO A 139 -5.35 12.02 0.64
C PRO A 139 -5.26 12.03 2.16
N LEU A 140 -4.57 11.05 2.70
CA LEU A 140 -4.38 10.91 4.19
C LEU A 140 -5.12 12.04 4.94
N TYR A 141 -4.59 13.22 4.88
CA TYR A 141 -5.24 14.36 5.58
C TYR A 141 -6.57 14.68 4.88
N HIS A 142 -7.46 13.73 4.83
CA HIS A 142 -8.78 13.96 4.16
C HIS A 142 -9.74 12.82 4.50
N SER A 143 -10.59 12.44 3.58
CA SER A 143 -11.55 11.33 3.85
C SER A 143 -11.87 10.59 2.56
N LEU A 144 -11.40 9.37 2.42
CA LEU A 144 -11.68 8.60 1.19
C LEU A 144 -11.02 7.22 1.30
N THR A 145 -11.33 6.48 2.33
CA THR A 145 -10.71 5.14 2.49
C THR A 145 -11.78 4.06 2.31
N ASP A 146 -13.02 4.46 2.22
CA ASP A 146 -14.11 3.46 2.05
C ASP A 146 -15.48 4.15 1.99
N LEU A 147 -15.59 5.34 2.53
CA LEU A 147 -16.92 6.05 2.52
C LEU A 147 -17.74 5.65 1.29
N THR A 148 -17.23 5.91 0.13
CA THR A 148 -17.97 5.53 -1.11
C THR A 148 -17.16 5.99 -2.32
N ARG A 149 -16.42 7.05 -2.17
CA ARG A 149 -15.60 7.56 -3.31
C ARG A 149 -14.17 7.05 -3.14
N PHE A 150 -13.82 6.71 -1.93
CA PHE A 150 -12.44 6.21 -1.64
C PHE A 150 -11.87 5.43 -2.83
N ARG A 151 -10.76 5.88 -3.35
CA ARG A 151 -10.14 5.18 -4.51
C ARG A 151 -8.88 5.92 -4.96
N LEU A 152 -8.13 5.35 -5.86
CA LEU A 152 -6.89 6.03 -6.32
C LEU A 152 -7.20 7.06 -7.41
N SER A 153 -6.24 7.87 -7.75
CA SER A 153 -6.48 8.88 -8.81
C SER A 153 -5.83 8.41 -10.12
N GLN A 154 -5.79 9.27 -11.09
CA GLN A 154 -5.17 8.89 -12.39
C GLN A 154 -3.67 9.09 -12.32
N ASP A 155 -3.17 9.77 -11.31
CA ASP A 155 -1.73 9.97 -11.22
C ASP A 155 -1.14 8.74 -10.53
N ASP A 156 -1.70 8.31 -9.41
CA ASP A 156 -1.12 7.10 -8.80
C ASP A 156 -1.35 5.96 -9.79
N ILE A 157 -2.50 5.92 -10.42
CA ILE A 157 -2.74 4.87 -11.43
C ILE A 157 -1.62 4.98 -12.46
N ASN A 158 -1.20 6.19 -12.72
CA ASN A 158 -0.11 6.42 -13.70
C ASN A 158 1.20 5.86 -13.14
N GLY A 159 1.48 6.13 -11.89
CA GLY A 159 2.74 5.62 -11.29
C GLY A 159 2.73 4.08 -11.25
N ILE A 160 1.69 3.50 -10.72
CA ILE A 160 1.65 2.01 -10.64
C ILE A 160 1.56 1.41 -12.05
N GLN A 161 0.69 1.93 -12.85
CA GLN A 161 0.59 1.40 -14.24
C GLN A 161 1.98 1.49 -14.85
N SER A 162 2.77 2.43 -14.38
CA SER A 162 4.15 2.58 -14.89
C SER A 162 5.03 1.55 -14.15
N LEU A 163 4.56 1.08 -13.04
CA LEU A 163 5.33 0.07 -12.26
C LEU A 163 5.30 -1.22 -13.06
N TYR A 164 4.13 -1.79 -13.18
CA TYR A 164 4.01 -3.06 -13.96
C TYR A 164 3.74 -2.72 -15.43
N GLY A 165 2.66 -3.22 -15.99
CA GLY A 165 2.35 -2.91 -17.42
C GLY A 165 3.64 -2.99 -18.25
N PRO A 166 4.32 -4.10 -18.13
CA PRO A 166 5.58 -4.31 -18.85
C PRO A 166 5.36 -4.54 -20.36
N PRO A 167 4.24 -5.10 -20.75
CA PRO A 167 3.98 -5.35 -22.18
C PRO A 167 3.60 -4.04 -22.87
N PRO A 168 4.48 -3.58 -23.72
CA PRO A 168 4.27 -2.33 -24.47
C PRO A 168 3.22 -2.55 -25.56
N ASP A 169 3.47 -3.45 -26.47
CA ASP A 169 2.50 -3.71 -27.56
C ASP A 169 2.69 -5.12 -28.10
N SER A 170 3.92 -5.57 -28.20
CA SER A 170 4.17 -6.94 -28.73
C SER A 170 5.02 -7.71 -27.71
N PRO A 171 4.87 -9.01 -27.73
CA PRO A 171 5.62 -9.88 -26.81
C PRO A 171 7.09 -9.95 -27.24
N GLU A 172 7.40 -9.42 -28.38
CA GLU A 172 8.82 -9.45 -28.86
C GLU A 172 9.65 -8.43 -28.06
N THR A 173 10.93 -8.66 -27.94
CA THR A 173 11.78 -7.71 -27.18
C THR A 173 12.33 -6.64 -28.13
N PHE A 1 9.71 13.42 -7.49
CA PHE A 1 8.37 12.87 -7.13
C PHE A 1 7.86 11.99 -8.26
N ARG A 2 8.46 10.86 -8.47
CA ARG A 2 8.00 9.95 -9.57
C ARG A 2 8.32 8.50 -9.21
N THR A 3 7.71 7.56 -9.88
CA THR A 3 7.98 6.13 -9.58
C THR A 3 9.48 5.87 -9.65
N PHE A 4 9.89 4.65 -9.39
CA PHE A 4 11.35 4.33 -9.44
C PHE A 4 11.96 4.94 -10.71
N PRO A 5 13.10 5.56 -10.53
CA PRO A 5 13.81 6.20 -11.66
C PRO A 5 14.44 5.14 -12.56
N GLY A 6 13.65 4.21 -13.05
CA GLY A 6 14.21 3.16 -13.93
C GLY A 6 13.42 1.86 -13.76
N ILE A 7 14.08 0.78 -13.48
CA ILE A 7 13.37 -0.51 -13.30
C ILE A 7 12.20 -0.33 -12.33
N PRO A 8 11.10 -0.97 -12.65
CA PRO A 8 9.90 -0.89 -11.81
C PRO A 8 10.10 -1.71 -10.53
N LYS A 9 9.41 -1.37 -9.48
CA LYS A 9 9.57 -2.13 -8.20
C LYS A 9 9.59 -3.64 -8.51
N TRP A 10 8.45 -4.25 -8.66
CA TRP A 10 8.44 -5.71 -8.95
C TRP A 10 8.33 -5.96 -10.46
N ARG A 11 8.08 -7.18 -10.86
CA ARG A 11 7.97 -7.47 -12.32
C ARG A 11 7.25 -8.81 -12.55
N LYS A 12 7.44 -9.76 -11.66
CA LYS A 12 6.78 -11.09 -11.84
C LYS A 12 5.32 -10.92 -12.28
N THR A 13 4.67 -12.01 -12.56
CA THR A 13 3.25 -11.94 -13.00
C THR A 13 2.32 -12.30 -11.83
N HIS A 14 2.86 -12.77 -10.74
CA HIS A 14 1.96 -13.13 -9.60
C HIS A 14 2.57 -12.70 -8.26
N LEU A 15 2.20 -11.56 -7.79
CA LEU A 15 2.75 -11.07 -6.48
C LEU A 15 1.96 -11.70 -5.33
N THR A 16 2.35 -11.41 -4.12
CA THR A 16 1.64 -11.98 -2.96
C THR A 16 1.68 -10.99 -1.80
N TYR A 17 0.76 -11.06 -0.89
CA TYR A 17 0.78 -10.10 0.24
C TYR A 17 0.44 -10.82 1.54
N ARG A 18 0.76 -10.24 2.66
CA ARG A 18 0.47 -10.89 3.96
C ARG A 18 -0.24 -9.89 4.88
N ILE A 19 -1.41 -10.23 5.36
CA ILE A 19 -2.15 -9.29 6.25
C ILE A 19 -1.66 -9.48 7.69
N VAL A 20 -0.57 -8.84 8.04
CA VAL A 20 -0.04 -8.95 9.43
C VAL A 20 -0.53 -7.75 10.25
N ASN A 21 -1.39 -6.95 9.71
CA ASN A 21 -1.91 -5.78 10.46
C ASN A 21 -3.30 -6.09 10.97
N TYR A 22 -3.75 -5.32 11.90
CA TYR A 22 -5.12 -5.52 12.46
C TYR A 22 -5.34 -4.52 13.59
N THR A 23 -5.75 -3.33 13.27
CA THR A 23 -6.01 -2.30 14.32
C THR A 23 -7.28 -2.67 15.06
N PRO A 24 -7.38 -2.19 16.27
CA PRO A 24 -8.56 -2.46 17.09
C PRO A 24 -9.75 -1.73 16.49
N ASP A 25 -9.49 -0.71 15.74
CA ASP A 25 -10.58 0.02 15.08
C ASP A 25 -11.02 -0.78 13.85
N LEU A 26 -10.37 -1.89 13.62
CA LEU A 26 -10.72 -2.73 12.44
C LEU A 26 -10.50 -4.20 12.75
N PRO A 27 -11.56 -4.95 12.66
CA PRO A 27 -11.47 -6.40 12.90
C PRO A 27 -10.62 -7.03 11.79
N LYS A 28 -10.32 -8.30 11.92
CA LYS A 28 -9.50 -8.98 10.90
C LYS A 28 -9.90 -8.51 9.50
N ASP A 29 -11.08 -8.82 9.11
CA ASP A 29 -11.57 -8.44 7.75
C ASP A 29 -11.43 -6.93 7.49
N ALA A 30 -11.52 -6.10 8.49
CA ALA A 30 -11.40 -4.63 8.23
C ALA A 30 -9.95 -4.29 7.91
N VAL A 31 -9.04 -4.54 8.82
CA VAL A 31 -7.62 -4.24 8.50
C VAL A 31 -7.29 -4.96 7.21
N ASP A 32 -7.76 -6.17 7.10
CA ASP A 32 -7.53 -6.95 5.85
C ASP A 32 -8.23 -6.20 4.72
N SER A 33 -9.27 -5.48 5.07
CA SER A 33 -10.00 -4.70 4.03
C SER A 33 -9.03 -3.69 3.43
N ALA A 34 -8.29 -2.98 4.23
CA ALA A 34 -7.32 -1.99 3.69
C ALA A 34 -6.21 -2.71 2.94
N VAL A 35 -5.88 -3.88 3.35
CA VAL A 35 -4.82 -4.66 2.66
C VAL A 35 -5.41 -5.19 1.37
N GLU A 36 -6.71 -5.31 1.34
CA GLU A 36 -7.42 -5.82 0.14
C GLU A 36 -7.76 -4.63 -0.76
N LYS A 37 -8.04 -3.50 -0.17
CA LYS A 37 -8.36 -2.32 -0.99
C LYS A 37 -7.05 -1.75 -1.49
N ALA A 38 -6.08 -1.71 -0.64
CA ALA A 38 -4.73 -1.25 -1.05
C ALA A 38 -4.20 -2.20 -2.11
N LEU A 39 -4.04 -3.43 -1.71
CA LEU A 39 -3.54 -4.47 -2.65
C LEU A 39 -4.34 -4.46 -3.94
N LYS A 40 -5.64 -4.37 -3.82
CA LYS A 40 -6.49 -4.37 -5.04
C LYS A 40 -6.35 -3.05 -5.76
N VAL A 41 -6.15 -2.00 -5.05
CA VAL A 41 -5.99 -0.68 -5.68
C VAL A 41 -4.85 -0.77 -6.69
N TRP A 42 -3.77 -1.41 -6.30
CA TRP A 42 -2.62 -1.53 -7.24
C TRP A 42 -2.73 -2.82 -8.06
N GLU A 43 -3.51 -3.76 -7.60
CA GLU A 43 -3.67 -5.02 -8.35
C GLU A 43 -4.60 -4.77 -9.52
N GLU A 44 -5.47 -3.82 -9.37
CA GLU A 44 -6.42 -3.50 -10.46
C GLU A 44 -5.81 -2.45 -11.37
N VAL A 45 -5.21 -1.43 -10.82
CA VAL A 45 -4.60 -0.39 -11.69
C VAL A 45 -3.47 -1.02 -12.49
N THR A 46 -2.94 -2.13 -12.02
CA THR A 46 -1.82 -2.78 -12.78
C THR A 46 -2.30 -4.14 -13.34
N PRO A 47 -1.69 -4.52 -14.42
CA PRO A 47 -2.02 -5.78 -15.11
C PRO A 47 -1.35 -7.00 -14.43
N LEU A 48 -1.18 -6.98 -13.13
CA LEU A 48 -0.52 -8.14 -12.47
C LEU A 48 -1.50 -8.89 -11.57
N THR A 49 -1.15 -10.08 -11.16
CA THR A 49 -2.06 -10.86 -10.27
C THR A 49 -1.52 -10.81 -8.83
N PHE A 50 -2.22 -11.40 -7.89
CA PHE A 50 -1.73 -11.36 -6.49
C PHE A 50 -2.26 -12.56 -5.70
N SER A 51 -1.63 -12.87 -4.60
CA SER A 51 -2.06 -14.01 -3.75
C SER A 51 -1.51 -13.81 -2.33
N ARG A 52 -2.37 -13.85 -1.34
CA ARG A 52 -1.87 -13.63 0.05
C ARG A 52 -1.67 -14.98 0.74
N LEU A 53 -1.13 -14.95 1.93
CA LEU A 53 -0.90 -16.21 2.68
C LEU A 53 -0.85 -15.88 4.19
N TYR A 54 0.22 -16.21 4.87
CA TYR A 54 0.27 -15.90 6.34
C TYR A 54 1.57 -16.45 6.93
N GLU A 55 2.68 -16.29 6.25
CA GLU A 55 3.95 -16.82 6.80
C GLU A 55 5.13 -16.30 5.99
N GLY A 56 6.31 -16.78 6.28
CA GLY A 56 7.52 -16.34 5.53
C GLY A 56 7.43 -14.85 5.23
N GLU A 57 6.99 -14.50 4.05
CA GLU A 57 6.87 -13.05 3.70
C GLU A 57 6.36 -12.90 2.27
N ALA A 58 5.12 -12.53 2.11
CA ALA A 58 4.57 -12.35 0.73
C ALA A 58 5.39 -11.28 0.01
N ASP A 59 4.76 -10.59 -0.89
CA ASP A 59 5.49 -9.51 -1.62
C ASP A 59 5.23 -8.20 -0.90
N ILE A 60 4.13 -8.11 -0.19
CA ILE A 60 3.79 -6.88 0.58
C ILE A 60 3.38 -7.30 1.99
N MET A 61 4.32 -7.59 2.83
CA MET A 61 3.95 -8.03 4.21
C MET A 61 3.31 -6.86 4.94
N ILE A 62 2.01 -6.77 4.93
CA ILE A 62 1.33 -5.65 5.64
C ILE A 62 1.28 -5.99 7.12
N SER A 63 2.02 -5.30 7.95
CA SER A 63 1.98 -5.66 9.39
C SER A 63 1.77 -4.43 10.27
N PHE A 64 1.25 -4.63 11.45
CA PHE A 64 1.01 -3.49 12.37
C PHE A 64 2.32 -3.11 13.07
N ALA A 65 2.59 -1.84 13.20
CA ALA A 65 3.87 -1.43 13.86
C ALA A 65 3.76 -0.01 14.42
N VAL A 66 4.66 0.37 15.28
CA VAL A 66 4.62 1.74 15.87
C VAL A 66 5.96 2.00 16.58
N ARG A 67 6.01 2.97 17.47
CA ARG A 67 7.27 3.28 18.19
C ARG A 67 8.04 1.98 18.48
N GLU A 68 7.35 0.90 18.67
CA GLU A 68 8.04 -0.39 18.96
C GLU A 68 8.53 -1.02 17.64
N HIS A 69 9.53 -0.45 17.05
CA HIS A 69 10.06 -1.02 15.77
C HIS A 69 11.42 -1.69 16.03
N GLY A 70 12.14 -1.99 15.00
CA GLY A 70 13.47 -2.64 15.18
C GLY A 70 14.54 -1.58 15.41
N ASP A 71 14.91 -0.85 14.38
CA ASP A 71 15.95 0.20 14.55
C ASP A 71 16.10 0.98 13.24
N PHE A 72 15.02 1.54 12.76
CA PHE A 72 15.10 2.32 11.48
C PHE A 72 13.70 2.86 11.13
N TYR A 73 12.68 2.16 11.50
CA TYR A 73 11.29 2.61 11.18
C TYR A 73 10.56 2.96 12.48
N PRO A 74 11.16 3.84 13.25
CA PRO A 74 10.58 4.27 14.54
C PRO A 74 9.29 5.04 14.27
N PHE A 75 8.16 4.47 14.59
CA PHE A 75 6.87 5.16 14.35
C PHE A 75 6.40 5.87 15.60
N ASP A 76 5.19 6.33 15.60
CA ASP A 76 4.66 7.06 16.76
C ASP A 76 3.22 7.48 16.49
N GLY A 77 2.33 6.54 16.31
CA GLY A 77 0.88 6.85 16.03
C GLY A 77 0.58 8.34 16.14
N PRO A 78 0.70 8.87 17.33
CA PRO A 78 0.44 10.30 17.55
C PRO A 78 1.46 11.15 16.78
N GLY A 79 1.46 11.01 15.48
CA GLY A 79 2.42 11.78 14.64
C GLY A 79 2.02 11.60 13.17
N ASN A 80 2.14 12.64 12.38
CA ASN A 80 1.76 12.55 10.94
C ASN A 80 2.21 11.21 10.36
N VAL A 81 3.29 10.67 10.85
CA VAL A 81 3.78 9.36 10.31
C VAL A 81 2.68 8.30 10.45
N LEU A 82 1.84 8.18 9.44
CA LEU A 82 0.72 7.19 9.50
C LEU A 82 1.18 5.75 9.19
N ALA A 83 2.05 5.56 8.22
CA ALA A 83 2.49 4.16 7.90
C ALA A 83 3.49 4.15 6.74
N HIS A 84 3.79 3.00 6.20
CA HIS A 84 4.76 2.98 5.06
C HIS A 84 5.01 1.56 4.57
N ALA A 85 6.01 1.37 3.75
CA ALA A 85 6.29 0.00 3.24
C ALA A 85 7.74 -0.07 2.72
N TYR A 86 8.06 -1.10 1.96
CA TYR A 86 9.46 -1.22 1.46
C TYR A 86 9.46 -1.52 -0.04
N ALA A 87 10.56 -1.98 -0.57
CA ALA A 87 10.60 -2.28 -2.03
C ALA A 87 11.98 -2.79 -2.46
N PRO A 88 12.98 -1.99 -2.20
CA PRO A 88 14.36 -2.33 -2.58
C PRO A 88 14.92 -3.48 -1.73
N GLY A 89 15.08 -3.27 -0.45
CA GLY A 89 15.64 -4.33 0.44
C GLY A 89 15.11 -5.71 0.02
N PRO A 90 15.97 -6.70 0.16
CA PRO A 90 15.61 -8.09 -0.21
C PRO A 90 14.58 -8.62 0.80
N GLY A 91 13.66 -9.43 0.35
CA GLY A 91 12.62 -9.93 1.29
C GLY A 91 11.71 -8.76 1.66
N ILE A 92 12.29 -7.78 2.31
CA ILE A 92 11.50 -6.57 2.67
C ILE A 92 11.17 -5.82 1.38
N ASN A 93 11.66 -6.28 0.26
CA ASN A 93 11.34 -5.60 -1.03
C ASN A 93 9.83 -5.72 -1.27
N GLY A 94 9.05 -5.08 -0.44
CA GLY A 94 7.58 -5.17 -0.59
C GLY A 94 6.97 -5.54 0.78
N ASP A 95 6.82 -4.58 1.63
CA ASP A 95 6.24 -4.86 2.96
C ASP A 95 5.67 -3.55 3.50
N ALA A 96 4.44 -3.53 3.94
CA ALA A 96 3.87 -2.26 4.46
C ALA A 96 3.52 -2.41 5.92
N HIS A 97 3.47 -1.33 6.64
CA HIS A 97 3.10 -1.43 8.07
C HIS A 97 2.21 -0.24 8.45
N PHE A 98 1.15 -0.53 9.14
CA PHE A 98 0.21 0.53 9.59
C PHE A 98 0.54 0.96 11.02
N ASP A 99 0.60 2.24 11.28
CA ASP A 99 0.89 2.69 12.67
C ASP A 99 -0.08 2.00 13.64
N ASP A 100 0.37 1.67 14.82
CA ASP A 100 -0.55 0.99 15.78
C ASP A 100 -0.82 1.89 16.99
N ASP A 101 -0.63 3.17 16.86
CA ASP A 101 -0.89 4.08 18.01
C ASP A 101 -1.96 5.11 17.65
N GLU A 102 -2.61 4.97 16.52
CA GLU A 102 -3.66 5.94 16.14
C GLU A 102 -4.98 5.18 15.92
N GLN A 103 -5.64 5.43 14.83
CA GLN A 103 -6.92 4.71 14.56
C GLN A 103 -6.91 4.22 13.11
N TRP A 104 -7.89 3.48 12.70
CA TRP A 104 -7.91 2.98 11.31
C TRP A 104 -9.36 2.62 10.93
N THR A 105 -9.91 3.26 9.94
CA THR A 105 -11.32 2.94 9.57
C THR A 105 -11.51 3.04 8.06
N LYS A 106 -12.44 2.29 7.55
CA LYS A 106 -12.73 2.33 6.09
C LYS A 106 -13.69 3.48 5.85
N ASP A 107 -14.52 3.74 6.81
CA ASP A 107 -15.50 4.85 6.70
C ASP A 107 -14.81 6.13 7.18
N THR A 108 -13.77 6.55 6.49
CA THR A 108 -12.97 7.75 6.89
C THR A 108 -13.46 8.36 8.20
N THR A 109 -13.39 7.60 9.26
CA THR A 109 -13.86 8.09 10.58
C THR A 109 -12.73 7.95 11.60
N GLY A 110 -11.92 6.94 11.46
CA GLY A 110 -10.79 6.77 12.42
C GLY A 110 -9.56 7.42 11.82
N THR A 111 -8.88 6.72 10.95
CA THR A 111 -7.69 7.29 10.29
C THR A 111 -7.90 7.17 8.79
N ASN A 112 -7.38 6.14 8.19
CA ASN A 112 -7.56 5.97 6.74
C ASN A 112 -7.28 4.50 6.40
N LEU A 113 -8.16 3.61 6.81
CA LEU A 113 -7.97 2.16 6.55
C LEU A 113 -7.26 1.94 5.21
N PHE A 114 -7.99 1.71 4.17
CA PHE A 114 -7.36 1.45 2.86
C PHE A 114 -6.70 2.70 2.31
N LEU A 115 -6.92 3.84 2.88
CA LEU A 115 -6.24 5.01 2.30
C LEU A 115 -4.75 4.79 2.50
N VAL A 116 -4.35 4.71 3.73
CA VAL A 116 -2.93 4.44 4.02
C VAL A 116 -2.60 3.00 3.63
N ALA A 117 -3.59 2.18 3.36
CA ALA A 117 -3.28 0.80 2.95
C ALA A 117 -2.75 0.87 1.53
N ALA A 118 -3.53 1.37 0.60
CA ALA A 118 -3.00 1.49 -0.76
C ALA A 118 -1.85 2.46 -0.70
N HIS A 119 -1.75 3.21 0.36
CA HIS A 119 -0.60 4.13 0.45
C HIS A 119 0.66 3.27 0.59
N GLU A 120 0.65 2.33 1.49
CA GLU A 120 1.85 1.46 1.66
C GLU A 120 1.89 0.35 0.60
N ILE A 121 0.80 -0.33 0.36
CA ILE A 121 0.83 -1.39 -0.69
C ILE A 121 1.19 -0.72 -2.00
N GLY A 122 0.77 0.50 -2.12
CA GLY A 122 1.08 1.29 -3.33
C GLY A 122 2.52 1.75 -3.25
N HIS A 123 2.96 2.03 -2.07
CA HIS A 123 4.37 2.49 -1.89
C HIS A 123 5.34 1.44 -2.42
N SER A 124 5.17 0.21 -2.03
CA SER A 124 6.12 -0.84 -2.48
C SER A 124 5.75 -1.42 -3.85
N LEU A 125 4.58 -1.96 -3.98
CA LEU A 125 4.17 -2.58 -5.28
C LEU A 125 3.23 -1.65 -6.04
N GLY A 126 3.39 -0.38 -5.87
CA GLY A 126 2.51 0.57 -6.54
C GLY A 126 3.34 1.64 -7.21
N LEU A 127 3.76 2.61 -6.47
CA LEU A 127 4.58 3.69 -7.09
C LEU A 127 5.27 4.51 -6.00
N PHE A 128 5.78 5.65 -6.34
CA PHE A 128 6.46 6.50 -5.33
C PHE A 128 5.49 7.56 -4.83
N HIS A 129 5.18 8.53 -5.65
CA HIS A 129 4.23 9.60 -5.24
C HIS A 129 3.71 10.33 -6.48
N SER A 130 2.56 9.95 -6.95
CA SER A 130 2.00 10.62 -8.16
C SER A 130 1.19 11.83 -7.70
N ALA A 131 0.54 12.51 -8.60
CA ALA A 131 -0.28 13.68 -8.20
C ALA A 131 -1.40 13.14 -7.35
N ASN A 132 -1.10 12.80 -6.13
CA ASN A 132 -2.12 12.22 -5.27
C ASN A 132 -2.97 13.29 -4.62
N THR A 133 -2.82 14.52 -5.04
CA THR A 133 -3.73 15.57 -4.49
C THR A 133 -5.13 14.99 -4.66
N GLU A 134 -5.26 14.15 -5.67
CA GLU A 134 -6.52 13.44 -5.94
C GLU A 134 -6.28 11.95 -5.67
N ALA A 135 -5.10 11.47 -6.00
CA ALA A 135 -4.80 10.01 -5.79
C ALA A 135 -4.81 9.62 -4.32
N LEU A 136 -4.32 8.43 -4.06
CA LEU A 136 -4.29 7.88 -2.67
C LEU A 136 -2.98 8.25 -1.94
N MET A 137 -1.96 8.63 -2.63
CA MET A 137 -0.71 8.93 -1.88
C MET A 137 -0.76 10.29 -1.18
N TYR A 138 -1.77 11.09 -1.40
CA TYR A 138 -1.81 12.41 -0.70
C TYR A 138 -3.19 12.77 -0.12
N PRO A 139 -4.11 11.82 0.01
CA PRO A 139 -5.42 12.14 0.58
C PRO A 139 -5.30 12.17 2.10
N LEU A 140 -4.60 11.21 2.66
CA LEU A 140 -4.43 11.10 4.16
C LEU A 140 -5.15 12.25 4.87
N TYR A 141 -4.60 13.44 4.79
CA TYR A 141 -5.26 14.60 5.45
C TYR A 141 -6.58 14.90 4.72
N HIS A 142 -7.49 13.96 4.70
CA HIS A 142 -8.79 14.19 4.01
C HIS A 142 -9.74 13.02 4.33
N SER A 143 -10.50 12.58 3.37
CA SER A 143 -11.44 11.45 3.64
C SER A 143 -11.92 10.83 2.32
N LEU A 144 -11.53 9.62 2.05
CA LEU A 144 -11.97 8.95 0.79
C LEU A 144 -11.35 7.56 0.72
N THR A 145 -11.53 6.77 1.74
CA THR A 145 -10.97 5.39 1.72
C THR A 145 -12.10 4.39 1.48
N ASP A 146 -13.18 4.50 2.19
CA ASP A 146 -14.29 3.53 1.97
C ASP A 146 -15.65 4.23 2.00
N LEU A 147 -15.75 5.48 2.41
CA LEU A 147 -17.10 6.14 2.45
C LEU A 147 -17.97 5.67 1.27
N THR A 148 -17.58 5.98 0.08
CA THR A 148 -18.38 5.53 -1.10
C THR A 148 -17.70 6.03 -2.37
N ARG A 149 -17.04 7.15 -2.31
CA ARG A 149 -16.36 7.69 -3.51
C ARG A 149 -14.88 7.30 -3.44
N PHE A 150 -14.43 6.97 -2.27
CA PHE A 150 -13.00 6.58 -2.08
C PHE A 150 -12.47 5.82 -3.29
N ARG A 151 -11.33 6.20 -3.78
CA ARG A 151 -10.72 5.52 -4.95
C ARG A 151 -9.40 6.20 -5.30
N LEU A 152 -8.48 5.48 -5.89
CA LEU A 152 -7.19 6.11 -6.25
C LEU A 152 -7.39 7.12 -7.36
N SER A 153 -6.39 7.92 -7.65
CA SER A 153 -6.56 8.93 -8.75
C SER A 153 -5.89 8.42 -10.02
N GLN A 154 -5.81 9.26 -11.02
CA GLN A 154 -5.17 8.85 -12.28
C GLN A 154 -3.66 9.07 -12.20
N ASP A 155 -3.20 9.77 -11.20
CA ASP A 155 -1.77 9.99 -11.08
C ASP A 155 -1.17 8.79 -10.37
N ASP A 156 -1.74 8.34 -9.27
CA ASP A 156 -1.15 7.13 -8.65
C ASP A 156 -1.39 5.97 -9.61
N ILE A 157 -2.53 5.96 -10.25
CA ILE A 157 -2.80 4.89 -11.24
C ILE A 157 -1.70 4.96 -12.30
N ASN A 158 -1.25 6.15 -12.57
CA ASN A 158 -0.18 6.32 -13.58
C ASN A 158 1.13 5.74 -13.02
N GLY A 159 1.46 6.07 -11.81
CA GLY A 159 2.73 5.55 -11.21
C GLY A 159 2.68 4.02 -11.07
N ILE A 160 1.59 3.49 -10.56
CA ILE A 160 1.51 2.02 -10.38
C ILE A 160 1.31 1.34 -11.74
N GLN A 161 0.37 1.79 -12.50
CA GLN A 161 0.18 1.20 -13.84
C GLN A 161 1.51 1.31 -14.57
N SER A 162 2.33 2.24 -14.17
CA SER A 162 3.66 2.39 -14.80
C SER A 162 4.67 1.53 -14.04
N LEU A 163 4.28 1.06 -12.87
CA LEU A 163 5.18 0.19 -12.10
C LEU A 163 5.23 -1.15 -12.80
N TYR A 164 4.09 -1.71 -13.02
CA TYR A 164 4.05 -3.03 -13.73
C TYR A 164 4.13 -2.81 -15.25
N GLY A 165 3.12 -3.20 -15.99
CA GLY A 165 3.19 -2.99 -17.47
C GLY A 165 2.04 -3.73 -18.15
N PRO A 166 1.36 -3.02 -19.01
CA PRO A 166 0.22 -3.60 -19.76
C PRO A 166 0.74 -4.63 -20.78
N PRO A 167 -0.18 -5.29 -21.44
CA PRO A 167 0.18 -6.34 -22.43
C PRO A 167 0.89 -5.82 -23.70
N PRO A 168 0.67 -4.58 -24.07
CA PRO A 168 1.31 -4.04 -25.28
C PRO A 168 2.74 -3.59 -24.97
N ASP A 169 2.90 -2.70 -24.03
CA ASP A 169 4.27 -2.23 -23.68
C ASP A 169 5.22 -3.42 -23.60
N SER A 170 4.70 -4.58 -23.29
CA SER A 170 5.56 -5.79 -23.20
C SER A 170 4.79 -7.01 -23.68
N PRO A 171 4.87 -7.26 -24.96
CA PRO A 171 4.19 -8.41 -25.56
C PRO A 171 4.87 -9.72 -25.17
N GLU A 172 6.17 -9.70 -25.04
CA GLU A 172 6.90 -10.94 -24.66
C GLU A 172 6.53 -11.34 -23.22
N THR A 173 5.30 -11.71 -23.00
CA THR A 173 4.87 -12.10 -21.64
C THR A 173 3.46 -12.69 -21.68
N PHE A 1 10.92 15.25 -7.62
CA PHE A 1 10.53 14.10 -8.47
C PHE A 1 9.94 12.99 -7.59
N ARG A 2 9.13 12.14 -8.16
CA ARG A 2 8.52 11.04 -7.36
C ARG A 2 8.52 9.74 -8.18
N THR A 3 7.46 9.46 -8.87
CA THR A 3 7.41 8.22 -9.69
C THR A 3 8.62 8.17 -10.62
N PHE A 4 9.01 7.01 -11.07
CA PHE A 4 10.19 6.90 -11.97
C PHE A 4 9.88 5.89 -13.08
N PRO A 5 9.67 6.39 -14.26
CA PRO A 5 9.37 5.55 -15.43
C PRO A 5 10.63 4.82 -15.89
N GLY A 6 10.80 3.60 -15.45
CA GLY A 6 12.02 2.83 -15.86
C GLY A 6 12.04 1.49 -15.13
N ILE A 7 12.81 1.41 -14.07
CA ILE A 7 12.88 0.13 -13.31
C ILE A 7 11.60 -0.05 -12.48
N PRO A 8 10.93 -1.15 -12.70
CA PRO A 8 9.68 -1.45 -11.98
C PRO A 8 9.99 -1.83 -10.54
N LYS A 9 8.99 -2.20 -9.78
CA LYS A 9 9.24 -2.59 -8.36
C LYS A 9 9.53 -4.08 -8.31
N TRP A 10 8.52 -4.91 -8.25
CA TRP A 10 8.76 -6.37 -8.19
C TRP A 10 9.10 -6.87 -9.61
N ARG A 11 8.42 -7.87 -10.12
CA ARG A 11 8.76 -8.35 -11.50
C ARG A 11 7.85 -9.53 -11.85
N LYS A 12 7.79 -10.52 -10.99
CA LYS A 12 6.94 -11.71 -11.27
C LYS A 12 5.57 -11.29 -11.82
N THR A 13 4.79 -12.25 -12.23
CA THR A 13 3.44 -11.93 -12.78
C THR A 13 2.38 -12.16 -11.70
N HIS A 14 2.76 -12.66 -10.55
CA HIS A 14 1.75 -12.90 -9.48
C HIS A 14 2.34 -12.56 -8.12
N LEU A 15 2.22 -11.34 -7.71
CA LEU A 15 2.75 -10.91 -6.39
C LEU A 15 1.82 -11.40 -5.28
N THR A 16 2.24 -11.30 -4.05
CA THR A 16 1.37 -11.76 -2.94
C THR A 16 1.52 -10.80 -1.76
N TYR A 17 0.56 -10.73 -0.89
CA TYR A 17 0.68 -9.81 0.26
C TYR A 17 0.18 -10.53 1.52
N ARG A 18 0.54 -10.03 2.67
CA ARG A 18 0.09 -10.69 3.93
C ARG A 18 -0.63 -9.66 4.81
N ILE A 19 -1.71 -10.03 5.43
CA ILE A 19 -2.43 -9.07 6.30
C ILE A 19 -1.95 -9.20 7.75
N VAL A 20 -0.72 -8.85 8.00
CA VAL A 20 -0.18 -8.94 9.39
C VAL A 20 -0.67 -7.77 10.24
N ASN A 21 -1.55 -6.96 9.70
CA ASN A 21 -2.09 -5.82 10.48
C ASN A 21 -3.51 -6.14 10.90
N TYR A 22 -3.98 -5.48 11.90
CA TYR A 22 -5.36 -5.72 12.38
C TYR A 22 -5.66 -4.85 13.61
N THR A 23 -5.32 -3.59 13.56
CA THR A 23 -5.61 -2.71 14.72
C THR A 23 -7.02 -3.00 15.24
N PRO A 24 -7.24 -2.69 16.48
CA PRO A 24 -8.56 -2.92 17.09
C PRO A 24 -9.58 -2.01 16.45
N ASP A 25 -9.12 -0.98 15.79
CA ASP A 25 -10.05 -0.07 15.11
C ASP A 25 -10.64 -0.80 13.90
N LEU A 26 -10.14 -1.99 13.62
CA LEU A 26 -10.65 -2.75 12.45
C LEU A 26 -10.50 -4.25 12.68
N PRO A 27 -11.59 -4.95 12.53
CA PRO A 27 -11.58 -6.41 12.68
C PRO A 27 -10.76 -7.02 11.55
N LYS A 28 -10.57 -8.31 11.61
CA LYS A 28 -9.79 -9.00 10.54
C LYS A 28 -10.15 -8.44 9.17
N ASP A 29 -11.35 -8.66 8.76
CA ASP A 29 -11.80 -8.20 7.41
C ASP A 29 -11.57 -6.70 7.19
N ALA A 30 -11.68 -5.89 8.20
CA ALA A 30 -11.48 -4.43 7.98
C ALA A 30 -10.00 -4.14 7.71
N VAL A 31 -9.14 -4.46 8.64
CA VAL A 31 -7.69 -4.23 8.39
C VAL A 31 -7.35 -4.95 7.09
N ASP A 32 -7.82 -6.16 6.98
CA ASP A 32 -7.59 -6.95 5.75
C ASP A 32 -8.23 -6.18 4.62
N SER A 33 -9.25 -5.42 4.93
CA SER A 33 -9.92 -4.61 3.88
C SER A 33 -8.88 -3.68 3.28
N ALA A 34 -8.35 -2.77 4.05
CA ALA A 34 -7.31 -1.83 3.52
C ALA A 34 -6.23 -2.60 2.81
N VAL A 35 -5.96 -3.77 3.26
CA VAL A 35 -4.92 -4.59 2.60
C VAL A 35 -5.49 -5.11 1.28
N GLU A 36 -6.78 -5.16 1.21
CA GLU A 36 -7.47 -5.67 0.00
C GLU A 36 -7.80 -4.49 -0.91
N LYS A 37 -8.05 -3.35 -0.36
CA LYS A 37 -8.37 -2.18 -1.18
C LYS A 37 -7.05 -1.56 -1.61
N ALA A 38 -6.08 -1.61 -0.75
CA ALA A 38 -4.73 -1.11 -1.09
C ALA A 38 -4.13 -2.04 -2.12
N LEU A 39 -3.96 -3.27 -1.72
CA LEU A 39 -3.38 -4.28 -2.64
C LEU A 39 -4.18 -4.27 -3.92
N LYS A 40 -5.44 -4.44 -3.83
CA LYS A 40 -6.27 -4.48 -5.06
C LYS A 40 -6.15 -3.16 -5.79
N VAL A 41 -6.03 -2.09 -5.09
CA VAL A 41 -5.91 -0.78 -5.76
C VAL A 41 -4.73 -0.86 -6.73
N TRP A 42 -3.67 -1.49 -6.33
CA TRP A 42 -2.50 -1.58 -7.25
C TRP A 42 -2.58 -2.84 -8.10
N GLU A 43 -3.27 -3.84 -7.63
CA GLU A 43 -3.39 -5.08 -8.43
C GLU A 43 -4.26 -4.77 -9.62
N GLU A 44 -5.16 -3.86 -9.46
CA GLU A 44 -6.05 -3.51 -10.59
C GLU A 44 -5.42 -2.42 -11.43
N VAL A 45 -4.80 -1.46 -10.81
CA VAL A 45 -4.18 -0.37 -11.64
C VAL A 45 -3.11 -0.98 -12.54
N THR A 46 -2.53 -2.10 -12.17
CA THR A 46 -1.50 -2.70 -13.07
C THR A 46 -2.04 -4.02 -13.63
N PRO A 47 -1.39 -4.47 -14.67
CA PRO A 47 -1.78 -5.73 -15.34
C PRO A 47 -1.28 -6.94 -14.54
N LEU A 48 -0.50 -6.72 -13.52
CA LEU A 48 0.04 -7.86 -12.72
C LEU A 48 -1.06 -8.45 -11.84
N THR A 49 -0.83 -9.63 -11.32
CA THR A 49 -1.86 -10.28 -10.44
C THR A 49 -1.36 -10.26 -9.00
N PHE A 50 -2.20 -10.59 -8.06
CA PHE A 50 -1.76 -10.57 -6.64
C PHE A 50 -2.51 -11.65 -5.84
N SER A 51 -1.93 -12.11 -4.76
CA SER A 51 -2.61 -13.14 -3.93
C SER A 51 -2.28 -12.87 -2.46
N ARG A 52 -2.78 -13.68 -1.56
CA ARG A 52 -2.48 -13.44 -0.12
C ARG A 52 -2.64 -14.74 0.66
N LEU A 53 -2.07 -14.80 1.83
CA LEU A 53 -2.18 -16.05 2.64
C LEU A 53 -1.68 -15.79 4.07
N TYR A 54 -0.45 -16.16 4.36
CA TYR A 54 0.08 -15.93 5.73
C TYR A 54 1.50 -16.50 5.80
N GLU A 55 2.24 -16.45 4.72
CA GLU A 55 3.61 -17.01 4.71
C GLU A 55 4.54 -16.09 5.52
N GLY A 56 5.77 -16.50 5.70
CA GLY A 56 6.73 -15.67 6.47
C GLY A 56 6.58 -14.21 6.04
N GLU A 57 6.42 -13.98 4.77
CA GLU A 57 6.27 -12.58 4.28
C GLU A 57 5.94 -12.58 2.78
N ALA A 58 4.72 -12.30 2.44
CA ALA A 58 4.33 -12.27 1.00
C ALA A 58 5.17 -11.21 0.29
N ASP A 59 4.63 -10.60 -0.72
CA ASP A 59 5.41 -9.55 -1.44
C ASP A 59 5.17 -8.22 -0.75
N ILE A 60 4.04 -8.06 -0.11
CA ILE A 60 3.72 -6.81 0.63
C ILE A 60 3.24 -7.20 2.02
N MET A 61 4.15 -7.55 2.89
CA MET A 61 3.74 -7.96 4.26
C MET A 61 3.10 -6.78 4.99
N ILE A 62 1.80 -6.71 5.01
CA ILE A 62 1.14 -5.58 5.72
C ILE A 62 1.09 -5.93 7.20
N SER A 63 1.88 -5.29 8.02
CA SER A 63 1.85 -5.66 9.47
C SER A 63 1.66 -4.45 10.35
N PHE A 64 1.17 -4.67 11.53
CA PHE A 64 0.96 -3.53 12.48
C PHE A 64 2.29 -3.17 13.13
N ALA A 65 2.58 -1.91 13.26
CA ALA A 65 3.87 -1.51 13.88
C ALA A 65 3.77 -0.08 14.41
N VAL A 66 4.70 0.34 15.23
CA VAL A 66 4.64 1.72 15.77
C VAL A 66 6.00 2.09 16.37
N ARG A 67 6.02 3.02 17.30
CA ARG A 67 7.32 3.42 17.92
C ARG A 67 7.96 2.22 18.61
N GLU A 68 8.54 1.33 17.86
CA GLU A 68 9.19 0.13 18.47
C GLU A 68 9.78 -0.74 17.37
N HIS A 69 10.25 -0.13 16.30
CA HIS A 69 10.84 -0.91 15.19
C HIS A 69 12.24 -1.41 15.60
N GLY A 70 13.25 -0.63 15.33
CA GLY A 70 14.63 -1.06 15.70
C GLY A 70 15.55 -0.95 14.47
N ASP A 71 15.29 -0.01 13.62
CA ASP A 71 16.15 0.15 12.41
C ASP A 71 16.08 1.59 11.91
N PHE A 72 15.17 1.88 11.00
CA PHE A 72 15.05 3.27 10.48
C PHE A 72 13.59 3.57 10.17
N TYR A 73 12.69 2.75 10.66
CA TYR A 73 11.24 2.99 10.40
C TYR A 73 10.49 3.06 11.73
N PRO A 74 11.04 3.83 12.63
CA PRO A 74 10.43 3.99 13.97
C PRO A 74 9.14 4.82 13.85
N PHE A 75 8.05 4.32 14.34
CA PHE A 75 6.78 5.09 14.24
C PHE A 75 6.44 5.74 15.57
N ASP A 76 5.23 6.20 15.69
CA ASP A 76 4.81 6.87 16.95
C ASP A 76 3.36 7.34 16.83
N GLY A 77 2.45 6.43 16.57
CA GLY A 77 0.99 6.77 16.44
C GLY A 77 0.74 8.28 16.41
N PRO A 78 0.85 8.89 17.56
CA PRO A 78 0.63 10.33 17.69
C PRO A 78 1.68 11.11 16.89
N GLY A 79 1.69 10.91 15.60
CA GLY A 79 2.67 11.61 14.73
C GLY A 79 2.20 11.48 13.28
N ASN A 80 2.38 12.52 12.50
CA ASN A 80 1.95 12.48 11.07
C ASN A 80 2.29 11.12 10.47
N VAL A 81 3.37 10.52 10.89
CA VAL A 81 3.75 9.19 10.33
C VAL A 81 2.59 8.20 10.49
N LEU A 82 1.67 8.19 9.55
CA LEU A 82 0.51 7.26 9.64
C LEU A 82 0.90 5.80 9.31
N ALA A 83 1.77 5.59 8.34
CA ALA A 83 2.15 4.18 7.99
C ALA A 83 3.15 4.17 6.83
N HIS A 84 3.43 3.03 6.26
CA HIS A 84 4.39 3.04 5.11
C HIS A 84 4.65 1.63 4.59
N ALA A 85 5.62 1.48 3.72
CA ALA A 85 5.94 0.14 3.18
C ALA A 85 7.40 0.08 2.75
N TYR A 86 7.82 -1.02 2.14
CA TYR A 86 9.25 -1.11 1.74
C TYR A 86 9.37 -1.33 0.23
N ALA A 87 10.56 -1.53 -0.24
CA ALA A 87 10.78 -1.75 -1.70
C ALA A 87 12.03 -2.61 -1.91
N PRO A 88 13.16 -2.06 -1.57
CA PRO A 88 14.44 -2.78 -1.72
C PRO A 88 14.56 -3.85 -0.63
N GLY A 89 15.62 -4.63 -0.66
CA GLY A 89 15.80 -5.68 0.38
C GLY A 89 15.28 -7.02 -0.14
N PRO A 90 15.61 -8.06 0.59
CA PRO A 90 15.18 -9.42 0.22
C PRO A 90 13.69 -9.62 0.55
N GLY A 91 13.40 -10.02 1.76
CA GLY A 91 11.97 -10.23 2.15
C GLY A 91 11.31 -8.87 2.35
N ILE A 92 12.04 -7.92 2.85
CA ILE A 92 11.47 -6.57 3.06
C ILE A 92 11.18 -5.95 1.69
N ASN A 93 11.51 -6.63 0.63
CA ASN A 93 11.24 -6.08 -0.73
C ASN A 93 9.73 -6.00 -0.93
N GLY A 94 9.06 -5.20 -0.16
CA GLY A 94 7.58 -5.07 -0.29
C GLY A 94 6.92 -5.45 1.03
N ASP A 95 6.77 -4.50 1.90
CA ASP A 95 6.14 -4.78 3.21
C ASP A 95 5.55 -3.48 3.74
N ALA A 96 4.28 -3.46 4.05
CA ALA A 96 3.67 -2.21 4.55
C ALA A 96 3.33 -2.36 6.01
N HIS A 97 3.31 -1.30 6.75
CA HIS A 97 2.96 -1.43 8.18
C HIS A 97 2.07 -0.25 8.58
N PHE A 98 0.99 -0.57 9.25
CA PHE A 98 0.03 0.47 9.70
C PHE A 98 0.40 0.93 11.11
N ASP A 99 0.51 2.21 11.34
CA ASP A 99 0.84 2.68 12.72
C ASP A 99 -0.07 1.93 13.71
N ASP A 100 0.43 1.63 14.87
CA ASP A 100 -0.42 0.89 15.86
C ASP A 100 -0.69 1.78 17.07
N ASP A 101 -0.56 3.07 16.92
CA ASP A 101 -0.81 3.97 18.07
C ASP A 101 -1.74 5.12 17.63
N GLU A 102 -2.52 4.90 16.61
CA GLU A 102 -3.47 5.97 16.14
C GLU A 102 -4.87 5.38 15.99
N GLN A 103 -5.20 4.94 14.81
CA GLN A 103 -6.55 4.34 14.58
C GLN A 103 -6.66 3.93 13.11
N TRP A 104 -7.70 3.25 12.74
CA TRP A 104 -7.85 2.84 11.33
C TRP A 104 -9.31 2.54 11.03
N THR A 105 -9.88 3.16 10.05
CA THR A 105 -11.30 2.89 9.73
C THR A 105 -11.53 2.94 8.23
N LYS A 106 -12.49 2.21 7.77
CA LYS A 106 -12.81 2.21 6.32
C LYS A 106 -13.75 3.38 6.07
N ASP A 107 -14.53 3.69 7.06
CA ASP A 107 -15.48 4.83 6.95
C ASP A 107 -14.78 6.10 7.40
N THR A 108 -13.76 6.52 6.67
CA THR A 108 -12.95 7.73 7.03
C THR A 108 -13.40 8.35 8.36
N THR A 109 -13.32 7.59 9.42
CA THR A 109 -13.73 8.12 10.74
C THR A 109 -12.61 7.92 11.75
N GLY A 110 -11.81 6.90 11.59
CA GLY A 110 -10.70 6.69 12.56
C GLY A 110 -9.45 7.36 12.00
N THR A 111 -8.77 6.70 11.11
CA THR A 111 -7.55 7.29 10.51
C THR A 111 -7.74 7.29 9.00
N ASN A 112 -7.50 6.18 8.38
CA ASN A 112 -7.65 6.11 6.92
C ASN A 112 -7.29 4.69 6.48
N LEU A 113 -8.09 3.73 6.85
CA LEU A 113 -7.82 2.31 6.51
C LEU A 113 -7.21 2.18 5.10
N PHE A 114 -8.01 1.79 4.13
CA PHE A 114 -7.46 1.61 2.76
C PHE A 114 -6.80 2.88 2.24
N LEU A 115 -6.93 3.98 2.91
CA LEU A 115 -6.23 5.16 2.37
C LEU A 115 -4.75 4.90 2.53
N VAL A 116 -4.31 4.85 3.75
CA VAL A 116 -2.88 4.56 4.00
C VAL A 116 -2.60 3.11 3.62
N ALA A 117 -3.62 2.35 3.28
CA ALA A 117 -3.35 0.95 2.88
C ALA A 117 -2.81 0.99 1.47
N ALA A 118 -3.54 1.53 0.53
CA ALA A 118 -2.99 1.61 -0.82
C ALA A 118 -1.83 2.57 -0.77
N HIS A 119 -1.74 3.35 0.26
CA HIS A 119 -0.57 4.25 0.35
C HIS A 119 0.67 3.38 0.59
N GLU A 120 0.56 2.38 1.42
CA GLU A 120 1.72 1.50 1.70
C GLU A 120 1.82 0.40 0.65
N ILE A 121 0.75 -0.30 0.36
CA ILE A 121 0.81 -1.37 -0.67
C ILE A 121 1.20 -0.70 -1.98
N GLY A 122 0.80 0.52 -2.10
CA GLY A 122 1.14 1.32 -3.30
C GLY A 122 2.58 1.77 -3.17
N HIS A 123 2.99 2.04 -1.98
CA HIS A 123 4.38 2.48 -1.74
C HIS A 123 5.36 1.45 -2.28
N SER A 124 5.16 0.21 -1.94
CA SER A 124 6.11 -0.86 -2.39
C SER A 124 5.80 -1.32 -3.82
N LEU A 125 4.64 -1.83 -4.05
CA LEU A 125 4.28 -2.35 -5.42
C LEU A 125 3.35 -1.38 -6.14
N GLY A 126 3.55 -0.11 -5.96
CA GLY A 126 2.64 0.86 -6.62
C GLY A 126 3.45 2.00 -7.22
N LEU A 127 3.97 2.87 -6.41
CA LEU A 127 4.76 4.01 -6.97
C LEU A 127 5.27 4.90 -5.84
N PHE A 128 5.67 6.10 -6.17
CA PHE A 128 6.18 7.02 -5.13
C PHE A 128 5.04 7.93 -4.64
N HIS A 129 4.77 8.99 -5.35
CA HIS A 129 3.66 9.90 -4.92
C HIS A 129 3.10 10.61 -6.16
N SER A 130 1.99 10.15 -6.67
CA SER A 130 1.39 10.80 -7.87
C SER A 130 0.49 11.95 -7.43
N ALA A 131 -0.07 12.66 -8.36
CA ALA A 131 -0.99 13.77 -7.97
C ALA A 131 -2.10 13.17 -7.15
N ASN A 132 -1.92 13.10 -5.86
CA ASN A 132 -2.96 12.48 -5.04
C ASN A 132 -4.00 13.49 -4.57
N THR A 133 -4.00 14.68 -5.11
CA THR A 133 -5.09 15.62 -4.74
C THR A 133 -6.36 14.82 -4.93
N GLU A 134 -6.29 13.88 -5.84
CA GLU A 134 -7.40 12.94 -6.11
C GLU A 134 -6.91 11.53 -5.82
N ALA A 135 -5.64 11.26 -6.09
CA ALA A 135 -5.09 9.89 -5.86
C ALA A 135 -5.22 9.45 -4.41
N LEU A 136 -4.58 8.37 -4.09
CA LEU A 136 -4.65 7.80 -2.72
C LEU A 136 -3.32 7.96 -1.99
N MET A 137 -2.31 8.45 -2.64
CA MET A 137 -1.01 8.55 -1.92
C MET A 137 -0.95 9.81 -1.09
N TYR A 138 -1.87 10.72 -1.25
CA TYR A 138 -1.81 11.94 -0.40
C TYR A 138 -3.18 12.42 0.08
N PRO A 139 -4.21 11.59 0.03
CA PRO A 139 -5.52 12.03 0.53
C PRO A 139 -5.46 12.06 2.04
N LEU A 140 -4.72 11.12 2.60
CA LEU A 140 -4.57 11.01 4.11
C LEU A 140 -5.29 12.16 4.80
N TYR A 141 -4.78 13.35 4.69
CA TYR A 141 -5.44 14.51 5.32
C TYR A 141 -6.75 14.80 4.60
N HIS A 142 -7.64 13.85 4.57
CA HIS A 142 -8.94 14.05 3.87
C HIS A 142 -9.90 12.91 4.21
N SER A 143 -10.66 12.42 3.27
CA SER A 143 -11.61 11.31 3.58
C SER A 143 -11.90 10.50 2.30
N LEU A 144 -11.39 9.30 2.23
CA LEU A 144 -11.63 8.44 1.04
C LEU A 144 -10.92 7.10 1.22
N THR A 145 -11.13 6.46 2.33
CA THR A 145 -10.47 5.14 2.58
C THR A 145 -11.50 4.02 2.37
N ASP A 146 -12.74 4.37 2.23
CA ASP A 146 -13.79 3.33 2.01
C ASP A 146 -15.17 3.98 1.92
N LEU A 147 -15.35 5.16 2.49
CA LEU A 147 -16.68 5.84 2.44
C LEU A 147 -17.47 5.42 1.20
N THR A 148 -16.95 5.70 0.04
CA THR A 148 -17.65 5.34 -1.21
C THR A 148 -16.80 5.80 -2.39
N ARG A 149 -16.12 6.90 -2.23
CA ARG A 149 -15.23 7.41 -3.31
C ARG A 149 -13.86 6.75 -3.16
N PHE A 150 -13.63 6.20 -2.00
CA PHE A 150 -12.33 5.51 -1.71
C PHE A 150 -11.75 4.86 -2.96
N ARG A 151 -10.65 5.37 -3.44
CA ARG A 151 -10.01 4.76 -4.65
C ARG A 151 -8.76 5.57 -5.02
N LEU A 152 -8.06 5.14 -6.03
CA LEU A 152 -6.85 5.90 -6.45
C LEU A 152 -7.19 6.88 -7.56
N SER A 153 -6.26 7.74 -7.89
CA SER A 153 -6.54 8.74 -8.97
C SER A 153 -5.87 8.28 -10.26
N GLN A 154 -5.88 9.12 -11.25
CA GLN A 154 -5.24 8.74 -12.54
C GLN A 154 -3.74 9.01 -12.46
N ASP A 155 -3.30 9.75 -11.47
CA ASP A 155 -1.86 10.00 -11.35
C ASP A 155 -1.24 8.81 -10.63
N ASP A 156 -1.82 8.38 -9.52
CA ASP A 156 -1.22 7.20 -8.86
C ASP A 156 -1.36 6.02 -9.82
N ILE A 157 -2.48 5.94 -10.51
CA ILE A 157 -2.66 4.85 -11.50
C ILE A 157 -1.53 4.99 -12.50
N ASN A 158 -1.15 6.20 -12.78
CA ASN A 158 -0.05 6.44 -13.74
C ASN A 158 1.28 5.94 -13.14
N GLY A 159 1.52 6.25 -11.89
CA GLY A 159 2.79 5.80 -11.24
C GLY A 159 2.84 4.27 -11.23
N ILE A 160 1.85 3.63 -10.66
CA ILE A 160 1.88 2.14 -10.62
C ILE A 160 1.81 1.58 -12.03
N GLN A 161 0.97 2.13 -12.85
CA GLN A 161 0.91 1.67 -14.25
C GLN A 161 2.32 1.80 -14.82
N SER A 162 3.07 2.72 -14.26
CA SER A 162 4.47 2.91 -14.72
C SER A 162 5.33 1.85 -14.04
N LEU A 163 4.84 1.29 -12.96
CA LEU A 163 5.60 0.22 -12.27
C LEU A 163 5.54 -0.99 -13.17
N TYR A 164 4.38 -1.57 -13.28
CA TYR A 164 4.21 -2.75 -14.18
C TYR A 164 3.81 -2.24 -15.58
N GLY A 165 2.55 -2.26 -15.88
CA GLY A 165 2.11 -1.76 -17.23
C GLY A 165 2.09 -2.90 -18.24
N PRO A 166 1.03 -2.95 -19.00
CA PRO A 166 0.87 -3.98 -20.04
C PRO A 166 1.74 -3.63 -21.25
N PRO A 167 1.78 -4.55 -22.19
CA PRO A 167 2.57 -4.34 -23.42
C PRO A 167 1.91 -3.27 -24.30
N PRO A 168 2.69 -2.70 -25.17
CA PRO A 168 2.19 -1.66 -26.08
C PRO A 168 1.27 -2.26 -27.15
N ASP A 169 1.80 -3.12 -27.98
CA ASP A 169 0.95 -3.74 -29.03
C ASP A 169 -0.29 -4.35 -28.39
N SER A 170 -1.28 -4.68 -29.19
CA SER A 170 -2.52 -5.28 -28.62
C SER A 170 -2.15 -6.34 -27.58
N PRO A 171 -2.98 -6.46 -26.58
CA PRO A 171 -2.75 -7.44 -25.51
C PRO A 171 -3.00 -8.86 -26.02
N GLU A 172 -3.54 -8.99 -27.20
CA GLU A 172 -3.81 -10.35 -27.75
C GLU A 172 -2.49 -11.01 -28.14
N THR A 173 -1.43 -10.24 -28.22
CA THR A 173 -0.12 -10.84 -28.59
C THR A 173 0.65 -11.20 -27.33
#